data_9PDB
#
_entry.id   9PDB
#
_cell.length_a   1.00
_cell.length_b   1.00
_cell.length_c   1.00
_cell.angle_alpha   90.00
_cell.angle_beta   90.00
_cell.angle_gamma   90.00
#
_symmetry.space_group_name_H-M   'P 1'
#
loop_
_entity.id
_entity.type
_entity.pdbx_description
1 polymer 'Vesicle-fusing ATPase'
2 polymer 'unknown sequence'
3 non-polymer "ADENOSINE-5'-TRIPHOSPHATE"
4 non-polymer "ADENOSINE-5'-DIPHOSPHATE"
5 non-polymer 'PHOSPHATE ION'
6 non-polymer 'MAGNESIUM ION'
7 water water
#
loop_
_entity_poly.entity_id
_entity_poly.type
_entity_poly.pdbx_seq_one_letter_code
_entity_poly.pdbx_strand_id
1 'polypeptide(L)'
;GAHMAGRSMQAARCPTDELSLSNCAVVSEKDYQSGQHVIVRTSPNHKYIFTLRTHPSVVPGSVAFSLPQRKWAGLSIGQE
IEVALYSFDKAKQCIGTMTIEIDFLQKKNIDSNPYDTDKMAAEFIQQFNNQAFSVGQQLVFSFNDKLFGLLVKDIEAMDP
SILKGEPASGKRQKIEVGLVVGNSQVAFEKAENSSLNLIGKAKTKENRQSIINPDWNFEKMGIGGLDKEFSDIFRRAFAS
RVFPPEIVEQMGCKHVKGILLYGPPGCGKTLLARQIGKMLNAREPKVVNGPEILNKYVGESEANIRKLFADAEEEQRRLG
ANSGLHIIIFDEIDAICKQRGSMAGSTGVHDTVVNQLLSKIDGVEQLNNILVIGMTNRPDLIDEALLRPGRLEVKMEIGL
PDEKGRLQILHIHTARMRGHQLLSADVDIKELAVETKNFSGAELEGLVRAAQSTAMNRHIKASTKVEVDMEKAESLQVTR
GDFLASLENDIKPAFGTNQEDYASYIMNGIIKWGDPVTRVLDDGELLVQQTKNSDRTPLVSVLLEGPPHSGKTALAAKIA
EESNFPFIKICSPDKMIGFSETAKCQAMKKIFDDAYKSQLSCVVVDDIERLLDYVPIGPRFSNLVLQALLVLLKKAPPQG
RKLLIIGTTSRKDVLQEMEMLNAFSTTIHVPNIATGEQLLEALELLGNFKDKERTTIAQQVKGKKVWIGIKKLLMLIEMS
LQMDPEYRVRKFLALLREEGASPLDFD
;
A,B,C,D,E,F
2 'polypeptide(L)' (UNK)(UNK)(UNK)(UNK)(UNK)(UNK)(UNK)(UNK)(UNK)(UNK)(UNK)(UNK)(UNK)(UNK) G
#
loop_
_chem_comp.id
_chem_comp.type
_chem_comp.name
_chem_comp.formula
ADP non-polymer ADENOSINE-5'-DIPHOSPHATE 'C10 H15 N5 O10 P2'
ATP non-polymer ADENOSINE-5'-TRIPHOSPHATE 'C10 H16 N5 O13 P3'
MG non-polymer 'MAGNESIUM ION' 'Mg 2'
PO4 non-polymer 'PHOSPHATE ION' 'O4 P -3'
#
# COMPACT_ATOMS: atom_id res chain seq x y z
N ILE A 211 24.84 -28.09 -44.32
CA ILE A 211 26.12 -27.51 -43.92
C ILE A 211 26.83 -28.41 -42.91
N ILE A 212 26.17 -29.50 -42.52
CA ILE A 212 26.74 -30.46 -41.58
C ILE A 212 26.55 -31.86 -42.14
N ASN A 213 27.46 -32.75 -41.78
CA ASN A 213 27.41 -34.12 -42.25
C ASN A 213 26.15 -34.82 -41.74
N PRO A 214 25.65 -35.82 -42.47
CA PRO A 214 24.32 -36.37 -42.15
C PRO A 214 24.18 -36.83 -40.70
N ASP A 215 25.21 -37.45 -40.13
CA ASP A 215 25.12 -37.93 -38.75
C ASP A 215 25.77 -36.99 -37.74
N TRP A 216 26.30 -35.84 -38.19
CA TRP A 216 26.86 -34.86 -37.28
C TRP A 216 27.99 -35.43 -36.44
N ASN A 217 28.53 -34.63 -35.52
CA ASN A 217 29.64 -35.07 -34.68
C ASN A 217 29.66 -34.24 -33.41
N PHE A 218 29.70 -34.91 -32.26
CA PHE A 218 29.72 -34.25 -30.95
C PHE A 218 30.62 -35.08 -30.02
N GLU A 219 31.90 -34.70 -29.95
CA GLU A 219 32.81 -35.47 -29.12
C GLU A 219 34.16 -34.76 -29.05
N LYS A 220 34.77 -34.80 -27.86
CA LYS A 220 36.09 -34.23 -27.61
C LYS A 220 36.18 -32.78 -28.07
N MET A 221 35.04 -32.10 -28.11
CA MET A 221 34.92 -30.70 -28.52
C MET A 221 34.34 -29.87 -27.39
N GLY A 222 34.45 -30.33 -26.15
CA GLY A 222 33.70 -29.76 -25.06
C GLY A 222 32.58 -30.66 -24.56
N ILE A 223 31.34 -30.37 -24.96
CA ILE A 223 30.23 -31.21 -24.53
C ILE A 223 30.56 -32.68 -24.73
N GLY A 224 30.55 -33.44 -23.64
CA GLY A 224 30.86 -34.85 -23.73
C GLY A 224 29.79 -35.75 -23.13
N GLY A 225 29.02 -35.25 -22.18
CA GLY A 225 28.05 -36.08 -21.49
C GLY A 225 26.76 -36.28 -22.27
N LEU A 226 26.35 -35.25 -23.00
CA LEU A 226 25.11 -35.24 -23.76
C LEU A 226 25.43 -35.53 -25.22
N ASP A 227 25.26 -36.79 -25.63
CA ASP A 227 25.43 -37.20 -27.02
C ASP A 227 24.14 -37.63 -27.69
N LYS A 228 23.15 -38.08 -26.93
CA LYS A 228 21.84 -38.40 -27.49
C LYS A 228 20.95 -37.17 -27.63
N GLU A 229 21.19 -36.13 -26.81
CA GLU A 229 20.36 -34.94 -26.88
C GLU A 229 20.48 -34.28 -28.24
N PHE A 230 21.69 -34.18 -28.77
CA PHE A 230 21.86 -33.55 -30.07
C PHE A 230 21.01 -34.25 -31.11
N SER A 231 21.08 -35.58 -31.15
CA SER A 231 20.31 -36.34 -32.12
C SER A 231 18.82 -36.13 -31.94
N ASP A 232 18.36 -36.15 -30.69
CA ASP A 232 16.93 -35.94 -30.41
C ASP A 232 16.47 -34.59 -30.94
N ILE A 233 17.16 -33.52 -30.56
CA ILE A 233 16.72 -32.19 -30.95
C ILE A 233 16.81 -32.00 -32.45
N PHE A 234 17.88 -32.50 -33.07
CA PHE A 234 18.02 -32.34 -34.52
C PHE A 234 16.92 -33.09 -35.25
N ARG A 235 16.59 -34.30 -34.81
CA ARG A 235 15.50 -35.04 -35.43
C ARG A 235 14.17 -34.31 -35.27
N ARG A 236 13.90 -33.79 -34.08
CA ARG A 236 12.57 -33.23 -33.81
C ARG A 236 12.35 -31.85 -34.44
N ALA A 237 13.39 -31.01 -34.51
CA ALA A 237 13.19 -29.59 -34.81
C ALA A 237 13.83 -29.13 -36.11
N PHE A 238 15.10 -29.45 -36.34
CA PHE A 238 15.90 -28.81 -37.39
C PHE A 238 16.05 -29.68 -38.64
N ALA A 239 14.99 -30.39 -39.03
CA ALA A 239 15.05 -31.20 -40.24
C ALA A 239 14.94 -30.35 -41.51
N SER A 240 14.40 -29.14 -41.43
CA SER A 240 14.22 -28.32 -42.62
C SER A 240 15.50 -27.67 -43.12
N ARG A 241 16.45 -27.37 -42.24
CA ARG A 241 17.64 -26.63 -42.61
C ARG A 241 18.76 -27.52 -43.13
N VAL A 242 18.53 -28.83 -43.21
CA VAL A 242 19.53 -29.76 -43.73
C VAL A 242 19.18 -30.26 -45.12
N PHE A 243 17.90 -30.41 -45.44
CA PHE A 243 17.48 -30.90 -46.73
C PHE A 243 17.86 -29.89 -47.82
N PRO A 244 18.11 -30.35 -49.05
CA PRO A 244 18.50 -29.42 -50.12
C PRO A 244 17.47 -28.31 -50.28
N PRO A 245 17.91 -27.07 -50.40
CA PRO A 245 16.94 -25.94 -50.43
C PRO A 245 15.90 -26.05 -51.52
N GLU A 246 16.21 -26.67 -52.67
CA GLU A 246 15.25 -26.70 -53.75
C GLU A 246 13.96 -27.39 -53.33
N ILE A 247 14.07 -28.56 -52.69
CA ILE A 247 12.86 -29.29 -52.29
C ILE A 247 12.12 -28.54 -51.19
N VAL A 248 12.85 -27.91 -50.27
CA VAL A 248 12.21 -27.15 -49.20
C VAL A 248 11.40 -26.00 -49.77
N GLU A 249 11.97 -25.29 -50.75
CA GLU A 249 11.23 -24.19 -51.38
C GLU A 249 10.07 -24.73 -52.20
N GLN A 250 10.23 -25.90 -52.81
CA GLN A 250 9.12 -26.50 -53.55
C GLN A 250 7.96 -26.82 -52.63
N MET A 251 8.23 -27.38 -51.45
CA MET A 251 7.16 -27.69 -50.53
C MET A 251 6.47 -26.43 -50.00
N GLY A 252 7.23 -25.38 -49.72
CA GLY A 252 6.65 -24.16 -49.21
C GLY A 252 6.32 -24.26 -47.73
N CYS A 253 7.35 -24.46 -46.90
CA CYS A 253 7.18 -24.63 -45.47
C CYS A 253 8.08 -23.65 -44.74
N LYS A 254 7.72 -23.35 -43.49
CA LYS A 254 8.47 -22.45 -42.64
C LYS A 254 9.25 -23.23 -41.60
N HIS A 255 10.30 -22.60 -41.07
CA HIS A 255 11.17 -23.22 -40.09
C HIS A 255 10.70 -22.91 -38.67
N VAL A 256 11.21 -23.69 -37.72
CA VAL A 256 10.89 -23.45 -36.32
C VAL A 256 11.60 -22.17 -35.87
N LYS A 257 10.89 -21.38 -35.06
CA LYS A 257 11.33 -20.04 -34.68
C LYS A 257 11.71 -19.98 -33.21
N GLY A 258 12.17 -21.11 -32.64
CA GLY A 258 12.69 -21.09 -31.29
C GLY A 258 12.47 -22.38 -30.52
N ILE A 259 13.24 -22.58 -29.44
CA ILE A 259 13.14 -23.76 -28.60
C ILE A 259 13.36 -23.33 -27.15
N LEU A 260 13.06 -24.26 -26.24
CA LEU A 260 13.17 -24.01 -24.80
C LEU A 260 13.92 -25.14 -24.13
N LEU A 261 14.80 -24.79 -23.18
CA LEU A 261 15.55 -25.75 -22.40
C LEU A 261 15.37 -25.46 -20.91
N TYR A 262 15.17 -26.52 -20.13
CA TYR A 262 14.97 -26.39 -18.69
C TYR A 262 15.65 -27.56 -17.98
N GLY A 263 16.01 -27.32 -16.72
CA GLY A 263 16.68 -28.31 -15.91
C GLY A 263 17.38 -27.74 -14.70
N PRO A 264 18.09 -28.59 -13.96
CA PRO A 264 18.81 -28.10 -12.77
C PRO A 264 19.93 -27.18 -13.16
N PRO A 265 20.32 -26.24 -12.28
CA PRO A 265 21.40 -25.31 -12.59
C PRO A 265 22.73 -26.05 -12.67
N GLY A 266 23.65 -25.54 -13.49
CA GLY A 266 24.98 -26.10 -13.61
C GLY A 266 24.99 -27.49 -14.22
N CYS A 267 24.18 -27.71 -15.26
CA CYS A 267 24.13 -29.04 -15.87
C CYS A 267 24.51 -28.99 -17.36
N GLY A 268 25.12 -27.91 -17.81
CA GLY A 268 25.59 -27.83 -19.18
C GLY A 268 24.53 -27.44 -20.17
N LYS A 269 23.93 -26.26 -19.99
CA LYS A 269 22.97 -25.74 -20.94
C LYS A 269 23.60 -24.72 -21.90
N THR A 270 24.46 -23.85 -21.38
CA THR A 270 25.09 -22.84 -22.23
C THR A 270 25.99 -23.48 -23.29
N LEU A 271 26.71 -24.54 -22.92
CA LEU A 271 27.54 -25.23 -23.89
C LEU A 271 26.71 -25.76 -25.04
N LEU A 272 25.55 -26.35 -24.72
CA LEU A 272 24.67 -26.87 -25.76
C LEU A 272 24.20 -25.77 -26.70
N ALA A 273 23.78 -24.62 -26.15
CA ALA A 273 23.31 -23.54 -27.00
C ALA A 273 24.44 -23.00 -27.89
N ARG A 274 25.62 -22.81 -27.32
CA ARG A 274 26.72 -22.30 -28.14
C ARG A 274 27.10 -23.27 -29.24
N GLN A 275 27.17 -24.56 -28.93
CA GLN A 275 27.51 -25.54 -29.97
C GLN A 275 26.43 -25.64 -31.04
N ILE A 276 25.16 -25.60 -30.65
CA ILE A 276 24.09 -25.63 -31.65
C ILE A 276 24.20 -24.41 -32.56
N GLY A 277 24.45 -23.23 -31.98
CA GLY A 277 24.62 -22.04 -32.81
C GLY A 277 25.80 -22.17 -33.76
N LYS A 278 26.92 -22.70 -33.26
CA LYS A 278 28.11 -22.84 -34.09
C LYS A 278 27.87 -23.80 -35.25
N MET A 279 27.17 -24.91 -34.99
CA MET A 279 27.01 -25.94 -36.01
C MET A 279 26.07 -25.53 -37.13
N LEU A 280 25.27 -24.49 -36.95
CA LEU A 280 24.36 -24.00 -37.98
C LEU A 280 24.94 -22.88 -38.82
N ASN A 281 26.20 -22.50 -38.59
CA ASN A 281 26.86 -21.42 -39.33
C ASN A 281 26.08 -20.12 -39.18
N ALA A 282 25.93 -19.69 -37.94
CA ALA A 282 25.23 -18.47 -37.57
C ALA A 282 26.24 -17.43 -37.09
N ARG A 283 25.78 -16.19 -37.03
CA ARG A 283 26.63 -15.09 -36.59
C ARG A 283 26.88 -15.19 -35.09
N GLU A 284 27.60 -14.22 -34.54
CA GLU A 284 27.93 -14.25 -33.12
C GLU A 284 26.66 -14.18 -32.28
N PRO A 285 26.48 -15.07 -31.30
CA PRO A 285 25.29 -14.99 -30.44
C PRO A 285 25.28 -13.70 -29.64
N LYS A 286 24.07 -13.19 -29.40
CA LYS A 286 23.86 -11.96 -28.62
C LYS A 286 23.37 -12.38 -27.23
N VAL A 287 24.31 -12.69 -26.34
CA VAL A 287 23.94 -13.15 -25.00
C VAL A 287 23.23 -12.04 -24.24
N VAL A 288 22.41 -12.44 -23.27
CA VAL A 288 21.66 -11.49 -22.45
C VAL A 288 21.20 -12.22 -21.20
N ASN A 289 20.91 -11.46 -20.15
CA ASN A 289 20.49 -12.01 -18.87
C ASN A 289 19.11 -11.49 -18.49
N GLY A 290 18.40 -12.27 -17.67
CA GLY A 290 17.03 -11.97 -17.32
C GLY A 290 16.87 -10.79 -16.39
N PRO A 291 17.36 -10.91 -15.16
CA PRO A 291 17.22 -9.79 -14.21
C PRO A 291 17.83 -8.49 -14.71
N GLU A 292 18.83 -8.57 -15.61
CA GLU A 292 19.43 -7.35 -16.13
C GLU A 292 18.40 -6.51 -16.89
N ILE A 293 17.48 -7.17 -17.60
CA ILE A 293 16.44 -6.47 -18.35
C ILE A 293 15.29 -6.26 -17.36
N LEU A 294 15.40 -5.19 -16.58
CA LEU A 294 14.36 -4.78 -15.64
C LEU A 294 14.71 -3.41 -15.12
N ASN A 295 13.75 -2.49 -15.18
CA ASN A 295 13.99 -1.12 -14.77
C ASN A 295 12.68 -0.54 -14.21
N LYS A 296 12.83 0.28 -13.18
CA LYS A 296 11.67 0.83 -12.50
C LYS A 296 10.97 1.92 -13.31
N TYR A 297 11.71 2.64 -14.16
CA TYR A 297 11.09 3.70 -14.96
C TYR A 297 10.04 3.14 -15.90
N VAL A 298 8.93 3.87 -16.03
CA VAL A 298 7.82 3.39 -16.85
C VAL A 298 8.23 3.35 -18.31
N GLY A 299 7.88 2.26 -18.99
CA GLY A 299 8.17 2.15 -20.42
C GLY A 299 9.64 2.17 -20.76
N GLU A 300 10.46 1.48 -19.97
CA GLU A 300 11.89 1.35 -20.23
C GLU A 300 12.32 -0.09 -20.48
N SER A 301 11.69 -1.07 -19.85
CA SER A 301 12.02 -2.46 -20.13
C SER A 301 11.64 -2.83 -21.56
N GLU A 302 10.52 -2.27 -22.06
CA GLU A 302 10.15 -2.52 -23.44
C GLU A 302 11.25 -2.05 -24.39
N ALA A 303 11.88 -0.93 -24.08
CA ALA A 303 12.98 -0.44 -24.91
C ALA A 303 14.13 -1.45 -24.92
N ASN A 304 14.49 -1.98 -23.76
CA ASN A 304 15.56 -2.97 -23.70
C ASN A 304 15.21 -4.20 -24.52
N ILE A 305 13.96 -4.65 -24.44
CA ILE A 305 13.53 -5.80 -25.23
C ILE A 305 13.60 -5.47 -26.72
N ARG A 306 13.30 -4.23 -27.09
CA ARG A 306 13.25 -3.87 -28.49
C ARG A 306 14.64 -3.71 -29.10
N LYS A 307 15.62 -3.30 -28.28
CA LYS A 307 16.95 -3.04 -28.82
C LYS A 307 17.61 -4.29 -29.38
N LEU A 308 17.12 -5.49 -29.05
CA LEU A 308 17.84 -6.70 -29.39
C LEU A 308 17.67 -7.10 -30.85
N PHE A 309 16.59 -6.69 -31.52
CA PHE A 309 16.29 -7.18 -32.85
C PHE A 309 16.66 -6.19 -33.95
N ALA A 310 17.37 -5.11 -33.62
CA ALA A 310 17.62 -4.06 -34.61
C ALA A 310 18.45 -4.61 -35.76
N ASP A 311 19.52 -5.34 -35.46
CA ASP A 311 20.40 -5.83 -36.51
C ASP A 311 19.67 -6.78 -37.43
N ALA A 312 18.84 -7.66 -36.87
CA ALA A 312 18.07 -8.58 -37.68
C ALA A 312 17.13 -7.83 -38.60
N GLU A 313 16.44 -6.81 -38.07
CA GLU A 313 15.54 -6.03 -38.92
C GLU A 313 16.30 -5.36 -40.05
N GLU A 314 17.45 -4.76 -39.73
CA GLU A 314 18.24 -4.06 -40.75
C GLU A 314 18.71 -5.01 -41.84
N GLU A 315 19.27 -6.17 -41.45
CA GLU A 315 19.77 -7.10 -42.44
C GLU A 315 18.63 -7.66 -43.30
N GLN A 316 17.46 -7.90 -42.70
CA GLN A 316 16.33 -8.34 -43.50
C GLN A 316 15.91 -7.27 -44.49
N ARG A 317 15.91 -6.01 -44.05
CA ARG A 317 15.54 -4.91 -44.94
C ARG A 317 16.51 -4.82 -46.11
N ARG A 318 17.80 -4.98 -45.85
CA ARG A 318 18.79 -4.78 -46.92
C ARG A 318 18.87 -5.99 -47.84
N LEU A 319 19.26 -7.14 -47.30
CA LEU A 319 19.55 -8.31 -48.14
C LEU A 319 18.30 -9.04 -48.61
N GLY A 320 17.12 -8.73 -48.07
CA GLY A 320 15.91 -9.39 -48.48
C GLY A 320 15.75 -10.77 -47.90
N ALA A 321 15.69 -11.79 -48.77
CA ALA A 321 15.47 -13.17 -48.36
C ALA A 321 16.71 -14.03 -48.52
N ASN A 322 17.91 -13.44 -48.43
CA ASN A 322 19.16 -14.16 -48.53
C ASN A 322 20.04 -13.96 -47.30
N SER A 323 19.52 -13.34 -46.26
CA SER A 323 20.33 -13.06 -45.08
C SER A 323 20.66 -14.35 -44.33
N GLY A 324 21.67 -14.26 -43.46
CA GLY A 324 22.10 -15.40 -42.69
C GLY A 324 21.13 -15.73 -41.56
N LEU A 325 21.65 -16.26 -40.46
CA LEU A 325 20.83 -16.63 -39.31
C LEU A 325 21.37 -15.93 -38.08
N HIS A 326 20.51 -15.22 -37.36
CA HIS A 326 20.84 -14.59 -36.09
C HIS A 326 20.14 -15.31 -34.94
N ILE A 327 20.90 -15.64 -33.90
CA ILE A 327 20.40 -16.36 -32.74
C ILE A 327 20.56 -15.48 -31.51
N ILE A 328 19.48 -15.35 -30.74
CA ILE A 328 19.49 -14.63 -29.48
C ILE A 328 19.31 -15.66 -28.37
N ILE A 329 20.21 -15.65 -27.40
CA ILE A 329 20.21 -16.61 -26.31
C ILE A 329 19.78 -15.87 -25.04
N PHE A 330 18.57 -16.17 -24.57
CA PHE A 330 18.06 -15.58 -23.34
C PHE A 330 18.63 -16.35 -22.15
N ASP A 331 18.18 -15.99 -20.94
CA ASP A 331 18.64 -16.65 -19.73
C ASP A 331 17.75 -16.28 -18.55
N GLU A 332 17.28 -17.26 -17.80
CA GLU A 332 16.33 -17.00 -16.72
C GLU A 332 15.09 -16.30 -17.27
N ILE A 333 14.57 -16.84 -18.37
CA ILE A 333 13.42 -16.23 -19.04
C ILE A 333 12.21 -16.17 -18.15
N ASP A 334 12.17 -16.97 -17.09
CA ASP A 334 11.01 -16.95 -16.19
C ASP A 334 10.94 -15.67 -15.36
N ALA A 335 11.99 -14.85 -15.37
CA ALA A 335 11.95 -13.61 -14.59
C ALA A 335 10.87 -12.66 -15.10
N ILE A 336 10.67 -12.61 -16.42
CA ILE A 336 9.66 -11.77 -17.03
C ILE A 336 8.46 -12.64 -17.37
N CYS A 337 7.48 -12.68 -16.48
CA CYS A 337 6.31 -13.52 -16.70
C CYS A 337 5.22 -13.12 -15.70
N LYS A 338 4.01 -12.94 -16.20
CA LYS A 338 2.86 -12.59 -15.36
C LYS A 338 2.15 -13.84 -14.84
N GLN A 339 2.92 -14.75 -14.25
CA GLN A 339 2.37 -15.94 -13.65
C GLN A 339 2.95 -16.11 -12.24
N ARG A 340 4.17 -15.59 -12.04
CA ARG A 340 4.75 -15.58 -10.70
C ARG A 340 3.94 -14.72 -9.73
N GLY A 341 3.11 -13.81 -10.26
CA GLY A 341 2.25 -13.02 -9.39
C GLY A 341 1.13 -13.81 -8.75
N SER A 342 0.82 -14.99 -9.29
CA SER A 342 -0.24 -15.82 -8.71
C SER A 342 0.13 -16.23 -7.29
N MET A 343 1.38 -16.63 -7.08
CA MET A 343 1.82 -17.08 -5.76
C MET A 343 1.87 -15.89 -4.80
N ALA A 344 2.20 -16.18 -3.54
CA ALA A 344 2.28 -15.14 -2.53
C ALA A 344 3.42 -14.20 -2.84
N GLY A 345 3.13 -12.91 -2.84
CA GLY A 345 4.12 -11.89 -3.15
C GLY A 345 3.53 -10.87 -4.10
N SER A 346 4.41 -10.05 -4.66
CA SER A 346 4.01 -9.01 -5.61
C SER A 346 5.13 -8.85 -6.62
N THR A 347 5.04 -9.56 -7.74
CA THR A 347 6.05 -9.50 -8.80
C THR A 347 5.35 -9.39 -10.16
N GLY A 348 4.38 -8.47 -10.25
CA GLY A 348 3.61 -8.34 -11.47
C GLY A 348 4.43 -7.99 -12.69
N VAL A 349 5.66 -7.51 -12.48
CA VAL A 349 6.60 -7.20 -13.57
C VAL A 349 5.90 -6.43 -14.69
N HIS A 350 4.87 -5.66 -14.36
CA HIS A 350 4.19 -4.78 -15.31
C HIS A 350 3.96 -5.51 -16.64
N ASP A 351 2.99 -6.43 -16.58
CA ASP A 351 2.81 -7.50 -17.56
C ASP A 351 3.16 -7.07 -18.98
N THR A 352 2.84 -5.82 -19.34
CA THR A 352 3.06 -5.29 -20.67
C THR A 352 4.33 -5.83 -21.31
N VAL A 353 5.42 -5.92 -20.52
CA VAL A 353 6.71 -6.35 -21.02
C VAL A 353 6.55 -7.56 -21.93
N VAL A 354 5.96 -8.63 -21.39
CA VAL A 354 5.88 -9.88 -22.15
C VAL A 354 5.23 -9.64 -23.50
N ASN A 355 4.12 -8.90 -23.52
CA ASN A 355 3.41 -8.65 -24.78
C ASN A 355 4.37 -8.14 -25.84
N GLN A 356 5.21 -7.17 -25.48
CA GLN A 356 6.14 -6.60 -26.45
C GLN A 356 6.95 -7.71 -27.12
N LEU A 357 7.51 -8.60 -26.32
CA LEU A 357 8.31 -9.70 -26.86
C LEU A 357 7.52 -10.47 -27.91
N LEU A 358 6.28 -10.83 -27.59
CA LEU A 358 5.47 -11.58 -28.55
C LEU A 358 5.32 -10.81 -29.85
N SER A 359 5.08 -9.50 -29.76
CA SER A 359 4.87 -8.71 -30.98
C SER A 359 6.10 -8.71 -31.87
N LYS A 360 7.26 -9.11 -31.36
CA LYS A 360 8.45 -9.21 -32.19
C LYS A 360 8.67 -10.61 -32.76
N ILE A 361 8.17 -11.66 -32.10
CA ILE A 361 8.32 -13.00 -32.65
C ILE A 361 7.32 -13.23 -33.78
N ASP A 362 6.17 -12.57 -33.71
CA ASP A 362 5.15 -12.67 -34.74
C ASP A 362 4.43 -11.32 -34.78
N GLY A 363 3.30 -11.27 -35.48
CA GLY A 363 2.57 -10.03 -35.56
C GLY A 363 2.38 -9.63 -37.01
N VAL A 364 2.05 -8.36 -37.20
CA VAL A 364 1.85 -7.82 -38.54
C VAL A 364 3.13 -7.86 -39.34
N GLU A 365 4.25 -7.46 -38.73
CA GLU A 365 5.56 -7.44 -39.35
C GLU A 365 6.25 -8.80 -39.14
N GLN A 366 6.58 -9.46 -40.25
CA GLN A 366 7.06 -10.85 -40.22
C GLN A 366 8.58 -10.83 -40.30
N LEU A 367 9.22 -11.63 -39.44
CA LEU A 367 10.66 -11.82 -39.45
C LEU A 367 10.98 -13.28 -39.78
N ASN A 368 11.83 -13.51 -40.80
CA ASN A 368 12.06 -14.86 -41.29
C ASN A 368 13.53 -15.28 -41.19
N ASN A 369 14.33 -14.59 -40.38
CA ASN A 369 15.75 -14.92 -40.24
C ASN A 369 16.18 -14.84 -38.76
N ILE A 370 15.37 -15.39 -37.86
CA ILE A 370 15.70 -15.38 -36.44
C ILE A 370 15.50 -16.76 -35.83
N LEU A 371 16.10 -16.96 -34.66
CA LEU A 371 15.97 -18.21 -33.89
C LEU A 371 16.20 -17.89 -32.43
N VAL A 372 15.21 -18.16 -31.58
CA VAL A 372 15.25 -17.79 -30.17
C VAL A 372 15.38 -19.06 -29.34
N ILE A 373 16.44 -19.12 -28.52
CA ILE A 373 16.70 -20.23 -27.62
C ILE A 373 16.50 -19.74 -26.19
N GLY A 374 15.48 -20.26 -25.52
CA GLY A 374 15.18 -19.90 -24.15
C GLY A 374 15.72 -20.88 -23.14
N MET A 375 16.09 -20.37 -21.97
CA MET A 375 16.64 -21.18 -20.89
C MET A 375 15.96 -20.85 -19.58
N THR A 376 15.64 -21.88 -18.81
CA THR A 376 14.91 -21.67 -17.56
C THR A 376 15.26 -22.78 -16.59
N ASN A 377 14.93 -22.55 -15.31
CA ASN A 377 15.09 -23.54 -14.26
C ASN A 377 13.75 -23.96 -13.66
N ARG A 378 12.76 -23.08 -13.58
CA ARG A 378 11.45 -23.37 -13.01
C ARG A 378 10.45 -23.49 -14.18
N PRO A 379 10.26 -24.69 -14.74
CA PRO A 379 9.37 -24.81 -15.90
C PRO A 379 7.90 -24.60 -15.57
N ASP A 380 7.54 -24.41 -14.31
CA ASP A 380 6.15 -24.23 -13.91
C ASP A 380 5.76 -22.76 -13.75
N LEU A 381 6.66 -21.83 -14.05
CA LEU A 381 6.34 -20.41 -14.01
C LEU A 381 6.35 -19.77 -15.40
N ILE A 382 6.35 -20.56 -16.46
CA ILE A 382 6.39 -20.03 -17.82
C ILE A 382 4.98 -19.66 -18.24
N ASP A 383 4.83 -18.44 -18.77
CA ASP A 383 3.53 -17.98 -19.23
C ASP A 383 2.97 -18.95 -20.27
N GLU A 384 1.68 -19.27 -20.13
CA GLU A 384 1.06 -20.25 -21.02
C GLU A 384 0.90 -19.71 -22.43
N ALA A 385 0.78 -18.40 -22.60
CA ALA A 385 0.66 -17.83 -23.93
C ALA A 385 1.96 -17.89 -24.72
N LEU A 386 3.06 -18.27 -24.07
CA LEU A 386 4.37 -18.34 -24.69
C LEU A 386 4.73 -19.75 -25.17
N LEU A 387 3.74 -20.61 -25.41
CA LEU A 387 4.04 -21.96 -25.85
C LEU A 387 3.11 -22.47 -26.95
N ARG A 388 2.29 -21.60 -27.55
CA ARG A 388 1.43 -22.04 -28.64
C ARG A 388 2.24 -22.23 -29.91
N PRO A 389 1.68 -22.96 -30.88
CA PRO A 389 2.38 -23.13 -32.16
C PRO A 389 2.67 -21.80 -32.84
N GLY A 390 3.83 -21.72 -33.49
CA GLY A 390 4.34 -20.49 -34.07
C GLY A 390 5.26 -19.70 -33.15
N ARG A 391 5.33 -20.08 -31.88
CA ARG A 391 6.22 -19.49 -30.89
C ARG A 391 7.11 -20.60 -30.36
N LEU A 392 7.85 -20.32 -29.27
CA LEU A 392 8.64 -21.38 -28.65
C LEU A 392 7.77 -22.61 -28.49
N GLU A 393 8.11 -23.69 -29.21
CA GLU A 393 7.22 -24.83 -29.29
C GLU A 393 7.95 -26.18 -29.25
N VAL A 394 9.13 -26.24 -28.66
CA VAL A 394 9.86 -27.50 -28.50
C VAL A 394 10.58 -27.44 -27.16
N LYS A 395 10.14 -28.28 -26.22
CA LYS A 395 10.71 -28.37 -24.89
C LYS A 395 11.63 -29.56 -24.79
N MET A 396 12.56 -29.50 -23.83
CA MET A 396 13.55 -30.53 -23.65
C MET A 396 14.06 -30.48 -22.22
N GLU A 397 14.65 -31.60 -21.78
CA GLU A 397 15.09 -31.74 -20.40
C GLU A 397 16.56 -32.16 -20.44
N ILE A 398 17.38 -31.49 -19.64
CA ILE A 398 18.79 -31.80 -19.46
C ILE A 398 18.99 -32.15 -17.99
N GLY A 399 18.93 -33.44 -17.66
CA GLY A 399 19.02 -33.86 -16.28
C GLY A 399 20.45 -34.12 -15.85
N LEU A 400 20.58 -34.67 -14.64
CA LEU A 400 21.90 -34.95 -14.11
C LEU A 400 22.59 -36.06 -14.90
N PRO A 401 23.92 -36.06 -14.93
CA PRO A 401 24.65 -37.10 -15.65
C PRO A 401 24.68 -38.41 -14.85
N ASP A 402 25.15 -39.46 -15.52
CA ASP A 402 25.30 -40.77 -14.94
C ASP A 402 26.78 -41.18 -14.95
N GLU A 403 27.04 -42.44 -14.59
CA GLU A 403 28.40 -42.92 -14.46
C GLU A 403 29.22 -42.62 -15.71
N LYS A 404 28.68 -42.98 -16.88
CA LYS A 404 29.41 -42.76 -18.12
C LYS A 404 29.64 -41.27 -18.34
N GLY A 405 28.63 -40.44 -18.06
CA GLY A 405 28.80 -39.01 -18.21
C GLY A 405 29.89 -38.46 -17.33
N ARG A 406 29.93 -38.89 -16.06
CA ARG A 406 30.98 -38.44 -15.16
C ARG A 406 32.36 -38.88 -15.67
N LEU A 407 32.46 -40.13 -16.14
CA LEU A 407 33.72 -40.61 -16.67
C LEU A 407 34.18 -39.75 -17.85
N GLN A 408 33.26 -39.46 -18.77
CA GLN A 408 33.60 -38.67 -19.95
C GLN A 408 33.99 -37.25 -19.56
N ILE A 409 33.28 -36.66 -18.60
CA ILE A 409 33.61 -35.30 -18.18
C ILE A 409 35.00 -35.27 -17.57
N LEU A 410 35.32 -36.25 -16.73
CA LEU A 410 36.66 -36.30 -16.14
C LEU A 410 37.71 -36.51 -17.21
N HIS A 411 37.39 -37.32 -18.22
CA HIS A 411 38.31 -37.50 -19.35
C HIS A 411 38.59 -36.17 -20.04
N ILE A 412 37.53 -35.42 -20.35
CA ILE A 412 37.72 -34.17 -21.11
C ILE A 412 38.50 -33.16 -20.29
N HIS A 413 38.12 -32.98 -19.02
CA HIS A 413 38.70 -31.92 -18.20
C HIS A 413 40.13 -32.17 -17.78
N THR A 414 40.65 -33.39 -17.95
CA THR A 414 42.02 -33.72 -17.52
C THR A 414 42.97 -34.01 -18.68
N ALA A 415 42.69 -33.55 -19.89
CA ALA A 415 43.58 -33.88 -21.00
C ALA A 415 44.89 -33.09 -20.96
N ARG A 416 44.88 -31.93 -20.33
CA ARG A 416 46.05 -31.07 -20.34
C ARG A 416 47.18 -31.72 -19.53
N MET A 417 46.86 -32.20 -18.33
CA MET A 417 47.90 -32.76 -17.48
C MET A 417 48.49 -34.01 -18.12
N ARG A 418 47.63 -34.87 -18.67
CA ARG A 418 48.13 -36.07 -19.32
C ARG A 418 49.00 -35.73 -20.52
N GLY A 419 48.71 -34.60 -21.20
CA GLY A 419 49.51 -34.26 -22.36
C GLY A 419 50.98 -34.08 -22.02
N HIS A 420 51.28 -33.51 -20.85
CA HIS A 420 52.66 -33.22 -20.47
C HIS A 420 53.21 -34.19 -19.45
N GLN A 421 52.57 -35.34 -19.25
CA GLN A 421 53.01 -36.39 -18.32
C GLN A 421 53.20 -35.88 -16.88
N LEU A 422 52.65 -34.71 -16.55
CA LEU A 422 52.74 -34.19 -15.20
C LEU A 422 51.94 -35.04 -14.21
N LEU A 423 50.76 -35.50 -14.58
CA LEU A 423 49.94 -36.33 -13.70
C LEU A 423 50.61 -37.66 -13.45
N SER A 424 50.49 -38.14 -12.21
CA SER A 424 51.08 -39.41 -11.81
C SER A 424 50.32 -40.61 -12.37
N ALA A 425 50.97 -41.76 -12.33
CA ALA A 425 50.39 -43.03 -12.76
C ALA A 425 49.56 -43.69 -11.67
N ASP A 426 49.62 -43.18 -10.44
CA ASP A 426 48.83 -43.79 -9.36
C ASP A 426 47.35 -43.49 -9.53
N VAL A 427 47.00 -42.27 -9.96
CA VAL A 427 45.60 -41.88 -9.97
C VAL A 427 44.86 -42.68 -11.03
N ASP A 428 43.64 -43.09 -10.73
CA ASP A 428 42.72 -43.65 -11.70
C ASP A 428 41.62 -42.65 -12.01
N ILE A 429 40.69 -43.05 -12.88
CA ILE A 429 39.57 -42.20 -13.25
C ILE A 429 38.26 -42.95 -13.02
N LYS A 430 38.30 -44.28 -13.04
CA LYS A 430 37.10 -45.05 -12.77
C LYS A 430 36.71 -44.97 -11.30
N GLU A 431 37.69 -45.03 -10.39
CA GLU A 431 37.38 -44.92 -8.97
C GLU A 431 36.73 -43.58 -8.65
N LEU A 432 37.32 -42.49 -9.15
CA LEU A 432 36.73 -41.18 -8.94
C LEU A 432 35.41 -41.02 -9.67
N ALA A 433 35.18 -41.80 -10.73
CA ALA A 433 33.90 -41.73 -11.44
C ALA A 433 32.80 -42.43 -10.66
N VAL A 434 33.14 -43.49 -9.92
CA VAL A 434 32.10 -44.20 -9.16
C VAL A 434 31.91 -43.58 -7.77
N GLU A 435 32.96 -42.99 -7.20
CA GLU A 435 32.83 -42.38 -5.87
C GLU A 435 31.88 -41.20 -5.89
N THR A 436 31.94 -40.38 -6.94
CA THR A 436 31.07 -39.22 -7.05
C THR A 436 29.69 -39.63 -7.52
N LYS A 437 28.69 -39.43 -6.66
CA LYS A 437 27.35 -39.94 -6.90
C LYS A 437 26.46 -38.98 -7.69
N ASN A 438 26.21 -37.77 -7.18
CA ASN A 438 25.25 -36.90 -7.86
C ASN A 438 25.90 -35.58 -8.31
N PHE A 439 27.19 -35.58 -8.59
CA PHE A 439 27.85 -34.37 -9.08
C PHE A 439 27.28 -34.09 -10.47
N SER A 440 27.19 -32.82 -10.88
CA SER A 440 26.76 -32.60 -12.26
C SER A 440 27.95 -32.32 -13.15
N GLY A 441 28.45 -31.09 -13.16
CA GLY A 441 29.56 -30.75 -14.05
C GLY A 441 30.56 -29.84 -13.35
N ALA A 442 29.99 -28.86 -12.64
CA ALA A 442 30.85 -27.86 -12.04
C ALA A 442 31.55 -28.42 -10.84
N GLU A 443 30.93 -29.37 -10.14
CA GLU A 443 31.58 -29.91 -8.97
C GLU A 443 32.78 -30.75 -9.39
N LEU A 444 32.70 -31.38 -10.56
CA LEU A 444 33.83 -32.13 -11.10
C LEU A 444 34.97 -31.20 -11.50
N GLU A 445 34.62 -30.06 -12.12
CA GLU A 445 35.65 -29.08 -12.43
C GLU A 445 36.29 -28.53 -11.17
N GLY A 446 35.47 -28.24 -10.16
CA GLY A 446 35.97 -27.81 -8.86
C GLY A 446 36.88 -28.82 -8.21
N LEU A 447 36.53 -30.11 -8.32
CA LEU A 447 37.39 -31.15 -7.77
C LEU A 447 38.75 -31.13 -8.44
N VAL A 448 38.77 -31.00 -9.76
CA VAL A 448 40.06 -30.97 -10.48
C VAL A 448 40.89 -29.77 -10.03
N ARG A 449 40.25 -28.59 -9.98
CA ARG A 449 40.98 -27.38 -9.62
C ARG A 449 41.50 -27.44 -8.19
N ALA A 450 40.66 -27.93 -7.27
CA ALA A 450 41.06 -28.02 -5.88
C ALA A 450 42.22 -29.00 -5.70
N ALA A 451 42.19 -30.12 -6.43
CA ALA A 451 43.30 -31.06 -6.38
C ALA A 451 44.58 -30.40 -6.85
N GLN A 452 44.51 -29.66 -7.95
CA GLN A 452 45.69 -28.94 -8.43
C GLN A 452 46.26 -28.02 -7.35
N SER A 453 45.41 -27.18 -6.78
CA SER A 453 45.87 -26.19 -5.81
C SER A 453 46.46 -26.84 -4.56
N THR A 454 45.76 -27.85 -4.03
CA THR A 454 46.24 -28.52 -2.81
C THR A 454 47.57 -29.21 -3.05
N ALA A 455 47.70 -29.90 -4.18
CA ALA A 455 48.95 -30.58 -4.49
C ALA A 455 50.07 -29.56 -4.61
N MET A 456 49.80 -28.43 -5.29
CA MET A 456 50.83 -27.42 -5.45
C MET A 456 51.30 -26.85 -4.10
N ASN A 457 50.34 -26.51 -3.22
CA ASN A 457 50.71 -25.93 -1.93
C ASN A 457 51.50 -26.93 -1.08
N ARG A 458 51.05 -28.19 -1.04
CA ARG A 458 51.76 -29.20 -0.27
C ARG A 458 53.17 -29.40 -0.81
N HIS A 459 53.32 -29.47 -2.13
CA HIS A 459 54.64 -29.72 -2.70
C HIS A 459 55.60 -28.57 -2.42
N ILE A 460 55.15 -27.33 -2.59
CA ILE A 460 56.07 -26.22 -2.35
C ILE A 460 56.45 -26.15 -0.87
N LYS A 461 55.47 -26.31 0.02
CA LYS A 461 55.80 -26.29 1.43
C LYS A 461 56.74 -27.43 1.84
N ALA A 462 56.49 -28.65 1.37
CA ALA A 462 57.34 -29.78 1.70
C ALA A 462 58.75 -29.62 1.16
N SER A 463 58.87 -29.14 -0.08
CA SER A 463 60.21 -28.90 -0.64
C SER A 463 60.93 -27.80 0.11
N THR A 464 60.20 -26.81 0.62
CA THR A 464 60.83 -25.80 1.47
C THR A 464 61.27 -26.41 2.80
N LYS A 465 60.46 -27.31 3.37
CA LYS A 465 60.81 -27.91 4.65
C LYS A 465 62.07 -28.77 4.54
N VAL A 466 62.17 -29.56 3.48
CA VAL A 466 63.31 -30.46 3.27
C VAL A 466 63.97 -30.08 1.94
N GLU A 467 65.28 -29.86 1.98
CA GLU A 467 66.03 -29.45 0.80
C GLU A 467 66.21 -30.66 -0.13
N VAL A 468 65.11 -31.01 -0.80
CA VAL A 468 65.15 -32.13 -1.74
C VAL A 468 65.93 -31.74 -2.98
N ASP A 469 66.44 -32.76 -3.68
CA ASP A 469 67.20 -32.52 -4.90
C ASP A 469 66.30 -31.95 -5.98
N MET A 470 66.94 -31.40 -7.03
CA MET A 470 66.18 -30.87 -8.15
C MET A 470 65.39 -31.96 -8.86
N GLU A 471 65.82 -33.22 -8.74
CA GLU A 471 65.12 -34.31 -9.42
C GLU A 471 63.64 -34.33 -9.05
N LYS A 472 63.34 -34.29 -7.75
CA LYS A 472 61.95 -34.28 -7.30
C LYS A 472 61.37 -32.86 -7.30
N ALA A 473 62.22 -31.84 -7.21
CA ALA A 473 61.72 -30.48 -7.25
C ALA A 473 61.08 -30.18 -8.59
N GLU A 474 61.71 -30.61 -9.68
CA GLU A 474 61.10 -30.42 -10.99
C GLU A 474 59.77 -31.15 -11.08
N SER A 475 59.72 -32.39 -10.59
CA SER A 475 58.47 -33.14 -10.63
C SER A 475 57.47 -32.44 -9.72
N LEU A 476 56.24 -32.36 -10.18
CA LEU A 476 55.13 -31.78 -9.44
C LEU A 476 53.93 -32.71 -9.50
N GLN A 477 54.17 -34.00 -9.25
CA GLN A 477 53.09 -34.98 -9.32
C GLN A 477 51.99 -34.63 -8.33
N VAL A 478 50.74 -34.82 -8.75
CA VAL A 478 49.61 -34.52 -7.89
C VAL A 478 49.19 -35.74 -7.07
N THR A 479 49.56 -36.95 -7.49
CA THR A 479 49.25 -38.15 -6.75
C THR A 479 47.74 -38.31 -6.58
N ARG A 480 47.33 -39.29 -5.78
CA ARG A 480 45.92 -39.54 -5.53
C ARG A 480 45.47 -39.02 -4.17
N GLY A 481 46.39 -38.88 -3.23
CA GLY A 481 46.01 -38.37 -1.91
C GLY A 481 45.40 -36.99 -2.00
N ASP A 482 45.94 -36.13 -2.87
CA ASP A 482 45.38 -34.79 -3.03
C ASP A 482 43.94 -34.86 -3.52
N PHE A 483 43.66 -35.74 -4.49
CA PHE A 483 42.30 -35.86 -5.00
C PHE A 483 41.34 -36.27 -3.90
N LEU A 484 41.71 -37.28 -3.12
CA LEU A 484 40.84 -37.75 -2.04
C LEU A 484 40.65 -36.67 -0.98
N ALA A 485 41.71 -35.99 -0.59
CA ALA A 485 41.60 -34.96 0.43
C ALA A 485 40.68 -33.83 -0.04
N SER A 486 40.85 -33.37 -1.28
CA SER A 486 39.99 -32.32 -1.80
C SER A 486 38.54 -32.80 -1.88
N LEU A 487 38.34 -34.03 -2.35
CA LEU A 487 36.99 -34.57 -2.47
C LEU A 487 36.30 -34.63 -1.11
N GLU A 488 37.02 -35.07 -0.07
CA GLU A 488 36.40 -35.26 1.23
C GLU A 488 36.40 -34.00 2.08
N ASN A 489 37.07 -32.92 1.63
CA ASN A 489 37.15 -31.72 2.47
C ASN A 489 36.82 -30.45 1.69
N ASP A 490 37.03 -30.46 0.37
CA ASP A 490 36.92 -29.23 -0.42
C ASP A 490 35.53 -29.05 -1.03
N ILE A 491 35.09 -30.01 -1.82
CA ILE A 491 33.88 -29.85 -2.63
C ILE A 491 32.68 -30.34 -1.83
N LYS A 492 31.62 -29.53 -1.81
CA LYS A 492 30.37 -29.89 -1.14
C LYS A 492 29.21 -29.92 -2.14
N PRO A 493 28.79 -31.11 -2.60
CA PRO A 493 27.71 -31.15 -3.59
C PRO A 493 26.40 -30.62 -3.05
N ALA A 494 25.58 -30.08 -3.94
CA ALA A 494 24.27 -29.56 -3.57
C ALA A 494 23.14 -30.59 -3.68
N PHE A 495 23.30 -31.58 -4.55
CA PHE A 495 22.30 -32.63 -4.76
C PHE A 495 22.71 -33.98 -4.18
N GLY A 496 23.66 -34.02 -3.26
CA GLY A 496 24.15 -35.26 -2.69
C GLY A 496 24.04 -35.28 -1.18
N THR A 497 24.57 -36.36 -0.61
CA THR A 497 24.52 -36.52 0.83
C THR A 497 25.45 -35.54 1.51
N ASN A 498 25.11 -35.17 2.74
CA ASN A 498 25.91 -34.22 3.52
C ASN A 498 26.30 -34.84 4.86
N GLN A 499 27.52 -35.34 4.94
CA GLN A 499 28.02 -36.01 6.13
C GLN A 499 28.32 -35.06 7.28
N GLU A 500 28.33 -33.75 7.02
CA GLU A 500 28.63 -32.79 8.09
C GLU A 500 27.47 -32.58 9.05
N ASP A 501 26.23 -32.64 8.56
CA ASP A 501 25.10 -32.33 9.41
C ASP A 501 24.75 -33.47 10.37
N TYR A 502 25.17 -34.70 10.06
CA TYR A 502 24.87 -35.81 10.95
C TYR A 502 25.56 -35.67 12.30
N ALA A 503 26.80 -35.18 12.31
CA ALA A 503 27.47 -34.98 13.59
C ALA A 503 26.83 -33.85 14.40
N SER A 504 25.98 -33.04 13.76
CA SER A 504 25.27 -31.98 14.46
C SER A 504 24.03 -32.47 15.19
N TYR A 505 23.57 -33.69 14.91
CA TYR A 505 22.39 -34.23 15.59
C TYR A 505 22.69 -35.41 16.49
N ILE A 506 23.52 -36.34 16.03
CA ILE A 506 23.96 -37.45 16.88
C ILE A 506 25.27 -37.06 17.55
N MET A 507 25.18 -36.38 18.69
CA MET A 507 26.34 -35.86 19.38
C MET A 507 27.01 -36.89 20.30
N ASN A 508 26.23 -37.77 20.93
CA ASN A 508 26.79 -38.76 21.85
C ASN A 508 26.57 -40.19 21.38
N GLY A 509 26.27 -40.39 20.10
CA GLY A 509 26.10 -41.73 19.56
C GLY A 509 24.80 -42.40 20.02
N ILE A 510 24.78 -43.72 19.82
CA ILE A 510 23.65 -44.56 20.18
C ILE A 510 24.13 -45.67 21.09
N ILE A 511 23.49 -45.80 22.26
CA ILE A 511 23.80 -46.84 23.22
C ILE A 511 22.58 -47.75 23.38
N LYS A 512 22.82 -49.06 23.41
CA LYS A 512 21.74 -50.04 23.49
C LYS A 512 21.46 -50.34 24.96
N TRP A 513 20.41 -49.70 25.50
CA TRP A 513 19.98 -49.97 26.87
C TRP A 513 18.78 -50.92 26.96
N GLY A 514 18.25 -51.39 25.84
CA GLY A 514 17.09 -52.25 25.92
C GLY A 514 16.72 -52.82 24.57
N ASP A 515 15.56 -53.48 24.54
CA ASP A 515 15.06 -54.14 23.34
C ASP A 515 14.45 -53.15 22.34
N PRO A 516 13.73 -52.11 22.80
CA PRO A 516 13.02 -51.24 21.85
C PRO A 516 13.91 -50.66 20.76
N VAL A 517 15.15 -50.32 21.07
CA VAL A 517 16.05 -49.73 20.08
C VAL A 517 16.21 -50.66 18.89
N THR A 518 16.45 -51.95 19.16
CA THR A 518 16.61 -52.91 18.07
C THR A 518 15.34 -53.02 17.26
N ARG A 519 14.18 -53.02 17.92
CA ARG A 519 12.91 -53.10 17.20
C ARG A 519 12.75 -51.92 16.25
N VAL A 520 13.01 -50.71 16.74
CA VAL A 520 12.86 -49.52 15.90
C VAL A 520 13.81 -49.58 14.72
N LEU A 521 15.07 -49.96 14.97
CA LEU A 521 16.04 -50.00 13.87
C LEU A 521 15.63 -51.03 12.82
N ASP A 522 15.16 -52.19 13.27
CA ASP A 522 14.74 -53.23 12.33
C ASP A 522 13.53 -52.78 11.52
N ASP A 523 12.58 -52.11 12.16
CA ASP A 523 11.42 -51.61 11.43
C ASP A 523 11.83 -50.57 10.39
N GLY A 524 12.77 -49.69 10.75
CA GLY A 524 13.27 -48.73 9.77
C GLY A 524 13.94 -49.42 8.60
N GLU A 525 14.73 -50.46 8.86
CA GLU A 525 15.34 -51.21 7.77
C GLU A 525 14.29 -51.84 6.87
N LEU A 526 13.25 -52.42 7.48
CA LEU A 526 12.18 -53.01 6.67
C LEU A 526 11.50 -51.98 5.78
N LEU A 527 11.24 -50.79 6.33
CA LEU A 527 10.61 -49.74 5.53
C LEU A 527 11.52 -49.33 4.37
N VAL A 528 12.82 -49.19 4.65
CA VAL A 528 13.77 -48.81 3.60
C VAL A 528 13.77 -49.85 2.50
N GLN A 529 13.80 -51.14 2.89
N GLN A 529 13.79 -51.14 2.89
CA GLN A 529 13.78 -52.21 1.89
CA GLN A 529 13.79 -52.19 1.88
C GLN A 529 12.51 -52.16 1.06
C GLN A 529 12.50 -52.16 1.06
N GLN A 530 11.37 -51.94 1.71
CA GLN A 530 10.11 -51.88 0.97
C GLN A 530 10.12 -50.74 -0.05
N THR A 531 10.59 -49.57 0.35
CA THR A 531 10.57 -48.43 -0.57
C THR A 531 11.60 -48.58 -1.69
N LYS A 532 12.73 -49.24 -1.43
CA LYS A 532 13.77 -49.34 -2.44
C LYS A 532 13.32 -50.12 -3.68
N ASN A 533 13.04 -51.41 -3.53
CA ASN A 533 12.71 -52.28 -4.66
C ASN A 533 11.26 -52.70 -4.53
N SER A 534 10.37 -51.95 -5.18
CA SER A 534 8.94 -52.24 -5.14
C SER A 534 8.24 -51.44 -6.22
N ASP A 535 7.24 -52.04 -6.83
CA ASP A 535 6.35 -51.37 -7.77
C ASP A 535 4.95 -51.32 -7.18
N ARG A 536 4.12 -50.45 -7.75
CA ARG A 536 2.75 -50.19 -7.31
C ARG A 536 2.69 -49.34 -6.05
N THR A 537 3.83 -48.88 -5.54
CA THR A 537 3.87 -48.06 -4.33
C THR A 537 5.18 -47.29 -4.28
N PRO A 538 5.31 -46.21 -5.03
CA PRO A 538 6.55 -45.43 -5.06
C PRO A 538 6.67 -44.37 -3.97
N LEU A 539 5.67 -44.20 -3.12
CA LEU A 539 5.72 -43.22 -2.05
C LEU A 539 5.37 -43.91 -0.74
N VAL A 540 6.19 -43.70 0.29
CA VAL A 540 6.02 -44.34 1.59
C VAL A 540 6.27 -43.30 2.67
N SER A 541 5.48 -43.36 3.74
CA SER A 541 5.59 -42.45 4.86
C SER A 541 5.60 -43.23 6.17
N VAL A 542 6.06 -42.57 7.23
CA VAL A 542 6.11 -43.17 8.56
C VAL A 542 6.15 -42.03 9.56
N LEU A 543 5.76 -42.33 10.80
CA LEU A 543 5.71 -41.32 11.85
C LEU A 543 6.23 -41.89 13.15
N LEU A 544 7.09 -41.14 13.82
CA LEU A 544 7.64 -41.50 15.11
C LEU A 544 7.02 -40.64 16.20
N GLU A 545 6.48 -41.29 17.24
CA GLU A 545 5.78 -40.58 18.30
C GLU A 545 6.27 -41.11 19.63
N GLY A 546 6.37 -40.20 20.60
CA GLY A 546 6.79 -40.56 21.94
C GLY A 546 6.77 -39.37 22.88
N PRO A 547 7.01 -39.61 24.17
CA PRO A 547 7.03 -38.51 25.13
C PRO A 547 8.26 -37.63 24.96
N PRO A 548 8.25 -36.43 25.53
CA PRO A 548 9.38 -35.51 25.35
C PRO A 548 10.67 -36.06 25.96
N HIS A 549 11.79 -35.69 25.34
CA HIS A 549 13.12 -36.06 25.79
C HIS A 549 13.41 -37.55 25.62
N SER A 550 12.69 -38.22 24.72
CA SER A 550 12.91 -39.64 24.49
C SER A 550 14.02 -39.92 23.47
N GLY A 551 14.50 -38.91 22.75
CA GLY A 551 15.53 -39.14 21.76
C GLY A 551 14.97 -39.67 20.45
N LYS A 552 14.11 -38.89 19.81
CA LYS A 552 13.51 -39.27 18.53
C LYS A 552 14.30 -38.76 17.33
N THR A 553 14.84 -37.55 17.40
CA THR A 553 15.57 -37.00 16.27
C THR A 553 16.81 -37.82 15.93
N ALA A 554 17.55 -38.25 16.95
CA ALA A 554 18.76 -39.04 16.70
C ALA A 554 18.43 -40.37 16.03
N LEU A 555 17.38 -41.05 16.47
CA LEU A 555 17.02 -42.32 15.84
C LEU A 555 16.59 -42.12 14.40
N ALA A 556 15.83 -41.06 14.12
CA ALA A 556 15.44 -40.78 12.75
C ALA A 556 16.65 -40.50 11.87
N ALA A 557 17.60 -39.72 12.39
CA ALA A 557 18.80 -39.43 11.61
C ALA A 557 19.60 -40.69 11.33
N LYS A 558 19.72 -41.58 12.33
CA LYS A 558 20.43 -42.83 12.13
C LYS A 558 19.73 -43.69 11.07
N ILE A 559 18.40 -43.78 11.14
CA ILE A 559 17.66 -44.59 10.17
C ILE A 559 17.87 -44.03 8.77
N ALA A 560 17.82 -42.70 8.62
CA ALA A 560 18.05 -42.11 7.31
C ALA A 560 19.47 -42.38 6.82
N GLU A 561 20.45 -42.24 7.70
CA GLU A 561 21.85 -42.43 7.29
C GLU A 561 22.10 -43.86 6.84
N GLU A 562 21.54 -44.84 7.56
CA GLU A 562 21.82 -46.23 7.23
C GLU A 562 21.21 -46.67 5.91
N SER A 563 20.35 -45.84 5.30
CA SER A 563 19.69 -46.24 4.08
C SER A 563 20.64 -46.25 2.88
N ASN A 564 21.73 -45.49 2.94
CA ASN A 564 22.72 -45.44 1.87
C ASN A 564 22.14 -44.87 0.58
N PHE A 565 21.06 -44.09 0.69
CA PHE A 565 20.48 -43.45 -0.48
C PHE A 565 21.41 -42.35 -0.99
N PRO A 566 21.30 -41.99 -2.28
CA PRO A 566 22.19 -40.94 -2.79
C PRO A 566 21.83 -39.54 -2.33
N PHE A 567 20.56 -39.27 -2.04
CA PHE A 567 20.11 -37.93 -1.66
C PHE A 567 19.40 -38.00 -0.32
N ILE A 568 19.98 -37.38 0.70
CA ILE A 568 19.38 -37.33 2.03
C ILE A 568 19.37 -35.89 2.50
N LYS A 569 18.21 -35.42 2.98
CA LYS A 569 18.10 -34.05 3.43
C LYS A 569 17.28 -34.00 4.72
N ILE A 570 17.49 -32.94 5.49
CA ILE A 570 16.77 -32.72 6.73
C ILE A 570 16.27 -31.27 6.74
N CYS A 571 14.95 -31.12 6.86
CA CYS A 571 14.27 -29.83 6.91
C CYS A 571 13.80 -29.61 8.34
N SER A 572 14.42 -28.68 9.04
CA SER A 572 14.14 -28.43 10.44
C SER A 572 13.88 -26.94 10.65
N PRO A 573 13.14 -26.59 11.70
CA PRO A 573 12.81 -25.18 11.92
C PRO A 573 13.92 -24.38 12.57
N ASP A 574 15.06 -25.00 12.87
CA ASP A 574 16.17 -24.26 13.45
C ASP A 574 16.69 -23.19 12.49
N LYS A 575 16.40 -23.32 11.20
CA LYS A 575 16.88 -22.39 10.18
C LYS A 575 15.76 -21.52 9.63
N MET A 576 14.69 -21.31 10.39
CA MET A 576 13.54 -20.51 9.96
C MET A 576 13.07 -19.60 11.09
N ILE A 577 14.01 -18.94 11.75
CA ILE A 577 13.69 -18.06 12.86
C ILE A 577 13.24 -16.72 12.32
N GLY A 578 12.04 -16.30 12.69
CA GLY A 578 11.47 -15.05 12.24
C GLY A 578 10.79 -15.10 10.89
N PHE A 579 10.81 -16.25 10.21
CA PHE A 579 10.18 -16.37 8.90
C PHE A 579 8.67 -16.25 9.02
N SER A 580 8.07 -15.55 8.06
CA SER A 580 6.62 -15.59 7.91
C SER A 580 6.20 -16.93 7.32
N GLU A 581 4.92 -17.23 7.44
CA GLU A 581 4.43 -18.55 7.04
C GLU A 581 4.63 -18.79 5.55
N THR A 582 4.51 -17.73 4.74
CA THR A 582 4.71 -17.88 3.30
C THR A 582 6.14 -18.32 2.99
N ALA A 583 7.11 -17.76 3.71
CA ALA A 583 8.49 -18.17 3.50
C ALA A 583 8.70 -19.63 3.89
N LYS A 584 8.06 -20.08 4.97
CA LYS A 584 8.15 -21.49 5.34
C LYS A 584 7.58 -22.39 4.25
N CYS A 585 6.44 -22.00 3.67
CA CYS A 585 5.87 -22.78 2.58
C CYS A 585 6.82 -22.81 1.39
N GLN A 586 7.42 -21.67 1.06
CA GLN A 586 8.39 -21.63 -0.03
C GLN A 586 9.54 -22.58 0.22
N ALA A 587 10.09 -22.57 1.44
CA ALA A 587 11.26 -23.40 1.73
C ALA A 587 10.91 -24.87 1.65
N MET A 588 9.76 -25.26 2.21
CA MET A 588 9.35 -26.66 2.14
C MET A 588 9.17 -27.10 0.70
N LYS A 589 8.49 -26.28 -0.11
CA LYS A 589 8.29 -26.64 -1.50
C LYS A 589 9.61 -26.74 -2.24
N LYS A 590 10.56 -25.84 -1.94
CA LYS A 590 11.86 -25.91 -2.59
C LYS A 590 12.58 -27.21 -2.26
N ILE A 591 12.58 -27.60 -0.99
CA ILE A 591 13.26 -28.83 -0.59
C ILE A 591 12.62 -30.03 -1.29
N PHE A 592 11.29 -30.10 -1.33
CA PHE A 592 10.66 -31.24 -1.98
C PHE A 592 10.90 -31.23 -3.48
N ASP A 593 10.89 -30.05 -4.11
CA ASP A 593 11.18 -29.97 -5.53
C ASP A 593 12.58 -30.47 -5.84
N ASP A 594 13.56 -30.10 -5.01
CA ASP A 594 14.91 -30.62 -5.20
C ASP A 594 14.94 -32.13 -5.01
N ALA A 595 14.19 -32.64 -4.03
CA ALA A 595 14.16 -34.09 -3.80
C ALA A 595 13.58 -34.83 -5.00
N TYR A 596 12.65 -34.21 -5.72
CA TYR A 596 12.01 -34.89 -6.85
C TYR A 596 12.94 -35.13 -8.04
N LYS A 597 14.15 -34.57 -8.04
CA LYS A 597 15.07 -34.70 -9.17
C LYS A 597 16.18 -35.71 -8.95
N SER A 598 15.89 -36.83 -8.30
CA SER A 598 16.88 -37.88 -8.10
C SER A 598 16.17 -39.23 -8.09
N GLN A 599 16.91 -40.27 -8.47
CA GLN A 599 16.30 -41.59 -8.59
C GLN A 599 15.86 -42.10 -7.23
N LEU A 600 16.70 -41.94 -6.21
CA LEU A 600 16.37 -42.33 -4.85
C LEU A 600 16.66 -41.15 -3.93
N SER A 601 15.68 -40.84 -3.08
CA SER A 601 15.78 -39.68 -2.21
C SER A 601 15.27 -40.04 -0.83
N CYS A 602 15.49 -39.13 0.12
CA CYS A 602 15.02 -39.32 1.48
C CYS A 602 15.03 -37.96 2.17
N VAL A 603 13.88 -37.56 2.71
CA VAL A 603 13.70 -36.26 3.34
C VAL A 603 13.22 -36.51 4.76
N VAL A 604 13.72 -35.71 5.71
CA VAL A 604 13.36 -35.82 7.11
C VAL A 604 12.74 -34.50 7.55
N VAL A 605 11.59 -34.56 8.20
CA VAL A 605 10.94 -33.38 8.77
C VAL A 605 11.15 -33.45 10.29
N ASP A 606 11.88 -32.49 10.83
CA ASP A 606 12.40 -32.60 12.19
C ASP A 606 11.29 -32.53 13.23
N ASP A 607 10.56 -31.42 13.28
CA ASP A 607 9.51 -31.21 14.28
C ASP A 607 8.26 -30.70 13.57
N ILE A 608 7.19 -31.49 13.63
CA ILE A 608 5.95 -31.11 12.96
C ILE A 608 5.12 -30.17 13.83
N GLU A 609 5.35 -30.17 15.14
CA GLU A 609 4.62 -29.27 16.02
C GLU A 609 5.15 -27.85 15.93
N ARG A 610 6.46 -27.68 15.81
CA ARG A 610 7.04 -26.35 15.70
C ARG A 610 6.83 -25.73 14.33
N LEU A 611 6.66 -26.56 13.29
CA LEU A 611 6.39 -26.01 11.97
C LEU A 611 5.00 -25.40 11.90
N LEU A 612 4.09 -25.80 12.79
CA LEU A 612 2.73 -25.29 12.77
C LEU A 612 2.50 -24.13 13.72
N ASP A 613 3.42 -23.87 14.66
CA ASP A 613 3.25 -22.82 15.65
C ASP A 613 2.05 -23.12 16.55
N TYR A 614 2.08 -24.29 17.18
CA TYR A 614 0.99 -24.72 18.05
C TYR A 614 1.22 -24.27 19.48
N VAL A 615 0.21 -23.63 20.06
CA VAL A 615 0.24 -23.20 21.46
C VAL A 615 -1.05 -23.66 22.12
N PRO A 616 -1.00 -24.35 23.27
CA PRO A 616 -2.26 -24.89 23.82
C PRO A 616 -3.34 -23.86 24.07
N ILE A 617 -2.98 -22.66 24.54
CA ILE A 617 -3.99 -21.62 24.66
C ILE A 617 -4.55 -21.30 23.28
N GLY A 618 -5.84 -21.00 23.22
CA GLY A 618 -6.55 -20.87 21.96
C GLY A 618 -7.43 -22.06 21.68
N PRO A 619 -6.95 -23.00 20.85
CA PRO A 619 -5.60 -23.12 20.26
C PRO A 619 -5.37 -22.19 19.08
N ARG A 620 -4.12 -22.02 18.65
N ARG A 620 -4.12 -22.05 18.65
CA ARG A 620 -3.77 -21.21 17.50
CA ARG A 620 -3.74 -21.21 17.52
C ARG A 620 -2.76 -21.95 16.65
C ARG A 620 -2.75 -21.96 16.64
N PHE A 621 -2.76 -21.65 15.35
CA PHE A 621 -1.81 -22.23 14.41
C PHE A 621 -2.00 -21.58 13.05
N SER A 622 -1.16 -21.98 12.10
CA SER A 622 -1.20 -21.49 10.73
C SER A 622 -1.82 -22.54 9.82
N ASN A 623 -2.83 -22.14 9.06
CA ASN A 623 -3.55 -23.08 8.21
C ASN A 623 -2.82 -23.33 6.89
N LEU A 624 -2.10 -22.33 6.39
CA LEU A 624 -1.42 -22.49 5.11
C LEU A 624 -0.40 -23.63 5.16
N VAL A 625 0.40 -23.67 6.22
CA VAL A 625 1.42 -24.71 6.32
C VAL A 625 0.78 -26.08 6.46
N LEU A 626 -0.32 -26.17 7.24
CA LEU A 626 -1.00 -27.45 7.40
C LEU A 626 -1.52 -27.96 6.06
N GLN A 627 -2.15 -27.08 5.28
CA GLN A 627 -2.67 -27.50 3.98
C GLN A 627 -1.54 -27.88 3.03
N ALA A 628 -0.44 -27.13 3.05
CA ALA A 628 0.69 -27.48 2.20
C ALA A 628 1.25 -28.85 2.56
N LEU A 629 1.40 -29.14 3.86
CA LEU A 629 1.89 -30.46 4.25
C LEU A 629 0.92 -31.57 3.85
N LEU A 630 -0.38 -31.34 4.04
CA LEU A 630 -1.35 -32.37 3.70
C LEU A 630 -1.35 -32.65 2.21
N VAL A 631 -1.18 -31.61 1.39
CA VAL A 631 -1.13 -31.83 -0.07
C VAL A 631 0.16 -32.54 -0.46
N LEU A 632 1.29 -32.11 0.11
CA LEU A 632 2.58 -32.67 -0.30
C LEU A 632 2.76 -34.12 0.14
N LEU A 633 2.11 -34.53 1.23
CA LEU A 633 2.27 -35.90 1.68
C LEU A 633 1.60 -36.93 0.78
N LYS A 634 0.79 -36.52 -0.19
CA LYS A 634 0.05 -37.45 -1.05
C LYS A 634 0.22 -37.10 -2.52
N LYS A 635 1.45 -36.80 -2.94
CA LYS A 635 1.75 -36.47 -4.32
C LYS A 635 2.95 -37.29 -4.77
N ALA A 636 2.73 -38.25 -5.66
CA ALA A 636 3.80 -39.14 -6.09
C ALA A 636 4.74 -38.41 -7.04
N PRO A 637 5.99 -38.85 -7.13
CA PRO A 637 6.95 -38.20 -8.02
C PRO A 637 6.69 -38.59 -9.46
N PRO A 638 7.38 -37.94 -10.41
CA PRO A 638 7.24 -38.36 -11.81
C PRO A 638 7.54 -39.84 -11.97
N GLN A 639 7.14 -40.38 -13.12
CA GLN A 639 7.20 -41.82 -13.33
C GLN A 639 8.61 -42.35 -13.14
N GLY A 640 8.71 -43.49 -12.46
CA GLY A 640 9.96 -44.19 -12.31
C GLY A 640 10.87 -43.75 -11.18
N ARG A 641 10.37 -42.94 -10.25
CA ARG A 641 11.19 -42.42 -9.17
C ARG A 641 10.50 -42.72 -7.84
N LYS A 642 11.30 -42.81 -6.78
CA LYS A 642 10.85 -43.19 -5.45
C LYS A 642 11.07 -42.04 -4.47
N LEU A 643 10.50 -42.20 -3.28
CA LEU A 643 10.62 -41.19 -2.23
C LEU A 643 10.34 -41.86 -0.89
N LEU A 644 10.81 -41.22 0.19
CA LEU A 644 10.55 -41.70 1.53
C LEU A 644 10.54 -40.50 2.48
N ILE A 645 9.60 -40.49 3.42
CA ILE A 645 9.43 -39.39 4.35
C ILE A 645 9.34 -39.95 5.76
N ILE A 646 10.01 -39.30 6.70
CA ILE A 646 10.01 -39.70 8.11
C ILE A 646 9.60 -38.50 8.95
N GLY A 647 8.60 -38.70 9.81
CA GLY A 647 8.13 -37.65 10.68
C GLY A 647 8.69 -37.76 12.08
N THR A 648 8.28 -36.83 12.94
CA THR A 648 8.69 -36.80 14.33
C THR A 648 7.83 -35.80 15.08
N THR A 649 7.37 -36.19 16.26
CA THR A 649 6.48 -35.34 17.05
C THR A 649 6.33 -35.92 18.44
N SER A 650 5.92 -35.07 19.38
CA SER A 650 5.67 -35.49 20.75
C SER A 650 4.22 -35.40 21.17
N ARG A 651 3.34 -34.80 20.35
CA ARG A 651 1.92 -34.65 20.66
C ARG A 651 1.15 -35.38 19.56
N LYS A 652 0.90 -36.67 19.79
CA LYS A 652 0.15 -37.47 18.83
C LYS A 652 -1.34 -37.17 18.86
N ASP A 653 -1.89 -36.85 20.03
CA ASP A 653 -3.34 -36.65 20.12
C ASP A 653 -3.80 -35.47 19.25
N VAL A 654 -3.07 -34.36 19.28
CA VAL A 654 -3.47 -33.21 18.49
C VAL A 654 -3.40 -33.53 16.99
N LEU A 655 -2.34 -34.22 16.57
CA LEU A 655 -2.22 -34.59 15.17
C LEU A 655 -3.37 -35.50 14.76
N GLN A 656 -3.74 -36.45 15.64
CA GLN A 656 -4.87 -37.31 15.32
C GLN A 656 -6.15 -36.49 15.20
N GLU A 657 -6.32 -35.53 16.10
CA GLU A 657 -7.52 -34.69 16.10
C GLU A 657 -7.60 -33.78 14.89
N MET A 658 -6.48 -33.52 14.22
CA MET A 658 -6.47 -32.63 13.07
C MET A 658 -6.52 -33.38 11.74
N GLU A 659 -6.84 -34.67 11.77
CA GLU A 659 -6.96 -35.52 10.58
C GLU A 659 -5.66 -35.64 9.80
N MET A 660 -4.51 -35.50 10.45
CA MET A 660 -3.24 -35.65 9.74
C MET A 660 -2.73 -37.09 9.83
N LEU A 661 -3.15 -37.83 10.86
CA LEU A 661 -2.73 -39.22 10.98
C LEU A 661 -3.41 -40.12 9.98
N ASN A 662 -4.44 -39.63 9.28
CA ASN A 662 -5.06 -40.39 8.21
C ASN A 662 -4.24 -40.37 6.92
N ALA A 663 -3.20 -39.53 6.86
CA ALA A 663 -2.33 -39.45 5.70
C ALA A 663 -1.07 -40.29 5.82
N PHE A 664 -0.54 -40.45 7.03
CA PHE A 664 0.65 -41.28 7.20
C PHE A 664 0.27 -42.75 7.00
N SER A 665 1.31 -43.58 6.83
CA SER A 665 1.11 -45.00 6.56
C SER A 665 1.44 -45.93 7.72
N THR A 666 2.19 -45.46 8.71
CA THR A 666 2.58 -46.32 9.82
C THR A 666 2.87 -45.46 11.03
N THR A 667 3.14 -46.13 12.16
CA THR A 667 3.49 -45.45 13.39
C THR A 667 4.37 -46.36 14.22
N ILE A 668 5.32 -45.74 14.92
CA ILE A 668 6.26 -46.44 15.78
C ILE A 668 6.27 -45.72 17.12
N HIS A 669 6.58 -46.47 18.17
CA HIS A 669 6.57 -45.96 19.53
C HIS A 669 7.97 -46.03 20.11
N VAL A 670 8.39 -44.93 20.73
CA VAL A 670 9.70 -44.81 21.34
C VAL A 670 9.49 -44.64 22.85
N PRO A 671 9.70 -45.68 23.64
CA PRO A 671 9.42 -45.62 25.07
C PRO A 671 10.61 -45.06 25.84
N ASN A 672 10.43 -44.92 27.14
CA ASN A 672 11.44 -44.41 28.05
C ASN A 672 11.98 -45.55 28.91
N ILE A 673 12.85 -45.21 29.85
CA ILE A 673 13.41 -46.19 30.77
C ILE A 673 12.38 -46.42 31.87
N ALA A 674 12.00 -47.69 32.07
CA ALA A 674 10.92 -48.03 32.97
C ALA A 674 11.27 -49.10 34.01
N THR A 675 12.54 -49.47 34.15
CA THR A 675 12.94 -50.46 35.14
C THR A 675 14.31 -50.10 35.70
N GLY A 676 14.56 -50.56 36.92
CA GLY A 676 15.83 -50.24 37.57
C GLY A 676 17.02 -50.83 36.83
N GLU A 677 16.92 -52.10 36.46
CA GLU A 677 18.05 -52.75 35.79
C GLU A 677 18.39 -52.03 34.49
N GLN A 678 17.40 -51.48 33.80
CA GLN A 678 17.66 -50.70 32.60
C GLN A 678 18.49 -49.46 32.93
N LEU A 679 18.15 -48.78 34.03
CA LEU A 679 18.93 -47.62 34.45
C LEU A 679 20.36 -48.02 34.79
N LEU A 680 20.52 -49.15 35.49
CA LEU A 680 21.86 -49.62 35.82
C LEU A 680 22.66 -49.92 34.56
N GLU A 681 22.03 -50.56 33.58
CA GLU A 681 22.72 -50.86 32.32
C GLU A 681 23.09 -49.59 31.57
N ALA A 682 22.20 -48.60 31.57
CA ALA A 682 22.51 -47.33 30.91
C ALA A 682 23.70 -46.66 31.58
N LEU A 683 23.72 -46.65 32.92
CA LEU A 683 24.86 -46.06 33.63
C LEU A 683 26.14 -46.83 33.33
N GLU A 684 26.05 -48.17 33.29
CA GLU A 684 27.23 -48.98 33.00
C GLU A 684 27.79 -48.65 31.62
N LEU A 685 26.90 -48.56 30.62
CA LEU A 685 27.34 -48.21 29.27
C LEU A 685 27.95 -46.82 29.24
N LEU A 686 27.33 -45.86 29.92
CA LEU A 686 27.90 -44.51 29.95
C LEU A 686 29.25 -44.50 30.64
N GLY A 687 29.39 -45.27 31.72
CA GLY A 687 30.66 -45.37 32.42
C GLY A 687 31.06 -44.11 33.15
N ASN A 688 30.32 -43.76 34.20
CA ASN A 688 30.62 -42.57 34.97
C ASN A 688 30.67 -42.81 36.47
N PHE A 689 30.30 -43.99 36.95
CA PHE A 689 30.25 -44.26 38.38
C PHE A 689 31.06 -45.51 38.70
N LYS A 690 31.58 -45.55 39.91
CA LYS A 690 32.51 -46.59 40.36
C LYS A 690 31.71 -47.80 40.84
N ASP A 691 32.41 -48.72 41.51
CA ASP A 691 31.79 -49.97 41.93
C ASP A 691 30.92 -49.74 43.17
N LYS A 692 31.51 -49.23 44.24
CA LYS A 692 30.72 -48.90 45.43
C LYS A 692 29.63 -47.86 45.12
N GLU A 693 29.91 -46.90 44.25
CA GLU A 693 28.87 -45.96 43.85
C GLU A 693 27.70 -46.68 43.19
N ARG A 694 28.00 -47.61 42.27
CA ARG A 694 26.95 -48.35 41.60
C ARG A 694 26.18 -49.22 42.59
N THR A 695 26.89 -49.81 43.54
CA THR A 695 26.24 -50.62 44.57
C THR A 695 25.25 -49.78 45.38
N THR A 696 25.67 -48.59 45.81
CA THR A 696 24.80 -47.73 46.58
C THR A 696 23.58 -47.32 45.75
N ILE A 697 23.79 -46.99 44.48
CA ILE A 697 22.68 -46.59 43.62
C ILE A 697 21.69 -47.75 43.47
N ALA A 698 22.22 -48.96 43.26
CA ALA A 698 21.37 -50.13 43.09
C ALA A 698 20.52 -50.43 44.33
N GLN A 699 21.08 -50.34 45.53
CA GLN A 699 20.23 -50.62 46.69
C GLN A 699 19.05 -49.67 46.78
N GLN A 700 19.27 -48.38 46.51
CA GLN A 700 18.28 -47.33 46.65
C GLN A 700 17.32 -47.12 45.47
N VAL A 701 17.58 -47.69 44.28
CA VAL A 701 16.65 -47.43 43.17
C VAL A 701 15.77 -48.61 42.76
N LYS A 702 15.82 -49.72 43.50
CA LYS A 702 14.91 -50.84 43.29
C LYS A 702 13.46 -50.44 43.58
N GLY A 703 13.24 -49.26 44.15
CA GLY A 703 11.89 -48.82 44.48
C GLY A 703 10.92 -48.86 43.31
N LYS A 704 11.42 -48.82 42.07
CA LYS A 704 10.53 -48.96 40.91
C LYS A 704 9.82 -47.66 40.59
N LYS A 705 9.03 -47.66 39.52
CA LYS A 705 8.29 -46.48 39.09
C LYS A 705 9.36 -45.44 38.77
N VAL A 706 10.08 -45.69 37.68
CA VAL A 706 11.18 -44.86 37.26
C VAL A 706 10.93 -44.49 35.80
N TRP A 707 10.62 -43.22 35.58
N TRP A 707 10.57 -43.24 35.58
CA TRP A 707 10.09 -42.75 34.29
CA TRP A 707 10.10 -42.75 34.29
C TRP A 707 10.89 -41.51 33.90
C TRP A 707 10.92 -41.51 33.95
N ILE A 708 12.00 -41.71 33.19
CA ILE A 708 12.90 -40.63 32.82
C ILE A 708 13.25 -40.73 31.34
N GLY A 709 13.69 -39.60 30.79
CA GLY A 709 14.18 -39.54 29.43
C GLY A 709 15.70 -39.52 29.35
N ILE A 710 16.22 -39.92 28.20
CA ILE A 710 17.67 -40.07 28.04
C ILE A 710 18.35 -38.72 28.18
N LYS A 711 17.80 -37.70 27.54
CA LYS A 711 18.39 -36.36 27.62
C LYS A 711 18.39 -35.86 29.05
N LYS A 712 17.27 -36.02 29.76
CA LYS A 712 17.21 -35.60 31.15
C LYS A 712 18.19 -36.40 32.00
N LEU A 713 18.36 -37.68 31.71
CA LEU A 713 19.31 -38.50 32.45
C LEU A 713 20.72 -37.95 32.28
N LEU A 714 21.10 -37.62 31.04
CA LEU A 714 22.42 -37.04 30.80
C LEU A 714 22.58 -35.72 31.54
N MET A 715 21.55 -34.87 31.50
CA MET A 715 21.64 -33.59 32.18
C MET A 715 21.80 -33.77 33.68
N LEU A 716 21.05 -34.69 34.26
CA LEU A 716 21.15 -34.94 35.69
C LEU A 716 22.53 -35.46 36.07
N ILE A 717 23.07 -36.38 35.27
CA ILE A 717 24.42 -36.88 35.57
C ILE A 717 25.43 -35.75 35.50
N GLU A 718 25.35 -34.92 34.47
CA GLU A 718 26.29 -33.81 34.35
C GLU A 718 26.18 -32.85 35.52
N MET A 719 24.96 -32.52 35.95
CA MET A 719 24.79 -31.62 37.08
C MET A 719 25.32 -32.24 38.36
N SER A 720 25.06 -33.54 38.56
CA SER A 720 25.49 -34.20 39.80
C SER A 720 27.00 -34.34 39.86
N LEU A 721 27.67 -34.44 38.71
CA LEU A 721 29.11 -34.66 38.72
C LEU A 721 29.92 -33.37 38.98
N GLN A 722 29.32 -32.32 39.54
CA GLN A 722 30.00 -31.05 39.76
C GLN A 722 30.50 -30.87 41.18
N MET A 723 30.42 -31.91 42.02
CA MET A 723 30.82 -31.84 43.42
C MET A 723 31.93 -32.85 43.69
N ASP A 724 32.41 -32.85 44.92
CA ASP A 724 33.45 -33.79 45.31
C ASP A 724 32.90 -35.22 45.33
N PRO A 725 33.78 -36.22 45.23
CA PRO A 725 33.30 -37.61 45.07
C PRO A 725 32.45 -38.09 46.23
N GLU A 726 32.54 -37.46 47.40
CA GLU A 726 31.83 -37.96 48.57
C GLU A 726 30.33 -37.78 48.42
N TYR A 727 29.89 -36.61 47.96
CA TYR A 727 28.48 -36.22 48.01
C TYR A 727 27.77 -36.37 46.67
N ARG A 728 28.39 -37.04 45.69
CA ARG A 728 27.75 -37.19 44.39
C ARG A 728 26.48 -38.03 44.49
N VAL A 729 26.54 -39.15 45.22
CA VAL A 729 25.46 -40.12 45.20
C VAL A 729 24.18 -39.51 45.75
N ARG A 730 24.28 -38.83 46.90
CA ARG A 730 23.09 -38.27 47.53
C ARG A 730 22.49 -37.18 46.67
N LYS A 731 23.33 -36.36 46.04
CA LYS A 731 22.84 -35.32 45.15
C LYS A 731 22.09 -35.95 43.97
N PHE A 732 22.67 -36.99 43.38
CA PHE A 732 22.01 -37.64 42.24
C PHE A 732 20.68 -38.23 42.67
N LEU A 733 20.61 -38.86 43.85
CA LEU A 733 19.35 -39.45 44.29
C LEU A 733 18.30 -38.37 44.55
N ALA A 734 18.71 -37.25 45.14
CA ALA A 734 17.76 -36.16 45.37
C ALA A 734 17.24 -35.61 44.05
N LEU A 735 18.14 -35.41 43.08
CA LEU A 735 17.72 -34.92 41.78
C LEU A 735 16.75 -35.90 41.12
N LEU A 736 17.04 -37.18 41.22
CA LEU A 736 16.14 -38.18 40.65
C LEU A 736 14.79 -38.14 41.34
N ARG A 737 14.76 -38.04 42.66
CA ARG A 737 13.48 -38.06 43.35
C ARG A 737 12.62 -36.85 42.98
N GLU A 738 13.22 -35.65 42.91
CA GLU A 738 12.39 -34.51 42.53
C GLU A 738 11.75 -34.69 41.17
N GLU A 739 12.42 -35.41 40.27
CA GLU A 739 11.91 -35.74 38.94
C GLU A 739 11.19 -37.08 38.90
N GLY A 740 10.92 -37.70 40.04
CA GLY A 740 10.33 -39.02 40.00
C GLY A 740 8.82 -39.08 39.94
N ALA A 741 8.29 -38.74 38.77
CA ALA A 741 6.86 -38.78 38.51
C ALA A 741 6.45 -40.24 38.36
N SER A 742 5.26 -40.49 37.84
CA SER A 742 4.75 -41.85 37.67
C SER A 742 3.89 -41.92 36.41
N PRO A 743 3.81 -43.09 35.77
CA PRO A 743 3.02 -43.26 34.54
C PRO A 743 1.61 -42.69 34.65
N SER B 210 -12.49 3.51 -59.00
CA SER B 210 -13.04 3.21 -57.67
C SER B 210 -11.94 3.22 -56.62
N ILE B 211 -12.33 2.97 -55.36
CA ILE B 211 -11.38 2.97 -54.26
C ILE B 211 -10.78 1.61 -53.99
N ILE B 212 -11.25 0.57 -54.68
CA ILE B 212 -10.71 -0.77 -54.50
C ILE B 212 -9.74 -1.08 -55.62
N ASN B 213 -8.89 -2.09 -55.40
CA ASN B 213 -7.96 -2.50 -56.44
C ASN B 213 -8.71 -3.05 -57.64
N PRO B 214 -8.19 -2.85 -58.86
CA PRO B 214 -8.91 -3.35 -60.04
C PRO B 214 -9.10 -4.86 -60.07
N ASP B 215 -8.14 -5.63 -59.55
CA ASP B 215 -8.17 -7.08 -59.60
C ASP B 215 -8.12 -7.66 -58.19
N TRP B 216 -9.20 -8.33 -57.78
CA TRP B 216 -9.25 -8.98 -56.48
C TRP B 216 -10.44 -9.93 -56.44
N ASN B 217 -10.18 -11.17 -56.02
CA ASN B 217 -11.24 -12.16 -55.87
C ASN B 217 -11.08 -12.85 -54.52
N PHE B 218 -12.23 -13.24 -53.95
CA PHE B 218 -12.24 -13.76 -52.58
C PHE B 218 -11.43 -15.04 -52.45
N GLU B 219 -11.52 -15.94 -53.44
CA GLU B 219 -10.85 -17.22 -53.31
C GLU B 219 -9.34 -17.05 -53.15
N LYS B 220 -8.80 -15.94 -53.67
CA LYS B 220 -7.37 -15.68 -53.59
C LYS B 220 -6.96 -15.20 -52.21
N MET B 221 -7.90 -14.62 -51.46
CA MET B 221 -7.58 -14.00 -50.18
C MET B 221 -6.89 -14.97 -49.24
N GLY B 222 -7.30 -16.24 -49.28
CA GLY B 222 -6.69 -17.27 -48.44
C GLY B 222 -7.40 -17.48 -47.13
N ILE B 223 -8.54 -16.83 -46.92
CA ILE B 223 -9.37 -16.98 -45.74
C ILE B 223 -10.39 -18.09 -45.99
N GLY B 224 -10.36 -19.11 -45.15
CA GLY B 224 -11.25 -20.26 -45.25
C GLY B 224 -12.06 -20.34 -43.98
N GLY B 225 -13.39 -20.27 -44.13
CA GLY B 225 -14.25 -20.30 -42.96
C GLY B 225 -15.11 -19.06 -42.90
N LEU B 226 -14.70 -18.10 -42.06
CA LEU B 226 -15.41 -16.84 -41.89
C LEU B 226 -15.93 -16.29 -43.21
N ASP B 227 -17.20 -16.59 -43.50
CA ASP B 227 -17.91 -16.15 -44.70
C ASP B 227 -18.98 -15.12 -44.39
N LYS B 228 -19.82 -15.36 -43.38
CA LYS B 228 -20.86 -14.41 -43.02
C LYS B 228 -20.29 -13.18 -42.32
N GLU B 229 -19.26 -13.36 -41.49
CA GLU B 229 -18.66 -12.21 -40.84
C GLU B 229 -18.11 -11.22 -41.86
N PHE B 230 -17.44 -11.73 -42.90
CA PHE B 230 -16.93 -10.85 -43.94
C PHE B 230 -18.06 -10.14 -44.65
N SER B 231 -19.16 -10.84 -44.94
CA SER B 231 -20.29 -10.22 -45.60
C SER B 231 -20.88 -9.09 -44.75
N ASP B 232 -21.06 -9.33 -43.46
CA ASP B 232 -21.61 -8.30 -42.59
C ASP B 232 -20.67 -7.10 -42.49
N ILE B 233 -19.36 -7.36 -42.36
CA ILE B 233 -18.40 -6.26 -42.28
C ILE B 233 -18.45 -5.43 -43.55
N PHE B 234 -18.51 -6.09 -44.70
CA PHE B 234 -18.60 -5.38 -45.97
C PHE B 234 -19.86 -4.53 -46.02
N ARG B 235 -21.01 -5.14 -45.74
CA ARG B 235 -22.27 -4.41 -45.79
C ARG B 235 -22.24 -3.18 -44.89
N ARG B 236 -21.68 -3.32 -43.68
CA ARG B 236 -21.72 -2.21 -42.73
C ARG B 236 -20.70 -1.12 -43.09
N ALA B 237 -19.43 -1.48 -43.15
CA ALA B 237 -18.36 -0.49 -43.23
C ALA B 237 -17.86 -0.21 -44.65
N PHE B 238 -18.47 -0.76 -45.69
CA PHE B 238 -17.99 -0.55 -47.04
C PHE B 238 -19.09 -0.34 -48.08
N ALA B 239 -20.36 -0.29 -47.66
CA ALA B 239 -21.43 -0.12 -48.64
C ALA B 239 -21.36 1.25 -49.32
N SER B 240 -21.04 2.30 -48.56
CA SER B 240 -21.09 3.66 -49.07
C SER B 240 -19.80 4.13 -49.72
N ARG B 241 -18.76 3.29 -49.75
CA ARG B 241 -17.51 3.64 -50.40
C ARG B 241 -17.40 3.11 -51.84
N VAL B 242 -18.40 2.39 -52.32
CA VAL B 242 -18.38 1.89 -53.69
C VAL B 242 -19.51 2.44 -54.55
N PHE B 243 -20.57 2.98 -53.97
CA PHE B 243 -21.64 3.56 -54.76
C PHE B 243 -21.13 4.82 -55.48
N PRO B 244 -21.73 5.18 -56.62
CA PRO B 244 -21.28 6.38 -57.34
C PRO B 244 -21.32 7.60 -56.44
N PRO B 245 -20.31 8.47 -56.52
CA PRO B 245 -20.27 9.59 -55.56
C PRO B 245 -21.50 10.49 -55.60
N GLU B 246 -22.14 10.65 -56.75
CA GLU B 246 -23.26 11.56 -56.84
C GLU B 246 -24.41 11.13 -55.92
N ILE B 247 -24.76 9.85 -55.95
CA ILE B 247 -25.88 9.37 -55.15
C ILE B 247 -25.55 9.49 -53.66
N VAL B 248 -24.34 9.12 -53.26
CA VAL B 248 -23.96 9.21 -51.85
C VAL B 248 -24.01 10.66 -51.39
N GLU B 249 -23.53 11.59 -52.24
CA GLU B 249 -23.59 12.99 -51.90
C GLU B 249 -25.04 13.44 -51.74
N GLN B 250 -25.92 12.97 -52.62
CA GLN B 250 -27.33 13.32 -52.51
C GLN B 250 -27.91 12.81 -51.20
N MET B 251 -27.55 11.60 -50.80
CA MET B 251 -28.03 11.03 -49.54
C MET B 251 -27.51 11.84 -48.35
N GLY B 252 -26.25 12.26 -48.39
CA GLY B 252 -25.73 13.07 -47.30
C GLY B 252 -25.23 12.28 -46.11
N CYS B 253 -24.87 11.00 -46.30
CA CYS B 253 -24.43 10.17 -45.20
C CYS B 253 -22.95 10.43 -44.89
N LYS B 254 -22.48 9.87 -43.77
CA LYS B 254 -21.09 9.98 -43.36
C LYS B 254 -20.56 8.56 -43.23
N HIS B 255 -19.30 8.34 -43.56
CA HIS B 255 -18.75 6.99 -43.55
C HIS B 255 -18.45 6.55 -42.12
N VAL B 256 -18.53 5.24 -41.90
CA VAL B 256 -18.19 4.66 -40.60
C VAL B 256 -16.69 4.75 -40.41
N LYS B 257 -16.24 4.95 -39.18
CA LYS B 257 -14.82 5.18 -38.89
C LYS B 257 -14.38 4.35 -37.70
N GLY B 258 -14.74 3.06 -37.68
CA GLY B 258 -14.30 2.20 -36.61
C GLY B 258 -14.78 0.78 -36.71
N ILE B 259 -13.91 -0.18 -36.37
CA ILE B 259 -14.25 -1.60 -36.34
C ILE B 259 -13.51 -2.23 -35.17
N LEU B 260 -14.15 -3.18 -34.51
CA LEU B 260 -13.54 -3.93 -33.42
C LEU B 260 -13.76 -5.41 -33.66
N LEU B 261 -12.71 -6.21 -33.45
CA LEU B 261 -12.77 -7.66 -33.61
C LEU B 261 -12.30 -8.32 -32.31
N TYR B 262 -13.00 -9.38 -31.90
CA TYR B 262 -12.63 -10.07 -30.68
C TYR B 262 -12.97 -11.55 -30.78
N GLY B 263 -12.31 -12.35 -29.94
CA GLY B 263 -12.49 -13.77 -29.92
C GLY B 263 -11.31 -14.48 -29.29
N PRO B 264 -11.35 -15.81 -29.22
CA PRO B 264 -10.24 -16.54 -28.63
C PRO B 264 -8.98 -16.37 -29.45
N PRO B 265 -7.80 -16.45 -28.82
CA PRO B 265 -6.56 -16.22 -29.55
C PRO B 265 -6.29 -17.31 -30.59
N GLY B 266 -5.59 -16.92 -31.65
CA GLY B 266 -5.14 -17.90 -32.62
C GLY B 266 -6.16 -18.29 -33.67
N CYS B 267 -7.28 -17.56 -33.74
CA CYS B 267 -8.37 -17.93 -34.64
C CYS B 267 -8.36 -17.17 -35.95
N GLY B 268 -7.34 -16.36 -36.23
CA GLY B 268 -7.22 -15.72 -37.51
C GLY B 268 -7.79 -14.32 -37.58
N LYS B 269 -7.39 -13.47 -36.64
CA LYS B 269 -7.77 -12.05 -36.64
C LYS B 269 -6.78 -11.18 -37.41
N THR B 270 -5.48 -11.32 -37.10
CA THR B 270 -4.47 -10.52 -37.79
C THR B 270 -4.46 -10.78 -39.29
N LEU B 271 -4.60 -12.05 -39.70
CA LEU B 271 -4.62 -12.33 -41.13
C LEU B 271 -5.73 -11.56 -41.84
N LEU B 272 -6.95 -11.56 -41.31
CA LEU B 272 -8.05 -10.88 -41.95
C LEU B 272 -7.85 -9.39 -42.01
N ALA B 273 -7.37 -8.76 -40.93
CA ALA B 273 -7.12 -7.33 -40.90
C ALA B 273 -6.05 -6.93 -41.91
N ARG B 274 -4.94 -7.67 -41.97
CA ARG B 274 -3.89 -7.33 -42.92
C ARG B 274 -4.41 -7.43 -44.35
N GLN B 275 -5.20 -8.47 -44.63
CA GLN B 275 -5.72 -8.66 -45.97
C GLN B 275 -6.75 -7.60 -46.33
N ILE B 276 -7.55 -7.15 -45.36
CA ILE B 276 -8.46 -6.03 -45.62
C ILE B 276 -7.65 -4.78 -45.92
N GLY B 277 -6.54 -4.59 -45.20
CA GLY B 277 -5.71 -3.43 -45.42
C GLY B 277 -5.11 -3.42 -46.81
N LYS B 278 -4.64 -4.58 -47.27
CA LYS B 278 -3.99 -4.69 -48.57
C LYS B 278 -5.00 -4.90 -49.69
N MET B 279 -6.28 -5.08 -49.37
CA MET B 279 -7.30 -5.22 -50.40
C MET B 279 -7.61 -3.90 -51.07
N LEU B 280 -7.71 -2.83 -50.29
CA LEU B 280 -8.02 -1.52 -50.84
C LEU B 280 -6.83 -0.97 -51.63
N ASN B 281 -7.14 0.01 -52.49
CA ASN B 281 -6.10 0.77 -53.17
C ASN B 281 -5.52 1.86 -52.29
N ALA B 282 -5.82 1.85 -50.99
CA ALA B 282 -5.32 2.85 -50.06
C ALA B 282 -3.81 2.78 -49.87
N ARG B 283 -3.27 3.70 -49.09
CA ARG B 283 -1.84 3.76 -48.82
C ARG B 283 -1.44 2.62 -47.89
N GLU B 284 -0.16 2.27 -47.87
CA GLU B 284 0.30 1.15 -47.07
C GLU B 284 -0.07 1.41 -45.62
N PRO B 285 -0.77 0.49 -44.95
CA PRO B 285 -1.29 0.81 -43.61
C PRO B 285 -0.16 0.99 -42.61
N LYS B 286 -0.44 1.83 -41.61
CA LYS B 286 0.44 1.98 -40.46
C LYS B 286 0.13 0.91 -39.42
N VAL B 287 1.14 0.56 -38.63
CA VAL B 287 1.01 -0.48 -37.61
C VAL B 287 1.51 0.07 -36.29
N VAL B 288 0.70 -0.08 -35.25
CA VAL B 288 1.02 0.34 -33.89
C VAL B 288 1.00 -0.91 -33.04
N ASN B 289 2.17 -1.50 -32.79
CA ASN B 289 2.26 -2.78 -32.09
C ASN B 289 2.17 -2.57 -30.58
N GLY B 290 1.02 -2.03 -30.15
CA GLY B 290 0.71 -1.91 -28.75
C GLY B 290 1.60 -0.92 -28.02
N PRO B 291 2.43 -1.41 -27.07
CA PRO B 291 3.19 -0.51 -26.19
C PRO B 291 4.47 0.02 -26.83
N GLU B 292 4.36 0.54 -28.04
CA GLU B 292 5.46 1.19 -28.72
C GLU B 292 5.44 2.70 -28.54
N ILE B 293 4.50 3.22 -27.75
CA ILE B 293 4.33 4.67 -27.58
C ILE B 293 4.73 5.13 -26.19
N LEU B 294 4.63 4.27 -25.18
CA LEU B 294 4.92 4.69 -23.82
C LEU B 294 6.35 5.21 -23.72
N ASN B 295 6.53 6.26 -22.92
CA ASN B 295 7.83 6.87 -22.73
C ASN B 295 7.92 7.41 -21.31
N LYS B 296 9.16 7.64 -20.86
CA LYS B 296 9.37 8.03 -19.48
C LYS B 296 9.20 9.53 -19.28
N TYR B 297 9.59 10.34 -20.25
CA TYR B 297 9.51 11.78 -20.08
C TYR B 297 8.06 12.24 -20.07
N VAL B 298 7.83 13.39 -19.44
CA VAL B 298 6.48 13.93 -19.29
C VAL B 298 6.00 14.46 -20.63
N GLY B 299 4.77 14.08 -21.00
CA GLY B 299 4.17 14.58 -22.23
C GLY B 299 4.86 14.12 -23.49
N GLU B 300 5.22 12.84 -23.56
CA GLU B 300 5.82 12.25 -24.75
C GLU B 300 4.91 11.25 -25.45
N SER B 301 4.12 10.48 -24.70
CA SER B 301 3.17 9.56 -25.31
C SER B 301 2.13 10.30 -26.15
N GLU B 302 1.72 11.48 -25.70
CA GLU B 302 0.74 12.25 -26.46
C GLU B 302 1.27 12.59 -27.84
N ALA B 303 2.54 12.97 -27.93
CA ALA B 303 3.14 13.24 -29.23
C ALA B 303 3.12 12.01 -30.12
N ASN B 304 3.44 10.84 -29.54
CA ASN B 304 3.42 9.61 -30.33
C ASN B 304 2.01 9.33 -30.85
N ILE B 305 0.99 9.52 -30.02
CA ILE B 305 -0.38 9.29 -30.47
C ILE B 305 -0.75 10.28 -31.57
N ARG B 306 -0.36 11.54 -31.40
CA ARG B 306 -0.74 12.56 -32.38
C ARG B 306 -0.03 12.39 -33.72
N LYS B 307 1.18 11.84 -33.72
CA LYS B 307 1.93 11.77 -34.97
C LYS B 307 1.23 10.92 -36.02
N LEU B 308 0.26 10.09 -35.62
CA LEU B 308 -0.36 9.18 -36.58
C LEU B 308 -1.29 9.93 -37.53
N PHE B 309 -1.95 10.98 -37.07
CA PHE B 309 -2.99 11.64 -37.86
C PHE B 309 -2.49 12.87 -38.61
N ALA B 310 -1.18 13.14 -38.60
CA ALA B 310 -0.69 14.35 -39.23
C ALA B 310 -0.94 14.32 -40.74
N ASP B 311 -0.58 13.21 -41.39
CA ASP B 311 -0.77 13.10 -42.83
C ASP B 311 -2.25 13.17 -43.21
N ALA B 312 -3.11 12.52 -42.44
CA ALA B 312 -4.54 12.55 -42.75
C ALA B 312 -5.07 13.98 -42.69
N GLU B 313 -4.73 14.72 -41.64
CA GLU B 313 -5.19 16.10 -41.52
C GLU B 313 -4.63 16.96 -42.66
N GLU B 314 -3.34 16.78 -42.99
CA GLU B 314 -2.74 17.58 -44.05
C GLU B 314 -3.44 17.32 -45.39
N GLU B 315 -3.68 16.05 -45.71
CA GLU B 315 -4.34 15.72 -46.96
C GLU B 315 -5.77 16.22 -46.97
N GLN B 316 -6.46 16.12 -45.83
CA GLN B 316 -7.84 16.62 -45.77
C GLN B 316 -7.88 18.12 -46.01
N ARG B 317 -6.88 18.85 -45.50
CA ARG B 317 -6.87 20.30 -45.72
C ARG B 317 -6.52 20.63 -47.17
N ARG B 318 -5.51 19.97 -47.73
CA ARG B 318 -5.10 20.28 -49.09
C ARG B 318 -6.26 20.07 -50.06
N LEU B 319 -6.71 18.83 -50.20
CA LEU B 319 -7.85 18.51 -51.04
C LEU B 319 -9.12 18.52 -50.19
N GLY B 320 -10.22 18.03 -50.76
CA GLY B 320 -11.46 17.93 -50.03
C GLY B 320 -12.49 17.11 -50.79
N ALA B 321 -13.08 16.13 -50.12
CA ALA B 321 -14.03 15.22 -50.74
C ALA B 321 -13.40 14.44 -51.90
N ASN B 322 -12.07 14.44 -51.98
CA ASN B 322 -11.36 13.70 -53.00
C ASN B 322 -10.14 12.94 -52.47
N SER B 323 -9.81 13.06 -51.19
CA SER B 323 -8.64 12.40 -50.65
C SER B 323 -8.88 10.90 -50.53
N GLY B 324 -7.79 10.14 -50.56
CA GLY B 324 -7.88 8.70 -50.41
C GLY B 324 -8.05 8.28 -48.97
N LEU B 325 -8.43 7.01 -48.80
CA LEU B 325 -8.68 6.45 -47.48
C LEU B 325 -7.36 6.15 -46.78
N HIS B 326 -7.34 6.39 -45.47
CA HIS B 326 -6.22 6.09 -44.58
C HIS B 326 -6.60 5.03 -43.55
N ILE B 327 -5.71 4.06 -43.35
CA ILE B 327 -5.98 2.92 -42.47
C ILE B 327 -4.95 2.90 -41.37
N ILE B 328 -5.42 2.70 -40.14
CA ILE B 328 -4.58 2.55 -38.96
C ILE B 328 -4.98 1.26 -38.28
N ILE B 329 -3.99 0.43 -37.94
CA ILE B 329 -4.25 -0.85 -37.28
C ILE B 329 -3.74 -0.73 -35.86
N PHE B 330 -4.63 -0.90 -34.90
N PHE B 330 -4.64 -0.88 -34.90
CA PHE B 330 -4.31 -0.82 -33.47
CA PHE B 330 -4.31 -0.82 -33.47
C PHE B 330 -4.25 -2.24 -32.92
C PHE B 330 -4.25 -2.25 -32.95
N ASP B 331 -3.04 -2.71 -32.63
CA ASP B 331 -2.86 -4.06 -32.10
C ASP B 331 -2.98 -4.02 -30.59
N GLU B 332 -3.79 -4.92 -30.04
CA GLU B 332 -3.97 -5.06 -28.60
C GLU B 332 -4.36 -3.72 -27.97
N ILE B 333 -5.55 -3.26 -28.34
CA ILE B 333 -6.08 -2.00 -27.83
C ILE B 333 -6.25 -2.03 -26.31
N ASP B 334 -6.28 -3.21 -25.70
CA ASP B 334 -6.50 -3.32 -24.26
C ASP B 334 -5.29 -2.88 -23.44
N ALA B 335 -4.11 -2.77 -24.04
CA ALA B 335 -2.92 -2.45 -23.25
C ALA B 335 -3.02 -1.06 -22.64
N ILE B 336 -3.52 -0.09 -23.41
CA ILE B 336 -3.51 1.31 -23.02
C ILE B 336 -4.92 1.85 -22.81
N CYS B 337 -5.87 1.47 -23.66
CA CYS B 337 -7.21 2.04 -23.63
C CYS B 337 -8.07 1.35 -22.56
N LYS B 338 -7.63 1.51 -21.31
CA LYS B 338 -8.34 0.97 -20.16
C LYS B 338 -9.41 1.99 -19.71
N GLN B 339 -10.05 1.70 -18.58
CA GLN B 339 -11.03 2.62 -18.04
C GLN B 339 -10.36 3.87 -17.48
N ARG B 340 -11.04 5.01 -17.59
CA ARG B 340 -10.53 6.28 -17.10
C ARG B 340 -10.99 6.56 -15.67
N GLY B 341 -10.82 5.58 -14.78
CA GLY B 341 -11.25 5.75 -13.40
C GLY B 341 -12.75 5.96 -13.28
N SER B 342 -13.29 5.82 -12.08
CA SER B 342 -14.72 6.02 -11.86
C SER B 342 -15.01 7.44 -11.40
N MET B 343 -14.40 7.86 -10.29
CA MET B 343 -14.61 9.19 -9.75
C MET B 343 -13.36 9.81 -9.13
N ALA B 344 -12.31 9.03 -8.86
CA ALA B 344 -11.10 9.54 -8.23
C ALA B 344 -9.94 8.64 -8.64
N GLY B 345 -8.79 8.83 -7.99
CA GLY B 345 -7.62 8.05 -8.28
C GLY B 345 -6.90 8.53 -9.54
N SER B 346 -5.66 8.07 -9.68
CA SER B 346 -4.83 8.41 -10.83
C SER B 346 -4.34 7.14 -11.49
N THR B 347 -4.39 7.12 -12.83
CA THR B 347 -3.93 5.99 -13.63
C THR B 347 -2.57 6.25 -14.25
N GLY B 348 -1.86 7.28 -13.79
CA GLY B 348 -0.58 7.62 -14.36
C GLY B 348 -0.72 8.12 -15.78
N VAL B 349 0.05 7.53 -16.70
CA VAL B 349 -0.03 7.92 -18.11
C VAL B 349 -1.19 7.26 -18.85
N HIS B 350 -1.88 6.31 -18.22
CA HIS B 350 -3.00 5.62 -18.86
C HIS B 350 -4.30 6.41 -18.84
N ASP B 351 -4.35 7.54 -18.15
CA ASP B 351 -5.53 8.39 -18.15
C ASP B 351 -5.39 9.61 -19.07
N THR B 352 -4.16 10.04 -19.35
CA THR B 352 -3.94 11.16 -20.27
C THR B 352 -3.81 10.73 -21.73
N VAL B 353 -3.79 9.44 -22.01
CA VAL B 353 -3.72 8.94 -23.39
C VAL B 353 -5.12 8.71 -23.97
N VAL B 354 -6.04 8.19 -23.16
CA VAL B 354 -7.41 7.98 -23.65
C VAL B 354 -8.04 9.31 -24.04
N ASN B 355 -7.83 10.36 -23.23
CA ASN B 355 -8.38 11.66 -23.56
C ASN B 355 -7.82 12.20 -24.87
N GLN B 356 -6.51 12.01 -25.09
CA GLN B 356 -5.91 12.49 -26.33
C GLN B 356 -6.36 11.67 -27.52
N LEU B 357 -6.78 10.43 -27.30
CA LEU B 357 -7.26 9.62 -28.41
C LEU B 357 -8.71 9.96 -28.74
N LEU B 358 -9.52 10.20 -27.70
CA LEU B 358 -10.93 10.53 -27.92
C LEU B 358 -11.08 11.93 -28.47
N SER B 359 -10.07 12.79 -28.25
CA SER B 359 -10.19 14.15 -28.76
C SER B 359 -9.67 14.24 -30.18
N LYS B 360 -9.09 13.16 -30.69
CA LYS B 360 -8.60 13.10 -32.07
C LYS B 360 -9.55 12.33 -32.98
N ILE B 361 -10.15 11.25 -32.49
CA ILE B 361 -11.05 10.47 -33.35
C ILE B 361 -12.27 11.31 -33.74
N ASP B 362 -12.87 11.99 -32.76
CA ASP B 362 -14.08 12.80 -32.97
C ASP B 362 -13.97 14.06 -32.13
N GLY B 363 -13.49 15.15 -32.73
CA GLY B 363 -13.33 16.40 -32.01
C GLY B 363 -13.96 17.59 -32.69
N VAL B 364 -13.44 18.79 -32.42
CA VAL B 364 -14.00 19.99 -33.00
C VAL B 364 -13.72 20.06 -34.50
N GLU B 365 -12.54 19.66 -34.93
CA GLU B 365 -12.20 19.60 -36.35
C GLU B 365 -12.61 18.24 -36.89
N GLN B 366 -13.19 18.24 -38.10
CA GLN B 366 -13.81 17.06 -38.66
C GLN B 366 -12.91 16.40 -39.68
N LEU B 367 -12.78 15.07 -39.56
CA LEU B 367 -12.10 14.23 -40.53
C LEU B 367 -13.11 13.27 -41.16
N ASN B 368 -12.96 13.02 -42.46
CA ASN B 368 -13.85 12.13 -43.18
C ASN B 368 -13.09 11.19 -44.10
N ASN B 369 -11.82 10.92 -43.83
CA ASN B 369 -11.01 10.05 -44.66
C ASN B 369 -10.12 9.14 -43.80
N ILE B 370 -10.68 8.58 -42.73
CA ILE B 370 -9.93 7.72 -41.83
C ILE B 370 -10.74 6.49 -41.47
N LEU B 371 -10.03 5.46 -41.01
CA LEU B 371 -10.65 4.20 -40.59
C LEU B 371 -9.74 3.52 -39.58
N VAL B 372 -10.31 3.05 -38.47
CA VAL B 372 -9.55 2.46 -37.37
C VAL B 372 -10.05 1.04 -37.12
N ILE B 373 -9.13 0.10 -37.03
CA ILE B 373 -9.44 -1.31 -36.78
C ILE B 373 -8.74 -1.74 -35.50
N GLY B 374 -9.49 -2.31 -34.56
CA GLY B 374 -8.95 -2.76 -33.30
C GLY B 374 -9.15 -4.25 -33.09
N MET B 375 -8.16 -4.88 -32.45
CA MET B 375 -8.19 -6.31 -32.16
C MET B 375 -7.84 -6.53 -30.70
N THR B 376 -8.70 -7.27 -30.00
CA THR B 376 -8.52 -7.52 -28.58
C THR B 376 -9.14 -8.86 -28.22
N ASN B 377 -8.55 -9.50 -27.19
CA ASN B 377 -9.06 -10.79 -26.75
C ASN B 377 -10.08 -10.64 -25.62
N ARG B 378 -9.96 -9.60 -24.81
CA ARG B 378 -10.94 -9.32 -23.76
C ARG B 378 -11.69 -8.05 -24.08
N PRO B 379 -12.95 -8.11 -24.50
CA PRO B 379 -13.69 -6.91 -24.92
C PRO B 379 -14.45 -6.19 -23.82
N ASP B 380 -14.32 -6.59 -22.56
CA ASP B 380 -15.08 -5.99 -21.47
C ASP B 380 -14.24 -5.09 -20.58
N LEU B 381 -13.01 -4.75 -20.97
CA LEU B 381 -12.16 -3.87 -20.20
C LEU B 381 -11.83 -2.59 -20.96
N ILE B 382 -12.57 -2.28 -22.01
CA ILE B 382 -12.35 -1.08 -22.80
C ILE B 382 -13.24 0.03 -22.27
N ASP B 383 -12.75 1.26 -22.34
CA ASP B 383 -13.52 2.39 -21.85
C ASP B 383 -14.85 2.46 -22.61
N GLU B 384 -15.94 2.63 -21.86
CA GLU B 384 -17.26 2.59 -22.47
C GLU B 384 -17.48 3.76 -23.42
N ALA B 385 -17.00 4.94 -23.06
CA ALA B 385 -17.20 6.10 -23.92
C ALA B 385 -16.52 5.95 -25.27
N LEU B 386 -15.57 5.02 -25.40
CA LEU B 386 -14.91 4.79 -26.68
C LEU B 386 -15.67 3.87 -27.61
N LEU B 387 -16.69 3.16 -27.13
CA LEU B 387 -17.41 2.17 -27.92
C LEU B 387 -18.80 2.67 -28.30
N ARG B 388 -19.10 3.94 -28.02
CA ARG B 388 -20.41 4.45 -28.40
C ARG B 388 -20.46 4.69 -29.91
N PRO B 389 -21.67 4.76 -30.48
CA PRO B 389 -21.79 5.07 -31.91
C PRO B 389 -21.15 6.40 -32.28
N GLY B 390 -20.56 6.42 -33.48
CA GLY B 390 -19.72 7.54 -33.91
C GLY B 390 -18.24 7.29 -33.77
N ARG B 391 -17.85 6.22 -33.09
CA ARG B 391 -16.44 5.86 -32.96
C ARG B 391 -16.32 4.41 -32.51
N LEU B 392 -15.64 3.60 -33.31
CA LEU B 392 -15.53 2.17 -33.06
C LEU B 392 -16.90 1.53 -32.86
N GLU B 393 -17.79 1.79 -33.82
CA GLU B 393 -19.18 1.36 -33.77
C GLU B 393 -19.34 -0.14 -34.00
N VAL B 394 -18.90 -0.66 -35.15
CA VAL B 394 -19.14 -2.06 -35.47
C VAL B 394 -18.19 -2.95 -34.67
N LYS B 395 -18.74 -4.04 -34.13
CA LYS B 395 -17.96 -5.00 -33.36
C LYS B 395 -18.34 -6.40 -33.82
N MET B 396 -17.33 -7.28 -33.94
CA MET B 396 -17.54 -8.63 -34.44
C MET B 396 -16.81 -9.65 -33.59
N GLU B 397 -17.34 -10.88 -33.58
CA GLU B 397 -16.79 -11.99 -32.82
C GLU B 397 -16.34 -13.08 -33.79
N ILE B 398 -15.08 -13.48 -33.68
CA ILE B 398 -14.50 -14.55 -34.48
C ILE B 398 -14.32 -15.76 -33.58
N GLY B 399 -15.03 -16.84 -33.86
CA GLY B 399 -15.03 -18.03 -33.02
C GLY B 399 -14.41 -19.23 -33.71
N LEU B 400 -14.43 -20.35 -32.97
CA LEU B 400 -13.85 -21.58 -33.48
C LEU B 400 -14.62 -22.05 -34.71
N PRO B 401 -13.92 -22.70 -35.66
CA PRO B 401 -14.58 -23.13 -36.90
C PRO B 401 -15.34 -24.44 -36.72
N ASP B 402 -16.20 -24.72 -37.69
CA ASP B 402 -16.94 -25.96 -37.79
C ASP B 402 -16.27 -26.85 -38.85
N GLU B 403 -16.94 -27.95 -39.20
CA GLU B 403 -16.35 -28.94 -40.09
C GLU B 403 -15.99 -28.34 -41.44
N LYS B 404 -16.88 -27.51 -42.00
CA LYS B 404 -16.60 -26.88 -43.28
C LYS B 404 -15.38 -25.97 -43.18
N GLY B 405 -15.24 -25.24 -42.08
CA GLY B 405 -14.07 -24.41 -41.90
C GLY B 405 -12.78 -25.21 -41.89
N ARG B 406 -12.79 -26.35 -41.20
CA ARG B 406 -11.61 -27.19 -41.17
C ARG B 406 -11.28 -27.75 -42.55
N LEU B 407 -12.31 -28.16 -43.31
CA LEU B 407 -12.08 -28.64 -44.66
C LEU B 407 -11.45 -27.56 -45.54
N GLN B 408 -12.00 -26.35 -45.47
CA GLN B 408 -11.46 -25.25 -46.26
C GLN B 408 -10.04 -24.92 -45.85
N ILE B 409 -9.74 -24.92 -44.56
CA ILE B 409 -8.40 -24.59 -44.09
C ILE B 409 -7.40 -25.63 -44.59
N LEU B 410 -7.78 -26.91 -44.51
CA LEU B 410 -6.89 -27.96 -45.01
C LEU B 410 -6.66 -27.82 -46.50
N HIS B 411 -7.70 -27.52 -47.27
CA HIS B 411 -7.52 -27.34 -48.70
C HIS B 411 -6.56 -26.18 -48.98
N ILE B 412 -6.76 -25.06 -48.29
CA ILE B 412 -5.93 -23.88 -48.54
C ILE B 412 -4.47 -24.17 -48.19
N HIS B 413 -4.24 -24.93 -47.11
CA HIS B 413 -2.86 -25.17 -46.68
C HIS B 413 -2.21 -26.37 -47.33
N THR B 414 -2.95 -27.19 -48.07
CA THR B 414 -2.35 -28.28 -48.83
C THR B 414 -2.39 -28.07 -50.34
N ALA B 415 -2.96 -26.96 -50.81
CA ALA B 415 -2.99 -26.71 -52.25
C ALA B 415 -1.59 -26.72 -52.85
N ARG B 416 -0.65 -26.02 -52.21
CA ARG B 416 0.69 -25.92 -52.78
C ARG B 416 1.34 -27.29 -52.90
N MET B 417 1.26 -28.10 -51.85
CA MET B 417 1.81 -29.45 -51.92
C MET B 417 1.13 -30.26 -53.01
N ARG B 418 -0.20 -30.16 -53.12
CA ARG B 418 -0.92 -30.88 -54.16
C ARG B 418 -0.55 -30.41 -55.56
N GLY B 419 0.00 -29.20 -55.68
CA GLY B 419 0.35 -28.69 -56.99
C GLY B 419 1.43 -29.49 -57.68
N HIS B 420 2.50 -29.82 -56.96
CA HIS B 420 3.65 -30.50 -57.55
C HIS B 420 3.56 -32.02 -57.47
N GLN B 421 2.37 -32.57 -57.28
CA GLN B 421 2.20 -34.02 -57.21
C GLN B 421 3.09 -34.62 -56.12
N LEU B 422 3.24 -33.88 -55.03
CA LEU B 422 4.04 -34.31 -53.87
C LEU B 422 3.18 -34.90 -52.77
N LEU B 423 1.87 -35.00 -52.97
CA LEU B 423 0.95 -35.51 -51.96
C LEU B 423 0.42 -36.86 -52.41
N SER B 424 0.57 -37.86 -51.54
CA SER B 424 0.16 -39.22 -51.90
C SER B 424 -1.34 -39.29 -52.15
N ALA B 425 -1.74 -40.21 -53.03
CA ALA B 425 -3.16 -40.39 -53.33
C ALA B 425 -3.90 -41.11 -52.23
N ASP B 426 -3.18 -41.67 -51.26
CA ASP B 426 -3.85 -42.38 -50.17
C ASP B 426 -4.45 -41.43 -49.15
N VAL B 427 -3.90 -40.23 -49.01
CA VAL B 427 -4.38 -39.30 -48.00
C VAL B 427 -5.77 -38.80 -48.39
N ASP B 428 -6.65 -38.67 -47.40
CA ASP B 428 -7.98 -38.11 -47.57
C ASP B 428 -8.15 -36.93 -46.63
N ILE B 429 -8.78 -35.87 -47.12
CA ILE B 429 -8.92 -34.66 -46.31
C ILE B 429 -10.21 -34.66 -45.50
N LYS B 430 -11.27 -35.29 -46.01
CA LYS B 430 -12.52 -35.34 -45.26
C LYS B 430 -12.37 -36.11 -43.94
N GLU B 431 -11.62 -37.22 -43.96
CA GLU B 431 -11.36 -37.95 -42.73
C GLU B 431 -10.62 -37.09 -41.72
N LEU B 432 -9.60 -36.35 -42.18
CA LEU B 432 -8.87 -35.48 -41.26
C LEU B 432 -9.75 -34.40 -40.70
N ALA B 433 -10.61 -33.81 -41.54
CA ALA B 433 -11.55 -32.80 -41.04
C ALA B 433 -12.48 -33.37 -40.00
N VAL B 434 -12.97 -34.60 -40.22
CA VAL B 434 -13.86 -35.23 -39.26
C VAL B 434 -13.15 -35.49 -37.94
N GLU B 435 -11.92 -36.00 -37.99
CA GLU B 435 -11.26 -36.45 -36.76
C GLU B 435 -10.87 -35.26 -35.89
N THR B 436 -10.40 -34.17 -36.50
CA THR B 436 -9.94 -33.02 -35.73
C THR B 436 -11.14 -32.20 -35.25
N LYS B 437 -11.34 -32.19 -33.92
CA LYS B 437 -12.45 -31.47 -33.31
C LYS B 437 -11.91 -30.42 -32.35
N ASN B 438 -12.52 -29.23 -32.39
CA ASN B 438 -12.10 -28.09 -31.58
C ASN B 438 -10.67 -27.65 -31.88
N PHE B 439 -10.21 -27.85 -33.11
CA PHE B 439 -8.93 -27.33 -33.54
C PHE B 439 -9.11 -25.95 -34.15
N SER B 440 -8.08 -25.11 -34.00
CA SER B 440 -8.05 -23.78 -34.60
C SER B 440 -7.03 -23.75 -35.73
N GLY B 441 -6.89 -22.60 -36.36
CA GLY B 441 -6.01 -22.47 -37.50
C GLY B 441 -4.54 -22.72 -37.21
N ALA B 442 -4.03 -22.14 -36.11
CA ALA B 442 -2.62 -22.31 -35.80
C ALA B 442 -2.29 -23.78 -35.57
N GLU B 443 -3.21 -24.51 -34.95
CA GLU B 443 -2.91 -25.91 -34.59
C GLU B 443 -3.08 -26.76 -35.84
N LEU B 444 -3.90 -26.39 -36.80
CA LEU B 444 -3.98 -27.10 -38.07
C LEU B 444 -2.72 -26.89 -38.90
N GLU B 445 -2.21 -25.66 -38.93
CA GLU B 445 -0.96 -25.40 -39.62
C GLU B 445 0.18 -26.19 -38.98
N GLY B 446 0.21 -26.23 -37.64
CA GLY B 446 1.21 -27.03 -36.97
C GLY B 446 1.12 -28.51 -37.29
N LEU B 447 -0.11 -29.03 -37.40
CA LEU B 447 -0.28 -30.43 -37.78
C LEU B 447 0.28 -30.68 -39.17
N VAL B 448 -0.03 -29.81 -40.13
CA VAL B 448 0.49 -29.99 -41.49
C VAL B 448 2.02 -29.93 -41.47
N ARG B 449 2.57 -28.96 -40.76
N ARG B 449 2.57 -28.96 -40.76
CA ARG B 449 4.02 -28.82 -40.70
CA ARG B 449 4.03 -28.83 -40.71
C ARG B 449 4.69 -30.04 -40.07
C ARG B 449 4.68 -30.04 -40.06
N ALA B 450 4.09 -30.57 -38.99
CA ALA B 450 4.65 -31.74 -38.34
C ALA B 450 4.62 -32.95 -39.27
N ALA B 451 3.52 -33.13 -40.00
CA ALA B 451 3.46 -34.24 -40.94
C ALA B 451 4.53 -34.09 -42.02
N GLN B 452 4.70 -32.88 -42.55
CA GLN B 452 5.73 -32.68 -43.56
C GLN B 452 7.12 -32.97 -43.01
N SER B 453 7.40 -32.50 -41.78
CA SER B 453 8.72 -32.71 -41.20
C SER B 453 8.99 -34.19 -40.94
N THR B 454 7.99 -34.93 -40.44
CA THR B 454 8.20 -36.36 -40.24
C THR B 454 8.44 -37.08 -41.56
N ALA B 455 7.66 -36.74 -42.59
CA ALA B 455 7.88 -37.39 -43.89
C ALA B 455 9.27 -37.08 -44.43
N MET B 456 9.72 -35.82 -44.30
CA MET B 456 11.05 -35.47 -44.75
C MET B 456 12.12 -36.25 -43.98
N ASN B 457 11.95 -36.35 -42.66
CA ASN B 457 12.92 -37.03 -41.81
C ASN B 457 12.96 -38.53 -42.07
N ARG B 458 11.86 -39.10 -42.55
CA ARG B 458 11.82 -40.52 -42.86
C ARG B 458 12.88 -40.90 -43.89
N HIS B 459 13.35 -39.93 -44.69
CA HIS B 459 14.33 -40.20 -45.72
C HIS B 459 15.74 -39.73 -45.35
N ILE B 460 15.91 -39.15 -44.15
CA ILE B 460 17.23 -38.68 -43.75
C ILE B 460 18.05 -39.81 -43.14
N LYS B 461 17.52 -41.02 -43.13
CA LYS B 461 18.19 -42.19 -42.58
C LYS B 461 18.36 -43.32 -43.59
N ALA B 462 17.85 -43.17 -44.81
CA ALA B 462 17.88 -44.26 -45.79
C ALA B 462 18.53 -43.88 -47.11
N SER B 463 18.32 -42.66 -47.62
CA SER B 463 18.83 -42.27 -48.93
C SER B 463 19.95 -41.24 -48.83
N THR B 464 19.69 -40.10 -48.22
CA THR B 464 20.73 -39.08 -48.07
C THR B 464 21.72 -39.42 -46.97
N LYS B 465 21.31 -40.22 -45.99
CA LYS B 465 22.23 -40.61 -44.92
C LYS B 465 23.40 -41.42 -45.48
N VAL B 466 23.14 -42.34 -46.40
CA VAL B 466 24.18 -43.17 -46.99
C VAL B 466 24.77 -42.55 -48.25
N GLU B 467 24.37 -41.33 -48.61
CA GLU B 467 24.89 -40.66 -49.79
C GLU B 467 24.67 -41.50 -51.05
N VAL B 468 23.49 -42.11 -51.14
CA VAL B 468 23.12 -42.92 -52.29
C VAL B 468 22.23 -42.09 -53.20
N ASP B 469 21.98 -42.58 -54.41
CA ASP B 469 21.18 -41.87 -55.41
C ASP B 469 19.94 -41.26 -54.77
N MET B 470 19.66 -40.01 -55.15
CA MET B 470 18.53 -39.26 -54.61
C MET B 470 17.21 -39.61 -55.27
N GLU B 471 17.21 -40.45 -56.31
CA GLU B 471 15.96 -40.86 -56.94
C GLU B 471 14.98 -41.41 -55.91
N LYS B 472 15.47 -42.24 -54.98
CA LYS B 472 14.63 -42.67 -53.87
C LYS B 472 14.21 -41.47 -53.03
N ALA B 473 15.15 -40.57 -52.75
CA ALA B 473 14.81 -39.34 -52.06
C ALA B 473 13.93 -38.44 -52.93
N GLU B 474 14.00 -38.61 -54.25
CA GLU B 474 13.11 -37.85 -55.13
C GLU B 474 11.72 -38.44 -55.19
N SER B 475 11.53 -39.66 -54.72
CA SER B 475 10.20 -40.26 -54.60
C SER B 475 9.51 -39.89 -53.30
N LEU B 476 9.97 -38.81 -52.65
CA LEU B 476 9.38 -38.35 -51.41
C LEU B 476 7.89 -38.11 -51.55
N GLN B 477 7.09 -38.78 -50.71
CA GLN B 477 5.64 -38.68 -50.76
C GLN B 477 5.11 -38.82 -49.34
N VAL B 478 4.42 -37.78 -48.87
CA VAL B 478 3.80 -37.83 -47.55
C VAL B 478 2.56 -38.70 -47.61
N THR B 479 2.45 -39.64 -46.67
CA THR B 479 1.39 -40.62 -46.65
C THR B 479 0.55 -40.49 -45.40
N ARG B 480 -0.60 -41.17 -45.42
CA ARG B 480 -1.53 -41.14 -44.29
C ARG B 480 -0.85 -41.59 -43.00
N GLY B 481 0.13 -42.48 -43.10
CA GLY B 481 0.86 -42.90 -41.91
C GLY B 481 1.56 -41.76 -41.22
N ASP B 482 2.12 -40.82 -42.00
CA ASP B 482 2.77 -39.67 -41.39
C ASP B 482 1.77 -38.80 -40.62
N PHE B 483 0.61 -38.57 -41.20
CA PHE B 483 -0.38 -37.74 -40.54
C PHE B 483 -0.90 -38.41 -39.28
N LEU B 484 -1.13 -39.72 -39.34
CA LEU B 484 -1.68 -40.39 -38.17
C LEU B 484 -0.60 -40.62 -37.11
N ALA B 485 0.67 -40.58 -37.52
CA ALA B 485 1.76 -40.73 -36.56
C ALA B 485 2.13 -39.40 -35.93
N SER B 486 1.69 -38.28 -36.51
CA SER B 486 1.96 -36.97 -35.94
C SER B 486 0.77 -36.40 -35.18
N LEU B 487 -0.45 -36.82 -35.52
CA LEU B 487 -1.65 -36.40 -34.82
C LEU B 487 -1.78 -36.98 -33.41
N GLU B 488 -0.88 -37.87 -33.00
CA GLU B 488 -0.98 -38.53 -31.70
C GLU B 488 0.11 -38.15 -30.70
N ASN B 489 1.27 -37.68 -31.16
CA ASN B 489 2.38 -37.44 -30.26
C ASN B 489 3.13 -36.13 -30.52
N ASP B 490 2.55 -35.21 -31.29
CA ASP B 490 3.27 -33.99 -31.64
C ASP B 490 2.47 -32.73 -31.33
N ILE B 491 1.16 -32.77 -31.47
CA ILE B 491 0.32 -31.58 -31.33
C ILE B 491 -0.65 -31.80 -30.18
N LYS B 492 -0.72 -30.82 -29.27
CA LYS B 492 -1.63 -30.85 -28.12
C LYS B 492 -2.58 -29.66 -28.19
N PRO B 493 -3.82 -29.84 -28.63
CA PRO B 493 -4.71 -28.67 -28.73
C PRO B 493 -5.00 -28.07 -27.36
N ALA B 494 -5.28 -26.76 -27.35
CA ALA B 494 -5.52 -26.06 -26.10
C ALA B 494 -6.98 -26.14 -25.66
N PHE B 495 -7.91 -26.25 -26.59
CA PHE B 495 -9.34 -26.35 -26.28
C PHE B 495 -9.88 -27.74 -26.61
N GLY B 496 -9.04 -28.77 -26.42
CA GLY B 496 -9.41 -30.13 -26.74
C GLY B 496 -9.05 -31.07 -25.61
N THR B 497 -9.30 -32.35 -25.84
CA THR B 497 -8.99 -33.35 -24.83
C THR B 497 -7.49 -33.59 -24.75
N ASN B 498 -7.06 -34.21 -23.66
CA ASN B 498 -5.65 -34.52 -23.41
C ASN B 498 -5.57 -35.87 -22.73
N GLN B 499 -5.12 -36.88 -23.49
CA GLN B 499 -5.09 -38.26 -23.01
C GLN B 499 -3.80 -38.58 -22.26
N GLU B 500 -3.46 -37.77 -21.26
CA GLU B 500 -2.33 -38.08 -20.38
C GLU B 500 -2.70 -37.97 -18.92
N ASP B 501 -3.70 -37.13 -18.60
CA ASP B 501 -4.18 -37.04 -17.22
C ASP B 501 -4.92 -38.30 -16.80
N TYR B 502 -5.74 -38.85 -17.70
CA TYR B 502 -6.53 -40.03 -17.36
C TYR B 502 -5.64 -41.21 -17.03
N ALA B 503 -4.58 -41.43 -17.81
CA ALA B 503 -3.65 -42.50 -17.53
C ALA B 503 -2.79 -42.21 -16.30
N SER B 504 -2.81 -40.97 -15.82
CA SER B 504 -2.08 -40.60 -14.62
C SER B 504 -2.92 -40.70 -13.35
N TYR B 505 -4.25 -40.65 -13.47
CA TYR B 505 -5.10 -40.75 -12.29
C TYR B 505 -5.59 -42.17 -12.05
N ILE B 506 -5.77 -42.96 -13.10
CA ILE B 506 -6.10 -44.37 -12.96
C ILE B 506 -4.81 -45.19 -13.09
N MET B 507 -4.14 -45.41 -11.95
CA MET B 507 -2.81 -46.01 -11.94
C MET B 507 -2.79 -47.52 -12.02
N ASN B 508 -3.86 -48.20 -11.58
CA ASN B 508 -3.90 -49.66 -11.58
C ASN B 508 -5.20 -50.19 -12.15
N GLY B 509 -5.79 -49.46 -13.10
CA GLY B 509 -6.97 -49.92 -13.78
C GLY B 509 -8.21 -49.92 -12.89
N ILE B 510 -9.23 -50.61 -13.36
CA ILE B 510 -10.51 -50.73 -12.67
C ILE B 510 -10.95 -52.19 -12.72
N ILE B 511 -10.75 -52.92 -11.62
CA ILE B 511 -11.16 -54.32 -11.51
C ILE B 511 -12.54 -54.35 -10.88
N LYS B 512 -13.34 -55.35 -11.25
CA LYS B 512 -14.73 -55.45 -10.79
C LYS B 512 -14.75 -56.48 -9.66
N TRP B 513 -14.82 -56.00 -8.42
CA TRP B 513 -14.90 -56.87 -7.26
C TRP B 513 -16.31 -57.05 -6.73
N GLY B 514 -17.31 -56.43 -7.34
CA GLY B 514 -18.67 -56.58 -6.85
C GLY B 514 -19.64 -55.80 -7.68
N ASP B 515 -20.91 -55.89 -7.28
CA ASP B 515 -21.98 -55.22 -8.01
C ASP B 515 -21.85 -53.70 -8.02
N PRO B 516 -21.53 -53.03 -6.92
CA PRO B 516 -21.62 -51.56 -6.91
C PRO B 516 -20.91 -50.88 -8.07
N VAL B 517 -19.79 -51.41 -8.55
CA VAL B 517 -19.09 -50.77 -9.66
C VAL B 517 -19.99 -50.65 -10.87
N THR B 518 -20.71 -51.73 -11.21
CA THR B 518 -21.60 -51.69 -12.35
C THR B 518 -22.70 -50.64 -12.16
N ARG B 519 -23.26 -50.57 -10.96
CA ARG B 519 -24.31 -49.58 -10.70
C ARG B 519 -23.77 -48.16 -10.88
N VAL B 520 -22.59 -47.88 -10.35
CA VAL B 520 -22.02 -46.54 -10.47
C VAL B 520 -21.79 -46.20 -11.94
N LEU B 521 -21.21 -47.13 -12.69
CA LEU B 521 -20.91 -46.85 -14.09
C LEU B 521 -22.20 -46.64 -14.89
N ASP B 522 -23.22 -47.45 -14.62
CA ASP B 522 -24.49 -47.28 -15.34
C ASP B 522 -25.13 -45.95 -15.01
N ASP B 523 -25.10 -45.53 -13.74
CA ASP B 523 -25.65 -44.23 -13.39
C ASP B 523 -24.90 -43.11 -14.09
N GLY B 524 -23.57 -43.20 -14.14
CA GLY B 524 -22.81 -42.19 -14.86
C GLY B 524 -23.17 -42.13 -16.33
N GLU B 525 -23.34 -43.30 -16.95
CA GLU B 525 -23.71 -43.34 -18.36
C GLU B 525 -25.07 -42.69 -18.59
N LEU B 526 -26.03 -42.99 -17.70
CA LEU B 526 -27.36 -42.39 -17.84
C LEU B 526 -27.28 -40.87 -17.70
N LEU B 527 -26.48 -40.39 -16.74
CA LEU B 527 -26.33 -38.94 -16.59
C LEU B 527 -25.74 -38.31 -17.85
N VAL B 528 -24.72 -38.97 -18.43
CA VAL B 528 -24.09 -38.43 -19.64
C VAL B 528 -25.10 -38.36 -20.77
N GLN B 529 -25.85 -39.44 -20.98
CA GLN B 529 -26.84 -39.45 -22.05
C GLN B 529 -27.89 -38.36 -21.84
N GLN B 530 -28.33 -38.18 -20.59
CA GLN B 530 -29.28 -37.12 -20.30
C GLN B 530 -28.73 -35.75 -20.67
N THR B 531 -27.52 -35.44 -20.20
CA THR B 531 -26.98 -34.11 -20.49
C THR B 531 -26.77 -33.90 -21.98
N LYS B 532 -26.55 -35.00 -22.74
CA LYS B 532 -26.38 -34.84 -24.17
C LYS B 532 -27.68 -34.67 -24.94
N ASN B 533 -28.74 -35.40 -24.58
CA ASN B 533 -29.95 -35.42 -25.40
C ASN B 533 -31.03 -34.44 -24.97
N SER B 534 -30.87 -33.76 -23.83
CA SER B 534 -31.94 -32.89 -23.36
C SER B 534 -31.87 -31.53 -24.06
N ASP B 535 -32.98 -30.79 -23.95
CA ASP B 535 -33.11 -29.50 -24.62
C ASP B 535 -33.50 -28.39 -23.64
N ARG B 536 -34.31 -28.74 -22.64
CA ARG B 536 -34.77 -27.79 -21.62
C ARG B 536 -33.98 -27.92 -20.32
N THR B 537 -32.85 -28.61 -20.33
CA THR B 537 -32.00 -28.75 -19.15
C THR B 537 -30.55 -28.86 -19.58
N PRO B 538 -29.94 -27.73 -19.92
CA PRO B 538 -28.55 -27.75 -20.42
C PRO B 538 -27.50 -27.94 -19.33
N LEU B 539 -27.77 -27.54 -18.08
CA LEU B 539 -26.81 -27.64 -17.00
C LEU B 539 -27.23 -28.77 -16.07
N VAL B 540 -26.29 -29.68 -15.78
CA VAL B 540 -26.53 -30.82 -14.91
C VAL B 540 -25.37 -30.91 -13.93
N SER B 541 -25.64 -31.52 -12.77
CA SER B 541 -24.61 -31.69 -11.75
C SER B 541 -24.81 -33.03 -11.05
N VAL B 542 -23.72 -33.53 -10.48
CA VAL B 542 -23.75 -34.78 -9.71
C VAL B 542 -22.61 -34.73 -8.72
N LEU B 543 -22.80 -35.41 -7.58
CA LEU B 543 -21.81 -35.43 -6.51
C LEU B 543 -21.55 -36.86 -6.08
N LEU B 544 -20.28 -37.25 -6.06
CA LEU B 544 -19.87 -38.58 -5.63
C LEU B 544 -19.28 -38.50 -4.24
N GLU B 545 -19.84 -39.28 -3.30
CA GLU B 545 -19.42 -39.24 -1.91
C GLU B 545 -19.28 -40.67 -1.39
N GLY B 546 -18.44 -40.80 -0.36
CA GLY B 546 -18.19 -42.09 0.26
C GLY B 546 -17.12 -42.00 1.34
N PRO B 547 -16.80 -43.12 1.96
CA PRO B 547 -15.77 -43.12 3.01
C PRO B 547 -14.38 -42.88 2.43
N PRO B 548 -13.41 -42.52 3.27
CA PRO B 548 -12.06 -42.29 2.76
C PRO B 548 -11.42 -43.56 2.22
N HIS B 549 -10.50 -43.37 1.27
CA HIS B 549 -9.77 -44.48 0.65
C HIS B 549 -10.69 -45.46 -0.05
N SER B 550 -11.77 -44.95 -0.66
CA SER B 550 -12.74 -45.83 -1.31
C SER B 550 -12.62 -45.85 -2.82
N GLY B 551 -11.86 -44.94 -3.42
CA GLY B 551 -11.71 -44.93 -4.87
C GLY B 551 -12.71 -44.06 -5.61
N LYS B 552 -12.81 -42.78 -5.23
CA LYS B 552 -13.74 -41.85 -5.86
C LYS B 552 -13.15 -41.18 -7.10
N THR B 553 -11.87 -40.80 -7.03
CA THR B 553 -11.27 -40.06 -8.13
C THR B 553 -11.12 -40.94 -9.36
N ALA B 554 -10.70 -42.19 -9.16
CA ALA B 554 -10.53 -43.07 -10.32
C ALA B 554 -11.85 -43.27 -11.04
N LEU B 555 -12.92 -43.48 -10.29
CA LEU B 555 -14.23 -43.68 -10.90
C LEU B 555 -14.70 -42.42 -11.61
N ALA B 556 -14.48 -41.25 -11.01
CA ALA B 556 -14.87 -40.00 -11.66
C ALA B 556 -14.11 -39.82 -12.97
N ALA B 557 -12.81 -40.08 -12.96
CA ALA B 557 -12.02 -39.94 -14.17
C ALA B 557 -12.48 -40.93 -15.25
N LYS B 558 -12.80 -42.15 -14.85
CA LYS B 558 -13.28 -43.12 -15.83
C LYS B 558 -14.62 -42.70 -16.44
N ILE B 559 -15.53 -42.19 -15.60
CA ILE B 559 -16.82 -41.73 -16.11
C ILE B 559 -16.62 -40.59 -17.08
N ALA B 560 -15.73 -39.65 -16.74
CA ALA B 560 -15.46 -38.54 -17.65
C ALA B 560 -14.86 -39.01 -18.96
N GLU B 561 -13.91 -39.96 -18.89
CA GLU B 561 -13.22 -40.41 -20.09
C GLU B 561 -14.13 -41.20 -21.02
N GLU B 562 -15.06 -41.97 -20.47
CA GLU B 562 -15.95 -42.79 -21.30
C GLU B 562 -17.13 -42.04 -21.88
N SER B 563 -17.06 -40.70 -21.93
CA SER B 563 -18.18 -39.89 -22.42
C SER B 563 -18.01 -39.43 -23.87
N ASN B 564 -16.78 -39.36 -24.37
CA ASN B 564 -16.50 -38.96 -25.75
C ASN B 564 -16.85 -37.51 -26.03
N PHE B 565 -16.95 -36.67 -25.00
CA PHE B 565 -17.17 -35.26 -25.23
C PHE B 565 -15.92 -34.64 -25.84
N PRO B 566 -16.07 -33.61 -26.69
CA PRO B 566 -14.88 -33.02 -27.31
C PRO B 566 -14.07 -32.15 -26.37
N PHE B 567 -14.59 -31.78 -25.22
CA PHE B 567 -13.86 -30.96 -24.25
C PHE B 567 -13.95 -31.65 -22.89
N ILE B 568 -12.81 -31.86 -22.24
CA ILE B 568 -12.78 -32.47 -20.92
C ILE B 568 -11.62 -31.85 -20.14
N LYS B 569 -11.85 -31.59 -18.85
CA LYS B 569 -10.81 -30.97 -18.05
C LYS B 569 -10.98 -31.36 -16.59
N ILE B 570 -9.86 -31.44 -15.87
CA ILE B 570 -9.84 -31.80 -14.46
C ILE B 570 -9.12 -30.71 -13.69
N CYS B 571 -9.72 -30.26 -12.58
CA CYS B 571 -9.19 -29.20 -11.74
C CYS B 571 -8.90 -29.79 -10.36
N SER B 572 -7.65 -30.14 -10.10
CA SER B 572 -7.29 -30.73 -8.83
C SER B 572 -6.51 -29.74 -7.98
N PRO B 573 -6.55 -29.89 -6.64
CA PRO B 573 -5.86 -28.93 -5.77
C PRO B 573 -4.35 -29.17 -5.67
N ASP B 574 -3.85 -30.30 -6.14
CA ASP B 574 -2.43 -30.61 -5.99
C ASP B 574 -1.55 -29.82 -6.93
N LYS B 575 -2.13 -29.06 -7.86
CA LYS B 575 -1.40 -28.16 -8.73
C LYS B 575 -1.52 -26.70 -8.30
N MET B 576 -1.96 -26.45 -7.07
CA MET B 576 -2.11 -25.11 -6.51
C MET B 576 -1.53 -25.05 -5.11
N ILE B 577 -0.32 -25.59 -4.94
CA ILE B 577 0.32 -25.63 -3.63
C ILE B 577 0.90 -24.25 -3.34
N GLY B 578 0.57 -23.70 -2.18
CA GLY B 578 1.05 -22.40 -1.79
C GLY B 578 0.26 -21.22 -2.31
N PHE B 579 -0.80 -21.46 -3.09
CA PHE B 579 -1.59 -20.38 -3.64
C PHE B 579 -2.38 -19.69 -2.53
N SER B 580 -2.82 -18.46 -2.83
CA SER B 580 -3.73 -17.72 -1.98
C SER B 580 -5.16 -17.84 -2.50
N GLU B 581 -6.10 -17.27 -1.76
CA GLU B 581 -7.51 -17.40 -2.11
C GLU B 581 -7.79 -16.80 -3.48
N THR B 582 -7.23 -15.61 -3.74
CA THR B 582 -7.51 -14.93 -4.99
C THR B 582 -7.00 -15.73 -6.19
N ALA B 583 -5.83 -16.35 -6.04
CA ALA B 583 -5.30 -17.16 -7.13
C ALA B 583 -6.21 -18.34 -7.43
N LYS B 584 -6.73 -19.00 -6.39
CA LYS B 584 -7.66 -20.10 -6.61
C LYS B 584 -8.92 -19.63 -7.33
N CYS B 585 -9.48 -18.49 -6.90
CA CYS B 585 -10.67 -17.97 -7.57
C CYS B 585 -10.39 -17.69 -9.04
N GLN B 586 -9.27 -17.03 -9.33
CA GLN B 586 -8.93 -16.72 -10.71
C GLN B 586 -8.75 -17.99 -11.53
N ALA B 587 -8.07 -18.99 -10.99
CA ALA B 587 -7.84 -20.23 -11.73
C ALA B 587 -9.16 -20.92 -12.06
N MET B 588 -10.05 -21.04 -11.07
CA MET B 588 -11.33 -21.69 -11.32
C MET B 588 -12.14 -20.92 -12.36
N LYS B 589 -12.17 -19.59 -12.24
CA LYS B 589 -12.93 -18.81 -13.21
C LYS B 589 -12.35 -18.95 -14.61
N LYS B 590 -11.02 -18.99 -14.73
CA LYS B 590 -10.41 -19.17 -16.04
C LYS B 590 -10.78 -20.51 -16.64
N ILE B 591 -10.73 -21.58 -15.83
CA ILE B 591 -11.09 -22.90 -16.35
C ILE B 591 -12.52 -22.90 -16.85
N PHE B 592 -13.44 -22.34 -16.07
CA PHE B 592 -14.84 -22.35 -16.51
C PHE B 592 -15.03 -21.49 -17.75
N ASP B 593 -14.36 -20.33 -17.81
CA ASP B 593 -14.48 -19.49 -18.99
C ASP B 593 -14.01 -20.21 -20.24
N ASP B 594 -12.89 -20.92 -20.15
CA ASP B 594 -12.47 -21.75 -21.29
C ASP B 594 -13.51 -22.81 -21.60
N ALA B 595 -14.11 -23.40 -20.57
CA ALA B 595 -15.11 -24.44 -20.79
C ALA B 595 -16.34 -23.90 -21.51
N TYR B 596 -16.60 -22.60 -21.37
CA TYR B 596 -17.80 -22.01 -21.96
C TYR B 596 -17.73 -21.83 -23.46
N LYS B 597 -16.57 -22.01 -24.08
CA LYS B 597 -16.41 -21.72 -25.50
C LYS B 597 -16.59 -22.94 -26.40
N SER B 598 -16.94 -24.10 -25.84
CA SER B 598 -17.19 -25.30 -26.64
C SER B 598 -18.67 -25.64 -26.62
N GLN B 599 -19.07 -26.52 -27.54
CA GLN B 599 -20.47 -26.94 -27.66
C GLN B 599 -20.78 -28.18 -26.85
N LEU B 600 -19.77 -28.78 -26.21
CA LEU B 600 -19.96 -29.94 -25.35
C LEU B 600 -18.70 -30.07 -24.51
N SER B 601 -18.88 -30.05 -23.18
CA SER B 601 -17.74 -30.00 -22.29
C SER B 601 -18.05 -30.74 -21.00
N CYS B 602 -16.98 -31.11 -20.29
CA CYS B 602 -17.11 -31.78 -19.01
C CYS B 602 -15.95 -31.32 -18.13
N VAL B 603 -16.24 -30.99 -16.89
CA VAL B 603 -15.25 -30.50 -15.94
C VAL B 603 -15.36 -31.33 -14.67
N VAL B 604 -14.21 -31.74 -14.13
CA VAL B 604 -14.14 -32.51 -12.89
C VAL B 604 -13.53 -31.63 -11.82
N VAL B 605 -14.22 -31.52 -10.68
CA VAL B 605 -13.73 -30.80 -9.52
C VAL B 605 -13.43 -31.84 -8.44
N ASP B 606 -12.18 -31.87 -7.99
CA ASP B 606 -11.69 -32.98 -7.17
C ASP B 606 -11.40 -32.50 -5.76
N ASP B 607 -11.84 -33.29 -4.77
CA ASP B 607 -11.55 -33.05 -3.37
C ASP B 607 -12.03 -31.65 -2.95
N ILE B 608 -13.35 -31.50 -2.98
CA ILE B 608 -13.97 -30.22 -2.68
C ILE B 608 -13.62 -29.75 -1.28
N GLU B 609 -13.34 -30.69 -0.38
CA GLU B 609 -13.03 -30.31 1.00
C GLU B 609 -11.63 -29.74 1.14
N ARG B 610 -10.75 -30.00 0.18
CA ARG B 610 -9.40 -29.44 0.22
C ARG B 610 -9.31 -28.09 -0.45
N LEU B 611 -10.31 -27.71 -1.26
CA LEU B 611 -10.29 -26.39 -1.88
C LEU B 611 -10.67 -25.31 -0.87
N LEU B 612 -11.53 -25.65 0.10
CA LEU B 612 -11.93 -24.67 1.10
C LEU B 612 -10.98 -24.60 2.29
N ASP B 613 -10.01 -25.51 2.39
CA ASP B 613 -9.07 -25.51 3.50
C ASP B 613 -9.81 -25.78 4.82
N TYR B 614 -10.58 -26.86 4.85
CA TYR B 614 -11.35 -27.19 6.04
C TYR B 614 -10.48 -27.87 7.08
N VAL B 615 -10.73 -27.53 8.34
CA VAL B 615 -10.07 -28.14 9.49
C VAL B 615 -11.07 -28.21 10.64
N PRO B 616 -11.31 -29.39 11.24
CA PRO B 616 -12.39 -29.49 12.23
C PRO B 616 -12.25 -28.53 13.40
N ILE B 617 -11.02 -28.25 13.86
CA ILE B 617 -10.86 -27.20 14.86
C ILE B 617 -11.31 -25.87 14.28
N GLY B 618 -11.96 -25.06 15.10
CA GLY B 618 -12.59 -23.86 14.64
C GLY B 618 -14.10 -23.98 14.57
N PRO B 619 -14.65 -24.26 13.37
CA PRO B 619 -13.97 -24.58 12.10
C PRO B 619 -13.42 -23.37 11.38
N ARG B 620 -12.52 -23.59 10.42
N ARG B 620 -12.53 -23.60 10.42
CA ARG B 620 -11.95 -22.53 9.62
CA ARG B 620 -11.93 -22.54 9.62
C ARG B 620 -12.02 -22.91 8.15
C ARG B 620 -12.01 -22.91 8.15
N PHE B 621 -12.14 -21.91 7.29
CA PHE B 621 -12.16 -22.14 5.85
C PHE B 621 -12.15 -20.79 5.14
N SER B 622 -12.18 -20.87 3.81
CA SER B 622 -12.17 -19.70 2.94
C SER B 622 -13.60 -19.46 2.46
N ASN B 623 -14.10 -18.25 2.68
CA ASN B 623 -15.46 -17.92 2.26
C ASN B 623 -15.51 -17.47 0.80
N LEU B 624 -14.44 -16.83 0.32
CA LEU B 624 -14.41 -16.37 -1.07
C LEU B 624 -14.53 -17.55 -2.03
N VAL B 625 -13.75 -18.60 -1.81
CA VAL B 625 -13.80 -19.76 -2.71
C VAL B 625 -15.17 -20.42 -2.64
N LEU B 626 -15.74 -20.54 -1.43
CA LEU B 626 -17.04 -21.16 -1.30
C LEU B 626 -18.11 -20.39 -2.06
N GLN B 627 -18.08 -19.06 -1.96
CA GLN B 627 -19.08 -18.26 -2.67
C GLN B 627 -18.89 -18.35 -4.17
N ALA B 628 -17.64 -18.34 -4.64
CA ALA B 628 -17.40 -18.50 -6.07
C ALA B 628 -17.93 -19.83 -6.57
N LEU B 629 -17.69 -20.91 -5.82
CA LEU B 629 -18.18 -22.21 -6.25
C LEU B 629 -19.71 -22.27 -6.24
N LEU B 630 -20.34 -21.73 -5.20
CA LEU B 630 -21.80 -21.73 -5.14
C LEU B 630 -22.41 -20.94 -6.28
N VAL B 631 -21.79 -19.83 -6.67
CA VAL B 631 -22.31 -19.06 -7.81
C VAL B 631 -22.09 -19.81 -9.11
N LEU B 632 -20.90 -20.38 -9.30
CA LEU B 632 -20.59 -21.05 -10.58
C LEU B 632 -21.39 -22.32 -10.77
N LEU B 633 -21.86 -22.96 -9.70
CA LEU B 633 -22.60 -24.22 -9.86
C LEU B 633 -23.98 -24.05 -10.48
N LYS B 634 -24.49 -22.82 -10.64
CA LYS B 634 -25.86 -22.61 -11.11
C LYS B 634 -25.90 -21.53 -12.19
N LYS B 635 -24.84 -21.42 -12.98
CA LYS B 635 -24.75 -20.46 -14.08
C LYS B 635 -24.79 -21.23 -15.40
N ALA B 636 -25.74 -20.88 -16.26
CA ALA B 636 -25.89 -21.59 -17.52
C ALA B 636 -24.95 -21.02 -18.58
N PRO B 637 -24.53 -21.83 -19.55
CA PRO B 637 -23.69 -21.31 -20.63
C PRO B 637 -24.50 -20.50 -21.62
N PRO B 638 -23.84 -19.76 -22.51
CA PRO B 638 -24.58 -19.00 -23.52
C PRO B 638 -25.54 -19.89 -24.31
N GLN B 639 -26.44 -19.29 -25.08
CA GLN B 639 -27.54 -20.03 -25.67
C GLN B 639 -27.03 -21.16 -26.56
N GLY B 640 -27.58 -22.36 -26.36
CA GLY B 640 -27.31 -23.47 -27.25
C GLY B 640 -26.16 -24.37 -26.87
N ARG B 641 -25.65 -24.28 -25.64
CA ARG B 641 -24.48 -25.06 -25.24
C ARG B 641 -24.79 -25.81 -23.95
N LYS B 642 -24.07 -26.92 -23.73
CA LYS B 642 -24.32 -27.84 -22.65
C LYS B 642 -23.12 -27.88 -21.69
N LEU B 643 -23.31 -28.48 -20.53
CA LEU B 643 -22.24 -28.60 -19.54
C LEU B 643 -22.57 -29.74 -18.59
N LEU B 644 -21.56 -30.17 -17.83
CA LEU B 644 -21.72 -31.26 -16.87
C LEU B 644 -20.59 -31.21 -15.85
N ILE B 645 -20.94 -31.19 -14.56
CA ILE B 645 -19.97 -31.03 -13.47
C ILE B 645 -20.03 -32.26 -12.57
N ILE B 646 -18.87 -32.84 -12.28
CA ILE B 646 -18.75 -33.99 -11.37
C ILE B 646 -17.87 -33.57 -10.22
N GLY B 647 -18.37 -33.74 -8.99
CA GLY B 647 -17.62 -33.43 -7.79
C GLY B 647 -17.35 -34.65 -6.93
N THR B 648 -16.28 -34.55 -6.14
CA THR B 648 -15.85 -35.63 -5.28
C THR B 648 -15.62 -35.08 -3.87
N THR B 649 -16.18 -35.77 -2.87
CA THR B 649 -16.08 -35.33 -1.49
C THR B 649 -16.05 -36.56 -0.59
N SER B 650 -15.69 -36.34 0.68
CA SER B 650 -15.62 -37.41 1.66
C SER B 650 -16.30 -37.07 2.98
N ARG B 651 -16.90 -35.89 3.13
CA ARG B 651 -17.49 -35.42 4.37
C ARG B 651 -18.87 -34.84 4.10
N LYS B 652 -19.70 -35.59 3.38
CA LYS B 652 -20.98 -35.08 2.91
C LYS B 652 -21.77 -34.38 4.01
N ASP B 653 -21.58 -34.76 5.27
CA ASP B 653 -22.35 -34.15 6.34
C ASP B 653 -22.05 -32.66 6.47
N VAL B 654 -20.76 -32.31 6.46
CA VAL B 654 -20.38 -30.90 6.58
C VAL B 654 -20.82 -30.14 5.33
N LEU B 655 -20.74 -30.77 4.16
CA LEU B 655 -21.23 -30.12 2.95
C LEU B 655 -22.72 -29.87 3.04
N GLN B 656 -23.45 -30.72 3.78
CA GLN B 656 -24.87 -30.48 4.00
C GLN B 656 -25.10 -29.34 4.98
N GLU B 657 -24.23 -29.21 5.98
CA GLU B 657 -24.38 -28.14 6.96
C GLU B 657 -24.24 -26.76 6.30
N MET B 658 -23.44 -26.64 5.24
CA MET B 658 -23.17 -25.36 4.59
C MET B 658 -24.18 -25.00 3.52
N GLU B 659 -25.24 -25.79 3.36
CA GLU B 659 -26.27 -25.54 2.35
C GLU B 659 -25.69 -25.60 0.93
N MET B 660 -24.79 -26.55 0.70
CA MET B 660 -24.21 -26.76 -0.62
C MET B 660 -24.91 -27.87 -1.38
N LEU B 661 -25.65 -28.74 -0.68
CA LEU B 661 -26.34 -29.84 -1.33
C LEU B 661 -27.59 -29.39 -2.07
N ASN B 662 -28.04 -28.15 -1.86
CA ASN B 662 -29.15 -27.63 -2.65
C ASN B 662 -28.72 -27.31 -4.08
N ALA B 663 -27.44 -26.98 -4.27
CA ALA B 663 -26.96 -26.67 -5.61
C ALA B 663 -26.84 -27.93 -6.46
N PHE B 664 -26.32 -29.01 -5.89
CA PHE B 664 -26.14 -30.24 -6.64
C PHE B 664 -27.49 -30.87 -6.95
N SER B 665 -27.56 -31.61 -8.05
CA SER B 665 -28.82 -32.20 -8.48
C SER B 665 -29.01 -33.64 -8.00
N THR B 666 -27.93 -34.35 -7.71
CA THR B 666 -28.05 -35.73 -7.26
C THR B 666 -26.75 -36.17 -6.62
N THR B 667 -26.77 -37.36 -6.03
CA THR B 667 -25.62 -37.92 -5.35
C THR B 667 -25.54 -39.42 -5.61
N ILE B 668 -24.33 -39.96 -5.52
CA ILE B 668 -24.07 -41.38 -5.67
C ILE B 668 -23.19 -41.84 -4.51
N HIS B 669 -23.42 -43.08 -4.06
CA HIS B 669 -22.75 -43.62 -2.89
C HIS B 669 -21.85 -44.77 -3.35
N VAL B 670 -20.58 -44.71 -2.97
CA VAL B 670 -19.59 -45.73 -3.28
C VAL B 670 -19.28 -46.49 -1.99
N PRO B 671 -19.61 -47.78 -1.89
CA PRO B 671 -19.40 -48.49 -0.62
C PRO B 671 -18.01 -49.11 -0.51
N ASN B 672 -17.71 -49.66 0.67
CA ASN B 672 -16.47 -50.37 0.92
C ASN B 672 -16.70 -51.87 0.79
N ILE B 673 -15.64 -52.65 1.03
CA ILE B 673 -15.75 -54.10 1.04
C ILE B 673 -16.38 -54.50 2.37
N ALA B 674 -17.46 -55.29 2.31
CA ALA B 674 -18.21 -55.66 3.51
C ALA B 674 -18.59 -57.13 3.48
N THR B 675 -17.70 -57.99 3.01
CA THR B 675 -18.01 -59.42 2.99
C THR B 675 -16.77 -60.19 2.58
N GLY B 676 -16.63 -61.41 3.12
CA GLY B 676 -15.46 -62.23 2.80
C GLY B 676 -15.41 -62.60 1.32
N GLU B 677 -16.56 -62.89 0.73
CA GLU B 677 -16.60 -63.25 -0.69
C GLU B 677 -16.00 -62.16 -1.56
N GLN B 678 -16.35 -60.91 -1.29
CA GLN B 678 -15.82 -59.81 -2.09
C GLN B 678 -14.31 -59.68 -1.92
N LEU B 679 -13.82 -59.84 -0.69
CA LEU B 679 -12.39 -59.77 -0.44
C LEU B 679 -11.66 -60.88 -1.19
N LEU B 680 -12.19 -62.10 -1.16
CA LEU B 680 -11.56 -63.21 -1.86
C LEU B 680 -11.57 -63.00 -3.35
N GLU B 681 -12.68 -62.49 -3.90
CA GLU B 681 -12.73 -62.23 -5.34
C GLU B 681 -11.73 -61.14 -5.73
N ALA B 682 -11.61 -60.09 -4.92
CA ALA B 682 -10.62 -59.06 -5.21
C ALA B 682 -9.21 -59.62 -5.18
N LEU B 683 -8.90 -60.45 -4.18
CA LEU B 683 -7.59 -61.08 -4.12
C LEU B 683 -7.35 -61.95 -5.35
N GLU B 684 -8.37 -62.70 -5.76
CA GLU B 684 -8.23 -63.56 -6.95
C GLU B 684 -7.92 -62.72 -8.18
N LEU B 685 -8.70 -61.66 -8.41
CA LEU B 685 -8.49 -60.84 -9.60
C LEU B 685 -7.17 -60.09 -9.53
N LEU B 686 -6.66 -59.81 -8.33
CA LEU B 686 -5.41 -59.06 -8.23
C LEU B 686 -4.20 -59.91 -8.61
N GLY B 687 -4.26 -61.21 -8.38
CA GLY B 687 -3.19 -62.11 -8.77
C GLY B 687 -2.08 -62.21 -7.75
N ASN B 688 -2.42 -62.59 -6.52
CA ASN B 688 -1.43 -62.73 -5.46
C ASN B 688 -1.74 -63.98 -4.65
N PHE B 689 -0.71 -64.48 -3.98
CA PHE B 689 -0.84 -65.65 -3.11
C PHE B 689 -1.22 -66.90 -3.91
N LYS B 690 -1.00 -68.07 -3.34
CA LYS B 690 -1.15 -69.35 -4.02
C LYS B 690 -2.36 -70.10 -3.47
N ASP B 691 -2.54 -71.33 -3.96
CA ASP B 691 -3.75 -72.10 -3.64
C ASP B 691 -3.87 -72.37 -2.15
N LYS B 692 -2.81 -72.91 -1.52
CA LYS B 692 -2.90 -73.22 -0.10
C LYS B 692 -3.10 -71.96 0.73
N GLU B 693 -2.36 -70.89 0.38
CA GLU B 693 -2.53 -69.62 1.08
C GLU B 693 -3.94 -69.09 0.90
N ARG B 694 -4.48 -69.21 -0.32
CA ARG B 694 -5.84 -68.77 -0.57
C ARG B 694 -6.84 -69.54 0.29
N THR B 695 -6.65 -70.86 0.39
CA THR B 695 -7.53 -71.67 1.22
C THR B 695 -7.45 -71.26 2.68
N THR B 696 -6.22 -71.06 3.18
CA THR B 696 -6.08 -70.65 4.58
C THR B 696 -6.75 -69.30 4.84
N ILE B 697 -6.54 -68.33 3.96
CA ILE B 697 -7.15 -67.01 4.17
C ILE B 697 -8.67 -67.13 4.14
N ALA B 698 -9.20 -67.88 3.16
CA ALA B 698 -10.65 -68.01 3.06
C ALA B 698 -11.23 -68.69 4.29
N GLN B 699 -10.60 -69.77 4.77
CA GLN B 699 -11.12 -70.44 5.95
C GLN B 699 -11.01 -69.57 7.19
N GLN B 700 -9.98 -68.73 7.28
CA GLN B 700 -9.81 -67.89 8.45
C GLN B 700 -10.81 -66.73 8.46
N VAL B 701 -11.05 -66.11 7.30
CA VAL B 701 -11.80 -64.86 7.27
C VAL B 701 -13.29 -65.06 6.95
N LYS B 702 -13.68 -66.21 6.40
CA LYS B 702 -15.07 -66.38 6.01
C LYS B 702 -16.01 -66.29 7.21
N GLY B 703 -15.50 -66.60 8.41
CA GLY B 703 -16.35 -66.59 9.59
C GLY B 703 -16.84 -65.20 9.95
N LYS B 704 -15.96 -64.22 9.86
CA LYS B 704 -16.23 -62.87 10.32
C LYS B 704 -16.45 -61.94 9.14
N LYS B 705 -16.59 -60.64 9.43
CA LYS B 705 -16.81 -59.61 8.43
C LYS B 705 -15.64 -58.65 8.44
N VAL B 706 -15.49 -57.91 7.34
CA VAL B 706 -14.38 -56.99 7.17
C VAL B 706 -14.90 -55.64 6.68
N TRP B 707 -14.08 -54.61 6.88
CA TRP B 707 -14.41 -53.24 6.49
C TRP B 707 -13.10 -52.55 6.12
N ILE B 708 -12.77 -52.56 4.83
CA ILE B 708 -11.51 -52.02 4.34
C ILE B 708 -11.71 -51.44 2.96
N GLY B 709 -11.08 -50.29 2.70
CA GLY B 709 -11.15 -49.67 1.40
C GLY B 709 -10.22 -50.33 0.40
N ILE B 710 -10.53 -50.11 -0.89
CA ILE B 710 -9.76 -50.73 -1.96
C ILE B 710 -8.32 -50.22 -1.96
N LYS B 711 -8.14 -48.91 -1.77
CA LYS B 711 -6.78 -48.35 -1.85
C LYS B 711 -5.89 -48.90 -0.73
N LYS B 712 -6.46 -49.16 0.44
CA LYS B 712 -5.66 -49.65 1.56
C LYS B 712 -5.28 -51.12 1.37
N LEU B 713 -6.13 -51.89 0.68
CA LEU B 713 -5.83 -53.31 0.47
C LEU B 713 -4.53 -53.51 -0.31
N LEU B 714 -4.31 -52.69 -1.35
CA LEU B 714 -3.08 -52.80 -2.11
C LEU B 714 -1.88 -52.53 -1.23
N MET B 715 -1.99 -51.50 -0.38
CA MET B 715 -0.85 -51.12 0.45
C MET B 715 -0.56 -52.18 1.50
N LEU B 716 -1.61 -52.78 2.07
CA LEU B 716 -1.40 -53.89 3.00
C LEU B 716 -0.75 -55.08 2.32
N ILE B 717 -1.17 -55.38 1.09
CA ILE B 717 -0.56 -56.49 0.35
C ILE B 717 0.92 -56.22 0.13
N GLU B 718 1.24 -54.98 -0.29
CA GLU B 718 2.63 -54.65 -0.53
C GLU B 718 3.46 -54.73 0.74
N MET B 719 2.90 -54.25 1.86
CA MET B 719 3.62 -54.34 3.12
C MET B 719 3.87 -55.78 3.53
N SER B 720 2.87 -56.64 3.37
CA SER B 720 3.00 -58.03 3.79
C SER B 720 3.87 -58.86 2.86
N LEU B 721 4.04 -58.43 1.61
CA LEU B 721 4.83 -59.19 0.64
C LEU B 721 6.34 -59.02 0.82
N GLN B 722 6.81 -58.44 1.93
CA GLN B 722 8.23 -58.18 2.13
C GLN B 722 8.93 -59.18 3.04
N MET B 723 8.20 -59.94 3.85
CA MET B 723 8.82 -60.87 4.78
C MET B 723 9.24 -62.13 4.02
N ASP B 724 9.69 -63.14 4.77
CA ASP B 724 10.06 -64.40 4.15
C ASP B 724 8.80 -65.15 3.71
N PRO B 725 8.94 -66.12 2.80
CA PRO B 725 7.75 -66.83 2.30
C PRO B 725 6.96 -67.56 3.38
N GLU B 726 7.56 -67.91 4.50
CA GLU B 726 6.84 -68.65 5.53
C GLU B 726 5.85 -67.81 6.32
N TYR B 727 6.23 -66.58 6.67
CA TYR B 727 5.47 -65.74 7.59
C TYR B 727 4.57 -64.72 6.90
N ARG B 728 4.41 -64.81 5.59
CA ARG B 728 3.64 -63.79 4.87
C ARG B 728 2.17 -63.80 5.26
N VAL B 729 1.54 -64.98 5.24
CA VAL B 729 0.11 -65.07 5.52
C VAL B 729 -0.18 -64.63 6.95
N ARG B 730 0.64 -65.04 7.91
CA ARG B 730 0.40 -64.68 9.30
C ARG B 730 0.46 -63.17 9.49
N LYS B 731 1.46 -62.51 8.90
CA LYS B 731 1.56 -61.06 9.04
C LYS B 731 0.40 -60.37 8.35
N PHE B 732 -0.02 -60.87 7.18
CA PHE B 732 -1.17 -60.27 6.50
C PHE B 732 -2.42 -60.36 7.36
N LEU B 733 -2.66 -61.53 7.96
CA LEU B 733 -3.82 -61.69 8.83
C LEU B 733 -3.74 -60.77 10.04
N ALA B 734 -2.55 -60.66 10.65
CA ALA B 734 -2.40 -59.78 11.79
C ALA B 734 -2.71 -58.34 11.42
N LEU B 735 -2.19 -57.89 10.27
CA LEU B 735 -2.41 -56.51 9.84
C LEU B 735 -3.89 -56.26 9.54
N LEU B 736 -4.57 -57.21 8.91
CA LEU B 736 -5.99 -57.00 8.59
C LEU B 736 -6.86 -56.83 9.83
N ARG B 737 -6.66 -57.65 10.86
CA ARG B 737 -7.46 -57.52 12.08
C ARG B 737 -7.20 -56.19 12.76
N GLU B 738 -5.93 -55.78 12.81
CA GLU B 738 -5.56 -54.52 13.45
C GLU B 738 -6.15 -53.32 12.73
N GLU B 739 -6.11 -53.33 11.40
CA GLU B 739 -6.61 -52.20 10.63
C GLU B 739 -8.09 -52.36 10.28
N GLY B 740 -8.72 -53.45 10.68
CA GLY B 740 -10.13 -53.64 10.41
C GLY B 740 -10.92 -52.87 11.44
N ALA B 741 -12.19 -52.57 11.16
CA ALA B 741 -13.00 -51.81 12.09
C ALA B 741 -14.48 -51.83 11.70
N SER B 742 -15.29 -51.05 12.40
CA SER B 742 -16.70 -50.93 12.09
C SER B 742 -17.08 -49.45 12.14
N PRO B 743 -18.19 -49.04 11.48
CA PRO B 743 -18.64 -47.63 11.49
C PRO B 743 -18.56 -46.97 12.86
N GLN C 209 -21.54 47.48 -36.22
CA GLN C 209 -20.90 46.18 -36.46
C GLN C 209 -21.13 45.26 -35.28
N SER C 210 -22.37 44.83 -35.08
CA SER C 210 -22.69 43.94 -33.97
C SER C 210 -21.92 42.63 -34.11
N ILE C 211 -21.52 42.08 -32.96
CA ILE C 211 -20.73 40.85 -32.97
C ILE C 211 -21.49 39.72 -33.66
N ILE C 212 -22.83 39.78 -33.64
CA ILE C 212 -23.63 38.75 -34.28
C ILE C 212 -23.39 38.79 -35.78
N ASN C 213 -23.36 37.60 -36.40
CA ASN C 213 -23.20 37.52 -37.84
C ASN C 213 -24.39 38.18 -38.53
N PRO C 214 -24.17 38.90 -39.65
CA PRO C 214 -25.29 39.58 -40.31
C PRO C 214 -26.38 38.67 -40.85
N ASP C 215 -26.13 37.37 -41.02
CA ASP C 215 -27.17 36.43 -41.46
C ASP C 215 -27.04 35.15 -40.66
N TRP C 216 -27.80 35.09 -39.56
CA TRP C 216 -27.83 33.94 -38.67
C TRP C 216 -29.24 33.75 -38.13
N ASN C 217 -29.77 32.55 -38.31
CA ASN C 217 -31.08 32.22 -37.75
C ASN C 217 -30.97 30.86 -37.08
N PHE C 218 -31.73 30.69 -36.00
CA PHE C 218 -31.65 29.46 -35.21
C PHE C 218 -32.03 28.23 -36.01
N GLU C 219 -32.83 28.38 -37.07
CA GLU C 219 -33.21 27.23 -37.88
C GLU C 219 -32.00 26.66 -38.61
N LYS C 220 -31.10 27.53 -39.07
CA LYS C 220 -29.92 27.07 -39.80
C LYS C 220 -28.88 26.44 -38.89
N MET C 221 -28.99 26.64 -37.57
CA MET C 221 -27.98 26.14 -36.65
C MET C 221 -27.86 24.62 -36.73
N GLY C 222 -28.99 23.92 -36.80
CA GLY C 222 -29.00 22.48 -36.84
C GLY C 222 -29.09 21.81 -35.49
N ILE C 223 -29.52 22.55 -34.45
CA ILE C 223 -29.63 21.97 -33.12
C ILE C 223 -31.10 21.92 -32.74
N GLY C 224 -31.57 20.73 -32.35
CA GLY C 224 -32.96 20.57 -31.99
C GLY C 224 -33.18 19.87 -30.66
N GLY C 225 -34.14 20.36 -29.87
CA GLY C 225 -34.44 19.81 -28.57
C GLY C 225 -33.67 20.41 -27.42
N LEU C 226 -32.99 21.53 -27.64
CA LEU C 226 -32.18 22.20 -26.61
C LEU C 226 -32.52 23.68 -26.62
N ASP C 227 -33.81 24.00 -26.69
CA ASP C 227 -34.26 25.38 -26.77
C ASP C 227 -34.03 26.15 -25.48
N LYS C 228 -34.41 25.60 -24.34
CA LYS C 228 -34.27 26.33 -23.09
C LYS C 228 -32.81 26.60 -22.77
N GLU C 229 -31.95 25.60 -22.96
CA GLU C 229 -30.54 25.75 -22.66
C GLU C 229 -29.92 26.85 -23.51
N PHE C 230 -30.20 26.83 -24.82
CA PHE C 230 -29.65 27.87 -25.69
C PHE C 230 -30.22 29.23 -25.34
N SER C 231 -31.50 29.29 -24.98
CA SER C 231 -32.08 30.57 -24.58
C SER C 231 -31.39 31.13 -23.36
N ASP C 232 -31.15 30.28 -22.35
CA ASP C 232 -30.46 30.74 -21.14
C ASP C 232 -29.04 31.18 -21.45
N ILE C 233 -28.32 30.42 -22.28
CA ILE C 233 -26.94 30.79 -22.61
C ILE C 233 -26.92 32.14 -23.30
N PHE C 234 -27.82 32.34 -24.27
CA PHE C 234 -27.88 33.61 -24.99
C PHE C 234 -28.23 34.75 -24.04
N ARG C 235 -29.20 34.53 -23.15
CA ARG C 235 -29.60 35.58 -22.23
C ARG C 235 -28.46 35.98 -21.30
N ARG C 236 -27.70 35.01 -20.81
CA ARG C 236 -26.70 35.29 -19.78
C ARG C 236 -25.35 35.75 -20.34
N ALA C 237 -24.97 35.28 -21.54
CA ALA C 237 -23.64 35.54 -22.07
C ALA C 237 -23.59 36.51 -23.24
N PHE C 238 -24.70 36.66 -23.98
CA PHE C 238 -24.69 37.49 -25.18
C PHE C 238 -25.75 38.60 -25.14
N ALA C 239 -26.25 38.93 -23.95
CA ALA C 239 -27.26 39.98 -23.84
C ALA C 239 -26.63 41.36 -23.72
N SER C 240 -25.49 41.46 -23.06
CA SER C 240 -24.82 42.74 -22.84
C SER C 240 -23.93 43.18 -23.99
N ARG C 241 -23.70 42.32 -24.98
CA ARG C 241 -22.86 42.65 -26.12
C ARG C 241 -23.65 43.09 -27.36
N VAL C 242 -24.98 43.23 -27.26
CA VAL C 242 -25.76 43.72 -28.38
C VAL C 242 -26.53 45.00 -28.07
N PHE C 243 -26.71 45.38 -26.81
CA PHE C 243 -27.41 46.62 -26.48
C PHE C 243 -26.56 47.83 -26.85
N PRO C 244 -27.18 48.99 -27.05
CA PRO C 244 -26.42 50.19 -27.38
C PRO C 244 -25.36 50.46 -26.34
N PRO C 245 -24.15 50.86 -26.78
CA PRO C 245 -23.02 51.03 -25.85
C PRO C 245 -23.25 52.04 -24.74
N GLU C 246 -23.95 53.14 -25.03
CA GLU C 246 -24.08 54.22 -24.06
C GLU C 246 -24.79 53.76 -22.81
N ILE C 247 -25.87 52.98 -22.95
CA ILE C 247 -26.61 52.54 -21.77
C ILE C 247 -25.74 51.63 -20.91
N VAL C 248 -25.01 50.70 -21.55
CA VAL C 248 -24.14 49.81 -20.80
C VAL C 248 -23.04 50.61 -20.08
N GLU C 249 -22.48 51.63 -20.75
CA GLU C 249 -21.46 52.45 -20.10
C GLU C 249 -22.04 53.15 -18.88
N GLN C 250 -23.25 53.71 -19.01
CA GLN C 250 -23.88 54.36 -17.87
C GLN C 250 -24.14 53.36 -16.75
N MET C 251 -24.59 52.16 -17.12
CA MET C 251 -24.92 51.08 -16.21
C MET C 251 -23.72 50.58 -15.42
N GLY C 252 -22.56 50.49 -16.06
CA GLY C 252 -21.34 50.02 -15.41
C GLY C 252 -21.31 48.55 -15.06
N CYS C 253 -21.27 47.68 -16.06
CA CYS C 253 -21.26 46.25 -15.83
C CYS C 253 -20.14 45.60 -16.61
N LYS C 254 -19.63 44.49 -16.07
CA LYS C 254 -18.58 43.70 -16.70
C LYS C 254 -19.21 42.48 -17.36
N HIS C 255 -18.63 42.03 -18.47
CA HIS C 255 -19.19 40.90 -19.20
C HIS C 255 -18.78 39.58 -18.56
N VAL C 256 -19.56 38.54 -18.86
CA VAL C 256 -19.24 37.21 -18.33
C VAL C 256 -18.12 36.60 -19.17
N LYS C 257 -17.25 35.85 -18.51
CA LYS C 257 -16.05 35.32 -19.15
C LYS C 257 -15.83 33.85 -18.79
N GLY C 258 -16.88 33.05 -18.90
CA GLY C 258 -16.75 31.62 -18.64
C GLY C 258 -18.02 30.82 -18.85
N ILE C 259 -17.89 29.64 -19.46
CA ILE C 259 -19.02 28.75 -19.65
C ILE C 259 -18.53 27.31 -19.46
N LEU C 260 -19.35 26.51 -18.79
CA LEU C 260 -19.06 25.10 -18.56
C LEU C 260 -20.24 24.26 -19.02
N LEU C 261 -19.94 23.12 -19.64
CA LEU C 261 -20.94 22.23 -20.19
C LEU C 261 -20.63 20.80 -19.75
N TYR C 262 -21.61 20.14 -19.13
CA TYR C 262 -21.39 18.78 -18.66
C TYR C 262 -22.64 17.96 -18.91
N GLY C 263 -22.46 16.64 -18.93
CA GLY C 263 -23.55 15.73 -19.20
C GLY C 263 -23.07 14.36 -19.64
N PRO C 264 -23.99 13.44 -19.87
CA PRO C 264 -23.62 12.09 -20.29
C PRO C 264 -23.02 12.04 -21.68
N PRO C 265 -22.23 11.01 -21.97
CA PRO C 265 -21.51 10.90 -23.25
C PRO C 265 -22.39 10.72 -24.48
N GLY C 266 -22.83 11.81 -25.11
CA GLY C 266 -23.54 11.65 -26.37
C GLY C 266 -24.88 12.34 -26.49
N CYS C 267 -25.05 13.46 -25.80
CA CYS C 267 -26.32 14.18 -25.80
C CYS C 267 -26.21 15.54 -26.45
N GLY C 268 -25.02 15.88 -26.96
CA GLY C 268 -24.78 17.06 -27.76
C GLY C 268 -24.10 18.17 -27.00
N LYS C 269 -22.77 18.18 -27.08
CA LYS C 269 -21.92 19.21 -26.50
C LYS C 269 -21.03 19.86 -27.55
N THR C 270 -20.28 19.05 -28.30
CA THR C 270 -19.35 19.58 -29.29
C THR C 270 -20.11 20.33 -30.39
N LEU C 271 -21.27 19.83 -30.77
CA LEU C 271 -22.07 20.54 -31.77
C LEU C 271 -22.43 21.93 -31.26
N LEU C 272 -22.86 22.02 -30.00
CA LEU C 272 -23.20 23.33 -29.45
C LEU C 272 -21.99 24.24 -29.40
N ALA C 273 -20.83 23.74 -28.98
CA ALA C 273 -19.64 24.58 -28.94
C ALA C 273 -19.21 25.06 -30.32
N ARG C 274 -19.22 24.16 -31.31
CA ARG C 274 -18.82 24.54 -32.67
C ARG C 274 -19.77 25.57 -33.27
N GLN C 275 -21.08 25.39 -33.06
CA GLN C 275 -22.03 26.34 -33.64
C GLN C 275 -21.94 27.70 -32.97
N ILE C 276 -21.69 27.74 -31.65
CA ILE C 276 -21.46 29.02 -30.99
C ILE C 276 -20.23 29.70 -31.58
N GLY C 277 -19.16 28.94 -31.79
CA GLY C 277 -17.96 29.53 -32.39
C GLY C 277 -18.24 30.08 -33.78
N LYS C 278 -19.05 29.36 -34.57
CA LYS C 278 -19.39 29.82 -35.91
C LYS C 278 -20.38 30.98 -35.88
N MET C 279 -21.08 31.19 -34.76
CA MET C 279 -22.07 32.25 -34.68
C MET C 279 -21.44 33.63 -34.81
N LEU C 280 -20.29 33.83 -34.17
CA LEU C 280 -19.76 35.18 -34.01
C LEU C 280 -18.83 35.53 -35.17
N ASN C 281 -19.05 36.69 -35.77
CA ASN C 281 -18.16 37.22 -36.81
C ASN C 281 -17.05 38.03 -36.13
N ALA C 282 -16.14 37.31 -35.49
CA ALA C 282 -15.01 37.94 -34.82
C ALA C 282 -13.84 36.95 -34.85
N ARG C 283 -12.97 37.10 -35.85
CA ARG C 283 -11.82 36.21 -35.99
C ARG C 283 -12.28 34.76 -36.05
N GLU C 284 -11.38 33.82 -35.76
CA GLU C 284 -11.73 32.42 -35.67
C GLU C 284 -11.23 31.82 -34.37
N PRO C 285 -11.93 30.80 -33.86
CA PRO C 285 -11.57 30.24 -32.55
C PRO C 285 -10.21 29.55 -32.58
N LYS C 286 -9.60 29.49 -31.40
CA LYS C 286 -8.31 28.84 -31.20
C LYS C 286 -8.58 27.59 -30.36
N VAL C 287 -8.33 26.42 -30.94
CA VAL C 287 -8.73 25.15 -30.33
C VAL C 287 -7.56 24.54 -29.58
N VAL C 288 -7.90 23.80 -28.52
CA VAL C 288 -6.95 23.01 -27.75
C VAL C 288 -7.51 21.59 -27.66
N ASN C 289 -6.75 20.62 -28.16
CA ASN C 289 -7.21 19.23 -28.25
C ASN C 289 -6.67 18.46 -27.06
N GLY C 290 -7.52 18.23 -26.06
CA GLY C 290 -7.14 17.47 -24.90
C GLY C 290 -5.93 18.06 -24.21
N PRO C 291 -4.97 17.22 -23.79
CA PRO C 291 -3.72 17.74 -23.22
C PRO C 291 -2.67 17.99 -24.29
N GLU C 292 -3.02 18.86 -25.26
CA GLU C 292 -2.10 19.22 -26.31
C GLU C 292 -0.99 20.14 -25.81
N ILE C 293 -1.17 20.73 -24.62
CA ILE C 293 -0.16 21.63 -24.06
C ILE C 293 0.51 20.90 -22.89
N LEU C 294 1.62 20.25 -23.19
CA LEU C 294 2.43 19.53 -22.22
C LEU C 294 3.78 19.22 -22.85
N ASN C 295 4.86 19.60 -22.19
CA ASN C 295 6.21 19.39 -22.68
C ASN C 295 7.05 18.73 -21.60
N LYS C 296 8.28 18.38 -21.97
CA LYS C 296 9.20 17.73 -21.04
C LYS C 296 10.19 18.70 -20.43
N TYR C 297 10.68 19.67 -21.19
CA TYR C 297 11.61 20.64 -20.64
C TYR C 297 10.93 21.46 -19.54
N VAL C 298 11.69 21.76 -18.48
CA VAL C 298 11.13 22.52 -17.37
C VAL C 298 10.71 23.91 -17.84
N GLY C 299 9.55 24.36 -17.39
CA GLY C 299 9.09 25.70 -17.73
C GLY C 299 8.79 25.92 -19.19
N GLU C 300 8.08 24.98 -19.82
CA GLU C 300 7.66 25.13 -21.20
C GLU C 300 6.15 24.98 -21.36
N SER C 301 5.52 24.26 -20.44
CA SER C 301 4.07 24.16 -20.44
C SER C 301 3.41 25.51 -20.16
N GLU C 302 3.93 26.24 -19.18
CA GLU C 302 3.36 27.54 -18.85
C GLU C 302 3.56 28.54 -19.98
N ALA C 303 4.70 28.48 -20.67
CA ALA C 303 4.87 29.32 -21.85
C ALA C 303 3.82 29.02 -22.92
N ASN C 304 3.49 27.74 -23.09
CA ASN C 304 2.43 27.38 -24.02
C ASN C 304 1.08 27.94 -23.57
N ILE C 305 0.80 27.86 -22.27
CA ILE C 305 -0.47 28.40 -21.78
C ILE C 305 -0.51 29.91 -22.00
N ARG C 306 0.62 30.58 -21.80
CA ARG C 306 0.64 32.03 -21.89
C ARG C 306 0.53 32.51 -23.33
N LYS C 307 1.01 31.70 -24.29
CA LYS C 307 0.93 32.13 -25.69
C LYS C 307 -0.51 32.41 -26.12
N LEU C 308 -1.49 31.78 -25.48
CA LEU C 308 -2.86 31.82 -25.99
C LEU C 308 -3.51 33.18 -25.81
N PHE C 309 -3.10 33.93 -24.79
CA PHE C 309 -3.74 35.20 -24.45
C PHE C 309 -2.98 36.43 -24.94
N ALA C 310 -1.93 36.26 -25.74
CA ALA C 310 -1.09 37.40 -26.10
C ALA C 310 -1.84 38.41 -26.96
N ASP C 311 -2.50 37.93 -28.02
CA ASP C 311 -3.18 38.85 -28.94
C ASP C 311 -4.31 39.60 -28.26
N ALA C 312 -5.01 38.94 -27.33
CA ALA C 312 -6.08 39.60 -26.61
C ALA C 312 -5.55 40.80 -25.81
N GLU C 313 -4.42 40.59 -25.12
CA GLU C 313 -3.81 41.69 -24.38
C GLU C 313 -3.33 42.78 -25.31
N GLU C 314 -2.71 42.41 -26.43
CA GLU C 314 -2.20 43.42 -27.36
C GLU C 314 -3.32 44.29 -27.92
N GLU C 315 -4.45 43.67 -28.28
CA GLU C 315 -5.56 44.45 -28.82
C GLU C 315 -6.28 45.25 -27.74
N GLN C 316 -6.36 44.71 -26.51
CA GLN C 316 -6.90 45.51 -25.42
C GLN C 316 -6.06 46.75 -25.18
N ARG C 317 -4.73 46.61 -25.19
N ARG C 317 -4.74 46.60 -25.20
CA ARG C 317 -3.86 47.76 -25.02
CA ARG C 317 -3.87 47.77 -25.01
C ARG C 317 -4.00 48.74 -26.17
C ARG C 317 -3.99 48.75 -26.17
N ARG C 318 -4.04 48.24 -27.40
CA ARG C 318 -4.03 49.14 -28.55
C ARG C 318 -5.34 49.92 -28.68
N LEU C 319 -6.48 49.25 -28.53
CA LEU C 319 -7.78 49.89 -28.79
C LEU C 319 -8.56 50.23 -27.53
N GLY C 320 -8.47 49.42 -26.48
CA GLY C 320 -9.16 49.72 -25.25
C GLY C 320 -10.54 49.10 -25.25
N ALA C 321 -11.57 49.92 -25.41
CA ALA C 321 -12.95 49.46 -25.34
C ALA C 321 -13.58 49.26 -26.70
N ASN C 322 -12.78 49.32 -27.77
CA ASN C 322 -13.25 49.11 -29.14
C ASN C 322 -12.60 47.88 -29.75
N SER C 323 -12.47 46.83 -28.97
CA SER C 323 -11.81 45.60 -29.39
C SER C 323 -12.84 44.62 -29.96
N GLY C 324 -12.36 43.44 -30.33
CA GLY C 324 -13.24 42.38 -30.79
C GLY C 324 -13.12 41.13 -29.94
N LEU C 325 -14.19 40.36 -29.91
CA LEU C 325 -14.25 39.19 -29.06
C LEU C 325 -13.22 38.14 -29.45
N HIS C 326 -12.65 37.50 -28.44
CA HIS C 326 -11.69 36.40 -28.61
C HIS C 326 -12.25 35.16 -27.94
N ILE C 327 -12.28 34.05 -28.68
CA ILE C 327 -12.87 32.82 -28.20
C ILE C 327 -11.77 31.78 -27.98
N ILE C 328 -11.97 30.91 -26.99
CA ILE C 328 -11.05 29.83 -26.68
C ILE C 328 -11.90 28.63 -26.30
N ILE C 329 -11.68 27.50 -26.97
CA ILE C 329 -12.50 26.30 -26.78
C ILE C 329 -11.61 25.24 -26.17
N PHE C 330 -11.82 24.94 -24.88
CA PHE C 330 -11.13 23.86 -24.20
C PHE C 330 -11.91 22.56 -24.41
N ASP C 331 -11.21 21.47 -24.72
CA ASP C 331 -11.82 20.16 -24.87
C ASP C 331 -11.28 19.23 -23.78
N GLU C 332 -12.19 18.49 -23.12
CA GLU C 332 -11.83 17.56 -22.06
C GLU C 332 -10.97 18.31 -21.05
N ILE C 333 -11.57 19.30 -20.40
CA ILE C 333 -10.82 20.18 -19.49
C ILE C 333 -10.20 19.39 -18.35
N ASP C 334 -10.89 18.38 -17.85
CA ASP C 334 -10.39 17.63 -16.70
C ASP C 334 -9.14 16.80 -17.01
N ALA C 335 -8.62 16.87 -18.23
CA ALA C 335 -7.38 16.16 -18.55
C ALA C 335 -6.17 16.89 -17.96
N ILE C 336 -6.24 18.21 -17.86
CA ILE C 336 -5.13 19.01 -17.35
C ILE C 336 -5.52 19.74 -16.06
N CYS C 337 -6.73 20.30 -16.00
CA CYS C 337 -7.18 21.03 -14.83
C CYS C 337 -7.79 20.04 -13.83
N LYS C 338 -7.22 20.00 -12.62
CA LYS C 338 -7.68 19.09 -11.59
C LYS C 338 -7.36 19.69 -10.23
N GLN C 339 -8.08 19.22 -9.21
CA GLN C 339 -7.97 19.81 -7.89
C GLN C 339 -6.53 19.75 -7.39
N ARG C 340 -6.05 20.88 -6.86
CA ARG C 340 -4.66 20.99 -6.45
C ARG C 340 -4.42 20.21 -5.16
N GLY C 341 -3.26 19.55 -5.09
CA GLY C 341 -2.81 18.84 -3.92
C GLY C 341 -3.23 17.39 -3.87
N SER C 342 -4.28 17.02 -4.60
CA SER C 342 -4.75 15.63 -4.61
C SER C 342 -4.17 14.82 -5.76
N MET C 343 -3.46 15.46 -6.69
CA MET C 343 -2.80 14.71 -7.76
C MET C 343 -1.82 13.73 -7.15
N ALA C 344 -1.02 14.19 -6.18
CA ALA C 344 -0.12 13.33 -5.44
C ALA C 344 0.83 12.56 -6.34
N GLY C 345 1.03 13.05 -7.58
CA GLY C 345 1.99 12.44 -8.47
C GLY C 345 3.39 12.93 -8.18
N SER C 346 3.47 14.17 -7.70
CA SER C 346 4.69 14.73 -7.14
C SER C 346 5.72 15.14 -8.19
N THR C 347 5.43 14.94 -9.48
CA THR C 347 6.34 15.48 -10.49
C THR C 347 6.30 16.99 -10.47
N GLY C 348 5.10 17.55 -10.33
CA GLY C 348 4.85 18.98 -10.22
C GLY C 348 4.40 19.71 -11.48
N VAL C 349 4.21 19.01 -12.60
CA VAL C 349 3.77 19.70 -13.81
C VAL C 349 2.33 20.19 -13.65
N HIS C 350 1.53 19.38 -12.96
CA HIS C 350 0.09 19.57 -12.83
C HIS C 350 -0.34 20.81 -12.07
N ASP C 351 0.19 21.05 -10.87
CA ASP C 351 -0.16 22.21 -10.06
C ASP C 351 0.24 23.53 -10.69
N THR C 352 1.43 23.60 -11.30
CA THR C 352 1.88 24.86 -11.87
C THR C 352 0.96 25.31 -12.99
N VAL C 353 0.49 24.36 -13.80
CA VAL C 353 -0.41 24.71 -14.90
C VAL C 353 -1.70 25.32 -14.36
N VAL C 354 -2.27 24.70 -13.31
CA VAL C 354 -3.50 25.22 -12.73
C VAL C 354 -3.27 26.62 -12.18
N ASN C 355 -2.15 26.82 -11.49
CA ASN C 355 -1.86 28.13 -10.93
C ASN C 355 -1.71 29.18 -12.03
N GLN C 356 -1.01 28.82 -13.11
CA GLN C 356 -0.83 29.76 -14.22
C GLN C 356 -2.17 30.12 -14.85
N LEU C 357 -3.03 29.13 -15.08
CA LEU C 357 -4.32 29.41 -15.69
C LEU C 357 -5.16 30.31 -14.79
N LEU C 358 -5.17 30.02 -13.48
CA LEU C 358 -5.94 30.84 -12.56
C LEU C 358 -5.43 32.26 -12.55
N SER C 359 -4.12 32.44 -12.53
CA SER C 359 -3.56 33.79 -12.48
C SER C 359 -3.71 34.52 -13.80
N LYS C 360 -3.90 33.80 -14.91
CA LYS C 360 -4.04 34.47 -16.20
C LYS C 360 -5.48 34.85 -16.52
N ILE C 361 -6.47 34.06 -16.08
CA ILE C 361 -7.85 34.44 -16.39
C ILE C 361 -8.24 35.68 -15.61
N ASP C 362 -8.20 35.61 -14.28
CA ASP C 362 -8.59 36.73 -13.42
C ASP C 362 -7.40 37.01 -12.51
N GLY C 363 -6.65 38.06 -12.83
CA GLY C 363 -5.46 38.42 -12.10
C GLY C 363 -5.39 39.92 -11.87
N VAL C 364 -4.16 40.40 -11.66
CA VAL C 364 -3.97 41.83 -11.38
C VAL C 364 -4.39 42.67 -12.59
N GLU C 365 -3.99 42.25 -13.78
CA GLU C 365 -4.40 42.93 -15.00
C GLU C 365 -5.79 42.45 -15.41
N GLN C 366 -6.59 43.36 -15.96
CA GLN C 366 -7.98 43.09 -16.28
C GLN C 366 -8.17 42.96 -17.78
N LEU C 367 -8.91 41.93 -18.19
CA LEU C 367 -9.27 41.71 -19.58
C LEU C 367 -10.78 41.77 -19.71
N ASN C 368 -11.26 42.20 -20.88
CA ASN C 368 -12.68 42.36 -21.12
C ASN C 368 -13.13 41.86 -22.48
N ASN C 369 -12.27 41.13 -23.21
CA ASN C 369 -12.60 40.70 -24.56
C ASN C 369 -12.20 39.24 -24.76
N ILE C 370 -12.56 38.40 -23.80
CA ILE C 370 -12.30 36.97 -23.88
C ILE C 370 -13.53 36.19 -23.45
N LEU C 371 -13.58 34.93 -23.87
CA LEU C 371 -14.68 34.04 -23.51
C LEU C 371 -14.14 32.62 -23.58
N VAL C 372 -14.31 31.86 -22.50
CA VAL C 372 -13.73 30.54 -22.36
C VAL C 372 -14.86 29.52 -22.20
N ILE C 373 -14.79 28.45 -22.98
CA ILE C 373 -15.80 27.40 -22.97
C ILE C 373 -15.10 26.09 -22.61
N GLY C 374 -15.66 25.35 -21.67
CA GLY C 374 -15.11 24.07 -21.26
C GLY C 374 -16.18 22.98 -21.25
N MET C 375 -15.78 21.78 -21.66
CA MET C 375 -16.67 20.63 -21.75
C MET C 375 -16.05 19.45 -21.01
N THR C 376 -16.84 18.79 -20.16
CA THR C 376 -16.35 17.67 -19.38
C THR C 376 -17.53 16.80 -18.97
N ASN C 377 -17.31 15.49 -18.97
CA ASN C 377 -18.30 14.53 -18.51
C ASN C 377 -18.12 14.14 -17.05
N ARG C 378 -17.14 14.71 -16.36
CA ARG C 378 -16.81 14.35 -14.98
C ARG C 378 -16.68 15.64 -14.17
N PRO C 379 -17.81 16.25 -13.78
CA PRO C 379 -17.77 17.58 -13.17
C PRO C 379 -17.58 17.58 -11.65
N ASP C 380 -16.58 16.82 -11.19
CA ASP C 380 -16.25 16.78 -9.77
C ASP C 380 -14.75 16.86 -9.48
N LEU C 381 -13.90 16.49 -10.43
CA LEU C 381 -12.47 16.73 -10.35
C LEU C 381 -12.10 18.20 -10.55
N ILE C 382 -12.97 19.02 -11.14
CA ILE C 382 -12.61 20.39 -11.43
C ILE C 382 -12.34 21.13 -10.13
N ASP C 383 -11.35 22.03 -10.16
CA ASP C 383 -10.96 22.76 -8.97
C ASP C 383 -12.08 23.68 -8.50
N GLU C 384 -12.19 23.81 -7.17
CA GLU C 384 -13.21 24.69 -6.61
C GLU C 384 -12.85 26.16 -6.81
N ALA C 385 -11.56 26.47 -6.97
CA ALA C 385 -11.14 27.85 -7.17
C ALA C 385 -11.38 28.32 -8.59
N LEU C 386 -11.77 27.43 -9.50
CA LEU C 386 -12.04 27.77 -10.89
C LEU C 386 -13.53 27.86 -11.20
N LEU C 387 -14.40 27.58 -10.23
CA LEU C 387 -15.84 27.59 -10.44
C LEU C 387 -16.52 28.61 -9.55
N ARG C 388 -15.94 29.81 -9.46
CA ARG C 388 -16.54 30.90 -8.71
C ARG C 388 -17.02 31.99 -9.67
N PRO C 389 -17.95 32.86 -9.24
CA PRO C 389 -18.57 33.81 -10.16
C PRO C 389 -17.59 34.67 -10.94
N GLY C 390 -16.35 34.80 -10.49
CA GLY C 390 -15.39 35.59 -11.24
C GLY C 390 -14.97 34.94 -12.54
N ARG C 391 -14.66 33.64 -12.49
CA ARG C 391 -14.04 32.97 -13.62
C ARG C 391 -15.04 32.25 -14.52
N LEU C 392 -15.78 31.29 -13.99
CA LEU C 392 -16.70 30.47 -14.79
C LEU C 392 -18.06 30.50 -14.10
N GLU C 393 -18.97 31.32 -14.61
CA GLU C 393 -20.27 31.52 -13.98
C GLU C 393 -21.30 30.52 -14.50
N VAL C 394 -21.56 30.54 -15.81
CA VAL C 394 -22.65 29.76 -16.39
C VAL C 394 -22.15 28.33 -16.50
N LYS C 395 -22.89 27.39 -15.91
CA LYS C 395 -22.60 25.97 -16.01
C LYS C 395 -23.91 25.26 -16.31
N MET C 396 -23.91 24.43 -17.34
CA MET C 396 -25.12 23.82 -17.85
C MET C 396 -24.97 22.31 -17.93
N GLU C 397 -26.11 21.63 -17.79
CA GLU C 397 -26.19 20.18 -17.89
C GLU C 397 -27.00 19.84 -19.11
N ILE C 398 -26.46 18.97 -19.95
CA ILE C 398 -27.13 18.47 -21.13
C ILE C 398 -27.57 17.04 -20.83
N GLY C 399 -28.88 16.80 -20.91
CA GLY C 399 -29.45 15.52 -20.56
C GLY C 399 -30.17 14.88 -21.74
N LEU C 400 -30.72 13.70 -21.48
CA LEU C 400 -31.39 12.97 -22.52
C LEU C 400 -32.64 13.73 -22.96
N PRO C 401 -33.01 13.67 -24.24
CA PRO C 401 -34.17 14.42 -24.72
C PRO C 401 -35.46 13.68 -24.44
N ASP C 402 -36.56 14.41 -24.58
CA ASP C 402 -37.90 13.88 -24.48
C ASP C 402 -38.48 13.67 -25.88
N GLU C 403 -39.78 13.34 -25.94
CA GLU C 403 -40.39 12.96 -27.21
C GLU C 403 -40.26 14.07 -28.24
N LYS C 404 -40.53 15.32 -27.85
CA LYS C 404 -40.45 16.42 -28.80
C LYS C 404 -39.02 16.61 -29.32
N GLY C 405 -38.03 16.47 -28.44
CA GLY C 405 -36.65 16.59 -28.90
C GLY C 405 -36.28 15.50 -29.89
N ARG C 406 -36.71 14.26 -29.63
CA ARG C 406 -36.44 13.19 -30.57
C ARG C 406 -37.11 13.44 -31.92
N LEU C 407 -38.36 13.92 -31.89
CA LEU C 407 -39.04 14.23 -33.14
C LEU C 407 -38.31 15.32 -33.91
N GLN C 408 -37.87 16.37 -33.22
CA GLN C 408 -37.14 17.44 -33.90
C GLN C 408 -35.82 16.95 -34.48
N ILE C 409 -35.09 16.13 -33.74
CA ILE C 409 -33.82 15.61 -34.23
C ILE C 409 -34.04 14.75 -35.47
N LEU C 410 -35.02 13.85 -35.41
CA LEU C 410 -35.28 12.98 -36.56
C LEU C 410 -35.72 13.79 -37.76
N HIS C 411 -36.52 14.84 -37.54
CA HIS C 411 -36.89 15.71 -38.64
C HIS C 411 -35.67 16.40 -39.24
N ILE C 412 -34.77 16.88 -38.38
CA ILE C 412 -33.60 17.60 -38.87
C ILE C 412 -32.72 16.69 -39.70
N HIS C 413 -32.47 15.47 -39.21
CA HIS C 413 -31.49 14.64 -39.91
C HIS C 413 -32.04 14.13 -41.23
N THR C 414 -33.29 13.71 -41.27
CA THR C 414 -33.89 13.26 -42.52
C THR C 414 -34.68 14.40 -43.16
N ALA C 415 -33.95 15.41 -43.60
CA ALA C 415 -34.52 16.59 -44.24
C ALA C 415 -34.07 16.75 -45.68
N ARG C 416 -32.79 16.50 -45.95
CA ARG C 416 -32.27 16.61 -47.30
C ARG C 416 -32.75 15.44 -48.16
N MET C 417 -32.84 14.25 -47.57
CA MET C 417 -33.29 13.09 -48.32
C MET C 417 -34.70 13.29 -48.82
N ARG C 418 -35.55 13.95 -48.03
N ARG C 418 -35.55 13.96 -48.04
CA ARG C 418 -36.89 14.28 -48.49
CA ARG C 418 -36.90 14.28 -48.48
C ARG C 418 -36.88 15.25 -49.66
C ARG C 418 -36.89 15.27 -49.64
N GLY C 419 -35.83 16.06 -49.79
CA GLY C 419 -35.78 17.02 -50.87
C GLY C 419 -35.79 16.38 -52.24
N HIS C 420 -35.10 15.25 -52.38
CA HIS C 420 -34.95 14.58 -53.67
C HIS C 420 -35.93 13.44 -53.84
N GLN C 421 -37.02 13.40 -53.07
CA GLN C 421 -38.02 12.35 -53.20
C GLN C 421 -37.38 10.98 -53.07
N LEU C 422 -36.44 10.86 -52.13
CA LEU C 422 -35.75 9.61 -51.84
C LEU C 422 -36.33 8.89 -50.63
N LEU C 423 -37.43 9.38 -50.06
CA LEU C 423 -38.09 8.77 -48.92
C LEU C 423 -39.48 8.32 -49.35
N SER C 424 -39.77 7.05 -49.12
CA SER C 424 -41.09 6.51 -49.45
C SER C 424 -42.14 6.96 -48.46
N ALA C 425 -43.39 6.98 -48.92
CA ALA C 425 -44.51 7.35 -48.05
C ALA C 425 -44.82 6.26 -47.02
N ASP C 426 -44.23 5.08 -47.16
CA ASP C 426 -44.50 4.00 -46.21
C ASP C 426 -43.97 4.31 -44.82
N VAL C 427 -42.91 5.11 -44.72
CA VAL C 427 -42.24 5.39 -43.45
C VAL C 427 -42.89 6.61 -42.83
N ASP C 428 -43.16 6.54 -41.52
CA ASP C 428 -43.72 7.63 -40.77
C ASP C 428 -42.78 8.02 -39.64
N ILE C 429 -42.74 9.31 -39.32
CA ILE C 429 -41.81 9.79 -38.31
C ILE C 429 -42.41 9.72 -36.91
N LYS C 430 -43.72 9.84 -36.77
CA LYS C 430 -44.34 9.75 -35.46
C LYS C 430 -44.13 8.37 -34.85
N GLU C 431 -44.28 7.32 -35.66
CA GLU C 431 -44.04 5.97 -35.18
C GLU C 431 -42.59 5.79 -34.75
N LEU C 432 -41.65 6.34 -35.52
CA LEU C 432 -40.25 6.24 -35.14
C LEU C 432 -39.98 6.97 -33.83
N ALA C 433 -40.57 8.14 -33.65
CA ALA C 433 -40.37 8.89 -32.41
C ALA C 433 -40.94 8.14 -31.22
N VAL C 434 -42.13 7.56 -31.37
CA VAL C 434 -42.79 6.88 -30.27
C VAL C 434 -42.06 5.58 -29.92
N GLU C 435 -41.69 4.80 -30.94
CA GLU C 435 -41.18 3.45 -30.67
C GLU C 435 -39.80 3.49 -30.03
N THR C 436 -39.11 4.63 -30.12
CA THR C 436 -37.76 4.74 -29.58
C THR C 436 -37.78 5.61 -28.32
N LYS C 437 -37.33 5.04 -27.21
CA LYS C 437 -37.41 5.68 -25.90
C LYS C 437 -36.04 5.74 -25.25
N ASN C 438 -35.73 6.87 -24.63
CA ASN C 438 -34.46 7.08 -23.94
C ASN C 438 -33.26 6.99 -24.88
N PHE C 439 -33.46 7.29 -26.16
CA PHE C 439 -32.36 7.32 -27.10
C PHE C 439 -31.59 8.63 -27.01
N SER C 440 -30.27 8.52 -26.95
CA SER C 440 -29.39 9.68 -26.95
C SER C 440 -29.33 10.25 -28.37
N GLY C 441 -28.58 11.33 -28.56
CA GLY C 441 -28.47 11.94 -29.87
C GLY C 441 -27.64 11.21 -30.90
N ALA C 442 -26.71 10.33 -30.49
CA ALA C 442 -25.86 9.63 -31.46
C ALA C 442 -26.48 8.33 -31.93
N GLU C 443 -27.63 7.96 -31.39
CA GLU C 443 -28.25 6.69 -31.79
C GLU C 443 -29.38 6.95 -32.76
N LEU C 444 -30.03 8.10 -32.68
CA LEU C 444 -30.97 8.43 -33.73
C LEU C 444 -30.21 8.55 -35.05
N GLU C 445 -29.04 9.19 -35.00
CA GLU C 445 -28.17 9.27 -36.17
C GLU C 445 -27.69 7.90 -36.63
N GLY C 446 -27.29 7.04 -35.68
CA GLY C 446 -26.86 5.70 -36.05
C GLY C 446 -27.94 4.85 -36.70
N LEU C 447 -29.17 4.94 -36.19
CA LEU C 447 -30.28 4.21 -36.79
C LEU C 447 -30.52 4.63 -38.23
N VAL C 448 -30.56 5.94 -38.48
CA VAL C 448 -30.78 6.41 -39.85
C VAL C 448 -29.65 5.96 -40.75
N ARG C 449 -28.40 6.08 -40.28
CA ARG C 449 -27.27 5.67 -41.09
C ARG C 449 -27.35 4.18 -41.43
N ALA C 450 -27.70 3.35 -40.45
CA ALA C 450 -27.78 1.91 -40.69
C ALA C 450 -28.90 1.58 -41.67
N ALA C 451 -30.05 2.23 -41.53
CA ALA C 451 -31.14 2.01 -42.48
C ALA C 451 -30.71 2.36 -43.89
N GLN C 452 -30.06 3.51 -44.06
CA GLN C 452 -29.60 3.92 -45.38
C GLN C 452 -28.57 2.94 -45.93
N SER C 453 -27.65 2.48 -45.07
CA SER C 453 -26.63 1.54 -45.51
C SER C 453 -27.26 0.24 -46.00
N THR C 454 -28.23 -0.29 -45.27
CA THR C 454 -28.91 -1.50 -45.70
C THR C 454 -29.64 -1.27 -47.03
N ALA C 455 -30.34 -0.14 -47.13
CA ALA C 455 -31.10 0.12 -48.35
C ALA C 455 -30.19 0.18 -49.56
N MET C 456 -29.05 0.86 -49.43
CA MET C 456 -28.10 0.93 -50.55
C MET C 456 -27.46 -0.41 -50.83
N ASN C 457 -27.13 -1.17 -49.78
CA ASN C 457 -26.53 -2.50 -49.99
C ASN C 457 -27.50 -3.45 -50.67
N ARG C 458 -28.80 -3.17 -50.60
CA ARG C 458 -29.77 -4.03 -51.27
C ARG C 458 -29.50 -4.13 -52.77
N HIS C 459 -29.17 -3.01 -53.41
CA HIS C 459 -29.01 -3.01 -54.87
C HIS C 459 -27.75 -3.75 -55.30
N ILE C 460 -26.64 -3.52 -54.59
CA ILE C 460 -25.36 -4.11 -55.01
C ILE C 460 -25.44 -5.63 -54.90
N LYS C 461 -25.06 -6.32 -55.97
CA LYS C 461 -25.03 -7.78 -56.03
C LYS C 461 -23.62 -8.20 -56.42
N ALA C 462 -22.76 -8.43 -55.43
CA ALA C 462 -21.39 -8.86 -55.70
C ALA C 462 -20.86 -9.57 -54.45
N SER C 463 -20.30 -10.76 -54.64
CA SER C 463 -19.73 -11.54 -53.55
C SER C 463 -18.23 -11.73 -53.69
N THR C 464 -17.77 -12.27 -54.83
CA THR C 464 -16.35 -12.49 -55.06
C THR C 464 -15.71 -11.33 -55.81
N LYS C 465 -16.27 -10.97 -56.97
CA LYS C 465 -15.80 -9.83 -57.74
C LYS C 465 -16.77 -8.67 -57.54
N VAL C 466 -16.24 -7.53 -57.11
CA VAL C 466 -17.10 -6.38 -56.86
C VAL C 466 -17.79 -5.96 -58.15
N GLU C 467 -19.08 -5.64 -58.03
CA GLU C 467 -19.87 -5.22 -59.17
C GLU C 467 -21.04 -4.40 -58.66
N VAL C 468 -21.33 -3.29 -59.34
CA VAL C 468 -22.42 -2.39 -58.99
C VAL C 468 -23.50 -2.52 -60.05
N ASP C 469 -24.75 -2.73 -59.61
CA ASP C 469 -25.89 -2.89 -60.52
C ASP C 469 -26.47 -1.52 -60.80
N MET C 470 -25.88 -0.82 -61.77
CA MET C 470 -26.34 0.52 -62.11
C MET C 470 -27.78 0.53 -62.58
N GLU C 471 -28.24 -0.58 -63.17
CA GLU C 471 -29.61 -0.64 -63.66
C GLU C 471 -30.61 -0.47 -62.52
N LYS C 472 -30.37 -1.15 -61.40
CA LYS C 472 -31.28 -1.08 -60.26
C LYS C 472 -31.14 0.22 -59.48
N ALA C 473 -30.00 0.91 -59.59
CA ALA C 473 -29.79 2.16 -58.87
C ALA C 473 -30.63 3.30 -59.43
N GLU C 474 -31.28 3.12 -60.58
CA GLU C 474 -32.07 4.19 -61.15
C GLU C 474 -33.20 4.62 -60.22
N SER C 475 -33.86 3.66 -59.57
CA SER C 475 -34.94 3.92 -58.64
C SER C 475 -34.54 3.41 -57.26
N LEU C 476 -34.15 4.32 -56.37
CA LEU C 476 -33.74 3.99 -55.01
C LEU C 476 -34.72 4.58 -54.02
N GLN C 477 -35.15 3.76 -53.06
CA GLN C 477 -36.04 4.22 -52.00
C GLN C 477 -35.84 3.34 -50.77
N VAL C 478 -36.16 3.91 -49.62
CA VAL C 478 -36.01 3.23 -48.33
C VAL C 478 -37.40 3.05 -47.72
N THR C 479 -37.70 1.83 -47.27
CA THR C 479 -39.01 1.49 -46.72
C THR C 479 -38.91 1.22 -45.22
N ARG C 480 -40.05 0.88 -44.64
CA ARG C 480 -40.10 0.60 -43.20
C ARG C 480 -39.30 -0.64 -42.84
N GLY C 481 -39.15 -1.58 -43.78
CA GLY C 481 -38.44 -2.80 -43.47
C GLY C 481 -37.02 -2.55 -43.02
N ASP C 482 -36.33 -1.63 -43.69
CA ASP C 482 -34.95 -1.31 -43.32
C ASP C 482 -34.89 -0.75 -41.91
N PHE C 483 -35.80 0.18 -41.59
CA PHE C 483 -35.79 0.78 -40.26
C PHE C 483 -36.06 -0.27 -39.19
N LEU C 484 -37.03 -1.15 -39.42
CA LEU C 484 -37.32 -2.19 -38.43
C LEU C 484 -36.16 -3.15 -38.26
N ALA C 485 -35.53 -3.56 -39.37
CA ALA C 485 -34.39 -4.46 -39.27
C ALA C 485 -33.24 -3.81 -38.51
N SER C 486 -32.96 -2.54 -38.80
CA SER C 486 -31.90 -1.83 -38.08
C SER C 486 -32.24 -1.72 -36.59
N LEU C 487 -33.50 -1.42 -36.27
CA LEU C 487 -33.90 -1.32 -34.87
C LEU C 487 -33.69 -2.64 -34.15
N GLU C 488 -34.06 -3.76 -34.79
CA GLU C 488 -33.99 -5.04 -34.11
C GLU C 488 -32.54 -5.52 -33.98
N ASN C 489 -31.74 -5.34 -35.02
CA ASN C 489 -30.43 -5.98 -35.12
C ASN C 489 -29.26 -5.07 -34.79
N ASP C 490 -29.28 -3.82 -35.25
CA ASP C 490 -28.05 -3.00 -35.27
C ASP C 490 -27.87 -2.15 -34.01
N ILE C 491 -28.82 -1.26 -33.72
CA ILE C 491 -28.61 -0.22 -32.73
C ILE C 491 -29.05 -0.72 -31.36
N LYS C 492 -28.21 -0.50 -30.36
CA LYS C 492 -28.48 -0.91 -28.98
C LYS C 492 -28.32 0.27 -28.05
N PRO C 493 -29.40 0.83 -27.50
CA PRO C 493 -29.25 1.99 -26.60
C PRO C 493 -28.55 1.61 -25.31
N ALA C 494 -27.91 2.61 -24.69
CA ALA C 494 -27.18 2.41 -23.44
C ALA C 494 -28.01 2.74 -22.21
N PHE C 495 -28.93 3.69 -22.31
CA PHE C 495 -29.82 4.06 -21.21
C PHE C 495 -31.21 3.48 -21.38
N GLY C 496 -31.40 2.54 -22.30
CA GLY C 496 -32.66 1.91 -22.54
C GLY C 496 -32.73 0.49 -22.01
N THR C 497 -33.64 -0.29 -22.56
CA THR C 497 -33.87 -1.66 -22.14
C THR C 497 -33.47 -2.61 -23.27
N ASN C 498 -32.79 -3.69 -22.91
CA ASN C 498 -32.34 -4.69 -23.87
C ASN C 498 -33.11 -6.00 -23.67
N GLN C 499 -33.28 -6.73 -24.77
CA GLN C 499 -34.13 -7.91 -24.79
C GLN C 499 -33.41 -9.18 -24.35
N GLU C 500 -32.08 -9.15 -24.23
CA GLU C 500 -31.35 -10.35 -23.84
C GLU C 500 -31.52 -10.64 -22.36
N ASP C 501 -31.67 -9.61 -21.53
CA ASP C 501 -31.79 -9.81 -20.09
C ASP C 501 -33.04 -10.63 -19.77
N TYR C 502 -34.16 -10.31 -20.40
CA TYR C 502 -35.42 -11.01 -20.20
C TYR C 502 -35.49 -12.32 -20.92
N ALA C 503 -34.53 -12.68 -21.77
CA ALA C 503 -34.54 -13.98 -22.39
C ALA C 503 -33.72 -15.02 -21.64
N SER C 504 -32.70 -14.59 -20.89
CA SER C 504 -31.86 -15.49 -20.12
C SER C 504 -32.45 -15.91 -18.77
N TYR C 505 -33.48 -15.22 -18.28
CA TYR C 505 -34.02 -15.52 -16.96
C TYR C 505 -35.40 -16.18 -17.00
N ILE C 506 -36.32 -15.70 -17.83
CA ILE C 506 -37.61 -16.37 -18.03
C ILE C 506 -37.38 -17.34 -19.18
N MET C 507 -36.86 -18.53 -18.86
CA MET C 507 -36.39 -19.46 -19.88
C MET C 507 -37.53 -20.27 -20.49
N ASN C 508 -38.41 -20.82 -19.67
CA ASN C 508 -39.48 -21.70 -20.14
C ASN C 508 -40.87 -21.08 -20.00
N GLY C 509 -40.96 -19.76 -20.09
CA GLY C 509 -42.25 -19.12 -20.04
C GLY C 509 -42.87 -19.19 -18.65
N ILE C 510 -44.17 -18.92 -18.62
CA ILE C 510 -44.96 -18.97 -17.40
C ILE C 510 -46.27 -19.67 -17.69
N ILE C 511 -46.61 -20.67 -16.88
CA ILE C 511 -47.83 -21.45 -17.03
C ILE C 511 -48.65 -21.31 -15.76
N LYS C 512 -49.96 -21.16 -15.92
CA LYS C 512 -50.87 -20.95 -14.78
C LYS C 512 -51.31 -22.32 -14.28
N TRP C 513 -50.63 -22.80 -13.23
CA TRP C 513 -50.97 -24.06 -12.59
C TRP C 513 -51.87 -23.89 -11.38
N GLY C 514 -52.26 -22.66 -11.06
CA GLY C 514 -53.07 -22.43 -9.89
C GLY C 514 -53.41 -20.97 -9.72
N ASP C 515 -54.03 -20.66 -8.59
CA ASP C 515 -54.50 -19.31 -8.29
C ASP C 515 -53.37 -18.37 -7.87
N PRO C 516 -52.37 -18.84 -7.11
CA PRO C 516 -51.35 -17.90 -6.60
C PRO C 516 -50.67 -17.06 -7.66
N VAL C 517 -50.47 -17.60 -8.86
CA VAL C 517 -49.78 -16.86 -9.91
C VAL C 517 -50.53 -15.57 -10.23
N THR C 518 -51.86 -15.67 -10.39
CA THR C 518 -52.65 -14.49 -10.70
C THR C 518 -52.58 -13.48 -9.57
N ARG C 519 -52.60 -13.95 -8.32
CA ARG C 519 -52.51 -13.04 -7.19
C ARG C 519 -51.19 -12.27 -7.21
N VAL C 520 -50.08 -12.98 -7.45
CA VAL C 520 -48.78 -12.32 -7.48
C VAL C 520 -48.73 -11.29 -8.60
N LEU C 521 -49.21 -11.67 -9.79
CA LEU C 521 -49.16 -10.74 -10.90
C LEU C 521 -50.02 -9.50 -10.65
N ASP C 522 -51.20 -9.71 -10.06
CA ASP C 522 -52.08 -8.58 -9.77
C ASP C 522 -51.45 -7.64 -8.74
N ASP C 523 -50.82 -8.20 -7.70
CA ASP C 523 -50.16 -7.34 -6.72
C ASP C 523 -49.03 -6.55 -7.37
N GLY C 524 -48.25 -7.19 -8.23
CA GLY C 524 -47.21 -6.45 -8.94
C GLY C 524 -47.78 -5.33 -9.78
N GLU C 525 -48.88 -5.58 -10.48
CA GLU C 525 -49.50 -4.54 -11.28
C GLU C 525 -49.98 -3.39 -10.42
N LEU C 526 -50.58 -3.71 -9.27
CA LEU C 526 -51.04 -2.66 -8.36
C LEU C 526 -49.88 -1.80 -7.89
N LEU C 527 -48.77 -2.43 -7.52
CA LEU C 527 -47.62 -1.65 -7.05
C LEU C 527 -47.07 -0.77 -8.18
N VAL C 528 -47.01 -1.30 -9.40
CA VAL C 528 -46.52 -0.50 -10.53
C VAL C 528 -47.42 0.72 -10.74
N GLN C 529 -48.74 0.49 -10.72
N GLN C 529 -48.74 0.49 -10.73
CA GLN C 529 -49.67 1.59 -10.91
CA GLN C 529 -49.68 1.59 -10.91
C GLN C 529 -49.53 2.63 -9.81
C GLN C 529 -49.50 2.63 -9.81
N GLN C 530 -49.32 2.18 -8.57
CA GLN C 530 -49.11 3.11 -7.47
C GLN C 530 -47.88 3.97 -7.71
N THR C 531 -46.75 3.35 -8.07
CA THR C 531 -45.52 4.13 -8.20
C THR C 531 -45.57 5.08 -9.38
N LYS C 532 -46.29 4.71 -10.45
CA LYS C 532 -46.30 5.56 -11.64
C LYS C 532 -47.16 6.80 -11.51
N ASN C 533 -48.23 6.77 -10.71
CA ASN C 533 -49.24 7.82 -10.72
C ASN C 533 -49.52 8.33 -9.31
N SER C 534 -48.48 8.70 -8.57
CA SER C 534 -48.67 9.20 -7.22
C SER C 534 -47.50 10.10 -6.83
N ASP C 535 -47.82 11.15 -6.10
CA ASP C 535 -46.87 12.00 -5.40
C ASP C 535 -47.00 11.75 -3.90
N ARG C 536 -46.07 12.31 -3.13
CA ARG C 536 -45.89 12.04 -1.70
C ARG C 536 -45.26 10.68 -1.44
N THR C 537 -44.93 9.93 -2.48
CA THR C 537 -44.36 8.60 -2.34
C THR C 537 -43.65 8.24 -3.64
N PRO C 538 -42.52 8.88 -3.94
CA PRO C 538 -41.81 8.59 -5.20
C PRO C 538 -40.91 7.38 -5.15
N LEU C 539 -40.75 6.73 -4.01
CA LEU C 539 -39.89 5.55 -3.89
C LEU C 539 -40.63 4.48 -3.12
N VAL C 540 -40.88 3.35 -3.77
CA VAL C 540 -41.56 2.21 -3.15
C VAL C 540 -40.75 0.96 -3.44
N SER C 541 -40.65 0.07 -2.46
CA SER C 541 -39.91 -1.17 -2.59
C SER C 541 -40.75 -2.33 -2.09
N VAL C 542 -40.46 -3.52 -2.61
CA VAL C 542 -41.20 -4.73 -2.28
C VAL C 542 -40.21 -5.88 -2.21
N LEU C 543 -40.57 -6.93 -1.47
CA LEU C 543 -39.72 -8.09 -1.28
C LEU C 543 -40.47 -9.35 -1.67
N LEU C 544 -39.82 -10.21 -2.47
CA LEU C 544 -40.39 -11.47 -2.90
C LEU C 544 -39.62 -12.61 -2.23
N GLU C 545 -40.28 -13.28 -1.28
CA GLU C 545 -39.64 -14.29 -0.46
C GLU C 545 -40.43 -15.58 -0.49
N GLY C 546 -39.71 -16.70 -0.36
CA GLY C 546 -40.31 -18.01 -0.37
C GLY C 546 -39.28 -19.11 -0.21
N PRO C 547 -39.73 -20.36 -0.21
CA PRO C 547 -38.80 -21.49 -0.09
C PRO C 547 -37.99 -21.67 -1.36
N PRO C 548 -36.85 -22.38 -1.28
CA PRO C 548 -35.99 -22.53 -2.45
C PRO C 548 -36.63 -23.37 -3.54
N HIS C 549 -36.18 -23.13 -4.77
CA HIS C 549 -36.67 -23.84 -5.95
C HIS C 549 -38.14 -23.56 -6.23
N SER C 550 -38.65 -22.44 -5.71
CA SER C 550 -40.06 -22.11 -5.91
C SER C 550 -40.32 -21.31 -7.18
N GLY C 551 -39.29 -20.74 -7.79
CA GLY C 551 -39.46 -19.99 -9.01
C GLY C 551 -39.79 -18.54 -8.76
N LYS C 552 -38.99 -17.86 -7.94
CA LYS C 552 -39.25 -16.48 -7.57
C LYS C 552 -38.29 -15.49 -8.23
N THR C 553 -37.36 -15.97 -9.05
CA THR C 553 -36.51 -15.09 -9.85
C THR C 553 -37.02 -14.91 -11.28
N ALA C 554 -37.83 -15.85 -11.77
CA ALA C 554 -38.49 -15.71 -13.07
C ALA C 554 -39.80 -14.95 -13.00
N LEU C 555 -40.28 -14.63 -11.80
CA LEU C 555 -41.50 -13.86 -11.61
C LEU C 555 -41.22 -12.37 -11.44
N ALA C 556 -40.13 -12.01 -10.76
CA ALA C 556 -39.74 -10.61 -10.65
C ALA C 556 -39.46 -10.02 -12.02
N ALA C 557 -38.75 -10.76 -12.87
CA ALA C 557 -38.47 -10.27 -14.22
C ALA C 557 -39.76 -10.10 -15.01
N LYS C 558 -40.71 -11.02 -14.85
CA LYS C 558 -41.98 -10.88 -15.54
C LYS C 558 -42.74 -9.64 -15.06
N ILE C 559 -42.73 -9.40 -13.75
CA ILE C 559 -43.41 -8.20 -13.22
C ILE C 559 -42.76 -6.95 -13.77
N ALA C 560 -41.43 -6.91 -13.80
CA ALA C 560 -40.73 -5.74 -14.34
C ALA C 560 -41.02 -5.53 -15.82
N GLU C 561 -41.11 -6.63 -16.58
CA GLU C 561 -41.27 -6.53 -18.03
C GLU C 561 -42.60 -5.90 -18.41
N GLU C 562 -43.61 -6.01 -17.55
CA GLU C 562 -44.94 -5.50 -17.89
C GLU C 562 -45.15 -4.06 -17.44
N SER C 563 -44.18 -3.43 -16.79
CA SER C 563 -44.36 -2.06 -16.36
C SER C 563 -44.25 -1.08 -17.53
N ASN C 564 -43.52 -1.44 -18.58
CA ASN C 564 -43.30 -0.57 -19.73
C ASN C 564 -42.54 0.69 -19.36
N PHE C 565 -41.79 0.64 -18.27
CA PHE C 565 -40.93 1.76 -17.91
C PHE C 565 -39.80 1.90 -18.93
N PRO C 566 -39.40 3.12 -19.25
CA PRO C 566 -38.31 3.28 -20.23
C PRO C 566 -37.01 2.65 -19.78
N PHE C 567 -36.73 2.65 -18.48
CA PHE C 567 -35.47 2.17 -17.94
C PHE C 567 -35.75 0.99 -17.01
N ILE C 568 -35.15 -0.15 -17.30
CA ILE C 568 -35.27 -1.34 -16.46
C ILE C 568 -33.90 -1.99 -16.38
N LYS C 569 -33.49 -2.39 -15.18
CA LYS C 569 -32.16 -2.97 -15.03
C LYS C 569 -32.18 -4.02 -13.93
N ILE C 570 -31.36 -5.06 -14.13
CA ILE C 570 -31.26 -6.18 -13.20
C ILE C 570 -29.82 -6.22 -12.69
N CYS C 571 -29.66 -6.15 -11.37
CA CYS C 571 -28.36 -6.23 -10.72
C CYS C 571 -28.25 -7.63 -10.10
N SER C 572 -27.30 -8.43 -10.59
CA SER C 572 -27.21 -9.81 -10.16
C SER C 572 -25.78 -10.15 -9.76
N PRO C 573 -25.60 -11.14 -8.88
CA PRO C 573 -24.25 -11.57 -8.50
C PRO C 573 -23.55 -12.45 -9.53
N ASP C 574 -24.24 -12.85 -10.60
CA ASP C 574 -23.61 -13.67 -11.62
C ASP C 574 -22.43 -12.98 -12.29
N LYS C 575 -22.36 -11.65 -12.23
CA LYS C 575 -21.31 -10.89 -12.90
C LYS C 575 -20.27 -10.34 -11.93
N MET C 576 -20.19 -10.85 -10.71
CA MET C 576 -19.25 -10.39 -9.69
C MET C 576 -18.58 -11.57 -8.99
N ILE C 577 -18.15 -12.55 -9.77
CA ILE C 577 -17.51 -13.74 -9.21
C ILE C 577 -16.06 -13.40 -8.89
N GLY C 578 -15.67 -13.58 -7.63
CA GLY C 578 -14.33 -13.31 -7.16
C GLY C 578 -14.09 -11.87 -6.77
N PHE C 579 -15.08 -11.00 -6.89
CA PHE C 579 -14.91 -9.60 -6.51
C PHE C 579 -14.78 -9.46 -5.00
N SER C 580 -14.10 -8.40 -4.58
CA SER C 580 -14.00 -8.08 -3.17
C SER C 580 -15.24 -7.30 -2.72
N GLU C 581 -15.20 -6.76 -1.51
CA GLU C 581 -16.33 -5.97 -1.02
C GLU C 581 -16.41 -4.62 -1.72
N THR C 582 -15.25 -3.95 -1.85
CA THR C 582 -15.25 -2.60 -2.42
C THR C 582 -15.76 -2.62 -3.87
N ALA C 583 -15.35 -3.61 -4.66
CA ALA C 583 -15.79 -3.68 -6.03
C ALA C 583 -17.31 -3.85 -6.12
N LYS C 584 -17.86 -4.71 -5.26
CA LYS C 584 -19.32 -4.90 -5.25
C LYS C 584 -20.02 -3.59 -4.88
N CYS C 585 -19.53 -2.90 -3.86
CA CYS C 585 -20.15 -1.64 -3.47
C CYS C 585 -20.09 -0.63 -4.62
N GLN C 586 -18.94 -0.54 -5.29
N GLN C 586 -18.95 -0.54 -5.30
CA GLN C 586 -18.81 0.39 -6.41
CA GLN C 586 -18.83 0.41 -6.40
C GLN C 586 -19.77 0.04 -7.54
C GLN C 586 -19.77 0.04 -7.54
N ALA C 587 -19.91 -1.25 -7.85
CA ALA C 587 -20.81 -1.65 -8.93
C ALA C 587 -22.25 -1.30 -8.60
N MET C 588 -22.67 -1.59 -7.36
CA MET C 588 -24.04 -1.24 -6.96
C MET C 588 -24.26 0.26 -7.01
N LYS C 589 -23.29 1.04 -6.53
CA LYS C 589 -23.42 2.49 -6.53
C LYS C 589 -23.52 3.03 -7.95
N LYS C 590 -22.71 2.49 -8.88
CA LYS C 590 -22.79 2.93 -10.26
C LYS C 590 -24.14 2.59 -10.87
N ILE C 591 -24.66 1.40 -10.59
CA ILE C 591 -25.96 1.03 -11.14
C ILE C 591 -27.03 2.01 -10.66
N PHE C 592 -27.03 2.33 -9.37
CA PHE C 592 -28.05 3.24 -8.86
C PHE C 592 -27.85 4.65 -9.39
N ASP C 593 -26.59 5.07 -9.56
CA ASP C 593 -26.32 6.39 -10.12
C ASP C 593 -26.85 6.50 -11.55
N ASP C 594 -26.66 5.46 -12.35
CA ASP C 594 -27.25 5.45 -13.69
C ASP C 594 -28.76 5.47 -13.62
N ALA C 595 -29.35 4.72 -12.68
CA ALA C 595 -30.80 4.71 -12.55
C ALA C 595 -31.34 6.09 -12.20
N TYR C 596 -30.58 6.88 -11.47
CA TYR C 596 -31.01 8.22 -11.07
C TYR C 596 -31.03 9.24 -12.21
N LYS C 597 -30.85 8.85 -13.48
CA LYS C 597 -30.74 9.79 -14.58
C LYS C 597 -31.90 9.69 -15.58
N SER C 598 -33.02 9.10 -15.17
CA SER C 598 -34.16 8.94 -16.06
C SER C 598 -35.43 9.31 -15.30
N GLN C 599 -36.51 9.52 -16.06
CA GLN C 599 -37.77 9.94 -15.44
C GLN C 599 -38.39 8.78 -14.67
N LEU C 600 -38.42 7.59 -15.26
CA LEU C 600 -38.96 6.40 -14.62
C LEU C 600 -37.91 5.29 -14.70
N SER C 601 -37.83 4.49 -13.64
CA SER C 601 -36.79 3.47 -13.56
C SER C 601 -37.29 2.33 -12.69
N CYS C 602 -36.89 1.12 -13.07
CA CYS C 602 -37.14 -0.08 -12.26
C CYS C 602 -35.83 -0.84 -12.12
N VAL C 603 -35.56 -1.35 -10.92
CA VAL C 603 -34.33 -2.08 -10.64
C VAL C 603 -34.66 -3.34 -9.87
N VAL C 604 -34.02 -4.45 -10.25
CA VAL C 604 -34.26 -5.75 -9.64
C VAL C 604 -32.98 -6.22 -8.97
N VAL C 605 -33.09 -6.58 -7.69
CA VAL C 605 -31.99 -7.12 -6.91
C VAL C 605 -32.27 -8.59 -6.66
N ASP C 606 -31.33 -9.45 -7.03
CA ASP C 606 -31.55 -10.89 -7.12
C ASP C 606 -30.70 -11.60 -6.08
N ASP C 607 -31.33 -12.49 -5.31
CA ASP C 607 -30.62 -13.33 -4.34
C ASP C 607 -29.83 -12.46 -3.36
N ILE C 608 -30.58 -11.70 -2.57
CA ILE C 608 -29.98 -10.76 -1.63
C ILE C 608 -29.01 -11.47 -0.69
N GLU C 609 -29.26 -12.74 -0.41
CA GLU C 609 -28.42 -13.46 0.54
C GLU C 609 -27.06 -13.80 -0.05
N ARG C 610 -26.97 -13.94 -1.37
CA ARG C 610 -25.68 -14.18 -2.01
C ARG C 610 -24.86 -12.91 -2.12
N LEU C 611 -25.51 -11.75 -2.06
CA LEU C 611 -24.78 -10.49 -2.07
C LEU C 611 -24.12 -10.22 -0.72
N LEU C 612 -24.78 -10.62 0.37
CA LEU C 612 -24.22 -10.41 1.70
C LEU C 612 -23.19 -11.47 2.09
N ASP C 613 -23.03 -12.53 1.31
CA ASP C 613 -22.03 -13.56 1.61
C ASP C 613 -22.35 -14.31 2.90
N TYR C 614 -23.60 -14.74 3.02
CA TYR C 614 -24.05 -15.38 4.25
C TYR C 614 -23.66 -16.85 4.25
N VAL C 615 -23.30 -17.35 5.43
CA VAL C 615 -23.00 -18.77 5.64
C VAL C 615 -23.42 -19.16 7.05
N PRO C 616 -24.18 -20.24 7.25
CA PRO C 616 -24.71 -20.51 8.60
C PRO C 616 -23.65 -20.64 9.68
N ILE C 617 -22.45 -21.12 9.36
CA ILE C 617 -21.42 -21.24 10.38
C ILE C 617 -20.92 -19.86 10.76
N GLY C 618 -20.65 -19.68 12.06
CA GLY C 618 -20.30 -18.41 12.63
C GLY C 618 -21.43 -17.64 13.31
N PRO C 619 -22.35 -17.03 12.53
CA PRO C 619 -22.39 -16.84 11.07
C PRO C 619 -21.37 -15.82 10.59
N ARG C 620 -21.08 -15.80 9.28
N ARG C 620 -21.06 -15.83 9.29
CA ARG C 620 -20.11 -14.88 8.69
CA ARG C 620 -20.13 -14.89 8.68
C ARG C 620 -20.75 -14.18 7.50
C ARG C 620 -20.83 -14.15 7.56
N PHE C 621 -20.42 -12.91 7.33
CA PHE C 621 -20.95 -12.14 6.21
C PHE C 621 -20.17 -10.83 6.09
N SER C 622 -20.57 -10.02 5.12
CA SER C 622 -19.95 -8.73 4.85
C SER C 622 -20.80 -7.60 5.40
N ASN C 623 -20.14 -6.64 6.03
CA ASN C 623 -20.81 -5.50 6.65
C ASN C 623 -20.90 -4.28 5.74
N LEU C 624 -19.86 -4.01 4.94
CA LEU C 624 -19.92 -2.86 4.03
C LEU C 624 -21.10 -2.97 3.07
N VAL C 625 -21.29 -4.13 2.46
CA VAL C 625 -22.38 -4.28 1.50
C VAL C 625 -23.72 -4.16 2.20
N LEU C 626 -23.84 -4.71 3.42
CA LEU C 626 -25.09 -4.60 4.15
C LEU C 626 -25.43 -3.15 4.45
N GLN C 627 -24.44 -2.37 4.90
CA GLN C 627 -24.70 -0.96 5.21
C GLN C 627 -25.05 -0.18 3.94
N ALA C 628 -24.33 -0.45 2.84
CA ALA C 628 -24.66 0.24 1.60
C ALA C 628 -26.08 -0.06 1.15
N LEU C 629 -26.48 -1.34 1.20
CA LEU C 629 -27.84 -1.70 0.81
C LEU C 629 -28.87 -1.06 1.74
N LEU C 630 -28.59 -1.05 3.05
CA LEU C 630 -29.56 -0.51 3.99
C LEU C 630 -29.73 0.99 3.81
N VAL C 631 -28.67 1.69 3.42
CA VAL C 631 -28.76 3.15 3.24
C VAL C 631 -29.15 3.54 1.83
N LEU C 632 -29.17 2.60 0.88
CA LEU C 632 -29.57 2.89 -0.49
C LEU C 632 -31.05 2.66 -0.74
N LEU C 633 -31.79 2.13 0.24
CA LEU C 633 -33.22 1.89 0.12
C LEU C 633 -34.05 3.06 0.61
N LYS C 634 -33.42 4.14 1.07
CA LYS C 634 -34.12 5.32 1.56
C LYS C 634 -33.76 6.61 0.83
N LYS C 635 -32.70 6.63 0.03
CA LYS C 635 -32.35 7.83 -0.71
C LYS C 635 -33.34 8.08 -1.83
N ALA C 636 -34.00 9.23 -1.80
CA ALA C 636 -35.00 9.49 -2.82
C ALA C 636 -34.37 10.13 -4.06
N PRO C 637 -34.93 9.91 -5.25
CA PRO C 637 -34.36 10.51 -6.44
C PRO C 637 -34.54 12.02 -6.42
N PRO C 638 -33.66 12.77 -7.08
CA PRO C 638 -33.74 14.24 -7.01
C PRO C 638 -34.91 14.78 -7.83
N GLN C 639 -35.49 15.87 -7.35
CA GLN C 639 -36.43 16.71 -8.11
C GLN C 639 -37.49 15.87 -8.84
N GLY C 640 -38.31 15.18 -8.05
CA GLY C 640 -39.50 14.54 -8.58
C GLY C 640 -39.27 13.53 -9.68
N ARG C 641 -38.55 12.45 -9.38
CA ARG C 641 -38.36 11.34 -10.31
C ARG C 641 -38.69 10.05 -9.58
N LYS C 642 -39.41 9.15 -10.25
CA LYS C 642 -39.88 7.94 -9.62
C LYS C 642 -38.80 6.87 -9.64
N LEU C 643 -39.06 5.78 -8.92
CA LEU C 643 -38.12 4.67 -8.84
C LEU C 643 -38.82 3.50 -8.17
N LEU C 644 -38.55 2.30 -8.67
CA LEU C 644 -39.09 1.08 -8.08
C LEU C 644 -37.98 0.06 -7.91
N ILE C 645 -38.00 -0.66 -6.79
CA ILE C 645 -37.00 -1.65 -6.46
C ILE C 645 -37.71 -2.95 -6.11
N ILE C 646 -37.27 -4.06 -6.70
CA ILE C 646 -37.82 -5.37 -6.41
C ILE C 646 -36.68 -6.27 -5.98
N GLY C 647 -36.73 -6.75 -4.74
CA GLY C 647 -35.70 -7.61 -4.19
C GLY C 647 -36.21 -9.02 -3.98
N THR C 648 -35.32 -10.00 -4.20
CA THR C 648 -35.66 -11.40 -4.04
C THR C 648 -34.74 -12.07 -3.02
N THR C 649 -35.30 -12.97 -2.23
CA THR C 649 -34.53 -13.69 -1.21
C THR C 649 -35.22 -15.01 -0.92
N SER C 650 -34.49 -15.89 -0.22
CA SER C 650 -34.99 -17.20 0.17
C SER C 650 -34.96 -17.47 1.66
N ARG C 651 -34.28 -16.64 2.46
CA ARG C 651 -34.17 -16.81 3.91
C ARG C 651 -34.73 -15.56 4.58
N LYS C 652 -36.03 -15.55 4.86
CA LYS C 652 -36.63 -14.34 5.42
C LYS C 652 -36.27 -14.17 6.89
N ASP C 653 -36.06 -15.28 7.62
CA ASP C 653 -35.76 -15.16 9.04
C ASP C 653 -34.43 -14.44 9.27
N VAL C 654 -33.43 -14.76 8.46
CA VAL C 654 -32.13 -14.10 8.58
C VAL C 654 -32.26 -12.61 8.32
N LEU C 655 -32.97 -12.25 7.25
CA LEU C 655 -33.15 -10.83 6.93
C LEU C 655 -33.88 -10.12 8.05
N GLN C 656 -34.89 -10.76 8.64
CA GLN C 656 -35.60 -10.17 9.77
C GLN C 656 -34.66 -9.96 10.96
N GLU C 657 -33.78 -10.92 11.23
CA GLU C 657 -32.86 -10.78 12.35
C GLU C 657 -31.87 -9.64 12.15
N MET C 658 -31.53 -9.31 10.91
CA MET C 658 -30.64 -8.20 10.61
C MET C 658 -31.34 -6.86 10.60
N GLU C 659 -32.63 -6.82 10.96
CA GLU C 659 -33.41 -5.59 10.92
C GLU C 659 -33.44 -4.99 9.52
N MET C 660 -33.51 -5.86 8.52
CA MET C 660 -33.57 -5.45 7.12
C MET C 660 -34.98 -5.46 6.56
N LEU C 661 -35.98 -5.85 7.36
CA LEU C 661 -37.36 -5.87 6.89
C LEU C 661 -38.10 -4.56 7.16
N ASN C 662 -37.50 -3.64 7.91
CA ASN C 662 -38.14 -2.34 8.11
C ASN C 662 -37.95 -1.45 6.88
N ALA C 663 -36.81 -1.58 6.20
CA ALA C 663 -36.57 -0.76 5.01
C ALA C 663 -37.61 -1.04 3.94
N PHE C 664 -37.93 -2.31 3.72
CA PHE C 664 -38.90 -2.67 2.69
C PHE C 664 -40.30 -2.23 3.12
N SER C 665 -41.13 -1.90 2.14
CA SER C 665 -42.46 -1.38 2.40
C SER C 665 -43.55 -2.43 2.43
N THR C 666 -43.32 -3.63 1.91
CA THR C 666 -44.35 -4.67 1.91
C THR C 666 -43.68 -6.01 1.67
N THR C 667 -44.48 -7.05 1.47
CA THR C 667 -43.98 -8.40 1.28
C THR C 667 -45.03 -9.23 0.55
N ILE C 668 -44.55 -10.15 -0.28
CA ILE C 668 -45.41 -11.05 -1.04
C ILE C 668 -44.89 -12.47 -0.86
N HIS C 669 -45.79 -13.45 -0.99
CA HIS C 669 -45.48 -14.84 -0.72
C HIS C 669 -45.68 -15.67 -1.98
N VAL C 670 -44.70 -16.51 -2.27
CA VAL C 670 -44.71 -17.40 -3.44
C VAL C 670 -44.67 -18.83 -2.94
N PRO C 671 -45.80 -19.54 -2.95
CA PRO C 671 -45.84 -20.88 -2.36
C PRO C 671 -45.47 -21.96 -3.37
N ASN C 672 -45.40 -23.19 -2.88
CA ASN C 672 -45.11 -24.36 -3.69
C ASN C 672 -46.41 -25.02 -4.16
N ILE C 673 -46.25 -26.09 -4.93
CA ILE C 673 -47.39 -26.92 -5.31
C ILE C 673 -47.77 -27.81 -4.13
N ALA C 674 -49.02 -27.71 -3.70
CA ALA C 674 -49.49 -28.41 -2.51
C ALA C 674 -50.47 -29.52 -2.81
N THR C 675 -51.54 -29.25 -3.55
CA THR C 675 -52.59 -30.22 -3.80
C THR C 675 -52.29 -31.05 -5.05
N GLY C 676 -52.78 -32.29 -5.06
CA GLY C 676 -52.53 -33.18 -6.18
C GLY C 676 -53.13 -32.67 -7.48
N GLU C 677 -54.32 -32.07 -7.41
CA GLU C 677 -54.93 -31.53 -8.62
C GLU C 677 -54.01 -30.53 -9.30
N GLN C 678 -53.29 -29.73 -8.51
CA GLN C 678 -52.33 -28.80 -9.08
C GLN C 678 -51.22 -29.53 -9.82
N LEU C 679 -50.72 -30.63 -9.25
CA LEU C 679 -49.70 -31.42 -9.92
C LEU C 679 -50.22 -31.99 -11.23
N LEU C 680 -51.45 -32.50 -11.23
CA LEU C 680 -52.03 -33.04 -12.46
C LEU C 680 -52.18 -31.95 -13.50
N GLU C 681 -52.63 -30.76 -13.10
CA GLU C 681 -52.78 -29.66 -14.04
C GLU C 681 -51.44 -29.26 -14.62
N ALA C 682 -50.40 -29.20 -13.78
CA ALA C 682 -49.07 -28.86 -14.28
C ALA C 682 -48.58 -29.90 -15.28
N LEU C 683 -48.78 -31.18 -14.98
CA LEU C 683 -48.39 -32.22 -15.92
C LEU C 683 -49.14 -32.09 -17.23
N GLU C 684 -50.44 -31.78 -17.16
CA GLU C 684 -51.23 -31.61 -18.39
C GLU C 684 -50.70 -30.44 -19.21
N LEU C 685 -50.36 -29.34 -18.55
CA LEU C 685 -49.92 -28.14 -19.26
C LEU C 685 -48.53 -28.34 -19.88
N LEU C 686 -47.65 -29.05 -19.18
CA LEU C 686 -46.29 -29.21 -19.66
C LEU C 686 -46.23 -29.97 -20.99
N GLY C 687 -47.10 -30.95 -21.18
CA GLY C 687 -47.05 -31.75 -22.40
C GLY C 687 -46.22 -33.01 -22.22
N ASN C 688 -46.59 -33.80 -21.23
CA ASN C 688 -45.82 -34.98 -20.84
C ASN C 688 -46.83 -36.10 -20.56
N PHE C 689 -46.40 -37.12 -19.82
CA PHE C 689 -47.09 -38.41 -19.78
C PHE C 689 -48.60 -38.26 -19.91
N LYS C 690 -49.19 -38.99 -20.85
CA LYS C 690 -50.58 -38.79 -21.22
C LYS C 690 -51.21 -40.17 -21.47
N ASP C 691 -52.50 -40.15 -21.78
CA ASP C 691 -53.31 -41.35 -22.02
C ASP C 691 -53.48 -42.13 -20.71
N LYS C 692 -53.45 -43.47 -20.78
CA LYS C 692 -53.60 -44.27 -19.58
C LYS C 692 -52.52 -43.99 -18.55
N GLU C 693 -51.37 -43.49 -19.01
CA GLU C 693 -50.30 -43.16 -18.07
C GLU C 693 -50.77 -42.13 -17.06
N ARG C 694 -51.48 -41.11 -17.56
CA ARG C 694 -51.99 -40.09 -16.65
C ARG C 694 -52.92 -40.72 -15.63
N THR C 695 -53.76 -41.64 -16.09
CA THR C 695 -54.69 -42.27 -15.16
C THR C 695 -53.92 -42.99 -14.05
N THR C 696 -52.93 -43.80 -14.42
CA THR C 696 -52.24 -44.54 -13.37
C THR C 696 -51.49 -43.62 -12.42
N ILE C 697 -50.94 -42.51 -12.91
CA ILE C 697 -50.30 -41.60 -11.96
C ILE C 697 -51.34 -41.04 -11.02
N ALA C 698 -52.53 -40.70 -11.54
CA ALA C 698 -53.53 -40.12 -10.66
C ALA C 698 -53.90 -41.14 -9.59
N GLN C 699 -53.96 -42.42 -9.98
CA GLN C 699 -54.39 -43.42 -9.02
C GLN C 699 -53.45 -43.42 -7.83
N GLN C 700 -52.15 -43.26 -8.08
CA GLN C 700 -51.15 -43.40 -7.05
C GLN C 700 -50.92 -42.11 -6.28
N VAL C 701 -51.48 -40.99 -6.74
CA VAL C 701 -51.18 -39.69 -6.12
C VAL C 701 -52.37 -39.07 -5.40
N LYS C 702 -53.61 -39.25 -5.89
CA LYS C 702 -54.76 -38.56 -5.30
C LYS C 702 -54.88 -38.83 -3.81
N GLY C 703 -54.46 -40.01 -3.37
CA GLY C 703 -54.65 -40.33 -1.96
C GLY C 703 -53.50 -39.98 -1.03
N LYS C 704 -52.96 -38.77 -1.17
CA LYS C 704 -51.90 -38.29 -0.29
C LYS C 704 -51.59 -36.84 -0.64
N LYS C 705 -50.67 -36.26 0.12
CA LYS C 705 -50.22 -34.88 -0.05
C LYS C 705 -48.83 -34.86 -0.69
N VAL C 706 -48.56 -33.80 -1.44
CA VAL C 706 -47.29 -33.65 -2.14
C VAL C 706 -46.72 -32.27 -1.82
N TRP C 707 -45.40 -32.16 -1.94
CA TRP C 707 -44.68 -30.93 -1.62
C TRP C 707 -43.42 -30.89 -2.49
N ILE C 708 -43.43 -30.05 -3.52
CA ILE C 708 -42.33 -30.01 -4.49
C ILE C 708 -42.39 -28.67 -5.21
N GLY C 709 -41.21 -28.16 -5.59
CA GLY C 709 -41.15 -26.94 -6.37
C GLY C 709 -41.21 -27.21 -7.86
N ILE C 710 -41.47 -26.16 -8.63
CA ILE C 710 -41.64 -26.32 -10.07
C ILE C 710 -40.31 -26.65 -10.74
N LYS C 711 -39.24 -25.96 -10.36
CA LYS C 711 -37.94 -26.23 -10.99
C LYS C 711 -37.50 -27.66 -10.72
N LYS C 712 -37.92 -28.22 -9.60
CA LYS C 712 -37.59 -29.61 -9.31
C LYS C 712 -38.53 -30.53 -10.05
N LEU C 713 -39.78 -30.13 -10.26
CA LEU C 713 -40.67 -30.98 -11.03
C LEU C 713 -40.13 -31.11 -12.44
N LEU C 714 -39.65 -30.00 -13.02
CA LEU C 714 -39.06 -30.04 -14.34
C LEU C 714 -37.83 -30.94 -14.37
N MET C 715 -36.93 -30.78 -13.40
CA MET C 715 -35.72 -31.59 -13.39
C MET C 715 -36.06 -33.07 -13.28
N LEU C 716 -36.98 -33.43 -12.39
CA LEU C 716 -37.37 -34.82 -12.23
C LEU C 716 -38.00 -35.37 -13.50
N ILE C 717 -38.88 -34.58 -14.13
CA ILE C 717 -39.54 -35.04 -15.35
C ILE C 717 -38.51 -35.31 -16.44
N GLU C 718 -37.54 -34.42 -16.58
CA GLU C 718 -36.51 -34.63 -17.61
C GLU C 718 -35.63 -35.83 -17.26
N MET C 719 -35.35 -36.04 -15.98
CA MET C 719 -34.49 -37.15 -15.59
C MET C 719 -35.18 -38.51 -15.77
N SER C 720 -36.50 -38.55 -15.62
CA SER C 720 -37.23 -39.81 -15.67
C SER C 720 -37.58 -40.27 -17.09
N LEU C 721 -37.20 -39.49 -18.10
CA LEU C 721 -37.56 -39.81 -19.49
C LEU C 721 -36.46 -40.56 -20.24
N GLN C 722 -35.37 -40.95 -19.58
CA GLN C 722 -34.25 -41.58 -20.26
C GLN C 722 -34.30 -43.10 -20.26
N MET C 723 -35.35 -43.71 -19.73
CA MET C 723 -35.47 -45.16 -19.75
C MET C 723 -36.35 -45.62 -20.91
N ASP C 724 -36.49 -46.93 -21.04
CA ASP C 724 -37.35 -47.50 -22.06
C ASP C 724 -38.81 -47.21 -21.73
N PRO C 725 -39.71 -47.28 -22.72
CA PRO C 725 -41.12 -46.92 -22.49
C PRO C 725 -41.92 -47.99 -21.76
N GLU C 726 -41.35 -48.50 -20.66
CA GLU C 726 -42.07 -49.45 -19.81
C GLU C 726 -41.86 -49.21 -18.32
N TYR C 727 -40.86 -48.41 -17.92
CA TYR C 727 -40.59 -48.16 -16.51
C TYR C 727 -40.55 -46.66 -16.19
N ARG C 728 -40.95 -45.80 -17.12
CA ARG C 728 -40.88 -44.36 -16.87
C ARG C 728 -41.77 -43.94 -15.70
N VAL C 729 -43.01 -44.44 -15.68
CA VAL C 729 -43.93 -44.06 -14.62
C VAL C 729 -43.43 -44.55 -13.27
N ARG C 730 -42.91 -45.78 -13.22
CA ARG C 730 -42.41 -46.31 -11.95
C ARG C 730 -41.26 -45.46 -11.41
N LYS C 731 -40.31 -45.10 -12.28
CA LYS C 731 -39.19 -44.27 -11.82
C LYS C 731 -39.67 -42.89 -11.40
N PHE C 732 -40.60 -42.30 -12.14
CA PHE C 732 -41.13 -41.00 -11.74
C PHE C 732 -41.77 -41.06 -10.37
N LEU C 733 -42.58 -42.10 -10.12
CA LEU C 733 -43.23 -42.23 -8.83
C LEU C 733 -42.22 -42.46 -7.72
N ALA C 734 -41.20 -43.28 -7.98
CA ALA C 734 -40.17 -43.50 -6.96
C ALA C 734 -39.43 -42.22 -6.63
N LEU C 735 -39.06 -41.45 -7.65
CA LEU C 735 -38.36 -40.19 -7.41
C LEU C 735 -39.24 -39.21 -6.65
N LEU C 736 -40.52 -39.12 -7.01
CA LEU C 736 -41.42 -38.23 -6.29
C LEU C 736 -41.56 -38.65 -4.84
N ARG C 737 -41.69 -39.95 -4.59
CA ARG C 737 -41.80 -40.45 -3.22
C ARG C 737 -40.55 -40.13 -2.41
N GLU C 738 -39.37 -40.28 -3.03
CA GLU C 738 -38.13 -39.99 -2.32
C GLU C 738 -37.93 -38.49 -2.12
N GLU C 739 -38.55 -37.67 -2.96
CA GLU C 739 -38.33 -36.23 -2.89
C GLU C 739 -39.47 -35.48 -2.22
N GLY C 740 -40.72 -35.95 -2.38
CA GLY C 740 -41.85 -35.26 -1.81
C GLY C 740 -41.92 -35.42 -0.30
N ALA C 741 -40.86 -35.02 0.38
CA ALA C 741 -40.76 -35.18 1.83
C ALA C 741 -41.43 -34.01 2.55
N SER C 742 -41.67 -34.22 3.84
CA SER C 742 -42.31 -33.22 4.69
C SER C 742 -43.61 -32.70 4.06
N PRO C 743 -44.59 -33.59 3.81
CA PRO C 743 -45.86 -33.13 3.21
C PRO C 743 -46.59 -32.12 4.09
N ARG D 208 11.49 65.69 0.91
CA ARG D 208 10.42 66.62 1.26
C ARG D 208 9.09 66.16 0.67
N GLN D 209 9.13 65.74 -0.59
CA GLN D 209 7.91 65.28 -1.25
C GLN D 209 7.35 64.06 -0.53
N SER D 210 6.04 64.08 -0.29
CA SER D 210 5.40 62.99 0.42
C SER D 210 5.33 61.74 -0.45
N ILE D 211 5.07 60.60 0.20
CA ILE D 211 4.97 59.34 -0.52
C ILE D 211 3.52 58.99 -0.89
N ILE D 212 2.54 59.71 -0.34
CA ILE D 212 1.13 59.53 -0.67
C ILE D 212 0.76 60.56 -1.75
N ASN D 213 -0.09 60.14 -2.68
CA ASN D 213 -0.51 61.07 -3.73
C ASN D 213 -1.28 62.24 -3.11
N PRO D 214 -1.14 63.44 -3.66
CA PRO D 214 -1.85 64.59 -3.09
C PRO D 214 -3.36 64.43 -3.03
N ASP D 215 -3.96 63.79 -4.03
CA ASP D 215 -5.41 63.58 -4.07
C ASP D 215 -5.71 62.11 -3.77
N TRP D 216 -6.31 61.86 -2.61
CA TRP D 216 -6.65 60.51 -2.19
C TRP D 216 -7.82 60.58 -1.21
N ASN D 217 -8.54 59.46 -1.11
CA ASN D 217 -9.72 59.34 -0.25
C ASN D 217 -10.07 57.87 -0.14
N PHE D 218 -10.29 57.42 1.11
CA PHE D 218 -10.59 56.01 1.36
C PHE D 218 -11.84 55.57 0.62
N GLU D 219 -12.77 56.49 0.37
CA GLU D 219 -14.00 56.14 -0.34
C GLU D 219 -13.74 55.87 -1.81
N LYS D 220 -12.71 56.48 -2.39
CA LYS D 220 -12.48 56.36 -3.83
C LYS D 220 -12.19 54.93 -4.23
N MET D 221 -11.39 54.21 -3.44
CA MET D 221 -10.94 52.89 -3.87
C MET D 221 -12.12 51.94 -4.06
N GLY D 222 -13.09 51.99 -3.15
CA GLY D 222 -14.31 51.21 -3.29
C GLY D 222 -14.21 49.83 -2.71
N ILE D 223 -13.76 49.72 -1.46
CA ILE D 223 -13.70 48.46 -0.73
C ILE D 223 -14.37 48.67 0.62
N GLY D 224 -15.28 47.76 0.97
CA GLY D 224 -16.04 47.88 2.19
C GLY D 224 -16.13 46.56 2.93
N GLY D 225 -16.06 46.66 4.25
CA GLY D 225 -16.09 45.50 5.11
C GLY D 225 -14.75 45.04 5.61
N LEU D 226 -13.67 45.80 5.36
CA LEU D 226 -12.33 45.41 5.76
C LEU D 226 -11.60 46.59 6.39
N ASP D 227 -12.32 47.37 7.19
CA ASP D 227 -11.73 48.55 7.80
C ASP D 227 -10.60 48.19 8.75
N LYS D 228 -10.80 47.16 9.57
CA LYS D 228 -9.79 46.77 10.55
C LYS D 228 -8.51 46.29 9.88
N GLU D 229 -8.64 45.49 8.81
CA GLU D 229 -7.45 44.99 8.12
C GLU D 229 -6.63 46.15 7.56
N PHE D 230 -7.29 47.10 6.90
CA PHE D 230 -6.58 48.24 6.34
C PHE D 230 -5.95 49.09 7.44
N SER D 231 -6.67 49.27 8.56
CA SER D 231 -6.12 50.05 9.66
C SER D 231 -4.86 49.41 10.20
N ASP D 232 -4.88 48.09 10.42
CA ASP D 232 -3.70 47.41 10.93
C ASP D 232 -2.55 47.46 9.94
N ILE D 233 -2.84 47.27 8.65
CA ILE D 233 -1.78 47.32 7.64
C ILE D 233 -1.13 48.69 7.63
N PHE D 234 -1.95 49.75 7.60
CA PHE D 234 -1.41 51.10 7.62
C PHE D 234 -0.62 51.40 8.87
N ARG D 235 -1.10 50.94 10.03
CA ARG D 235 -0.38 51.18 11.28
C ARG D 235 0.98 50.48 11.29
N ARG D 236 1.06 49.24 10.81
CA ARG D 236 2.29 48.47 10.93
C ARG D 236 3.22 48.59 9.72
N ALA D 237 2.78 49.24 8.64
CA ALA D 237 3.59 49.32 7.43
C ALA D 237 3.97 50.73 7.03
N PHE D 238 3.02 51.66 6.99
CA PHE D 238 3.23 53.00 6.44
C PHE D 238 3.23 54.08 7.51
N ALA D 239 3.51 53.75 8.77
CA ALA D 239 3.57 54.77 9.81
C ALA D 239 4.92 55.45 9.87
N SER D 240 6.00 54.74 9.53
CA SER D 240 7.35 55.30 9.59
C SER D 240 7.75 56.10 8.35
N ARG D 241 7.00 56.04 7.26
CA ARG D 241 7.32 56.74 6.03
C ARG D 241 6.64 58.09 5.85
N VAL D 242 5.87 58.59 6.82
CA VAL D 242 5.20 59.87 6.58
C VAL D 242 5.64 60.95 7.57
N PHE D 243 6.09 60.56 8.75
CA PHE D 243 6.53 61.50 9.78
C PHE D 243 7.88 62.12 9.37
N PRO D 244 8.23 63.29 9.89
CA PRO D 244 9.50 63.91 9.51
C PRO D 244 10.67 62.98 9.74
N PRO D 245 11.61 62.91 8.78
CA PRO D 245 12.71 61.95 8.86
C PRO D 245 13.52 62.00 10.15
N GLU D 246 13.67 63.18 10.76
CA GLU D 246 14.62 63.31 11.87
C GLU D 246 14.26 62.38 13.03
N ILE D 247 12.98 62.34 13.42
CA ILE D 247 12.60 61.50 14.56
C ILE D 247 12.74 60.02 14.21
N VAL D 248 12.33 59.64 13.00
CA VAL D 248 12.44 58.23 12.63
C VAL D 248 13.91 57.83 12.62
N GLU D 249 14.78 58.74 12.17
CA GLU D 249 16.21 58.46 12.11
C GLU D 249 16.84 58.52 13.49
N GLN D 250 16.09 59.00 14.48
CA GLN D 250 16.65 59.08 15.83
C GLN D 250 16.27 57.89 16.68
N MET D 251 15.59 56.90 16.11
CA MET D 251 15.19 55.69 16.83
C MET D 251 15.96 54.46 16.41
N GLY D 252 16.60 54.48 15.24
CA GLY D 252 17.33 53.34 14.73
C GLY D 252 16.48 52.13 14.40
N CYS D 253 15.34 52.34 13.75
CA CYS D 253 14.42 51.26 13.41
C CYS D 253 14.41 51.05 11.89
N LYS D 254 14.41 49.79 11.48
CA LYS D 254 14.37 49.43 10.06
C LYS D 254 12.93 49.17 9.65
N HIS D 255 12.55 49.67 8.49
CA HIS D 255 11.18 49.53 8.01
C HIS D 255 10.83 48.08 7.73
N VAL D 256 9.55 47.74 7.87
CA VAL D 256 9.05 46.42 7.56
C VAL D 256 8.98 46.26 6.04
N LYS D 257 9.37 45.10 5.55
CA LYS D 257 9.46 44.84 4.11
C LYS D 257 8.81 43.50 3.75
N GLY D 258 7.61 43.26 4.25
CA GLY D 258 6.90 42.05 3.89
C GLY D 258 5.47 41.98 4.38
N ILE D 259 4.57 41.51 3.52
CA ILE D 259 3.15 41.35 3.87
C ILE D 259 2.66 40.05 3.23
N LEU D 260 1.79 39.34 3.94
CA LEU D 260 1.20 38.09 3.44
C LEU D 260 -0.30 38.08 3.69
N LEU D 261 -1.05 37.75 2.64
CA LEU D 261 -2.51 37.66 2.69
C LEU D 261 -2.96 36.27 2.27
N TYR D 262 -3.92 35.73 3.01
CA TYR D 262 -4.46 34.40 2.74
C TYR D 262 -5.92 34.36 3.15
N GLY D 263 -6.65 33.41 2.58
CA GLY D 263 -8.06 33.25 2.86
C GLY D 263 -8.76 32.41 1.82
N PRO D 264 -10.06 32.17 2.00
CA PRO D 264 -10.82 31.37 1.05
C PRO D 264 -11.04 32.11 -0.28
N PRO D 265 -11.32 31.36 -1.36
CA PRO D 265 -11.46 31.94 -2.70
C PRO D 265 -12.58 32.95 -2.87
N GLY D 266 -12.32 34.25 -2.69
CA GLY D 266 -13.35 35.22 -3.05
C GLY D 266 -13.62 36.31 -2.03
N CYS D 267 -12.65 36.58 -1.16
CA CYS D 267 -12.85 37.56 -0.10
C CYS D 267 -12.13 38.88 -0.32
N GLY D 268 -11.55 39.12 -1.49
CA GLY D 268 -11.03 40.46 -1.74
C GLY D 268 -9.57 40.65 -1.37
N LYS D 269 -8.68 39.83 -1.93
CA LYS D 269 -7.25 39.97 -1.73
C LYS D 269 -6.59 40.75 -2.85
N THR D 270 -6.76 40.31 -4.10
CA THR D 270 -6.19 41.03 -5.23
C THR D 270 -6.69 42.46 -5.29
N LEU D 271 -7.93 42.69 -4.85
CA LEU D 271 -8.44 44.06 -4.78
C LEU D 271 -7.63 44.94 -3.84
N LEU D 272 -7.28 44.42 -2.66
CA LEU D 272 -6.45 45.19 -1.73
C LEU D 272 -5.10 45.54 -2.34
N ALA D 273 -4.47 44.54 -2.97
CA ALA D 273 -3.15 44.73 -3.59
C ALA D 273 -3.17 45.77 -4.71
N ARG D 274 -4.19 45.72 -5.57
CA ARG D 274 -4.24 46.68 -6.67
C ARG D 274 -4.36 48.11 -6.15
N GLN D 275 -5.22 48.31 -5.16
CA GLN D 275 -5.39 49.65 -4.61
C GLN D 275 -4.16 50.11 -3.86
N ILE D 276 -3.49 49.20 -3.14
CA ILE D 276 -2.24 49.57 -2.47
C ILE D 276 -1.20 50.01 -3.50
N GLY D 277 -1.08 49.27 -4.60
CA GLY D 277 -0.13 49.67 -5.63
C GLY D 277 -0.47 51.03 -6.21
N LYS D 278 -1.76 51.28 -6.43
CA LYS D 278 -2.18 52.56 -7.01
C LYS D 278 -1.97 53.71 -6.03
N MET D 279 -2.09 53.46 -4.73
CA MET D 279 -2.04 54.52 -3.73
C MET D 279 -0.69 55.23 -3.72
N LEU D 280 0.41 54.48 -3.78
CA LEU D 280 1.71 55.09 -3.54
C LEU D 280 2.10 56.04 -4.65
N ASN D 281 2.80 57.11 -4.28
CA ASN D 281 3.37 58.06 -5.24
C ASN D 281 4.78 57.61 -5.62
N ALA D 282 4.86 56.36 -6.06
CA ALA D 282 6.12 55.73 -6.42
C ALA D 282 6.07 55.24 -7.86
N ARG D 283 7.10 54.52 -8.29
CA ARG D 283 7.13 53.99 -9.64
C ARG D 283 6.10 52.86 -9.79
N GLU D 284 5.79 52.55 -11.04
CA GLU D 284 4.79 51.53 -11.32
C GLU D 284 5.26 50.20 -10.72
N PRO D 285 4.42 49.51 -9.94
CA PRO D 285 4.87 48.25 -9.33
C PRO D 285 5.17 47.20 -10.38
N LYS D 286 6.11 46.33 -10.06
CA LYS D 286 6.51 45.23 -10.93
C LYS D 286 5.82 43.96 -10.48
N VAL D 287 4.87 43.47 -11.29
CA VAL D 287 4.02 42.35 -10.91
C VAL D 287 4.53 41.08 -11.57
N VAL D 288 4.39 39.97 -10.85
CA VAL D 288 4.76 38.65 -11.33
C VAL D 288 3.50 37.79 -11.36
N ASN D 289 3.09 37.38 -12.57
CA ASN D 289 1.84 36.62 -12.75
C ASN D 289 2.12 35.14 -12.51
N GLY D 290 2.16 34.75 -11.23
CA GLY D 290 2.39 33.39 -10.85
C GLY D 290 3.79 32.91 -11.19
N PRO D 291 3.95 31.61 -11.46
CA PRO D 291 5.29 31.07 -11.79
C PRO D 291 5.73 31.45 -13.20
N GLU D 292 6.01 32.74 -13.39
CA GLU D 292 6.42 33.28 -14.67
C GLU D 292 7.92 33.50 -14.75
N ILE D 293 8.68 32.95 -13.79
CA ILE D 293 10.11 33.19 -13.69
C ILE D 293 10.87 31.88 -13.79
N LEU D 294 10.32 30.93 -14.55
CA LEU D 294 10.93 29.63 -14.77
C LEU D 294 11.43 29.55 -16.20
N ASN D 295 12.60 28.93 -16.37
CA ASN D 295 13.25 28.84 -17.67
C ASN D 295 13.86 27.45 -17.83
N LYS D 296 14.06 27.05 -19.09
CA LYS D 296 14.55 25.70 -19.35
C LYS D 296 16.04 25.58 -19.05
N TYR D 297 16.82 26.60 -19.38
CA TYR D 297 18.26 26.51 -19.20
C TYR D 297 18.62 26.44 -17.71
N VAL D 298 19.73 25.76 -17.42
CA VAL D 298 20.16 25.60 -16.04
C VAL D 298 20.75 26.92 -15.54
N GLY D 299 20.29 27.37 -14.38
CA GLY D 299 20.83 28.58 -13.81
C GLY D 299 20.22 29.88 -14.30
N GLU D 300 19.26 29.84 -15.21
CA GLU D 300 18.61 31.07 -15.67
C GLU D 300 17.37 31.42 -14.85
N SER D 301 16.85 30.47 -14.08
CA SER D 301 15.75 30.76 -13.17
C SER D 301 16.20 31.72 -12.09
N GLU D 302 17.43 31.52 -11.58
CA GLU D 302 17.92 32.42 -10.56
C GLU D 302 18.27 33.77 -11.17
N ALA D 303 18.86 33.78 -12.36
CA ALA D 303 19.14 35.05 -13.00
C ALA D 303 17.87 35.84 -13.26
N ASN D 304 16.74 35.14 -13.41
CA ASN D 304 15.46 35.83 -13.58
C ASN D 304 14.92 36.36 -12.24
N ILE D 305 15.10 35.60 -11.16
CA ILE D 305 14.62 36.07 -9.87
C ILE D 305 15.60 37.05 -9.23
N ARG D 306 16.74 37.29 -9.88
CA ARG D 306 17.71 38.24 -9.35
C ARG D 306 17.71 39.57 -10.08
N LYS D 307 16.82 39.76 -11.06
CA LYS D 307 16.70 41.01 -11.78
C LYS D 307 15.61 41.92 -11.25
N LEU D 308 14.81 41.46 -10.28
CA LEU D 308 13.74 42.29 -9.72
C LEU D 308 14.24 43.28 -8.69
N PHE D 309 15.47 43.10 -8.17
CA PHE D 309 16.01 43.95 -7.12
C PHE D 309 17.16 44.82 -7.61
N ALA D 310 17.38 44.89 -8.92
CA ALA D 310 18.51 45.65 -9.44
C ALA D 310 18.30 47.15 -9.25
N ASP D 311 17.12 47.64 -9.62
CA ASP D 311 16.86 49.07 -9.54
C ASP D 311 16.95 49.56 -8.10
N ALA D 312 16.39 48.80 -7.15
CA ALA D 312 16.45 49.21 -5.75
C ALA D 312 17.88 49.34 -5.28
N GLU D 313 18.71 48.33 -5.55
CA GLU D 313 20.10 48.37 -5.11
C GLU D 313 20.85 49.53 -5.76
N GLU D 314 20.67 49.72 -7.06
CA GLU D 314 21.36 50.80 -7.74
C GLU D 314 20.96 52.15 -7.19
N GLU D 315 19.65 52.36 -6.99
CA GLU D 315 19.19 53.65 -6.47
C GLU D 315 19.70 53.90 -5.07
N GLN D 316 19.69 52.86 -4.21
CA GLN D 316 20.22 53.04 -2.87
C GLN D 316 21.70 53.39 -2.92
N ARG D 317 22.47 52.69 -3.75
CA ARG D 317 23.88 52.98 -3.87
C ARG D 317 24.14 54.36 -4.47
N ARG D 318 23.17 54.93 -5.18
CA ARG D 318 23.36 56.25 -5.78
C ARG D 318 23.02 57.36 -4.80
N LEU D 319 21.78 57.39 -4.32
CA LEU D 319 21.35 58.43 -3.37
C LEU D 319 21.60 58.00 -1.92
N GLY D 320 21.00 56.90 -1.50
CA GLY D 320 21.17 56.42 -0.14
C GLY D 320 20.30 57.17 0.85
N ALA D 321 19.46 56.44 1.58
CA ALA D 321 18.66 56.98 2.68
C ALA D 321 17.63 58.01 2.22
N ASN D 322 17.50 58.24 0.91
CA ASN D 322 16.52 59.20 0.41
C ASN D 322 15.81 58.70 -0.85
N SER D 323 15.84 57.40 -1.13
CA SER D 323 15.24 56.87 -2.34
C SER D 323 13.77 56.52 -2.11
N GLY D 324 13.03 56.46 -3.21
CA GLY D 324 11.61 56.14 -3.16
C GLY D 324 11.38 54.65 -2.94
N LEU D 325 10.11 54.30 -2.80
CA LEU D 325 9.75 52.91 -2.55
C LEU D 325 9.71 52.13 -3.85
N HIS D 326 10.05 50.85 -3.78
CA HIS D 326 9.99 49.94 -4.92
C HIS D 326 9.09 48.78 -4.52
N ILE D 327 7.89 48.73 -5.08
CA ILE D 327 6.88 47.75 -4.71
C ILE D 327 6.94 46.58 -5.68
N ILE D 328 6.92 45.37 -5.13
CA ILE D 328 6.89 44.14 -5.92
C ILE D 328 5.71 43.32 -5.41
N ILE D 329 4.91 42.78 -6.33
CA ILE D 329 3.69 42.05 -6.01
C ILE D 329 3.83 40.63 -6.52
N PHE D 330 3.67 39.66 -5.62
CA PHE D 330 3.75 38.24 -5.96
C PHE D 330 2.34 37.67 -6.03
N ASP D 331 2.13 36.76 -6.98
CA ASP D 331 0.86 36.07 -7.12
C ASP D 331 1.06 34.58 -6.95
N GLU D 332 0.22 33.96 -6.14
CA GLU D 332 0.31 32.54 -5.82
C GLU D 332 1.73 32.17 -5.40
N ILE D 333 2.15 32.77 -4.27
CA ILE D 333 3.51 32.54 -3.79
C ILE D 333 3.76 31.06 -3.55
N ASP D 334 2.70 30.29 -3.32
CA ASP D 334 2.84 28.85 -3.10
C ASP D 334 3.28 28.09 -4.36
N ALA D 335 3.24 28.73 -5.52
CA ALA D 335 3.60 28.04 -6.76
C ALA D 335 5.09 27.78 -6.86
N ILE D 336 5.90 28.75 -6.45
CA ILE D 336 7.36 28.65 -6.58
C ILE D 336 8.01 28.42 -5.22
N CYS D 337 7.50 29.05 -4.18
CA CYS D 337 8.09 28.97 -2.84
C CYS D 337 7.30 27.93 -2.06
N LYS D 338 7.86 26.74 -1.92
CA LYS D 338 7.27 25.65 -1.17
C LYS D 338 8.33 25.03 -0.25
N GLN D 339 7.91 24.08 0.57
CA GLN D 339 8.79 23.47 1.54
C GLN D 339 10.02 22.86 0.85
N ARG D 340 11.20 23.18 1.38
CA ARG D 340 12.42 22.58 0.90
C ARG D 340 12.52 21.12 1.36
N GLY D 341 13.05 20.27 0.48
CA GLY D 341 13.15 18.85 0.75
C GLY D 341 11.93 18.05 0.33
N SER D 342 10.85 18.71 -0.07
CA SER D 342 9.68 18.03 -0.60
C SER D 342 9.70 18.07 -2.12
N MET D 343 8.64 17.55 -2.75
CA MET D 343 8.55 17.48 -4.20
C MET D 343 9.81 16.82 -4.77
N ALA D 344 9.97 15.55 -4.41
CA ALA D 344 11.15 14.78 -4.78
C ALA D 344 11.08 14.41 -6.27
N GLY D 345 11.24 15.43 -7.10
CA GLY D 345 11.25 15.25 -8.54
C GLY D 345 12.66 15.11 -9.09
N SER D 346 13.07 16.07 -9.91
CA SER D 346 14.41 16.07 -10.48
C SER D 346 14.80 17.49 -10.84
N THR D 347 16.11 17.71 -11.00
CA THR D 347 16.74 18.97 -11.36
C THR D 347 16.80 19.94 -10.18
N GLY D 348 16.14 19.65 -9.06
CA GLY D 348 16.24 20.46 -7.86
C GLY D 348 16.16 21.97 -8.04
N VAL D 349 15.50 22.43 -9.11
CA VAL D 349 15.44 23.86 -9.37
C VAL D 349 14.59 24.54 -8.30
N HIS D 350 13.55 23.86 -7.84
CA HIS D 350 12.63 24.47 -6.87
C HIS D 350 13.36 24.74 -5.57
N ASP D 351 14.22 23.82 -5.13
CA ASP D 351 14.92 24.03 -3.87
C ASP D 351 15.96 25.12 -4.00
N THR D 352 16.38 25.45 -5.23
CA THR D 352 17.41 26.46 -5.43
C THR D 352 16.79 27.85 -5.59
N VAL D 353 15.50 27.90 -5.91
CA VAL D 353 14.86 29.20 -6.05
C VAL D 353 14.45 29.72 -4.68
N VAL D 354 14.02 28.83 -3.78
CA VAL D 354 13.70 29.28 -2.44
C VAL D 354 14.95 29.84 -1.79
N ASN D 355 16.09 29.17 -1.98
CA ASN D 355 17.34 29.64 -1.40
C ASN D 355 17.74 31.00 -1.98
N GLN D 356 17.62 31.17 -3.30
CA GLN D 356 17.98 32.46 -3.88
C GLN D 356 17.08 33.58 -3.35
N LEU D 357 15.77 33.32 -3.29
CA LEU D 357 14.84 34.34 -2.78
C LEU D 357 15.12 34.68 -1.33
N LEU D 358 15.36 33.65 -0.50
CA LEU D 358 15.65 33.89 0.90
C LEU D 358 16.92 34.71 1.06
N SER D 359 17.96 34.38 0.30
CA SER D 359 19.23 35.08 0.43
C SER D 359 19.13 36.51 -0.11
N LYS D 360 18.23 36.77 -1.06
CA LYS D 360 18.14 38.11 -1.62
C LYS D 360 17.22 39.02 -0.81
N ILE D 361 16.21 38.47 -0.13
CA ILE D 361 15.33 39.32 0.67
C ILE D 361 16.12 40.00 1.79
N ASP D 362 16.96 39.24 2.49
CA ASP D 362 17.82 39.80 3.51
C ASP D 362 19.01 38.87 3.72
N GLY D 363 20.20 39.35 3.37
CA GLY D 363 21.43 38.57 3.50
C GLY D 363 22.58 39.46 3.89
N VAL D 364 23.78 39.20 3.39
CA VAL D 364 24.97 39.97 3.74
C VAL D 364 24.83 41.44 3.38
N GLU D 365 24.05 41.77 2.35
CA GLU D 365 23.85 43.12 1.89
C GLU D 365 22.54 43.66 2.47
N GLN D 366 22.52 44.95 2.75
CA GLN D 366 21.38 45.59 3.42
C GLN D 366 20.57 46.38 2.40
N LEU D 367 19.24 46.31 2.53
CA LEU D 367 18.31 47.04 1.69
C LEU D 367 17.18 47.57 2.55
N ASN D 368 16.76 48.81 2.29
CA ASN D 368 15.70 49.44 3.07
C ASN D 368 14.75 50.25 2.21
N ASN D 369 14.54 49.87 0.96
CA ASN D 369 13.58 50.55 0.10
C ASN D 369 12.77 49.56 -0.73
N ILE D 370 12.39 48.44 -0.13
CA ILE D 370 11.61 47.41 -0.81
C ILE D 370 10.46 46.98 0.08
N LEU D 371 9.44 46.39 -0.56
CA LEU D 371 8.26 45.90 0.16
C LEU D 371 7.56 44.89 -0.73
N VAL D 372 7.50 43.64 -0.28
CA VAL D 372 6.93 42.54 -1.06
C VAL D 372 5.61 42.13 -0.44
N ILE D 373 4.62 41.88 -1.30
CA ILE D 373 3.28 41.48 -0.90
C ILE D 373 3.02 40.11 -1.52
N GLY D 374 2.56 39.17 -0.72
CA GLY D 374 2.24 37.83 -1.18
C GLY D 374 0.80 37.48 -0.88
N MET D 375 0.21 36.66 -1.74
CA MET D 375 -1.18 36.24 -1.62
C MET D 375 -1.25 34.75 -1.93
N THR D 376 -1.94 33.98 -1.08
CA THR D 376 -2.00 32.54 -1.26
C THR D 376 -3.31 31.99 -0.71
N ASN D 377 -3.67 30.80 -1.21
CA ASN D 377 -4.83 30.07 -0.73
C ASN D 377 -4.49 28.88 0.15
N ARG D 378 -3.22 28.68 0.52
CA ARG D 378 -2.81 27.60 1.41
C ARG D 378 -1.60 28.06 2.20
N PRO D 379 -1.82 28.66 3.37
CA PRO D 379 -0.67 29.13 4.17
C PRO D 379 0.02 28.05 4.96
N ASP D 380 -0.38 26.77 4.81
CA ASP D 380 0.28 25.67 5.50
C ASP D 380 1.38 25.02 4.68
N LEU D 381 1.64 25.51 3.46
CA LEU D 381 2.68 24.96 2.61
C LEU D 381 3.91 25.85 2.49
N ILE D 382 3.82 27.11 2.93
CA ILE D 382 4.96 28.01 2.80
C ILE D 382 6.09 27.56 3.71
N ASP D 383 7.32 27.80 3.29
CA ASP D 383 8.47 27.39 4.08
C ASP D 383 8.50 28.14 5.41
N GLU D 384 8.94 27.47 6.46
CA GLU D 384 8.94 28.07 7.79
C GLU D 384 10.02 29.15 7.92
N ALA D 385 11.12 29.00 7.19
CA ALA D 385 12.18 30.00 7.26
C ALA D 385 11.83 31.30 6.55
N LEU D 386 10.73 31.33 5.80
CA LEU D 386 10.30 32.53 5.09
C LEU D 386 9.29 33.38 5.87
N LEU D 387 8.91 33.00 7.09
CA LEU D 387 7.90 33.72 7.85
C LEU D 387 8.47 34.27 9.16
N ARG D 388 9.75 34.07 9.40
CA ARG D 388 10.35 34.60 10.61
C ARG D 388 10.33 36.13 10.60
N PRO D 389 10.16 36.75 11.77
CA PRO D 389 10.16 38.22 11.85
C PRO D 389 11.37 38.86 11.20
N GLY D 390 11.10 39.66 10.16
CA GLY D 390 12.13 40.33 9.40
C GLY D 390 11.95 40.22 7.90
N ARG D 391 11.44 39.10 7.41
CA ARG D 391 11.16 38.94 5.96
C ARG D 391 9.68 39.24 5.73
N LEU D 392 8.75 38.46 6.30
CA LEU D 392 7.32 38.72 6.16
C LEU D 392 6.72 38.71 7.56
N GLU D 393 6.67 39.88 8.19
CA GLU D 393 6.27 40.00 9.59
C GLU D 393 4.76 40.04 9.74
N VAL D 394 4.09 40.92 9.00
CA VAL D 394 2.64 41.10 9.13
C VAL D 394 1.96 39.97 8.36
N LYS D 395 1.14 39.19 9.06
CA LYS D 395 0.39 38.08 8.45
C LYS D 395 -1.09 38.28 8.78
N MET D 396 -1.81 38.91 7.87
CA MET D 396 -3.23 39.20 8.04
C MET D 396 -4.04 37.94 7.71
N GLU D 397 -5.36 38.07 7.77
CA GLU D 397 -6.25 36.95 7.46
C GLU D 397 -7.58 37.54 6.97
N ILE D 398 -7.81 37.42 5.67
CA ILE D 398 -9.04 37.93 5.06
C ILE D 398 -10.10 36.86 5.10
N GLY D 399 -11.23 37.16 5.73
CA GLY D 399 -12.31 36.20 5.88
C GLY D 399 -13.60 36.71 5.24
N LEU D 400 -14.63 35.90 5.39
CA LEU D 400 -15.93 36.23 4.82
C LEU D 400 -16.52 37.44 5.53
N PRO D 401 -17.31 38.27 4.83
CA PRO D 401 -17.87 39.46 5.47
C PRO D 401 -19.06 39.16 6.35
N ASP D 402 -19.43 40.11 7.21
CA ASP D 402 -20.62 40.03 8.05
C ASP D 402 -21.76 40.81 7.38
N GLU D 403 -22.87 40.92 8.10
CA GLU D 403 -24.07 41.55 7.54
C GLU D 403 -23.81 43.00 7.18
N LYS D 404 -23.14 43.75 8.05
CA LYS D 404 -22.82 45.13 7.72
C LYS D 404 -21.88 45.20 6.53
N GLY D 405 -20.92 44.28 6.46
CA GLY D 405 -20.08 44.18 5.28
C GLY D 405 -20.86 43.88 4.02
N ARG D 406 -21.84 42.99 4.11
CA ARG D 406 -22.69 42.71 2.95
C ARG D 406 -23.44 43.96 2.50
N LEU D 407 -23.99 44.71 3.45
CA LEU D 407 -24.69 45.94 3.11
C LEU D 407 -23.76 46.93 2.43
N GLN D 408 -22.55 47.10 2.98
CA GLN D 408 -21.60 48.02 2.39
C GLN D 408 -21.21 47.60 0.98
N ILE D 409 -20.95 46.31 0.77
CA ILE D 409 -20.58 45.82 -0.55
C ILE D 409 -21.71 46.09 -1.54
N LEU D 410 -22.94 45.80 -1.14
CA LEU D 410 -24.08 46.02 -2.03
C LEU D 410 -24.22 47.50 -2.36
N HIS D 411 -24.05 48.37 -1.36
N HIS D 411 -24.05 48.37 -1.37
CA HIS D 411 -24.15 49.81 -1.61
CA HIS D 411 -24.16 49.80 -1.62
C HIS D 411 -23.06 50.28 -2.56
C HIS D 411 -23.06 50.27 -2.57
N ILE D 412 -21.83 49.79 -2.38
CA ILE D 412 -20.73 50.22 -3.25
C ILE D 412 -20.97 49.77 -4.68
N HIS D 413 -21.45 48.55 -4.88
CA HIS D 413 -21.59 48.02 -6.23
C HIS D 413 -22.92 48.41 -6.88
N THR D 414 -23.77 49.13 -6.18
CA THR D 414 -25.06 49.63 -6.68
C THR D 414 -25.14 51.14 -6.54
N ALA D 415 -24.05 51.83 -6.90
CA ALA D 415 -23.96 53.28 -6.77
C ALA D 415 -24.05 54.02 -8.11
N ARG D 416 -23.66 53.39 -9.21
CA ARG D 416 -23.74 54.04 -10.51
C ARG D 416 -25.11 53.91 -11.17
N MET D 417 -26.01 53.10 -10.61
CA MET D 417 -27.35 53.00 -11.17
C MET D 417 -28.31 53.99 -10.52
N ARG D 418 -28.17 54.21 -9.21
CA ARG D 418 -29.06 55.15 -8.54
C ARG D 418 -28.90 56.56 -9.10
N GLY D 419 -27.74 56.85 -9.68
CA GLY D 419 -27.45 58.17 -10.19
C GLY D 419 -28.02 58.48 -11.56
N HIS D 420 -28.73 57.53 -12.18
CA HIS D 420 -29.33 57.78 -13.49
C HIS D 420 -30.79 57.35 -13.56
N GLN D 421 -31.45 57.17 -12.41
CA GLN D 421 -32.85 56.78 -12.36
C GLN D 421 -33.09 55.48 -13.14
N LEU D 422 -32.13 54.56 -13.03
CA LEU D 422 -32.22 53.26 -13.68
C LEU D 422 -32.71 52.15 -12.76
N LEU D 423 -33.00 52.46 -11.50
CA LEU D 423 -33.40 51.47 -10.51
C LEU D 423 -34.72 51.89 -9.87
N SER D 424 -35.70 51.00 -9.90
CA SER D 424 -37.01 51.28 -9.33
C SER D 424 -36.91 51.43 -7.82
N ALA D 425 -37.77 52.27 -7.24
CA ALA D 425 -37.82 52.50 -5.80
C ALA D 425 -38.34 51.33 -4.98
N ASP D 426 -38.92 50.29 -5.60
CA ASP D 426 -39.42 49.18 -4.80
C ASP D 426 -38.26 48.53 -4.07
N VAL D 427 -37.13 48.38 -4.76
CA VAL D 427 -35.95 47.74 -4.20
C VAL D 427 -35.45 48.60 -3.05
N ASP D 428 -35.01 47.96 -1.95
CA ASP D 428 -34.45 48.68 -0.82
C ASP D 428 -33.07 48.20 -0.44
N ILE D 429 -32.64 47.05 -0.97
CA ILE D 429 -31.39 46.37 -0.60
C ILE D 429 -31.35 45.83 0.83
N LYS D 430 -32.11 46.40 1.76
CA LYS D 430 -32.04 45.88 3.13
C LYS D 430 -32.52 44.43 3.18
N GLU D 431 -33.62 44.14 2.48
CA GLU D 431 -34.13 42.78 2.43
C GLU D 431 -33.13 41.84 1.77
N LEU D 432 -32.52 42.30 0.68
CA LEU D 432 -31.52 41.50 -0.01
C LEU D 432 -30.33 41.20 0.89
N ALA D 433 -29.87 42.20 1.65
CA ALA D 433 -28.76 42.00 2.57
C ALA D 433 -29.14 41.00 3.65
N VAL D 434 -30.41 40.98 4.03
CA VAL D 434 -30.83 40.06 5.09
C VAL D 434 -30.88 38.64 4.55
N GLU D 435 -31.55 38.45 3.41
CA GLU D 435 -31.73 37.11 2.85
C GLU D 435 -30.40 36.50 2.43
N THR D 436 -29.48 37.29 1.88
CA THR D 436 -28.22 36.78 1.36
C THR D 436 -27.34 36.33 2.51
N LYS D 437 -27.30 35.01 2.73
CA LYS D 437 -26.51 34.38 3.78
C LYS D 437 -25.38 33.55 3.19
N ASN D 438 -24.21 33.62 3.82
CA ASN D 438 -23.01 32.91 3.39
C ASN D 438 -22.56 33.34 2.00
N PHE D 439 -22.61 34.64 1.74
CA PHE D 439 -22.26 35.21 0.45
C PHE D 439 -20.95 35.98 0.56
N SER D 440 -20.08 35.79 -0.44
CA SER D 440 -18.85 36.55 -0.55
C SER D 440 -19.07 37.70 -1.52
N GLY D 441 -18.08 38.57 -1.64
CA GLY D 441 -18.20 39.71 -2.54
C GLY D 441 -18.40 39.31 -3.98
N ALA D 442 -17.67 38.31 -4.45
CA ALA D 442 -17.81 37.89 -5.83
C ALA D 442 -19.23 37.41 -6.12
N GLU D 443 -19.82 36.66 -5.18
CA GLU D 443 -21.18 36.17 -5.40
C GLU D 443 -22.20 37.30 -5.37
N LEU D 444 -22.01 38.31 -4.51
CA LEU D 444 -22.91 39.45 -4.51
C LEU D 444 -22.83 40.21 -5.84
N GLU D 445 -21.62 40.42 -6.34
CA GLU D 445 -21.47 41.06 -7.64
C GLU D 445 -22.13 40.23 -8.73
N GLY D 446 -21.96 38.91 -8.67
CA GLY D 446 -22.61 38.04 -9.65
C GLY D 446 -24.12 38.11 -9.58
N LEU D 447 -24.67 38.18 -8.38
CA LEU D 447 -26.11 38.32 -8.23
C LEU D 447 -26.60 39.61 -8.84
N VAL D 448 -25.90 40.71 -8.58
CA VAL D 448 -26.29 41.98 -9.18
C VAL D 448 -26.23 41.89 -10.70
N ARG D 449 -25.17 41.27 -11.22
CA ARG D 449 -25.01 41.15 -12.66
C ARG D 449 -26.10 40.28 -13.28
N ALA D 450 -26.44 39.15 -12.64
CA ALA D 450 -27.49 38.29 -13.17
C ALA D 450 -28.84 38.98 -13.14
N ALA D 451 -29.14 39.71 -12.06
CA ALA D 451 -30.38 40.47 -12.00
C ALA D 451 -30.43 41.48 -13.12
N GLN D 452 -29.32 42.18 -13.35
CA GLN D 452 -29.25 43.16 -14.43
C GLN D 452 -29.48 42.49 -15.78
N SER D 453 -28.88 41.33 -15.99
CA SER D 453 -29.02 40.65 -17.27
C SER D 453 -30.46 40.22 -17.52
N THR D 454 -31.11 39.65 -16.51
CA THR D 454 -32.50 39.23 -16.68
C THR D 454 -33.43 40.42 -16.87
N ALA D 455 -33.11 41.55 -16.23
CA ALA D 455 -33.89 42.76 -16.48
C ALA D 455 -33.70 43.26 -17.90
N MET D 456 -32.46 43.22 -18.40
CA MET D 456 -32.13 43.68 -19.74
C MET D 456 -32.75 42.82 -20.83
N ASN D 457 -32.79 41.49 -20.61
CA ASN D 457 -33.15 40.55 -21.67
C ASN D 457 -34.58 40.73 -22.19
N ARG D 458 -35.44 41.43 -21.44
CA ARG D 458 -36.85 41.56 -21.83
C ARG D 458 -37.06 42.34 -23.12
N HIS D 459 -36.07 43.11 -23.58
CA HIS D 459 -36.25 43.97 -24.76
C HIS D 459 -35.58 43.38 -26.00
N ILE D 460 -35.32 42.08 -26.00
CA ILE D 460 -34.65 41.40 -27.11
C ILE D 460 -35.54 40.28 -27.61
N LYS D 461 -35.73 40.22 -28.93
CA LYS D 461 -36.51 39.17 -29.57
C LYS D 461 -35.57 38.22 -30.30
N ALA D 462 -35.66 36.94 -29.97
CA ALA D 462 -34.86 35.88 -30.59
C ALA D 462 -35.77 34.92 -31.33
N SER D 463 -35.17 33.92 -31.97
CA SER D 463 -35.78 32.91 -32.82
C SER D 463 -36.15 33.48 -34.19
N THR D 464 -35.98 34.78 -34.42
CA THR D 464 -36.24 35.40 -35.72
C THR D 464 -35.09 36.35 -36.05
N LYS D 465 -33.86 35.84 -35.91
CA LYS D 465 -32.65 36.65 -36.00
C LYS D 465 -32.55 37.51 -34.75
N VAL D 466 -31.66 38.50 -34.75
CA VAL D 466 -31.46 39.38 -33.61
C VAL D 466 -32.09 40.72 -33.94
N GLU D 467 -33.13 41.10 -33.19
CA GLU D 467 -33.80 42.37 -33.34
C GLU D 467 -33.94 43.00 -31.97
N VAL D 468 -33.63 44.29 -31.87
CA VAL D 468 -33.70 45.03 -30.61
C VAL D 468 -34.62 46.23 -30.83
N ASP D 469 -35.61 46.38 -29.96
CA ASP D 469 -36.54 47.49 -30.06
C ASP D 469 -35.87 48.77 -29.59
N MET D 470 -35.95 49.82 -30.42
CA MET D 470 -35.35 51.11 -30.09
C MET D 470 -36.38 52.09 -29.54
N GLU D 471 -37.64 51.68 -29.39
CA GLU D 471 -38.68 52.57 -28.88
C GLU D 471 -38.84 52.44 -27.37
N LYS D 472 -39.03 51.23 -26.87
CA LYS D 472 -39.20 51.01 -25.44
C LYS D 472 -37.88 50.94 -24.68
N ALA D 473 -36.74 50.97 -25.38
CA ALA D 473 -35.45 50.86 -24.70
C ALA D 473 -35.16 52.06 -23.81
N GLU D 474 -35.89 53.15 -23.94
CA GLU D 474 -35.68 54.34 -23.13
C GLU D 474 -36.42 54.29 -21.80
N SER D 475 -37.18 53.23 -21.53
CA SER D 475 -37.92 53.07 -20.29
C SER D 475 -37.47 51.83 -19.53
N LEU D 476 -36.15 51.63 -19.46
CA LEU D 476 -35.62 50.45 -18.78
C LEU D 476 -35.68 50.62 -17.27
N GLN D 477 -36.08 49.55 -16.58
CA GLN D 477 -36.16 49.55 -15.13
C GLN D 477 -35.82 48.16 -14.61
N VAL D 478 -35.38 48.12 -13.35
CA VAL D 478 -35.03 46.88 -12.67
C VAL D 478 -35.98 46.68 -11.49
N THR D 479 -36.67 45.55 -11.46
CA THR D 479 -37.72 45.27 -10.50
C THR D 479 -37.27 44.23 -9.48
N ARG D 480 -37.99 44.21 -8.36
CA ARG D 480 -37.71 43.24 -7.30
C ARG D 480 -37.90 41.80 -7.80
N GLY D 481 -38.87 41.60 -8.70
CA GLY D 481 -39.09 40.27 -9.24
C GLY D 481 -37.87 39.70 -9.92
N ASP D 482 -37.14 40.55 -10.66
CA ASP D 482 -35.91 40.10 -11.31
C ASP D 482 -34.90 39.65 -10.27
N PHE D 483 -34.73 40.42 -9.20
CA PHE D 483 -33.78 40.04 -8.16
C PHE D 483 -34.16 38.72 -7.53
N LEU D 484 -35.45 38.54 -7.21
CA LEU D 484 -35.88 37.30 -6.59
C LEU D 484 -35.67 36.11 -7.52
N ALA D 485 -36.02 36.26 -8.80
CA ALA D 485 -35.84 35.16 -9.74
C ALA D 485 -34.36 34.81 -9.89
N SER D 486 -33.50 35.83 -10.00
CA SER D 486 -32.07 35.57 -10.10
C SER D 486 -31.55 34.85 -8.86
N LEU D 487 -32.04 35.26 -7.67
CA LEU D 487 -31.62 34.60 -6.44
C LEU D 487 -32.03 33.15 -6.44
N GLU D 488 -33.24 32.84 -6.91
CA GLU D 488 -33.77 31.49 -6.82
C GLU D 488 -33.40 30.61 -8.00
N ASN D 489 -32.74 31.16 -9.02
CA ASN D 489 -32.39 30.40 -10.22
C ASN D 489 -30.90 30.20 -10.39
N ASP D 490 -30.10 31.26 -10.41
CA ASP D 490 -28.72 31.17 -10.87
C ASP D 490 -27.71 31.21 -9.73
N ILE D 491 -27.73 32.25 -8.90
CA ILE D 491 -26.69 32.41 -7.89
C ILE D 491 -26.92 31.40 -6.79
N LYS D 492 -25.86 30.71 -6.39
CA LYS D 492 -25.92 29.69 -5.34
C LYS D 492 -24.59 29.74 -4.60
N PRO D 493 -24.59 30.00 -3.29
CA PRO D 493 -23.32 30.02 -2.56
C PRO D 493 -22.72 28.62 -2.44
N ALA D 494 -21.48 28.58 -1.95
CA ALA D 494 -20.75 27.34 -1.77
C ALA D 494 -20.08 27.31 -0.41
N PHE D 495 -20.82 27.71 0.62
CA PHE D 495 -20.30 27.71 1.99
C PHE D 495 -21.51 27.62 2.91
N GLY D 496 -21.77 26.44 3.46
CA GLY D 496 -22.89 26.27 4.36
C GLY D 496 -23.95 25.32 3.83
N THR D 497 -25.19 25.58 4.20
CA THR D 497 -26.35 24.81 3.76
C THR D 497 -27.37 25.73 3.11
N ASN D 498 -28.10 25.19 2.14
CA ASN D 498 -28.98 25.98 1.30
C ASN D 498 -30.42 25.51 1.48
N GLN D 499 -31.34 26.31 0.95
CA GLN D 499 -32.77 26.06 1.13
C GLN D 499 -33.18 24.72 0.52
N GLU D 500 -32.49 24.26 -0.52
CA GLU D 500 -32.87 22.99 -1.16
C GLU D 500 -32.63 21.80 -0.25
N ASP D 501 -31.92 21.99 0.87
CA ASP D 501 -31.75 20.90 1.81
C ASP D 501 -32.93 20.82 2.77
N TYR D 502 -33.37 21.96 3.31
CA TYR D 502 -34.60 21.93 4.08
C TYR D 502 -35.76 21.47 3.21
N ALA D 503 -35.80 21.93 1.96
CA ALA D 503 -36.82 21.47 1.02
C ALA D 503 -36.69 19.99 0.69
N SER D 504 -35.54 19.38 0.97
CA SER D 504 -35.35 17.96 0.69
C SER D 504 -35.61 17.07 1.91
N TYR D 505 -35.39 17.57 3.12
CA TYR D 505 -35.63 16.78 4.33
C TYR D 505 -37.07 16.91 4.85
N ILE D 506 -37.59 18.13 4.92
CA ILE D 506 -38.97 18.37 5.31
C ILE D 506 -39.86 18.33 4.09
N MET D 507 -40.30 17.12 3.71
CA MET D 507 -40.98 16.93 2.44
C MET D 507 -42.44 17.34 2.49
N ASN D 508 -43.22 16.75 3.40
CA ASN D 508 -44.66 16.99 3.46
C ASN D 508 -45.06 17.97 4.55
N GLY D 509 -44.15 18.80 5.02
CA GLY D 509 -44.49 19.81 6.01
C GLY D 509 -44.70 19.23 7.39
N ILE D 510 -45.21 20.09 8.27
CA ILE D 510 -45.51 19.73 9.65
C ILE D 510 -46.97 20.01 9.94
N ILE D 511 -47.67 19.02 10.48
CA ILE D 511 -49.08 19.15 10.85
C ILE D 511 -49.20 18.85 12.34
N LYS D 512 -49.97 19.69 13.04
CA LYS D 512 -50.13 19.56 14.49
C LYS D 512 -51.30 18.64 14.78
N TRP D 513 -51.01 17.35 14.94
CA TRP D 513 -52.02 16.35 15.27
C TRP D 513 -52.16 16.13 16.78
N GLY D 514 -51.29 16.73 17.59
CA GLY D 514 -51.39 16.56 19.02
C GLY D 514 -50.39 17.45 19.74
N ASP D 515 -50.52 17.48 21.07
CA ASP D 515 -49.66 18.33 21.89
C ASP D 515 -48.18 17.90 21.92
N PRO D 516 -47.82 16.64 21.64
CA PRO D 516 -46.38 16.31 21.67
C PRO D 516 -45.56 17.22 20.76
N VAL D 517 -46.11 17.58 19.60
CA VAL D 517 -45.38 18.44 18.67
C VAL D 517 -45.08 19.79 19.31
N THR D 518 -46.10 20.40 19.93
CA THR D 518 -45.89 21.68 20.57
C THR D 518 -44.89 21.57 21.71
N ARG D 519 -44.96 20.48 22.49
CA ARG D 519 -44.01 20.30 23.58
C ARG D 519 -42.58 20.23 23.06
N VAL D 520 -42.37 19.43 22.01
CA VAL D 520 -41.04 19.28 21.44
C VAL D 520 -40.53 20.62 20.91
N LEU D 521 -41.39 21.35 20.19
CA LEU D 521 -40.96 22.62 19.62
C LEU D 521 -40.60 23.62 20.71
N ASP D 522 -41.39 23.66 21.79
CA ASP D 522 -41.07 24.58 22.88
C ASP D 522 -39.76 24.21 23.55
N ASP D 523 -39.52 22.90 23.76
CA ASP D 523 -38.24 22.49 24.34
C ASP D 523 -37.07 22.90 23.45
N GLY D 524 -37.21 22.71 22.14
CA GLY D 524 -36.16 23.16 21.23
C GLY D 524 -35.93 24.65 21.31
N GLU D 525 -37.01 25.43 21.39
CA GLU D 525 -36.88 26.88 21.50
C GLU D 525 -36.10 27.24 22.76
N LEU D 526 -36.44 26.62 23.88
CA LEU D 526 -35.74 26.92 25.13
C LEU D 526 -34.26 26.58 25.02
N LEU D 527 -33.94 25.43 24.42
CA LEU D 527 -32.54 25.05 24.28
C LEU D 527 -31.76 26.04 23.42
N VAL D 528 -32.35 26.45 22.30
CA VAL D 528 -31.66 27.37 21.41
C VAL D 528 -31.45 28.72 22.10
N GLN D 529 -32.46 29.21 22.81
CA GLN D 529 -32.29 30.48 23.51
C GLN D 529 -31.18 30.37 24.56
N GLN D 530 -31.16 29.26 25.31
CA GLN D 530 -30.12 29.08 26.32
C GLN D 530 -28.74 29.13 25.69
N THR D 531 -28.53 28.37 24.61
CA THR D 531 -27.20 28.38 24.01
C THR D 531 -26.85 29.76 23.46
N LYS D 532 -27.85 30.49 22.95
CA LYS D 532 -27.56 31.82 22.40
C LYS D 532 -27.14 32.80 23.48
N ASN D 533 -27.85 32.82 24.60
N ASN D 533 -27.84 32.82 24.61
CA ASN D 533 -27.61 33.83 25.63
CA ASN D 533 -27.60 33.86 25.62
C ASN D 533 -26.60 33.39 26.68
C ASN D 533 -26.71 33.42 26.77
N SER D 534 -26.62 32.12 27.06
CA SER D 534 -25.79 31.67 28.18
C SER D 534 -24.30 31.79 27.84
N ASP D 535 -23.51 32.07 28.88
CA ASP D 535 -22.06 32.24 28.74
C ASP D 535 -21.23 31.28 29.59
N ARG D 536 -21.80 30.65 30.61
CA ARG D 536 -21.07 29.64 31.37
C ARG D 536 -20.93 28.33 30.59
N THR D 537 -21.84 28.07 29.65
CA THR D 537 -21.89 26.81 28.91
C THR D 537 -21.93 27.12 27.42
N PRO D 538 -20.77 27.30 26.78
CA PRO D 538 -20.78 27.57 25.33
C PRO D 538 -21.13 26.36 24.48
N LEU D 539 -21.11 25.15 25.03
CA LEU D 539 -21.45 23.94 24.28
C LEU D 539 -22.62 23.25 24.94
N VAL D 540 -23.64 22.95 24.13
CA VAL D 540 -24.84 22.26 24.60
C VAL D 540 -25.19 21.15 23.62
N SER D 541 -25.68 20.04 24.14
CA SER D 541 -26.05 18.89 23.32
C SER D 541 -27.46 18.43 23.71
N VAL D 542 -28.08 17.69 22.79
CA VAL D 542 -29.42 17.15 23.01
C VAL D 542 -29.60 15.95 22.10
N LEU D 543 -30.42 15.00 22.55
CA LEU D 543 -30.67 13.76 21.81
C LEU D 543 -32.17 13.59 21.63
N LEU D 544 -32.60 13.35 20.39
CA LEU D 544 -34.00 13.09 20.07
C LEU D 544 -34.16 11.59 19.85
N GLU D 545 -34.99 10.95 20.67
CA GLU D 545 -35.12 9.50 20.67
C GLU D 545 -36.59 9.12 20.52
N GLY D 546 -36.81 7.89 20.05
CA GLY D 546 -38.14 7.36 19.88
C GLY D 546 -38.16 6.12 19.00
N PRO D 547 -39.34 5.57 18.76
CA PRO D 547 -39.44 4.37 17.91
C PRO D 547 -39.18 4.69 16.45
N PRO D 548 -38.96 3.66 15.62
CA PRO D 548 -38.76 3.89 14.19
C PRO D 548 -40.05 4.35 13.52
N HIS D 549 -39.89 5.16 12.48
CA HIS D 549 -41.02 5.70 11.74
C HIS D 549 -41.84 6.66 12.59
N SER D 550 -41.17 7.55 13.30
CA SER D 550 -41.86 8.51 14.16
C SER D 550 -41.80 9.93 13.66
N GLY D 551 -40.67 10.34 13.06
CA GLY D 551 -40.54 11.69 12.55
C GLY D 551 -39.44 12.50 13.22
N LYS D 552 -38.41 11.81 13.70
CA LYS D 552 -37.32 12.50 14.40
C LYS D 552 -36.59 13.47 13.49
N THR D 553 -36.18 13.06 12.28
CA THR D 553 -35.34 13.88 11.41
C THR D 553 -36.06 15.17 11.00
N ALA D 554 -37.34 15.07 10.64
CA ALA D 554 -38.07 16.27 10.24
C ALA D 554 -38.15 17.27 11.38
N LEU D 555 -38.44 16.80 12.59
CA LEU D 555 -38.53 17.71 13.73
C LEU D 555 -37.18 18.36 14.03
N ALA D 556 -36.10 17.58 13.95
CA ALA D 556 -34.78 18.15 14.18
C ALA D 556 -34.46 19.21 13.14
N ALA D 557 -34.77 18.93 11.87
CA ALA D 557 -34.52 19.90 10.82
C ALA D 557 -35.34 21.17 11.04
N LYS D 558 -36.59 21.04 11.46
CA LYS D 558 -37.41 22.23 11.71
C LYS D 558 -36.85 23.04 12.88
N ILE D 559 -36.42 22.37 13.95
CA ILE D 559 -35.84 23.09 15.08
C ILE D 559 -34.58 23.83 14.66
N ALA D 560 -33.74 23.18 13.85
CA ALA D 560 -32.53 23.85 13.37
C ALA D 560 -32.88 25.05 12.49
N GLU D 561 -33.88 24.89 11.61
CA GLU D 561 -34.23 25.97 10.69
C GLU D 561 -34.78 27.17 11.43
N GLU D 562 -35.60 26.95 12.45
CA GLU D 562 -36.25 28.03 13.18
C GLU D 562 -35.34 28.73 14.19
N SER D 563 -34.03 28.53 14.10
CA SER D 563 -33.11 29.17 15.04
C SER D 563 -32.49 30.45 14.49
N ASN D 564 -32.50 30.65 13.17
CA ASN D 564 -31.96 31.86 12.55
C ASN D 564 -30.50 32.08 12.92
N PHE D 565 -29.74 30.99 12.98
CA PHE D 565 -28.30 31.10 13.20
C PHE D 565 -27.59 31.38 11.87
N PRO D 566 -26.41 32.00 11.90
CA PRO D 566 -25.69 32.26 10.64
C PRO D 566 -25.21 31.00 9.93
N PHE D 567 -24.55 30.09 10.64
CA PHE D 567 -24.01 28.88 10.04
C PHE D 567 -24.84 27.68 10.47
N ILE D 568 -25.37 26.94 9.49
CA ILE D 568 -26.14 25.73 9.75
C ILE D 568 -25.69 24.67 8.74
N LYS D 569 -25.48 23.45 9.21
CA LYS D 569 -25.00 22.36 8.38
C LYS D 569 -25.68 21.07 8.81
N ILE D 570 -25.80 20.12 7.88
CA ILE D 570 -26.41 18.83 8.15
C ILE D 570 -25.47 17.74 7.63
N CYS D 571 -25.09 16.83 8.52
CA CYS D 571 -24.15 15.75 8.23
C CYS D 571 -24.92 14.44 8.26
N SER D 572 -25.45 14.06 7.10
CA SER D 572 -26.22 12.84 6.97
C SER D 572 -25.35 11.70 6.47
N PRO D 573 -25.75 10.45 6.66
CA PRO D 573 -24.89 9.32 6.29
C PRO D 573 -25.07 8.83 4.85
N ASP D 574 -25.93 9.45 4.06
CA ASP D 574 -26.14 9.04 2.68
C ASP D 574 -25.25 9.78 1.70
N LYS D 575 -24.37 10.66 2.20
CA LYS D 575 -23.38 11.33 1.37
C LYS D 575 -22.02 10.62 1.39
N MET D 576 -21.90 9.51 2.11
CA MET D 576 -20.63 8.80 2.27
C MET D 576 -20.84 7.31 2.09
N ILE D 577 -21.55 6.95 1.02
CA ILE D 577 -21.81 5.54 0.72
C ILE D 577 -20.53 4.90 0.19
N GLY D 578 -20.14 3.78 0.80
CA GLY D 578 -18.95 3.07 0.40
C GLY D 578 -17.67 3.53 1.05
N PHE D 579 -17.70 4.60 1.84
CA PHE D 579 -16.50 5.10 2.49
C PHE D 579 -16.02 4.10 3.54
N SER D 580 -14.72 4.14 3.81
CA SER D 580 -14.14 3.33 4.87
C SER D 580 -14.16 4.12 6.18
N GLU D 581 -13.48 3.60 7.19
CA GLU D 581 -13.48 4.27 8.49
C GLU D 581 -12.71 5.59 8.43
N THR D 582 -11.54 5.57 7.80
CA THR D 582 -10.72 6.79 7.78
C THR D 582 -11.41 7.91 7.02
N ALA D 583 -12.07 7.59 5.91
CA ALA D 583 -12.76 8.61 5.15
C ALA D 583 -13.90 9.22 5.96
N LYS D 584 -14.65 8.39 6.68
CA LYS D 584 -15.73 8.91 7.50
C LYS D 584 -15.19 9.82 8.61
N CYS D 585 -14.10 9.40 9.26
CA CYS D 585 -13.52 10.23 10.31
C CYS D 585 -13.06 11.57 9.75
N GLN D 586 -12.37 11.57 8.60
CA GLN D 586 -11.91 12.82 8.01
C GLN D 586 -13.09 13.70 7.62
N ALA D 587 -14.15 13.11 7.06
CA ALA D 587 -15.32 13.91 6.70
C ALA D 587 -15.93 14.57 7.91
N MET D 588 -16.09 13.82 9.01
CA MET D 588 -16.65 14.39 10.23
C MET D 588 -15.76 15.51 10.76
N LYS D 589 -14.45 15.30 10.77
CA LYS D 589 -13.54 16.33 11.24
C LYS D 589 -13.64 17.60 10.40
N LYS D 590 -13.71 17.44 9.08
CA LYS D 590 -13.82 18.61 8.21
C LYS D 590 -15.15 19.32 8.44
N ILE D 591 -16.23 18.57 8.61
CA ILE D 591 -17.53 19.20 8.85
C ILE D 591 -17.49 19.99 10.15
N PHE D 592 -16.79 19.47 11.16
CA PHE D 592 -16.74 20.16 12.44
C PHE D 592 -15.80 21.38 12.40
N ASP D 593 -14.76 21.33 11.58
CA ASP D 593 -13.79 22.42 11.56
C ASP D 593 -14.43 23.74 11.12
N ASP D 594 -15.30 23.69 10.12
CA ASP D 594 -15.93 24.92 9.63
C ASP D 594 -16.75 25.58 10.73
N ALA D 595 -17.40 24.79 11.58
CA ALA D 595 -18.21 25.36 12.65
C ALA D 595 -17.38 26.10 13.69
N TYR D 596 -16.06 25.90 13.70
CA TYR D 596 -15.17 26.62 14.61
C TYR D 596 -14.72 27.96 14.07
N LYS D 597 -15.06 28.31 12.83
CA LYS D 597 -14.68 29.60 12.24
C LYS D 597 -15.87 30.54 12.08
N SER D 598 -16.89 30.39 12.92
CA SER D 598 -18.04 31.28 12.92
C SER D 598 -18.23 31.80 14.33
N GLN D 599 -19.33 32.52 14.56
CA GLN D 599 -19.61 33.13 15.85
C GLN D 599 -20.53 32.29 16.73
N LEU D 600 -21.59 31.74 16.15
CA LEU D 600 -22.44 30.80 16.87
C LEU D 600 -23.12 29.90 15.85
N SER D 601 -22.98 28.58 16.02
CA SER D 601 -23.35 27.65 14.97
C SER D 601 -24.12 26.46 15.54
N CYS D 602 -24.82 25.75 14.65
CA CYS D 602 -25.58 24.56 14.99
C CYS D 602 -25.27 23.46 13.99
N VAL D 603 -25.25 22.21 14.46
CA VAL D 603 -24.93 21.05 13.64
C VAL D 603 -25.88 19.92 13.99
N VAL D 604 -26.25 19.14 12.96
CA VAL D 604 -27.18 18.04 13.10
C VAL D 604 -26.48 16.74 12.70
N VAL D 605 -26.63 15.72 13.53
CA VAL D 605 -26.08 14.39 13.29
C VAL D 605 -27.26 13.43 13.38
N ASP D 606 -27.81 13.05 12.23
CA ASP D 606 -29.00 12.21 12.19
C ASP D 606 -28.63 10.77 11.85
N ASP D 607 -29.40 9.84 12.42
CA ASP D 607 -29.20 8.41 12.24
C ASP D 607 -27.80 8.01 12.74
N ILE D 608 -27.61 8.18 14.05
CA ILE D 608 -26.32 7.84 14.66
C ILE D 608 -26.03 6.35 14.50
N GLU D 609 -27.05 5.51 14.61
CA GLU D 609 -26.83 4.07 14.57
C GLU D 609 -26.30 3.61 13.21
N ARG D 610 -26.44 4.44 12.17
CA ARG D 610 -25.88 4.13 10.86
C ARG D 610 -24.50 4.71 10.65
N LEU D 611 -24.15 5.81 11.32
CA LEU D 611 -22.82 6.37 11.19
C LEU D 611 -21.76 5.37 11.64
N LEU D 612 -22.00 4.72 12.77
CA LEU D 612 -21.20 3.58 13.21
C LEU D 612 -22.00 2.32 12.91
N ASP D 613 -21.42 1.42 12.13
CA ASP D 613 -22.18 0.34 11.53
C ASP D 613 -22.61 -0.71 12.54
N TYR D 614 -23.81 -0.54 13.11
CA TYR D 614 -24.32 -1.47 14.11
C TYR D 614 -25.13 -2.57 13.43
N VAL D 615 -25.01 -3.77 13.97
CA VAL D 615 -25.79 -4.92 13.49
C VAL D 615 -26.03 -5.87 14.66
N PRO D 616 -27.27 -6.22 14.99
CA PRO D 616 -27.50 -7.03 16.19
C PRO D 616 -26.71 -8.33 16.21
N ILE D 617 -26.58 -9.01 15.08
CA ILE D 617 -25.73 -10.19 15.03
C ILE D 617 -24.31 -9.79 15.37
N GLY D 618 -23.64 -10.60 16.18
CA GLY D 618 -22.37 -10.23 16.74
C GLY D 618 -22.45 -9.89 18.22
N PRO D 619 -22.50 -8.61 18.56
CA PRO D 619 -22.62 -7.42 17.69
C PRO D 619 -21.31 -6.99 17.05
N ARG D 620 -21.40 -6.25 15.95
N ARG D 620 -21.39 -6.24 15.96
CA ARG D 620 -20.23 -5.73 15.24
CA ARG D 620 -20.22 -5.73 15.26
C ARG D 620 -20.44 -4.24 14.99
C ARG D 620 -20.43 -4.26 14.95
N PHE D 621 -19.34 -3.48 14.98
CA PHE D 621 -19.42 -2.06 14.70
C PHE D 621 -18.02 -1.50 14.51
N SER D 622 -17.96 -0.18 14.37
CA SER D 622 -16.70 0.52 14.15
C SER D 622 -16.33 1.28 15.43
N ASN D 623 -15.10 1.07 15.88
CA ASN D 623 -14.60 1.70 17.09
C ASN D 623 -13.96 3.06 16.86
N LEU D 624 -13.29 3.25 15.71
CA LEU D 624 -12.66 4.54 15.43
C LEU D 624 -13.70 5.66 15.39
N VAL D 625 -14.81 5.44 14.69
CA VAL D 625 -15.84 6.48 14.58
C VAL D 625 -16.48 6.73 15.93
N LEU D 626 -16.68 5.67 16.72
CA LEU D 626 -17.27 5.85 18.04
C LEU D 626 -16.37 6.71 18.91
N GLN D 627 -15.06 6.47 18.88
CA GLN D 627 -14.16 7.29 19.69
C GLN D 627 -14.09 8.72 19.17
N ALA D 628 -14.10 8.90 17.86
CA ALA D 628 -14.12 10.25 17.32
C ALA D 628 -15.36 11.01 17.80
N LEU D 629 -16.52 10.36 17.77
CA LEU D 629 -17.73 11.01 18.25
C LEU D 629 -17.64 11.31 19.74
N LEU D 630 -17.15 10.36 20.53
CA LEU D 630 -17.08 10.58 21.98
C LEU D 630 -16.11 11.70 22.33
N VAL D 631 -15.09 11.93 21.49
CA VAL D 631 -14.16 13.02 21.77
C VAL D 631 -14.72 14.35 21.29
N LEU D 632 -15.40 14.36 20.14
CA LEU D 632 -15.88 15.63 19.59
C LEU D 632 -17.07 16.19 20.35
N LEU D 633 -17.70 15.41 21.22
CA LEU D 633 -18.87 15.86 21.96
C LEU D 633 -18.51 16.57 23.26
N LYS D 634 -17.23 16.64 23.60
CA LYS D 634 -16.79 17.26 24.85
C LYS D 634 -15.70 18.30 24.66
N LYS D 635 -15.36 18.66 23.42
CA LYS D 635 -14.31 19.63 23.13
C LYS D 635 -14.95 20.97 22.81
N ALA D 636 -14.68 21.97 23.64
CA ALA D 636 -15.30 23.27 23.45
C ALA D 636 -14.58 24.03 22.33
N PRO D 637 -15.28 24.93 21.65
CA PRO D 637 -14.64 25.70 20.59
C PRO D 637 -13.76 26.80 21.16
N PRO D 638 -13.07 27.55 20.31
CA PRO D 638 -12.19 28.61 20.82
C PRO D 638 -12.95 29.60 21.68
N GLN D 639 -12.19 30.48 22.33
CA GLN D 639 -12.77 31.41 23.30
C GLN D 639 -13.80 32.32 22.63
N GLY D 640 -14.93 32.50 23.32
CA GLY D 640 -15.96 33.41 22.86
C GLY D 640 -16.81 32.94 21.71
N ARG D 641 -16.89 31.64 21.46
CA ARG D 641 -17.66 31.08 20.36
C ARG D 641 -18.57 29.98 20.89
N LYS D 642 -19.68 29.75 20.21
CA LYS D 642 -20.75 28.90 20.73
C LYS D 642 -21.23 27.93 19.67
N LEU D 643 -21.53 26.71 20.11
CA LEU D 643 -21.90 25.63 19.22
C LEU D 643 -23.06 24.84 19.84
N LEU D 644 -23.93 24.33 18.98
CA LEU D 644 -25.03 23.47 19.39
C LEU D 644 -25.03 22.22 18.52
N ILE D 645 -25.25 21.06 19.14
CA ILE D 645 -25.23 19.78 18.45
C ILE D 645 -26.54 19.07 18.73
N ILE D 646 -27.21 18.61 17.68
CA ILE D 646 -28.46 17.87 17.79
C ILE D 646 -28.27 16.51 17.15
N GLY D 647 -28.37 15.45 17.95
CA GLY D 647 -28.20 14.10 17.48
C GLY D 647 -29.49 13.32 17.53
N THR D 648 -29.74 12.52 16.51
CA THR D 648 -30.94 11.71 16.42
C THR D 648 -30.58 10.23 16.32
N THR D 649 -31.40 9.38 16.92
CA THR D 649 -31.18 7.94 16.95
C THR D 649 -32.52 7.24 17.13
N SER D 650 -32.49 5.91 17.14
CA SER D 650 -33.70 5.12 17.38
C SER D 650 -33.50 3.95 18.33
N ARG D 651 -32.28 3.73 18.85
CA ARG D 651 -32.00 2.61 19.75
C ARG D 651 -31.30 3.18 20.98
N LYS D 652 -32.09 3.58 21.98
CA LYS D 652 -31.52 4.23 23.15
C LYS D 652 -30.78 3.25 24.05
N ASP D 653 -31.28 2.02 24.19
CA ASP D 653 -30.64 1.08 25.11
C ASP D 653 -29.23 0.74 24.67
N VAL D 654 -29.01 0.57 23.36
CA VAL D 654 -27.67 0.27 22.86
C VAL D 654 -26.72 1.41 23.19
N LEU D 655 -27.17 2.65 22.96
CA LEU D 655 -26.34 3.80 23.31
C LEU D 655 -26.05 3.84 24.81
N GLN D 656 -27.02 3.43 25.63
CA GLN D 656 -26.78 3.34 27.05
C GLN D 656 -25.68 2.33 27.36
N GLU D 657 -25.67 1.20 26.64
CA GLU D 657 -24.67 0.18 26.88
C GLU D 657 -23.27 0.62 26.47
N MET D 658 -23.16 1.64 25.62
CA MET D 658 -21.85 2.12 25.19
C MET D 658 -21.30 3.26 26.04
N GLU D 659 -21.99 3.64 27.13
CA GLU D 659 -21.56 4.75 27.98
C GLU D 659 -21.52 6.07 27.18
N MET D 660 -22.49 6.20 26.28
CA MET D 660 -22.59 7.39 25.44
C MET D 660 -23.75 8.29 25.83
N LEU D 661 -24.54 7.93 26.84
CA LEU D 661 -25.69 8.75 27.20
C LEU D 661 -25.33 9.75 28.27
N ASN D 662 -24.19 9.57 28.95
N ASN D 662 -24.20 9.54 28.97
CA ASN D 662 -23.71 10.57 29.88
CA ASN D 662 -23.69 10.55 29.88
C ASN D 662 -23.13 11.76 29.14
C ASN D 662 -23.17 11.77 29.12
N ALA D 663 -22.53 11.53 27.97
CA ALA D 663 -21.92 12.63 27.23
C ALA D 663 -22.96 13.61 26.72
N PHE D 664 -24.22 13.19 26.61
CA PHE D 664 -25.27 14.10 26.18
C PHE D 664 -25.84 14.84 27.39
N SER D 665 -26.23 16.10 27.16
CA SER D 665 -26.71 16.93 28.27
C SER D 665 -28.13 16.55 28.69
N THR D 666 -28.98 16.17 27.75
CA THR D 666 -30.38 15.87 28.07
C THR D 666 -30.91 14.92 27.00
N THR D 667 -32.24 14.73 27.00
CA THR D 667 -32.88 13.81 26.07
C THR D 667 -34.34 14.20 25.92
N ILE D 668 -34.86 14.01 24.71
CA ILE D 668 -36.25 14.31 24.38
C ILE D 668 -36.86 13.09 23.70
N HIS D 669 -38.13 12.84 24.01
CA HIS D 669 -38.86 11.66 23.55
C HIS D 669 -39.90 12.08 22.51
N VAL D 670 -39.93 11.38 21.39
CA VAL D 670 -40.86 11.67 20.30
C VAL D 670 -41.83 10.50 20.20
N PRO D 671 -43.08 10.62 20.68
CA PRO D 671 -43.95 9.44 20.76
C PRO D 671 -44.73 9.16 19.48
N ASN D 672 -45.44 8.04 19.46
CA ASN D 672 -46.30 7.63 18.37
C ASN D 672 -47.75 7.99 18.64
N ILE D 673 -48.57 7.87 17.59
CA ILE D 673 -50.01 8.04 17.73
C ILE D 673 -50.57 6.90 18.58
N ALA D 674 -51.33 7.24 19.62
CA ALA D 674 -51.76 6.24 20.59
C ALA D 674 -53.21 6.42 21.00
N THR D 675 -54.06 6.89 20.10
CA THR D 675 -55.47 7.05 20.43
C THR D 675 -56.29 7.28 19.17
N GLY D 676 -57.54 6.81 19.19
CA GLY D 676 -58.39 6.92 18.01
C GLY D 676 -58.66 8.36 17.64
N GLU D 677 -58.84 9.22 18.63
CA GLU D 677 -59.10 10.63 18.36
C GLU D 677 -57.94 11.26 17.58
N GLN D 678 -56.71 10.92 17.95
CA GLN D 678 -55.56 11.46 17.24
C GLN D 678 -55.53 10.97 15.79
N LEU D 679 -55.87 9.71 15.56
CA LEU D 679 -55.93 9.19 14.20
C LEU D 679 -56.99 9.91 13.39
N LEU D 680 -58.17 10.13 13.98
CA LEU D 680 -59.22 10.85 13.27
C LEU D 680 -58.81 12.27 12.96
N GLU D 681 -58.14 12.94 13.91
CA GLU D 681 -57.68 14.30 13.67
C GLU D 681 -56.65 14.33 12.54
N ALA D 682 -55.73 13.37 12.52
CA ALA D 682 -54.75 13.32 11.44
C ALA D 682 -55.42 13.11 10.10
N LEU D 683 -56.38 12.19 10.03
CA LEU D 683 -57.09 11.95 8.77
C LEU D 683 -57.84 13.19 8.33
N GLU D 684 -58.49 13.88 9.27
CA GLU D 684 -59.23 15.09 8.93
C GLU D 684 -58.29 16.16 8.39
N LEU D 685 -57.13 16.35 9.03
CA LEU D 685 -56.21 17.38 8.59
C LEU D 685 -55.63 17.04 7.22
N LEU D 686 -55.34 15.76 6.97
CA LEU D 686 -54.75 15.39 5.69
C LEU D 686 -55.70 15.70 4.54
N GLY D 687 -56.99 15.40 4.70
CA GLY D 687 -57.98 15.72 3.68
C GLY D 687 -58.43 14.53 2.84
N ASN D 688 -58.59 13.38 3.47
CA ASN D 688 -58.99 12.16 2.76
C ASN D 688 -60.07 11.45 3.56
N PHE D 689 -60.89 10.66 2.86
CA PHE D 689 -61.98 9.91 3.47
C PHE D 689 -62.90 10.84 4.26
N LYS D 690 -63.54 11.73 3.52
CA LYS D 690 -64.39 12.77 4.08
C LYS D 690 -65.85 12.34 4.05
N ASP D 691 -66.73 13.25 4.46
CA ASP D 691 -68.16 13.01 4.65
C ASP D 691 -68.43 11.62 5.21
N LYS D 692 -69.42 10.90 4.64
CA LYS D 692 -69.89 9.67 5.27
C LYS D 692 -68.77 8.65 5.39
N GLU D 693 -67.85 8.62 4.42
CA GLU D 693 -66.76 7.65 4.46
C GLU D 693 -65.97 7.76 5.76
N ARG D 694 -65.88 8.97 6.33
CA ARG D 694 -65.19 9.13 7.60
C ARG D 694 -65.93 8.42 8.72
N THR D 695 -67.26 8.56 8.74
CA THR D 695 -68.06 8.04 9.86
C THR D 695 -67.79 6.56 10.07
N THR D 696 -67.79 5.78 8.99
CA THR D 696 -67.55 4.35 9.11
C THR D 696 -66.23 4.07 9.84
N ILE D 697 -65.17 4.78 9.47
CA ILE D 697 -63.88 4.56 10.11
C ILE D 697 -63.99 4.81 11.60
N ALA D 698 -64.77 5.81 11.99
CA ALA D 698 -64.97 6.12 13.39
C ALA D 698 -65.73 5.03 14.14
N GLN D 699 -66.65 4.34 13.47
CA GLN D 699 -67.50 3.38 14.17
C GLN D 699 -66.70 2.22 14.74
N GLN D 700 -65.74 1.69 13.97
CA GLN D 700 -65.04 0.46 14.32
C GLN D 700 -63.65 0.70 14.89
N VAL D 701 -63.30 1.95 15.18
CA VAL D 701 -61.97 2.30 15.65
C VAL D 701 -61.99 2.86 17.06
N LYS D 702 -63.00 3.67 17.41
CA LYS D 702 -63.00 4.32 18.71
C LYS D 702 -63.06 3.33 19.86
N GLY D 703 -63.52 2.10 19.62
CA GLY D 703 -63.71 1.14 20.69
C GLY D 703 -62.49 0.30 20.99
N LYS D 704 -61.31 0.84 20.76
CA LYS D 704 -60.05 0.14 21.05
C LYS D 704 -58.92 1.15 20.91
N LYS D 705 -57.69 0.66 21.00
CA LYS D 705 -56.49 1.49 20.86
C LYS D 705 -55.75 1.09 19.59
N VAL D 706 -54.91 2.01 19.11
CA VAL D 706 -54.12 1.80 17.90
C VAL D 706 -52.68 2.20 18.18
N TRP D 707 -51.78 1.71 17.32
N TRP D 707 -51.77 1.68 17.35
CA TRP D 707 -50.36 1.95 17.47
CA TRP D 707 -50.36 1.99 17.48
C TRP D 707 -49.75 2.00 16.06
C TRP D 707 -49.76 2.00 16.07
N ILE D 708 -49.41 3.19 15.59
CA ILE D 708 -48.91 3.38 14.24
C ILE D 708 -48.12 4.66 14.18
N GLY D 709 -47.06 4.67 13.36
CA GLY D 709 -46.30 5.88 13.14
C GLY D 709 -46.99 6.82 12.17
N ILE D 710 -46.30 7.90 11.83
CA ILE D 710 -46.89 8.89 10.92
C ILE D 710 -46.52 8.56 9.47
N LYS D 711 -45.28 8.12 9.25
CA LYS D 711 -44.87 7.73 7.91
C LYS D 711 -45.73 6.56 7.40
N LYS D 712 -45.90 5.54 8.24
CA LYS D 712 -46.72 4.40 7.86
C LYS D 712 -48.16 4.80 7.58
N LEU D 713 -48.66 5.83 8.27
CA LEU D 713 -50.03 6.29 8.00
C LEU D 713 -50.15 6.82 6.58
N LEU D 714 -49.19 7.64 6.15
CA LEU D 714 -49.20 8.13 4.78
C LEU D 714 -49.09 6.98 3.79
N MET D 715 -48.18 6.03 4.06
CA MET D 715 -48.03 4.92 3.13
C MET D 715 -49.31 4.10 3.02
N LEU D 716 -49.97 3.84 4.15
CA LEU D 716 -51.20 3.07 4.11
C LEU D 716 -52.30 3.82 3.37
N ILE D 717 -52.42 5.13 3.58
CA ILE D 717 -53.44 5.89 2.88
C ILE D 717 -53.21 5.82 1.38
N GLU D 718 -51.96 6.03 0.96
CA GLU D 718 -51.65 5.99 -0.47
C GLU D 718 -51.92 4.61 -1.05
N MET D 719 -51.55 3.55 -0.31
CA MET D 719 -51.82 2.20 -0.77
C MET D 719 -53.32 1.96 -0.92
N SER D 720 -54.11 2.47 0.02
CA SER D 720 -55.54 2.22 0.00
C SER D 720 -56.20 2.95 -1.16
N LEU D 721 -55.70 4.14 -1.51
CA LEU D 721 -56.36 4.96 -2.52
C LEU D 721 -56.32 4.34 -3.91
N GLN D 722 -55.53 3.30 -4.14
CA GLN D 722 -55.38 2.76 -5.49
C GLN D 722 -56.52 1.82 -5.89
N MET D 723 -57.35 1.37 -4.96
CA MET D 723 -58.45 0.49 -5.31
C MET D 723 -59.63 1.32 -5.84
N ASP D 724 -60.57 0.64 -6.48
CA ASP D 724 -61.74 1.34 -7.02
C ASP D 724 -62.59 1.90 -5.88
N PRO D 725 -63.34 2.98 -6.14
CA PRO D 725 -64.10 3.61 -5.07
C PRO D 725 -65.30 2.79 -4.63
N GLU D 726 -65.18 2.15 -3.47
CA GLU D 726 -66.18 1.26 -2.87
C GLU D 726 -65.46 0.33 -1.90
N TYR D 727 -64.28 -0.18 -2.28
CA TYR D 727 -63.50 -1.06 -1.42
C TYR D 727 -62.32 -0.35 -0.75
N ARG D 728 -62.30 0.99 -0.80
CA ARG D 728 -61.18 1.73 -0.21
C ARG D 728 -61.19 1.64 1.31
N VAL D 729 -62.35 1.85 1.92
CA VAL D 729 -62.43 1.80 3.38
C VAL D 729 -62.12 0.40 3.89
N ARG D 730 -62.65 -0.62 3.21
CA ARG D 730 -62.39 -2.00 3.65
C ARG D 730 -60.90 -2.32 3.57
N LYS D 731 -60.25 -1.95 2.47
CA LYS D 731 -58.82 -2.21 2.34
C LYS D 731 -58.03 -1.45 3.41
N PHE D 732 -58.39 -0.20 3.66
CA PHE D 732 -57.67 0.57 4.68
C PHE D 732 -57.81 -0.07 6.04
N LEU D 733 -59.03 -0.49 6.40
CA LEU D 733 -59.24 -1.10 7.70
C LEU D 733 -58.49 -2.43 7.81
N ALA D 734 -58.51 -3.24 6.74
CA ALA D 734 -57.79 -4.50 6.77
C ALA D 734 -56.30 -4.29 6.93
N LEU D 735 -55.74 -3.33 6.18
CA LEU D 735 -54.32 -3.04 6.29
C LEU D 735 -53.96 -2.56 7.70
N LEU D 736 -54.78 -1.69 8.28
CA LEU D 736 -54.52 -1.24 9.64
C LEU D 736 -54.58 -2.39 10.63
N ARG D 737 -55.57 -3.28 10.48
CA ARG D 737 -55.68 -4.41 11.40
C ARG D 737 -54.51 -5.37 11.24
N GLU D 738 -53.95 -5.50 10.04
CA GLU D 738 -52.77 -6.34 9.87
C GLU D 738 -51.60 -5.83 10.70
N GLU D 739 -51.41 -4.51 10.73
CA GLU D 739 -50.32 -3.89 11.49
C GLU D 739 -50.77 -3.67 12.94
N GLY D 740 -51.10 -4.77 13.60
CA GLY D 740 -51.57 -4.74 14.98
C GLY D 740 -50.51 -5.26 15.93
N ALA D 741 -50.11 -4.39 16.85
CA ALA D 741 -49.11 -4.71 17.87
C ALA D 741 -49.27 -3.69 18.99
N SER D 742 -48.33 -3.70 19.94
CA SER D 742 -48.35 -2.79 21.06
C SER D 742 -46.99 -2.83 21.73
N PRO D 743 -46.70 -1.85 22.63
CA PRO D 743 -45.40 -1.83 23.31
C PRO D 743 -45.12 -3.10 24.10
N GLN E 209 51.36 41.97 16.94
CA GLN E 209 50.12 41.81 16.20
C GLN E 209 50.25 40.72 15.16
N SER E 210 49.65 39.55 15.43
CA SER E 210 49.63 38.47 14.44
C SER E 210 48.32 38.50 13.65
N ILE E 211 47.19 38.34 14.34
CA ILE E 211 45.89 38.31 13.68
C ILE E 211 44.87 39.17 14.42
N ILE E 212 44.69 38.92 15.72
CA ILE E 212 43.64 39.60 16.47
C ILE E 212 43.92 41.11 16.52
N ASN E 213 42.84 41.88 16.66
CA ASN E 213 42.94 43.34 16.75
C ASN E 213 42.59 43.82 18.15
N PRO E 214 43.00 45.04 18.49
CA PRO E 214 42.86 45.50 19.89
C PRO E 214 41.42 45.50 20.40
N ASP E 215 40.45 45.83 19.56
CA ASP E 215 39.08 46.08 19.99
C ASP E 215 38.31 44.77 20.04
N TRP E 216 38.30 44.12 21.21
CA TRP E 216 37.62 42.85 21.45
C TRP E 216 36.48 43.04 22.45
N ASN E 217 35.70 44.11 22.32
CA ASN E 217 34.57 44.30 23.22
C ASN E 217 33.53 43.19 23.04
N PHE E 218 33.18 42.89 21.78
CA PHE E 218 32.19 41.85 21.49
C PHE E 218 30.76 42.30 21.77
N GLU E 219 30.59 43.50 22.35
CA GLU E 219 29.29 44.12 22.44
C GLU E 219 29.16 45.33 21.54
N LYS E 220 30.28 46.00 21.24
CA LYS E 220 30.28 47.07 20.25
C LYS E 220 29.85 46.53 18.88
N MET E 221 30.34 45.34 18.53
CA MET E 221 29.95 44.74 17.26
C MET E 221 28.44 44.54 17.18
N GLY E 222 27.84 43.99 18.23
CA GLY E 222 26.40 43.79 18.25
C GLY E 222 25.96 42.44 18.76
N ILE E 223 26.88 41.51 19.03
CA ILE E 223 26.48 40.20 19.49
C ILE E 223 25.84 40.30 20.88
N GLY E 224 24.92 39.38 21.15
CA GLY E 224 24.16 39.37 22.38
C GLY E 224 24.59 38.25 23.31
N GLY E 225 23.68 37.35 23.62
CA GLY E 225 23.95 36.31 24.58
C GLY E 225 24.65 35.12 23.97
N LEU E 226 25.73 35.39 23.23
CA LEU E 226 26.54 34.32 22.65
C LEU E 226 28.01 34.59 22.98
N ASP E 227 28.46 34.15 24.14
CA ASP E 227 29.82 34.32 24.59
C ASP E 227 30.57 33.00 24.73
N LYS E 228 29.90 31.97 25.23
CA LYS E 228 30.53 30.66 25.36
C LYS E 228 30.86 30.07 24.00
N GLU E 229 30.02 30.33 22.99
CA GLU E 229 30.26 29.78 21.67
C GLU E 229 31.58 30.30 21.09
N PHE E 230 31.82 31.60 21.19
CA PHE E 230 33.07 32.15 20.65
C PHE E 230 34.27 31.61 21.41
N SER E 231 34.15 31.48 22.73
CA SER E 231 35.24 30.91 23.52
C SER E 231 35.54 29.49 23.09
N ASP E 232 34.49 28.68 22.87
CA ASP E 232 34.70 27.32 22.40
C ASP E 232 35.34 27.30 21.01
N ILE E 233 34.92 28.23 20.14
CA ILE E 233 35.51 28.30 18.81
C ILE E 233 37.00 28.59 18.93
N PHE E 234 37.37 29.53 19.79
CA PHE E 234 38.78 29.86 19.95
C PHE E 234 39.55 28.70 20.55
N ARG E 235 38.95 27.97 21.49
CA ARG E 235 39.63 26.83 22.10
C ARG E 235 39.88 25.72 21.08
N ARG E 236 38.84 25.32 20.36
CA ARG E 236 38.99 24.21 19.42
C ARG E 236 39.93 24.56 18.28
N ALA E 237 39.71 25.72 17.67
CA ALA E 237 40.52 26.20 16.56
C ALA E 237 40.83 27.68 16.80
N PHE E 238 41.66 28.24 15.93
CA PHE E 238 42.10 29.64 16.02
C PHE E 238 43.00 29.87 17.22
N ALA E 239 43.48 28.82 17.88
CA ALA E 239 44.37 28.95 19.04
C ALA E 239 45.80 28.57 18.68
N SER E 240 45.99 27.41 18.04
CA SER E 240 47.31 27.00 17.60
C SER E 240 47.92 28.01 16.62
N ARG E 241 47.08 28.78 15.92
CA ARG E 241 47.54 29.77 14.96
C ARG E 241 48.27 30.95 15.58
N VAL E 242 48.21 31.14 16.90
CA VAL E 242 48.99 32.20 17.54
C VAL E 242 49.91 31.56 18.55
N PHE E 243 51.09 31.15 18.11
CA PHE E 243 52.04 30.45 18.96
C PHE E 243 53.36 30.41 18.21
N PRO E 244 54.44 29.95 18.85
CA PRO E 244 55.68 29.81 18.10
C PRO E 244 55.57 28.65 17.12
N PRO E 245 55.86 28.87 15.84
CA PRO E 245 55.72 27.78 14.86
C PRO E 245 56.57 26.55 15.14
N GLU E 246 57.76 26.72 15.72
CA GLU E 246 58.60 25.57 16.01
C GLU E 246 57.97 24.62 17.03
N ILE E 247 57.36 25.16 18.07
CA ILE E 247 56.72 24.31 19.08
C ILE E 247 55.60 23.49 18.46
N VAL E 248 54.78 24.14 17.63
CA VAL E 248 53.70 23.44 16.95
C VAL E 248 54.28 22.37 16.03
N GLU E 249 55.38 22.68 15.36
CA GLU E 249 55.97 21.70 14.45
C GLU E 249 56.41 20.49 15.28
N GLN E 250 56.97 20.76 16.46
CA GLN E 250 57.41 19.69 17.36
C GLN E 250 56.25 18.80 17.76
N MET E 251 55.09 19.38 18.07
CA MET E 251 53.92 18.57 18.42
C MET E 251 53.29 17.93 17.19
N GLY E 252 53.59 18.43 15.99
CA GLY E 252 53.11 17.84 14.77
C GLY E 252 51.61 17.73 14.64
N CYS E 253 50.90 18.81 14.96
CA CYS E 253 49.45 18.86 14.88
C CYS E 253 49.08 19.83 13.77
N LYS E 254 48.19 19.39 12.87
CA LYS E 254 47.79 20.26 11.79
C LYS E 254 46.65 21.19 12.17
N HIS E 255 46.49 22.24 11.37
CA HIS E 255 45.51 23.30 11.60
C HIS E 255 44.16 22.81 11.09
N VAL E 256 43.16 22.72 11.96
CA VAL E 256 41.84 22.28 11.52
C VAL E 256 41.32 23.31 10.54
N LYS E 257 40.75 22.85 9.42
CA LYS E 257 40.28 23.72 8.34
C LYS E 257 38.88 23.23 7.99
N GLY E 258 37.87 23.91 8.53
CA GLY E 258 36.49 23.59 8.27
C GLY E 258 35.66 23.85 9.50
N ILE E 259 34.56 24.58 9.36
CA ILE E 259 33.65 24.84 10.46
C ILE E 259 32.22 24.81 9.93
N LEU E 260 31.31 24.22 10.73
CA LEU E 260 29.90 24.22 10.34
C LEU E 260 29.05 24.79 11.46
N LEU E 261 28.32 25.86 11.14
CA LEU E 261 27.41 26.52 12.07
C LEU E 261 25.98 26.25 11.62
N TYR E 262 25.18 25.65 12.50
CA TYR E 262 23.79 25.33 12.19
C TYR E 262 22.91 25.68 13.38
N GLY E 263 21.65 25.98 13.10
CA GLY E 263 20.70 26.31 14.14
C GLY E 263 19.34 26.72 13.60
N PRO E 264 18.40 26.94 14.51
CA PRO E 264 17.04 27.33 14.09
C PRO E 264 17.05 28.73 13.50
N PRO E 265 16.03 29.08 12.71
CA PRO E 265 16.04 30.40 12.07
C PRO E 265 16.10 31.53 13.09
N GLY E 266 16.83 32.58 12.75
CA GLY E 266 16.94 33.78 13.56
C GLY E 266 17.72 33.67 14.86
N CYS E 267 19.03 33.46 14.76
CA CYS E 267 19.89 33.38 15.94
C CYS E 267 21.11 34.27 15.84
N GLY E 268 21.56 34.59 14.62
CA GLY E 268 22.65 35.54 14.43
C GLY E 268 23.82 35.02 13.64
N LYS E 269 23.61 33.97 12.83
CA LYS E 269 24.71 33.42 12.04
C LYS E 269 25.24 34.45 11.05
N THR E 270 24.33 35.03 10.28
CA THR E 270 24.67 36.02 9.25
C THR E 270 25.36 37.22 9.89
N LEU E 271 24.87 37.71 11.03
CA LEU E 271 25.52 38.79 11.75
C LEU E 271 26.91 38.38 12.22
N LEU E 272 27.05 37.14 12.67
CA LEU E 272 28.37 36.67 13.09
C LEU E 272 29.36 36.71 11.93
N ALA E 273 28.93 36.26 10.75
CA ALA E 273 29.81 36.33 9.58
C ALA E 273 30.15 37.76 9.19
N ARG E 274 29.16 38.65 9.17
CA ARG E 274 29.40 40.03 8.78
C ARG E 274 30.36 40.72 9.72
N GLN E 275 30.25 40.46 11.02
CA GLN E 275 31.11 41.04 12.03
C GLN E 275 32.49 40.38 12.09
N ILE E 276 32.59 39.11 11.71
CA ILE E 276 33.89 38.44 11.64
C ILE E 276 34.78 39.09 10.60
N GLY E 277 34.18 39.58 9.50
CA GLY E 277 34.97 40.26 8.50
C GLY E 277 35.71 41.46 9.05
N LYS E 278 35.30 41.95 10.23
CA LYS E 278 35.92 43.12 10.84
C LYS E 278 36.94 42.73 11.90
N MET E 279 36.61 41.77 12.76
CA MET E 279 37.54 41.32 13.80
C MET E 279 38.57 40.35 13.23
N LEU E 280 39.53 40.93 12.49
CA LEU E 280 40.66 40.19 11.98
C LEU E 280 41.63 41.16 11.34
N ASN E 281 42.93 40.92 11.50
CA ASN E 281 43.95 41.79 10.93
C ASN E 281 44.50 41.22 9.63
N ALA E 282 43.66 40.54 8.86
CA ALA E 282 44.00 39.97 7.56
C ALA E 282 43.07 40.58 6.51
N ARG E 283 43.26 40.17 5.26
CA ARG E 283 42.42 40.69 4.18
C ARG E 283 40.96 40.29 4.39
N GLU E 284 40.07 41.11 3.83
CA GLU E 284 38.63 40.89 4.02
C GLU E 284 38.23 39.53 3.46
N PRO E 285 37.50 38.71 4.21
CA PRO E 285 37.12 37.38 3.71
C PRO E 285 36.17 37.46 2.52
N LYS E 286 36.25 36.46 1.65
CA LYS E 286 35.42 36.38 0.46
C LYS E 286 34.18 35.56 0.74
N VAL E 287 32.98 36.08 0.42
CA VAL E 287 31.68 35.39 0.70
C VAL E 287 30.96 35.02 -0.60
N VAL E 288 30.43 33.81 -0.72
CA VAL E 288 29.64 33.35 -1.90
C VAL E 288 28.23 33.10 -1.41
N ASN E 289 27.24 33.86 -1.89
CA ASN E 289 25.85 33.78 -1.37
C ASN E 289 25.05 32.72 -2.11
N GLY E 290 24.92 31.53 -1.53
CA GLY E 290 24.10 30.44 -2.08
C GLY E 290 24.24 30.28 -3.58
N PRO E 291 23.20 29.82 -4.29
CA PRO E 291 23.31 29.54 -5.70
C PRO E 291 23.61 30.82 -6.47
N GLU E 292 24.86 31.20 -6.55
CA GLU E 292 25.28 32.34 -7.39
C GLU E 292 26.46 31.83 -8.24
N ILE E 293 26.69 30.52 -8.21
CA ILE E 293 27.79 29.87 -8.99
C ILE E 293 27.20 29.24 -10.25
N LEU E 294 26.25 28.31 -10.13
CA LEU E 294 25.65 27.57 -11.28
C LEU E 294 25.46 28.51 -12.49
N ASN E 295 26.06 28.22 -13.65
CA ASN E 295 26.00 29.10 -14.85
C ASN E 295 25.48 28.29 -16.03
N LYS E 296 24.89 28.93 -17.05
CA LYS E 296 24.23 28.21 -18.14
C LYS E 296 25.24 27.50 -19.02
N TYR E 297 26.38 28.12 -19.30
CA TYR E 297 27.37 27.55 -20.19
C TYR E 297 27.99 26.30 -19.58
N VAL E 298 28.66 25.53 -20.43
CA VAL E 298 29.24 24.25 -20.04
C VAL E 298 30.65 24.48 -19.49
N GLY E 299 30.92 23.92 -18.31
CA GLY E 299 32.24 24.03 -17.71
C GLY E 299 32.51 25.32 -16.97
N GLU E 300 31.49 26.16 -16.76
CA GLU E 300 31.72 27.42 -16.07
C GLU E 300 31.58 27.27 -14.56
N SER E 301 30.86 26.26 -14.08
CA SER E 301 30.78 26.03 -12.64
C SER E 301 32.14 25.67 -12.07
N GLU E 302 32.90 24.82 -12.77
CA GLU E 302 34.24 24.48 -12.31
C GLU E 302 35.16 25.69 -12.34
N ALA E 303 35.01 26.56 -13.35
CA ALA E 303 35.80 27.79 -13.38
C ALA E 303 35.46 28.68 -12.19
N ASN E 304 34.17 28.81 -11.88
CA ASN E 304 33.77 29.62 -10.73
C ASN E 304 34.34 29.05 -9.44
N ILE E 305 34.30 27.72 -9.28
CA ILE E 305 34.86 27.12 -8.07
C ILE E 305 36.36 27.35 -8.02
N ARG E 306 37.02 27.30 -9.19
CA ARG E 306 38.47 27.42 -9.24
C ARG E 306 38.90 28.84 -8.85
N LYS E 307 38.11 29.84 -9.24
CA LYS E 307 38.48 31.23 -9.03
C LYS E 307 38.40 31.68 -7.57
N LEU E 308 38.20 30.76 -6.63
CA LEU E 308 38.07 31.12 -5.23
C LEU E 308 39.34 30.86 -4.42
N PHE E 309 40.11 29.83 -4.78
CA PHE E 309 41.29 29.41 -4.03
C PHE E 309 42.60 29.85 -4.68
N ALA E 310 42.55 30.65 -5.74
CA ALA E 310 43.76 31.04 -6.45
C ALA E 310 44.73 31.83 -5.56
N ASP E 311 44.20 32.76 -4.78
CA ASP E 311 45.05 33.58 -3.92
C ASP E 311 45.82 32.73 -2.91
N ALA E 312 45.16 31.72 -2.34
CA ALA E 312 45.84 30.85 -1.38
C ALA E 312 47.01 30.14 -2.04
N GLU E 313 46.80 29.59 -3.23
CA GLU E 313 47.86 28.88 -3.95
C GLU E 313 49.02 29.83 -4.26
N GLU E 314 48.70 31.02 -4.78
CA GLU E 314 49.76 31.96 -5.14
C GLU E 314 50.56 32.33 -3.91
N GLU E 315 49.88 32.60 -2.78
CA GLU E 315 50.60 32.96 -1.57
C GLU E 315 51.46 31.80 -1.07
N GLN E 316 50.91 30.58 -1.09
CA GLN E 316 51.63 29.40 -0.67
C GLN E 316 52.83 29.08 -1.54
N ARG E 317 52.93 29.68 -2.73
CA ARG E 317 54.17 29.59 -3.51
C ARG E 317 55.07 30.81 -3.28
N ARG E 318 54.48 32.00 -3.23
CA ARG E 318 55.16 33.24 -2.85
C ARG E 318 56.00 32.97 -1.60
N LEU E 319 55.41 32.25 -0.65
CA LEU E 319 55.98 31.94 0.65
C LEU E 319 55.62 30.48 0.94
N GLY E 320 56.11 29.93 2.06
CA GLY E 320 55.82 28.53 2.32
C GLY E 320 55.07 28.18 3.58
N ALA E 321 55.31 28.88 4.69
CA ALA E 321 54.48 28.67 5.87
C ALA E 321 54.17 29.95 6.63
N ASN E 322 54.77 31.08 6.23
CA ASN E 322 54.45 32.37 6.84
C ASN E 322 53.61 33.21 5.89
N SER E 323 52.34 32.84 5.74
CA SER E 323 51.46 33.47 4.77
C SER E 323 50.33 34.25 5.42
N GLY E 324 49.57 33.61 6.29
CA GLY E 324 48.37 34.20 6.85
C GLY E 324 47.15 33.34 6.67
N LEU E 325 45.98 33.95 6.82
CA LEU E 325 44.70 33.25 6.76
C LEU E 325 43.79 33.88 5.72
N HIS E 326 43.21 33.07 4.85
CA HIS E 326 42.15 33.51 3.94
C HIS E 326 40.88 32.77 4.31
N ILE E 327 39.82 33.52 4.59
CA ILE E 327 38.57 32.97 5.09
C ILE E 327 37.52 33.12 3.99
N ILE E 328 36.85 32.02 3.67
CA ILE E 328 35.76 32.01 2.71
C ILE E 328 34.52 31.50 3.43
N ILE E 329 33.38 32.13 3.17
CA ILE E 329 32.12 31.81 3.84
C ILE E 329 31.11 31.35 2.82
N PHE E 330 30.52 30.19 3.05
CA PHE E 330 29.49 29.62 2.19
C PHE E 330 28.14 29.81 2.89
N ASP E 331 27.43 30.88 2.57
CA ASP E 331 26.08 31.07 3.14
C ASP E 331 25.20 30.02 2.46
N GLU E 332 24.10 29.66 3.09
CA GLU E 332 23.20 28.63 2.54
C GLU E 332 24.04 27.59 1.82
N ILE E 333 24.85 26.84 2.54
CA ILE E 333 25.62 25.75 1.94
C ILE E 333 24.74 24.61 1.46
N ASP E 334 23.51 24.51 1.98
CA ASP E 334 22.62 23.42 1.59
C ASP E 334 22.29 23.51 0.10
N ALA E 335 22.42 24.69 -0.49
CA ALA E 335 22.01 24.88 -1.88
C ALA E 335 22.84 24.03 -2.84
N ILE E 336 24.16 23.97 -2.64
CA ILE E 336 25.06 23.36 -3.61
C ILE E 336 25.60 22.01 -3.15
N CYS E 337 25.36 21.63 -1.89
CA CYS E 337 25.90 20.38 -1.33
C CYS E 337 24.75 19.47 -0.91
N LYS E 338 24.28 18.67 -1.85
CA LYS E 338 23.26 17.65 -1.61
C LYS E 338 23.83 16.27 -1.90
N GLN E 339 23.01 15.25 -1.71
CA GLN E 339 23.44 13.88 -1.99
C GLN E 339 23.88 13.76 -3.44
N ARG E 340 25.02 13.11 -3.65
CA ARG E 340 25.60 13.03 -4.99
C ARG E 340 24.70 12.25 -5.94
N GLY E 341 24.16 11.12 -5.48
CA GLY E 341 23.42 10.23 -6.36
C GLY E 341 21.92 10.36 -6.30
N SER E 342 21.39 11.13 -5.35
CA SER E 342 19.95 11.22 -5.19
C SER E 342 19.27 11.80 -6.43
N MET E 343 19.83 12.87 -6.98
CA MET E 343 19.21 13.51 -8.13
C MET E 343 19.31 12.62 -9.36
N ALA E 344 18.32 12.75 -10.24
CA ALA E 344 18.25 11.94 -11.47
C ALA E 344 18.15 12.81 -12.72
N GLY E 345 18.57 14.07 -12.63
CA GLY E 345 18.53 14.93 -13.80
C GLY E 345 19.54 14.52 -14.85
N SER E 346 19.25 14.92 -16.09
CA SER E 346 20.14 14.56 -17.20
C SER E 346 21.53 15.15 -17.02
N THR E 347 21.59 16.42 -16.62
CA THR E 347 22.87 17.08 -16.38
C THR E 347 23.35 16.81 -14.96
N GLY E 348 24.67 16.64 -14.83
CA GLY E 348 25.26 16.35 -13.54
C GLY E 348 26.10 17.49 -13.00
N VAL E 349 25.61 18.72 -13.12
CA VAL E 349 26.39 19.87 -12.68
C VAL E 349 26.63 19.80 -11.18
N HIS E 350 25.60 19.47 -10.41
CA HIS E 350 25.73 19.42 -8.96
C HIS E 350 26.79 18.43 -8.54
N ASP E 351 26.79 17.24 -9.15
CA ASP E 351 27.79 16.24 -8.83
C ASP E 351 29.19 16.76 -9.13
N THR E 352 29.35 17.42 -10.27
CA THR E 352 30.67 17.93 -10.65
C THR E 352 31.16 18.96 -9.64
N VAL E 353 30.29 19.89 -9.24
CA VAL E 353 30.73 20.93 -8.31
C VAL E 353 31.07 20.32 -6.94
N VAL E 354 30.26 19.37 -6.47
CA VAL E 354 30.55 18.76 -5.18
C VAL E 354 31.89 18.02 -5.23
N ASN E 355 32.14 17.27 -6.32
CA ASN E 355 33.40 16.55 -6.43
C ASN E 355 34.58 17.51 -6.50
N GLN E 356 34.45 18.61 -7.25
CA GLN E 356 35.54 19.56 -7.35
C GLN E 356 35.83 20.18 -5.99
N LEU E 357 34.79 20.57 -5.25
CA LEU E 357 34.99 21.16 -3.93
C LEU E 357 35.64 20.16 -2.98
N LEU E 358 35.18 18.91 -3.00
CA LEU E 358 35.76 17.90 -2.11
C LEU E 358 37.23 17.67 -2.44
N SER E 359 37.56 17.62 -3.73
CA SER E 359 38.95 17.46 -4.12
C SER E 359 39.80 18.64 -3.65
N LYS E 360 39.28 19.86 -3.81
CA LYS E 360 40.01 21.06 -3.43
C LYS E 360 40.26 21.14 -1.93
N ILE E 361 39.24 20.86 -1.11
CA ILE E 361 39.39 20.98 0.34
C ILE E 361 40.37 19.92 0.82
N ASP E 362 40.20 18.68 0.36
CA ASP E 362 41.10 17.59 0.76
C ASP E 362 41.65 16.95 -0.51
N GLY E 363 42.73 17.54 -0.99
CA GLY E 363 43.40 17.11 -2.20
C GLY E 363 44.91 17.22 -2.09
N VAL E 364 45.57 16.97 -3.21
CA VAL E 364 47.03 17.03 -3.31
C VAL E 364 47.52 18.44 -3.00
N GLU E 365 46.59 19.39 -2.85
CA GLU E 365 46.97 20.73 -2.43
C GLU E 365 47.54 20.74 -1.00
N GLN E 366 46.81 20.13 -0.06
CA GLN E 366 47.12 20.18 1.38
C GLN E 366 47.60 21.57 1.80
N LEU E 367 46.72 22.56 1.72
CA LEU E 367 47.04 23.88 2.23
C LEU E 367 46.94 23.92 3.75
N ASN E 368 47.40 25.05 4.30
CA ASN E 368 47.43 25.32 5.73
C ASN E 368 47.01 26.74 6.04
N ASN E 369 46.53 27.48 5.04
CA ASN E 369 46.13 28.87 5.22
C ASN E 369 44.74 29.15 4.68
N ILE E 370 43.82 28.20 4.79
CA ILE E 370 42.46 28.35 4.30
C ILE E 370 41.51 27.94 5.42
N LEU E 371 40.46 28.72 5.63
CA LEU E 371 39.42 28.40 6.60
C LEU E 371 38.05 28.54 5.95
N VAL E 372 37.30 27.45 5.93
CA VAL E 372 35.98 27.43 5.30
C VAL E 372 34.94 27.35 6.41
N ILE E 373 33.94 28.24 6.35
CA ILE E 373 32.86 28.28 7.33
C ILE E 373 31.53 28.18 6.59
N GLY E 374 30.80 27.09 6.80
CA GLY E 374 29.52 26.89 6.15
C GLY E 374 28.38 26.89 7.14
N MET E 375 27.30 27.58 6.74
CA MET E 375 26.10 27.70 7.56
C MET E 375 24.93 27.09 6.82
N THR E 376 24.15 26.28 7.52
CA THR E 376 22.97 25.66 6.92
C THR E 376 21.82 25.76 7.91
N ASN E 377 20.64 26.08 7.39
CA ASN E 377 19.43 26.16 8.21
C ASN E 377 18.92 24.78 8.60
N ARG E 378 19.36 23.73 7.92
CA ARG E 378 18.87 22.38 8.14
C ARG E 378 19.96 21.38 7.75
N PRO E 379 20.75 20.88 8.71
CA PRO E 379 21.88 20.01 8.34
C PRO E 379 21.48 18.67 7.74
N ASP E 380 20.18 18.39 7.62
CA ASP E 380 19.74 17.10 7.11
C ASP E 380 20.20 16.89 5.67
N LEU E 381 20.07 17.91 4.83
CA LEU E 381 20.39 17.81 3.40
C LEU E 381 21.85 18.20 3.13
N ILE E 382 22.75 17.54 3.87
CA ILE E 382 24.18 17.72 3.72
C ILE E 382 24.79 16.34 3.49
N ASP E 383 25.54 16.20 2.40
CA ASP E 383 26.14 14.91 2.07
C ASP E 383 27.17 14.53 3.14
N GLU E 384 27.14 13.24 3.50
CA GLU E 384 28.03 12.77 4.56
C GLU E 384 29.49 12.88 4.18
N ALA E 385 29.82 12.79 2.89
CA ALA E 385 31.23 12.84 2.53
C ALA E 385 31.88 14.14 2.96
N LEU E 386 31.21 15.27 2.75
CA LEU E 386 31.74 16.55 3.14
C LEU E 386 31.85 16.69 4.66
N LEU E 387 31.10 15.88 5.42
CA LEU E 387 31.19 15.98 6.88
C LEU E 387 32.11 14.94 7.48
N ARG E 388 32.82 14.17 6.68
CA ARG E 388 33.74 13.15 7.17
C ARG E 388 34.89 13.80 7.94
N PRO E 389 35.41 13.16 8.99
CA PRO E 389 36.51 13.77 9.72
C PRO E 389 37.66 14.07 8.78
N GLY E 390 38.32 15.19 9.01
CA GLY E 390 39.39 15.67 8.18
C GLY E 390 38.96 16.71 7.14
N ARG E 391 37.65 16.92 6.98
CA ARG E 391 37.14 17.92 6.04
C ARG E 391 36.37 19.04 6.75
N LEU E 392 35.35 18.68 7.52
CA LEU E 392 34.55 19.64 8.30
C LEU E 392 34.33 19.06 9.68
N GLU E 393 35.26 19.26 10.62
CA GLU E 393 35.13 18.56 11.89
C GLU E 393 34.37 19.34 12.94
N VAL E 394 34.64 20.63 13.11
CA VAL E 394 33.97 21.39 14.16
C VAL E 394 32.54 21.61 13.70
N LYS E 395 31.62 21.54 14.67
CA LYS E 395 30.20 21.73 14.45
C LYS E 395 29.66 22.41 15.70
N MET E 396 29.03 23.55 15.48
CA MET E 396 28.49 24.29 16.60
C MET E 396 27.05 24.67 16.33
N GLU E 397 26.29 24.75 17.42
CA GLU E 397 24.86 25.04 17.34
C GLU E 397 24.64 26.36 18.06
N ILE E 398 23.87 27.24 17.43
CA ILE E 398 23.49 28.52 18.00
C ILE E 398 22.05 28.37 18.47
N GLY E 399 21.87 28.00 19.74
CA GLY E 399 20.53 27.75 20.23
C GLY E 399 19.81 29.02 20.61
N LEU E 400 18.63 28.86 21.19
CA LEU E 400 17.84 30.00 21.59
C LEU E 400 18.52 30.68 22.77
N PRO E 401 18.33 31.98 22.92
CA PRO E 401 18.97 32.69 24.03
C PRO E 401 18.35 32.38 25.38
N ASP E 402 19.11 32.58 26.45
CA ASP E 402 18.60 32.34 27.80
C ASP E 402 18.01 33.63 28.35
N GLU E 403 17.50 33.55 29.58
CA GLU E 403 16.92 34.74 30.21
C GLU E 403 17.98 35.82 30.39
N LYS E 404 19.16 35.43 30.86
CA LYS E 404 20.20 36.43 31.06
C LYS E 404 20.67 36.97 29.72
N GLY E 405 20.80 36.10 28.71
CA GLY E 405 21.19 36.59 27.42
C GLY E 405 20.12 37.48 26.84
N ARG E 406 18.86 37.16 27.12
CA ARG E 406 17.76 38.00 26.65
C ARG E 406 17.84 39.39 27.23
N LEU E 407 18.32 39.52 28.48
CA LEU E 407 18.47 40.84 29.06
C LEU E 407 19.49 41.67 28.26
N GLN E 408 20.62 41.07 27.92
CA GLN E 408 21.61 41.75 27.11
C GLN E 408 21.06 42.08 25.73
N ILE E 409 20.31 41.15 25.14
CA ILE E 409 19.74 41.38 23.82
C ILE E 409 18.83 42.62 23.87
N LEU E 410 17.98 42.70 24.90
CA LEU E 410 17.07 43.83 25.00
C LEU E 410 17.86 45.11 25.23
N HIS E 411 18.95 45.03 25.99
CA HIS E 411 19.78 46.22 26.21
C HIS E 411 20.38 46.73 24.91
N ILE E 412 20.89 45.83 24.07
CA ILE E 412 21.56 46.25 22.84
C ILE E 412 20.58 46.91 21.88
N HIS E 413 19.33 46.43 21.85
CA HIS E 413 18.34 46.88 20.88
C HIS E 413 17.56 48.11 21.33
N THR E 414 17.88 48.69 22.49
CA THR E 414 17.14 49.85 22.97
C THR E 414 18.06 50.92 23.55
N ALA E 415 19.36 50.85 23.32
CA ALA E 415 20.28 51.85 23.85
C ALA E 415 20.02 53.23 23.22
N ARG E 416 19.80 53.28 21.91
CA ARG E 416 19.58 54.56 21.24
C ARG E 416 18.34 55.26 21.78
N MET E 417 17.26 54.52 22.02
CA MET E 417 16.05 55.15 22.51
C MET E 417 16.28 55.83 23.86
N ARG E 418 17.01 55.16 24.75
CA ARG E 418 17.35 55.77 26.03
C ARG E 418 18.29 56.95 25.86
N GLY E 419 19.21 56.87 24.89
CA GLY E 419 20.22 57.91 24.75
C GLY E 419 19.63 59.29 24.56
N HIS E 420 18.56 59.39 23.77
CA HIS E 420 17.96 60.67 23.43
C HIS E 420 16.74 61.01 24.30
N GLN E 421 16.50 60.26 25.36
CA GLN E 421 15.34 60.48 26.22
C GLN E 421 14.04 60.44 25.41
N LEU E 422 13.65 59.22 25.05
CA LEU E 422 12.36 58.91 24.45
C LEU E 422 11.67 57.73 25.12
N LEU E 423 12.14 57.31 26.28
CA LEU E 423 11.60 56.17 27.01
C LEU E 423 11.08 56.59 28.38
N SER E 424 9.84 56.20 28.65
CA SER E 424 9.17 56.50 29.91
C SER E 424 9.85 55.72 31.02
N ALA E 425 9.74 56.26 32.24
CA ALA E 425 10.32 55.61 33.41
C ALA E 425 9.55 54.34 33.78
N ASP E 426 8.33 54.20 33.27
CA ASP E 426 7.53 53.01 33.60
C ASP E 426 8.17 51.73 33.08
N VAL E 427 8.74 51.76 31.87
CA VAL E 427 9.28 50.53 31.29
C VAL E 427 10.39 49.97 32.16
N ASP E 428 10.35 48.66 32.38
CA ASP E 428 11.37 47.92 33.14
C ASP E 428 11.94 46.85 32.21
N ILE E 429 13.25 46.88 31.97
CA ILE E 429 13.83 45.91 31.04
C ILE E 429 13.76 44.52 31.65
N LYS E 430 14.00 44.42 32.95
CA LYS E 430 13.98 43.10 33.61
C LYS E 430 12.59 42.47 33.52
N GLU E 431 11.54 43.26 33.72
CA GLU E 431 10.19 42.72 33.64
C GLU E 431 9.89 42.18 32.25
N LEU E 432 10.25 42.92 31.20
CA LEU E 432 10.01 42.44 29.85
C LEU E 432 10.82 41.18 29.57
N ALA E 433 12.08 41.15 30.01
CA ALA E 433 12.90 39.96 29.81
C ALA E 433 12.30 38.74 30.50
N VAL E 434 11.81 38.92 31.72
CA VAL E 434 11.18 37.80 32.44
C VAL E 434 9.92 37.36 31.72
N GLU E 435 9.09 38.31 31.29
CA GLU E 435 7.82 37.94 30.69
C GLU E 435 8.03 37.16 29.40
N THR E 436 8.98 37.61 28.57
CA THR E 436 9.21 37.00 27.27
C THR E 436 10.18 35.84 27.44
N LYS E 437 9.71 34.63 27.18
CA LYS E 437 10.53 33.43 27.27
C LYS E 437 10.41 32.66 25.97
N ASN E 438 11.45 31.90 25.63
CA ASN E 438 11.52 31.18 24.37
C ASN E 438 11.47 32.12 23.16
N PHE E 439 12.10 33.29 23.29
CA PHE E 439 12.12 34.29 22.23
C PHE E 439 13.53 34.35 21.65
N SER E 440 13.61 34.47 20.34
CA SER E 440 14.89 34.61 19.67
C SER E 440 15.12 36.08 19.31
N GLY E 441 16.39 36.43 19.11
CA GLY E 441 16.73 37.82 18.84
C GLY E 441 15.80 38.47 17.84
N ALA E 442 15.44 37.73 16.78
CA ALA E 442 14.56 38.28 15.77
C ALA E 442 13.20 38.66 16.37
N GLU E 443 12.63 37.78 17.20
CA GLU E 443 11.34 38.09 17.80
C GLU E 443 11.44 39.23 18.80
N LEU E 444 12.52 39.30 19.56
CA LEU E 444 12.72 40.41 20.50
C LEU E 444 12.79 41.74 19.77
N GLU E 445 13.51 41.76 18.65
CA GLU E 445 13.59 42.99 17.86
C GLU E 445 12.24 43.31 17.23
N GLY E 446 11.51 42.29 16.79
CA GLY E 446 10.21 42.57 16.23
C GLY E 446 9.28 43.15 17.28
N LEU E 447 9.44 42.67 18.53
CA LEU E 447 8.67 43.22 19.64
C LEU E 447 8.96 44.70 19.81
N VAL E 448 10.25 45.05 19.82
CA VAL E 448 10.63 46.45 20.00
C VAL E 448 10.10 47.29 18.84
N ARG E 449 10.23 46.78 17.61
CA ARG E 449 9.81 47.54 16.45
C ARG E 449 8.30 47.74 16.46
N ALA E 450 7.53 46.71 16.84
CA ALA E 450 6.09 46.84 16.91
C ALA E 450 5.67 47.83 17.99
N ALA E 451 6.33 47.79 19.15
CA ALA E 451 6.02 48.75 20.20
C ALA E 451 6.27 50.16 19.72
N GLN E 452 7.42 50.38 19.07
CA GLN E 452 7.70 51.69 18.51
C GLN E 452 6.62 52.08 17.50
N SER E 453 6.23 51.13 16.64
CA SER E 453 5.25 51.43 15.60
C SER E 453 3.92 51.86 16.18
N THR E 454 3.42 51.15 17.20
CA THR E 454 2.15 51.56 17.81
C THR E 454 2.26 52.88 18.56
N ALA E 455 3.37 53.09 19.28
CA ALA E 455 3.57 54.38 19.93
C ALA E 455 3.63 55.49 18.89
N MET E 456 4.30 55.20 17.78
CA MET E 456 4.43 56.13 16.67
C MET E 456 3.04 56.44 16.09
N ASN E 457 2.22 55.40 15.91
CA ASN E 457 0.88 55.53 15.31
C ASN E 457 -0.06 56.34 16.21
N ARG E 458 0.19 56.31 17.51
CA ARG E 458 -0.68 57.00 18.47
C ARG E 458 -0.94 58.45 18.09
N HIS E 459 0.06 59.15 17.56
CA HIS E 459 -0.04 60.58 17.29
C HIS E 459 -0.21 60.88 15.79
N ILE E 460 -0.68 59.92 15.02
CA ILE E 460 -1.00 60.13 13.61
C ILE E 460 -2.27 59.39 13.19
N LYS E 461 -3.35 60.14 13.00
CA LYS E 461 -4.66 59.53 12.73
C LYS E 461 -5.50 60.41 11.81
N ALA E 462 -6.03 59.82 10.74
CA ALA E 462 -6.94 60.48 9.83
C ALA E 462 -7.44 59.44 8.83
N SER E 463 -8.67 59.63 8.35
CA SER E 463 -9.32 58.67 7.45
C SER E 463 -9.51 59.24 6.05
N THR E 464 -10.18 60.38 5.92
CA THR E 464 -10.38 60.96 4.60
C THR E 464 -9.05 61.34 3.96
N LYS E 465 -8.13 61.86 4.76
CA LYS E 465 -6.80 62.23 4.28
C LYS E 465 -5.74 61.67 5.22
N VAL E 466 -4.47 61.91 4.91
CA VAL E 466 -3.36 61.57 5.79
C VAL E 466 -2.66 62.86 6.18
N GLU E 467 -2.51 63.08 7.49
CA GLU E 467 -1.95 64.34 7.97
C GLU E 467 -1.42 64.14 9.37
N VAL E 468 -0.14 64.50 9.57
CA VAL E 468 0.44 64.50 10.90
C VAL E 468 -0.30 65.48 11.80
N ASP E 469 -0.24 65.23 13.10
CA ASP E 469 -0.88 66.09 14.10
C ASP E 469 -0.07 67.38 14.30
N MET E 470 -0.01 68.18 13.22
CA MET E 470 0.57 69.52 13.27
C MET E 470 1.99 69.51 13.83
N GLU E 471 2.69 68.38 13.75
CA GLU E 471 4.05 68.24 14.29
C GLU E 471 4.15 68.68 15.75
N LYS E 472 3.05 68.59 16.48
CA LYS E 472 3.05 68.91 17.91
C LYS E 472 3.38 67.71 18.79
N ALA E 473 3.58 66.53 18.20
CA ALA E 473 3.93 65.33 18.95
C ALA E 473 5.43 65.15 19.11
N GLU E 474 6.10 66.20 19.59
CA GLU E 474 7.54 66.11 19.88
C GLU E 474 7.84 65.52 21.25
N SER E 475 6.81 65.25 22.07
CA SER E 475 6.97 64.56 23.34
C SER E 475 6.61 63.09 23.26
N LEU E 476 6.59 62.52 22.06
CA LEU E 476 6.18 61.12 21.89
C LEU E 476 6.91 60.21 22.87
N GLN E 477 6.13 59.57 23.75
CA GLN E 477 6.67 58.65 24.75
C GLN E 477 5.99 57.30 24.61
N VAL E 478 6.77 56.24 24.85
CA VAL E 478 6.29 54.87 24.77
C VAL E 478 6.07 54.35 26.19
N THR E 479 4.88 53.85 26.46
CA THR E 479 4.52 53.30 27.75
C THR E 479 4.52 51.78 27.73
N ARG E 480 4.43 51.18 28.91
CA ARG E 480 4.37 49.72 29.01
C ARG E 480 3.08 49.17 28.42
N GLY E 481 2.05 50.00 28.30
CA GLY E 481 0.82 49.55 27.67
C GLY E 481 1.05 49.12 26.22
N ASP E 482 1.88 49.87 25.50
CA ASP E 482 2.20 49.49 24.13
C ASP E 482 2.89 48.14 24.08
N PHE E 483 3.87 47.93 24.97
CA PHE E 483 4.58 46.66 25.00
C PHE E 483 3.64 45.51 25.31
N LEU E 484 2.74 45.70 26.28
CA LEU E 484 1.80 44.64 26.63
C LEU E 484 0.86 44.33 25.47
N ALA E 485 0.36 45.37 24.80
CA ALA E 485 -0.52 45.13 23.67
C ALA E 485 0.19 44.39 22.56
N SER E 486 1.43 44.78 22.25
CA SER E 486 2.15 44.07 21.21
C SER E 486 2.42 42.63 21.62
N LEU E 487 2.75 42.41 22.90
CA LEU E 487 3.00 41.06 23.37
C LEU E 487 1.72 40.24 23.39
N GLU E 488 0.57 40.91 23.23
CA GLU E 488 -0.70 40.18 23.31
C GLU E 488 -1.30 39.92 21.93
N ASN E 489 -0.97 40.74 20.92
CA ASN E 489 -1.65 40.62 19.64
C ASN E 489 -0.71 40.66 18.43
N ASP E 490 0.54 41.08 18.60
CA ASP E 490 1.45 41.29 17.48
C ASP E 490 2.46 40.18 17.28
N ILE E 491 3.23 39.84 18.32
CA ILE E 491 4.32 38.87 18.23
C ILE E 491 3.96 37.66 19.09
N LYS E 492 4.10 36.47 18.49
CA LYS E 492 3.84 35.21 19.18
C LYS E 492 5.00 34.25 18.97
N PRO E 493 5.55 33.67 20.03
CA PRO E 493 6.73 32.79 19.87
C PRO E 493 6.41 31.56 19.03
N ALA E 494 7.42 31.12 18.29
CA ALA E 494 7.30 29.95 17.41
C ALA E 494 7.58 28.63 18.10
N PHE E 495 8.32 28.60 19.21
CA PHE E 495 8.56 27.32 19.87
C PHE E 495 7.28 26.69 20.39
N GLY E 496 6.25 27.50 20.65
CA GLY E 496 5.00 27.00 21.15
C GLY E 496 4.76 27.41 22.59
N THR E 497 3.54 27.22 23.09
CA THR E 497 3.24 27.59 24.46
C THR E 497 2.21 26.63 25.02
N ASN E 498 1.70 26.95 26.21
CA ASN E 498 0.68 26.15 26.88
C ASN E 498 -0.42 27.03 27.46
N GLN E 499 -0.43 28.32 27.13
CA GLN E 499 -1.41 29.24 27.67
C GLN E 499 -2.81 28.85 27.23
N GLU E 500 -2.96 28.47 25.96
CA GLU E 500 -4.28 28.13 25.43
C GLU E 500 -4.88 26.97 26.23
N ASP E 501 -4.09 25.91 26.44
CA ASP E 501 -4.57 24.77 27.20
C ASP E 501 -4.93 25.20 28.62
N TYR E 502 -4.09 26.04 29.21
CA TYR E 502 -4.32 26.47 30.59
C TYR E 502 -5.63 27.22 30.72
N ALA E 503 -5.95 28.10 29.79
CA ALA E 503 -7.20 28.85 29.85
C ALA E 503 -8.39 28.04 29.37
N SER E 504 -8.15 26.92 28.67
CA SER E 504 -9.25 26.06 28.23
C SER E 504 -9.61 24.97 29.23
N TYR E 505 -8.67 24.55 30.09
CA TYR E 505 -8.95 23.50 31.05
C TYR E 505 -9.55 24.02 32.36
N ILE E 506 -8.92 25.01 32.97
CA ILE E 506 -9.48 25.65 34.17
C ILE E 506 -10.33 26.83 33.70
N MET E 507 -11.58 26.55 33.37
CA MET E 507 -12.45 27.54 32.74
C MET E 507 -13.12 28.43 33.77
N ASN E 508 -13.85 27.82 34.72
CA ASN E 508 -14.64 28.56 35.69
C ASN E 508 -13.95 28.67 37.05
N GLY E 509 -12.63 28.53 37.11
CA GLY E 509 -11.90 28.66 38.35
C GLY E 509 -12.08 27.47 39.26
N ILE E 510 -11.54 27.61 40.48
CA ILE E 510 -11.59 26.58 41.50
C ILE E 510 -12.09 27.20 42.80
N ILE E 511 -13.21 26.71 43.31
CA ILE E 511 -13.78 27.18 44.55
C ILE E 511 -13.54 26.14 45.64
N LYS E 512 -13.79 26.53 46.88
CA LYS E 512 -13.59 25.66 48.05
C LYS E 512 -14.97 25.35 48.63
N TRP E 513 -15.54 24.21 48.24
CA TRP E 513 -16.83 23.79 48.77
C TRP E 513 -16.70 22.75 49.89
N GLY E 514 -15.48 22.37 50.25
CA GLY E 514 -15.31 21.41 51.32
C GLY E 514 -13.85 21.07 51.51
N ASP E 515 -13.61 20.29 52.57
CA ASP E 515 -12.24 19.85 52.87
C ASP E 515 -11.58 19.07 51.74
N PRO E 516 -12.27 18.18 51.02
CA PRO E 516 -11.56 17.35 50.02
C PRO E 516 -10.69 18.15 49.06
N VAL E 517 -11.10 19.35 48.67
CA VAL E 517 -10.27 20.15 47.78
C VAL E 517 -8.94 20.46 48.44
N THR E 518 -8.98 20.92 49.69
CA THR E 518 -7.75 21.23 50.41
C THR E 518 -6.91 19.98 50.60
N ARG E 519 -7.55 18.85 50.92
CA ARG E 519 -6.81 17.62 51.11
C ARG E 519 -6.06 17.23 49.84
N VAL E 520 -6.74 17.29 48.69
CA VAL E 520 -6.11 16.91 47.43
C VAL E 520 -4.96 17.86 47.12
N LEU E 521 -5.16 19.17 47.32
CA LEU E 521 -4.10 20.12 47.04
C LEU E 521 -2.89 19.87 47.94
N ASP E 522 -3.13 19.58 49.22
CA ASP E 522 -2.04 19.31 50.14
C ASP E 522 -1.26 18.07 49.73
N ASP E 523 -1.98 17.01 49.34
CA ASP E 523 -1.29 15.80 48.90
C ASP E 523 -0.45 16.06 47.66
N GLY E 524 -0.99 16.81 46.70
CA GLY E 524 -0.22 17.15 45.52
C GLY E 524 1.02 17.95 45.86
N GLU E 525 0.88 18.92 46.76
CA GLU E 525 2.04 19.71 47.17
C GLU E 525 3.10 18.85 47.84
N LEU E 526 2.67 17.92 48.71
CA LEU E 526 3.63 17.02 49.35
C LEU E 526 4.37 16.17 48.33
N LEU E 527 3.65 15.65 47.34
CA LEU E 527 4.30 14.84 46.31
C LEU E 527 5.29 15.67 45.51
N VAL E 528 4.92 16.89 45.15
CA VAL E 528 5.83 17.76 44.40
C VAL E 528 7.07 18.05 45.21
N GLN E 529 6.91 18.37 46.50
CA GLN E 529 8.06 18.67 47.34
C GLN E 529 8.97 17.45 47.46
N GLN E 530 8.39 16.27 47.61
CA GLN E 530 9.21 15.06 47.74
C GLN E 530 10.00 14.80 46.48
N THR E 531 9.37 14.91 45.31
CA THR E 531 10.10 14.67 44.07
C THR E 531 11.10 15.78 43.78
N LYS E 532 10.92 16.96 44.37
CA LYS E 532 11.85 18.06 44.12
C LYS E 532 13.21 17.79 44.75
N ASN E 533 13.22 17.19 45.95
CA ASN E 533 14.44 17.04 46.74
C ASN E 533 14.64 15.58 47.14
N SER E 534 14.51 14.68 46.18
CA SER E 534 14.77 13.26 46.40
C SER E 534 16.05 12.85 45.70
N ASP E 535 16.67 11.80 46.25
CA ASP E 535 17.93 11.28 45.73
C ASP E 535 17.84 9.83 45.26
N ARG E 536 17.16 8.97 46.00
CA ARG E 536 17.01 7.57 45.64
C ARG E 536 15.78 7.28 44.79
N THR E 537 14.88 8.25 44.64
CA THR E 537 13.63 8.06 43.90
C THR E 537 13.47 9.20 42.91
N PRO E 538 14.19 9.15 41.79
CA PRO E 538 14.05 10.23 40.79
C PRO E 538 12.76 10.17 40.00
N LEU E 539 12.02 9.07 40.04
CA LEU E 539 10.78 8.92 39.30
C LEU E 539 9.64 8.66 40.28
N VAL E 540 8.59 9.46 40.18
CA VAL E 540 7.43 9.37 41.07
C VAL E 540 6.17 9.49 40.22
N SER E 541 5.15 8.70 40.55
CA SER E 541 3.90 8.70 39.81
C SER E 541 2.72 8.73 40.78
N VAL E 542 1.57 9.18 40.28
CA VAL E 542 0.35 9.27 41.07
C VAL E 542 -0.83 9.17 40.12
N LEU E 543 -1.94 8.63 40.60
CA LEU E 543 -3.16 8.45 39.81
C LEU E 543 -4.33 9.12 40.50
N LEU E 544 -4.96 10.07 39.80
CA LEU E 544 -6.18 10.71 40.30
C LEU E 544 -7.39 9.94 39.80
N GLU E 545 -8.22 9.49 40.75
CA GLU E 545 -9.32 8.58 40.48
C GLU E 545 -10.60 9.10 41.10
N GLY E 546 -11.71 8.97 40.38
CA GLY E 546 -12.99 9.39 40.89
C GLY E 546 -14.14 9.10 39.95
N PRO E 547 -15.36 9.39 40.38
CA PRO E 547 -16.54 9.15 39.55
C PRO E 547 -16.64 10.17 38.42
N PRO E 548 -17.47 9.91 37.42
CA PRO E 548 -17.61 10.84 36.29
C PRO E 548 -18.21 12.16 36.74
N HIS E 549 -17.81 13.23 36.05
CA HIS E 549 -18.30 14.57 36.34
C HIS E 549 -17.93 14.96 37.77
N SER E 550 -16.64 14.98 38.10
CA SER E 550 -16.20 15.36 39.42
C SER E 550 -15.09 16.40 39.43
N GLY E 551 -14.59 16.81 38.26
CA GLY E 551 -13.52 17.80 38.23
C GLY E 551 -12.17 17.20 38.54
N LYS E 552 -11.75 16.20 37.78
CA LYS E 552 -10.45 15.51 37.99
C LYS E 552 -9.38 16.09 37.08
N THR E 553 -9.72 16.73 35.97
CA THR E 553 -8.76 17.29 34.99
C THR E 553 -8.40 18.71 35.41
N ALA E 554 -9.32 19.49 35.94
CA ALA E 554 -9.04 20.82 36.49
C ALA E 554 -8.12 20.73 37.71
N LEU E 555 -8.37 19.79 38.61
CA LEU E 555 -7.52 19.66 39.78
C LEU E 555 -6.10 19.28 39.39
N ALA E 556 -5.95 18.38 38.42
CA ALA E 556 -4.62 18.00 37.96
C ALA E 556 -3.89 19.19 37.37
N ALA E 557 -4.58 19.98 36.54
CA ALA E 557 -3.95 21.15 35.94
C ALA E 557 -3.54 22.15 37.03
N LYS E 558 -4.40 22.35 38.02
CA LYS E 558 -4.05 23.27 39.10
C LYS E 558 -2.85 22.78 39.89
N ILE E 559 -2.79 21.47 40.16
CA ILE E 559 -1.64 20.92 40.88
C ILE E 559 -0.37 21.13 40.08
N ALA E 560 -0.44 20.92 38.76
CA ALA E 560 0.72 21.18 37.92
C ALA E 560 1.12 22.64 37.96
N GLU E 561 0.14 23.54 37.94
CA GLU E 561 0.44 24.97 37.93
C GLU E 561 1.10 25.41 39.23
N GLU E 562 0.62 24.89 40.37
CA GLU E 562 1.19 25.30 41.65
C GLU E 562 2.70 25.11 41.67
N SER E 563 3.18 24.06 41.00
CA SER E 563 4.62 23.87 40.85
C SER E 563 5.17 24.81 39.77
N ASN E 564 6.41 25.22 39.96
CA ASN E 564 7.09 26.14 39.04
C ASN E 564 8.18 25.45 38.25
N PHE E 565 7.93 24.21 37.83
CA PHE E 565 8.93 23.49 37.04
C PHE E 565 9.12 24.20 35.69
N PRO E 566 10.37 24.32 35.21
CA PRO E 566 10.59 25.02 33.94
C PRO E 566 9.89 24.39 32.75
N PHE E 567 9.62 23.09 32.77
CA PHE E 567 8.98 22.39 31.66
C PHE E 567 7.66 21.80 32.14
N ILE E 568 6.57 22.14 31.45
CA ILE E 568 5.24 21.60 31.74
C ILE E 568 4.53 21.32 30.43
N LYS E 569 3.90 20.15 30.33
CA LYS E 569 3.16 19.79 29.12
C LYS E 569 1.96 18.95 29.50
N ILE E 570 0.91 19.04 28.69
CA ILE E 570 -0.33 18.29 28.89
C ILE E 570 -0.64 17.53 27.61
N CYS E 571 -0.74 16.20 27.71
CA CYS E 571 -1.06 15.33 26.59
C CYS E 571 -2.48 14.82 26.74
N SER E 572 -3.37 15.25 25.85
CA SER E 572 -4.78 14.93 25.89
C SER E 572 -5.21 14.36 24.54
N PRO E 573 -6.29 13.58 24.52
CA PRO E 573 -6.72 12.99 23.24
C PRO E 573 -7.27 14.00 22.25
N ASP E 574 -7.48 15.25 22.67
CA ASP E 574 -8.05 16.25 21.77
C ASP E 574 -7.19 16.46 20.53
N LYS E 575 -5.89 16.15 20.62
CA LYS E 575 -4.97 16.37 19.51
C LYS E 575 -4.79 15.13 18.64
N MET E 576 -5.47 14.03 18.93
CA MET E 576 -5.28 12.76 18.24
C MET E 576 -6.61 12.22 17.72
N ILE E 577 -7.38 13.07 17.05
CA ILE E 577 -8.65 12.65 16.49
C ILE E 577 -8.40 11.97 15.14
N GLY E 578 -8.77 10.70 15.05
CA GLY E 578 -8.58 9.94 13.83
C GLY E 578 -7.24 9.25 13.70
N PHE E 579 -6.38 9.34 14.72
CA PHE E 579 -5.06 8.72 14.65
C PHE E 579 -5.14 7.23 14.91
N SER E 580 -4.42 6.47 14.09
CA SER E 580 -4.24 5.04 14.33
C SER E 580 -3.29 4.85 15.51
N GLU E 581 -3.27 3.63 16.03
CA GLU E 581 -2.49 3.36 17.25
C GLU E 581 -1.02 3.69 17.05
N THR E 582 -0.51 3.49 15.84
CA THR E 582 0.90 3.81 15.57
C THR E 582 1.16 5.30 15.78
N ALA E 583 0.28 6.17 15.28
CA ALA E 583 0.47 7.60 15.45
C ALA E 583 0.39 7.99 16.92
N LYS E 584 -0.53 7.38 17.67
CA LYS E 584 -0.62 7.66 19.10
C LYS E 584 0.67 7.29 19.81
N CYS E 585 1.20 6.10 19.51
CA CYS E 585 2.45 5.68 20.13
C CYS E 585 3.58 6.64 19.78
N GLN E 586 3.66 7.06 18.51
CA GLN E 586 4.71 7.99 18.11
C GLN E 586 4.58 9.32 18.86
N ALA E 587 3.36 9.82 18.99
CA ALA E 587 3.15 11.10 19.69
C ALA E 587 3.58 10.99 21.15
N MET E 588 3.18 9.92 21.83
CA MET E 588 3.56 9.74 23.23
C MET E 588 5.07 9.63 23.36
N LYS E 589 5.71 8.86 22.47
CA LYS E 589 7.16 8.71 22.54
C LYS E 589 7.85 10.05 22.35
N LYS E 590 7.38 10.84 21.38
CA LYS E 590 7.99 12.15 21.14
C LYS E 590 7.83 13.05 22.36
N ILE E 591 6.64 13.05 22.97
CA ILE E 591 6.42 13.92 24.12
C ILE E 591 7.36 13.54 25.25
N PHE E 592 7.49 12.24 25.53
CA PHE E 592 8.38 11.85 26.62
C PHE E 592 9.83 12.15 26.29
N ASP E 593 10.23 11.93 25.04
CA ASP E 593 11.60 12.24 24.64
C ASP E 593 11.92 13.71 24.84
N ASP E 594 10.98 14.59 24.44
CA ASP E 594 11.16 16.01 24.70
C ASP E 594 11.23 16.29 26.19
N ALA E 595 10.41 15.60 26.99
CA ALA E 595 10.46 15.78 28.44
C ALA E 595 11.79 15.34 29.03
N TYR E 596 12.52 14.47 28.35
CA TYR E 596 13.78 13.95 28.85
C TYR E 596 14.96 14.91 28.65
N LYS E 597 14.72 16.17 28.29
CA LYS E 597 15.79 17.12 28.02
C LYS E 597 15.72 18.32 28.94
N SER E 598 15.53 18.08 30.24
CA SER E 598 15.49 19.18 31.20
C SER E 598 15.85 18.64 32.58
N GLN E 599 16.21 19.57 33.48
CA GLN E 599 16.54 19.18 34.84
C GLN E 599 15.30 18.98 35.69
N LEU E 600 14.14 19.40 35.20
CA LEU E 600 12.88 19.22 35.90
C LEU E 600 11.76 19.16 34.87
N SER E 601 10.75 18.34 35.15
CA SER E 601 9.68 18.13 34.20
C SER E 601 8.42 17.71 34.93
N CYS E 602 7.30 17.79 34.22
CA CYS E 602 6.01 17.37 34.75
C CYS E 602 5.11 17.10 33.55
N VAL E 603 4.54 15.90 33.48
CA VAL E 603 3.71 15.49 32.35
C VAL E 603 2.38 14.99 32.89
N VAL E 604 1.29 15.42 32.25
CA VAL E 604 -0.05 15.03 32.65
C VAL E 604 -0.64 14.17 31.54
N VAL E 605 -1.17 13.01 31.92
CA VAL E 605 -1.87 12.11 31.02
C VAL E 605 -3.29 11.97 31.54
N ASP E 606 -4.23 12.69 30.92
CA ASP E 606 -5.60 12.75 31.37
C ASP E 606 -6.50 11.89 30.48
N ASP E 607 -7.51 11.28 31.11
CA ASP E 607 -8.46 10.42 30.43
C ASP E 607 -7.74 9.25 29.76
N ILE E 608 -7.15 8.40 30.62
CA ILE E 608 -6.42 7.23 30.12
C ILE E 608 -7.35 6.32 29.35
N GLU E 609 -8.57 6.11 29.86
CA GLU E 609 -9.47 5.16 29.22
C GLU E 609 -9.80 5.56 27.80
N ARG E 610 -9.61 6.85 27.47
CA ARG E 610 -9.79 7.28 26.09
C ARG E 610 -8.49 7.14 25.29
N LEU E 611 -7.38 6.85 25.97
CA LEU E 611 -6.13 6.60 25.26
C LEU E 611 -6.03 5.15 24.82
N LEU E 612 -6.56 4.23 25.64
CA LEU E 612 -6.55 2.82 25.25
C LEU E 612 -7.70 2.47 24.33
N ASP E 613 -8.62 3.40 24.09
CA ASP E 613 -9.79 3.15 23.23
C ASP E 613 -10.61 1.97 23.78
N TYR E 614 -11.12 2.14 24.98
CA TYR E 614 -11.84 1.11 25.71
C TYR E 614 -13.34 1.23 25.48
N VAL E 615 -13.98 0.11 25.14
CA VAL E 615 -15.43 0.02 25.02
C VAL E 615 -15.86 -1.27 25.72
N PRO E 616 -16.92 -1.24 26.55
CA PRO E 616 -17.23 -2.41 27.38
C PRO E 616 -17.93 -3.58 26.68
N ILE E 617 -17.97 -3.60 25.35
CA ILE E 617 -18.59 -4.71 24.62
C ILE E 617 -17.46 -5.62 24.16
N GLY E 618 -17.16 -6.62 24.98
CA GLY E 618 -16.26 -7.70 24.61
C GLY E 618 -15.19 -8.02 25.64
N PRO E 619 -14.55 -7.00 26.22
CA PRO E 619 -14.39 -5.61 25.77
C PRO E 619 -13.30 -5.52 24.71
N ARG E 620 -13.15 -4.39 24.04
N ARG E 620 -13.19 -4.39 24.01
CA ARG E 620 -12.19 -4.22 22.96
CA ARG E 620 -12.19 -4.20 22.97
C ARG E 620 -11.33 -3.00 23.21
C ARG E 620 -11.28 -3.04 23.34
N PHE E 621 -10.05 -3.10 22.88
CA PHE E 621 -9.09 -2.02 23.09
C PHE E 621 -7.85 -2.31 22.23
N SER E 622 -6.84 -1.46 22.40
CA SER E 622 -5.60 -1.55 21.64
C SER E 622 -4.45 -1.91 22.58
N ASN E 623 -3.61 -2.87 22.14
CA ASN E 623 -2.53 -3.42 22.99
C ASN E 623 -1.19 -2.71 22.74
N LEU E 624 -0.95 -2.01 21.63
CA LEU E 624 0.28 -1.25 21.45
C LEU E 624 0.35 -0.09 22.43
N VAL E 625 -0.73 0.68 22.55
CA VAL E 625 -0.74 1.84 23.43
C VAL E 625 -0.61 1.38 24.88
N LEU E 626 -1.27 0.27 25.23
CA LEU E 626 -1.17 -0.23 26.60
C LEU E 626 0.28 -0.59 26.93
N GLN E 627 0.97 -1.27 26.02
CA GLN E 627 2.36 -1.64 26.29
C GLN E 627 3.26 -0.42 26.37
N ALA E 628 3.05 0.55 25.48
CA ALA E 628 3.85 1.77 25.55
C ALA E 628 3.65 2.48 26.89
N LEU E 629 2.40 2.56 27.35
CA LEU E 629 2.13 3.22 28.63
C LEU E 629 2.68 2.42 29.80
N LEU E 630 2.65 1.09 29.72
CA LEU E 630 3.19 0.28 30.81
C LEU E 630 4.71 0.32 30.86
N VAL E 631 5.38 0.55 29.74
CA VAL E 631 6.83 0.62 29.74
C VAL E 631 7.34 2.03 30.05
N LEU E 632 6.60 3.07 29.68
CA LEU E 632 7.07 4.44 29.90
C LEU E 632 6.87 4.93 31.33
N LEU E 633 6.15 4.19 32.17
CA LEU E 633 5.96 4.57 33.56
C LEU E 633 7.01 3.99 34.50
N LYS E 634 8.04 3.32 33.97
CA LYS E 634 9.00 2.63 34.81
C LYS E 634 10.46 2.94 34.49
N LYS E 635 10.79 3.48 33.32
CA LYS E 635 12.17 3.76 32.97
C LYS E 635 12.58 5.13 33.50
N ALA E 636 13.72 5.18 34.17
CA ALA E 636 14.20 6.42 34.75
C ALA E 636 14.91 7.27 33.70
N PRO E 637 14.98 8.57 33.89
CA PRO E 637 15.64 9.43 32.92
C PRO E 637 17.15 9.39 33.10
N PRO E 638 17.91 10.05 32.25
CA PRO E 638 19.37 10.02 32.39
C PRO E 638 19.78 10.57 33.75
N GLN E 639 20.92 10.08 34.24
CA GLN E 639 21.39 10.40 35.59
C GLN E 639 21.26 11.88 35.90
N GLY E 640 20.94 12.18 37.15
CA GLY E 640 20.80 13.56 37.59
C GLY E 640 19.64 14.30 36.97
N ARG E 641 18.47 13.66 36.88
CA ARG E 641 17.27 14.31 36.36
C ARG E 641 16.06 13.75 37.09
N LYS E 642 14.95 14.48 37.00
CA LYS E 642 13.72 14.13 37.70
C LYS E 642 12.53 14.16 36.74
N LEU E 643 11.47 13.47 37.13
CA LEU E 643 10.26 13.37 36.32
C LEU E 643 9.08 13.05 37.22
N LEU E 644 7.94 13.66 36.92
CA LEU E 644 6.69 13.43 37.65
C LEU E 644 5.56 13.22 36.65
N ILE E 645 4.72 12.22 36.91
CA ILE E 645 3.62 11.85 36.02
C ILE E 645 2.34 11.82 36.82
N ILE E 646 1.33 12.56 36.35
CA ILE E 646 0.02 12.62 36.99
C ILE E 646 -1.02 12.07 36.00
N GLY E 647 -1.73 11.02 36.42
CA GLY E 647 -2.71 10.37 35.58
C GLY E 647 -4.14 10.53 36.07
N THR E 648 -5.09 10.59 35.14
CA THR E 648 -6.50 10.75 35.47
C THR E 648 -7.31 9.63 34.81
N THR E 649 -8.26 9.09 35.56
CA THR E 649 -9.10 8.01 35.07
C THR E 649 -10.45 8.08 35.79
N SER E 650 -11.44 7.41 35.19
CA SER E 650 -12.78 7.37 35.77
C SER E 650 -13.27 5.97 36.06
N ARG E 651 -12.50 4.92 35.75
CA ARG E 651 -12.92 3.53 35.98
C ARG E 651 -11.70 2.80 36.54
N LYS E 652 -11.63 2.70 37.87
CA LYS E 652 -10.49 2.05 38.50
C LYS E 652 -10.50 0.54 38.32
N ASP E 653 -11.68 -0.09 38.36
CA ASP E 653 -11.73 -1.55 38.28
C ASP E 653 -11.16 -2.05 36.97
N VAL E 654 -11.45 -1.36 35.87
CA VAL E 654 -10.93 -1.77 34.57
C VAL E 654 -9.41 -1.76 34.59
N LEU E 655 -8.82 -0.69 35.13
CA LEU E 655 -7.36 -0.63 35.22
C LEU E 655 -6.83 -1.73 36.12
N GLN E 656 -7.53 -2.04 37.22
CA GLN E 656 -7.08 -3.09 38.11
C GLN E 656 -7.04 -4.44 37.40
N GLU E 657 -8.02 -4.70 36.55
CA GLU E 657 -8.03 -5.98 35.83
C GLU E 657 -6.82 -6.13 34.93
N MET E 658 -6.41 -5.05 34.24
CA MET E 658 -5.24 -5.14 33.37
C MET E 658 -3.91 -5.18 34.12
N GLU E 659 -3.92 -5.12 35.45
CA GLU E 659 -2.67 -5.13 36.23
C GLU E 659 -1.82 -3.91 35.91
N MET E 660 -2.46 -2.75 35.91
CA MET E 660 -1.77 -1.47 35.74
C MET E 660 -1.69 -0.63 37.02
N LEU E 661 -2.47 -0.96 38.05
CA LEU E 661 -2.48 -0.14 39.26
C LEU E 661 -1.21 -0.31 40.07
N ASN E 662 -0.54 -1.46 39.97
CA ASN E 662 0.70 -1.64 40.73
C ASN E 662 1.83 -0.78 40.17
N ALA E 663 1.74 -0.39 38.89
CA ALA E 663 2.80 0.41 38.29
C ALA E 663 2.83 1.82 38.87
N PHE E 664 1.68 2.35 39.27
CA PHE E 664 1.65 3.67 39.87
C PHE E 664 2.17 3.60 41.31
N SER E 665 2.41 4.77 41.90
CA SER E 665 2.91 4.82 43.28
C SER E 665 1.79 5.06 44.29
N THR E 666 0.88 6.00 44.01
CA THR E 666 -0.21 6.24 44.94
C THR E 666 -1.44 6.70 44.17
N THR E 667 -2.59 6.60 44.83
CA THR E 667 -3.87 7.05 44.31
C THR E 667 -4.55 7.94 45.34
N ILE E 668 -5.15 9.03 44.87
CA ILE E 668 -5.85 9.98 45.73
C ILE E 668 -7.29 10.11 45.23
N HIS E 669 -8.24 10.09 46.15
CA HIS E 669 -9.65 10.00 45.83
C HIS E 669 -10.29 11.38 45.80
N VAL E 670 -11.09 11.63 44.78
CA VAL E 670 -11.78 12.90 44.58
C VAL E 670 -13.28 12.64 44.65
N PRO E 671 -13.93 12.94 45.78
CA PRO E 671 -15.36 12.66 45.91
C PRO E 671 -16.19 13.84 45.41
N ASN E 672 -17.51 13.67 45.46
CA ASN E 672 -18.45 14.70 45.04
C ASN E 672 -19.37 15.07 46.21
N ILE E 673 -20.22 16.07 45.95
CA ILE E 673 -21.10 16.60 46.98
C ILE E 673 -21.95 15.49 47.55
N ALA E 674 -22.02 15.41 48.88
CA ALA E 674 -22.75 14.32 49.53
C ALA E 674 -23.53 14.81 50.75
N THR E 675 -24.01 16.05 50.74
CA THR E 675 -24.78 16.56 51.87
C THR E 675 -25.37 17.91 51.50
N GLY E 676 -26.51 18.21 52.12
CA GLY E 676 -27.23 19.45 51.82
C GLY E 676 -26.43 20.70 52.16
N GLU E 677 -25.70 20.66 53.28
CA GLU E 677 -24.90 21.81 53.67
C GLU E 677 -23.91 22.20 52.58
N GLN E 678 -23.23 21.20 52.00
CA GLN E 678 -22.26 21.50 50.95
C GLN E 678 -22.94 22.12 49.73
N LEU E 679 -24.11 21.60 49.35
CA LEU E 679 -24.83 22.16 48.21
C LEU E 679 -25.23 23.60 48.48
N LEU E 680 -25.74 23.89 49.68
CA LEU E 680 -26.15 25.25 50.00
C LEU E 680 -24.94 26.19 50.01
N GLU E 681 -23.81 25.73 50.54
CA GLU E 681 -22.62 26.55 50.55
C GLU E 681 -22.13 26.83 49.13
N ALA E 682 -22.17 25.82 48.26
CA ALA E 682 -21.78 26.02 46.87
C ALA E 682 -22.68 27.02 46.16
N LEU E 683 -24.00 26.92 46.40
CA LEU E 683 -24.91 27.91 45.82
C LEU E 683 -24.62 29.31 46.35
N GLU E 684 -24.33 29.42 47.64
CA GLU E 684 -23.96 30.72 48.20
C GLU E 684 -22.69 31.26 47.54
N LEU E 685 -21.68 30.39 47.37
CA LEU E 685 -20.42 30.82 46.77
C LEU E 685 -20.58 31.13 45.29
N LEU E 686 -21.70 30.73 44.68
CA LEU E 686 -21.91 31.05 43.28
C LEU E 686 -22.73 32.33 43.13
N GLY E 687 -23.65 32.58 44.05
CA GLY E 687 -24.47 33.79 44.00
C GLY E 687 -25.46 33.79 42.86
N ASN E 688 -26.33 32.78 42.82
CA ASN E 688 -27.36 32.66 41.80
C ASN E 688 -28.76 32.75 42.39
N PHE E 689 -29.06 31.92 43.39
CA PHE E 689 -30.32 32.00 44.12
C PHE E 689 -30.05 32.64 45.48
N LYS E 690 -30.85 33.65 45.82
CA LYS E 690 -30.60 34.45 47.01
C LYS E 690 -31.92 34.87 47.63
N ASP E 691 -31.86 35.31 48.89
CA ASP E 691 -33.02 35.78 49.63
C ASP E 691 -33.98 34.63 49.97
N LYS E 692 -35.28 34.88 49.86
CA LYS E 692 -36.25 33.87 50.25
C LYS E 692 -36.13 32.61 49.39
N GLU E 693 -35.66 32.75 48.14
CA GLU E 693 -35.49 31.58 47.29
C GLU E 693 -34.53 30.58 47.93
N ARG E 694 -33.38 31.06 48.39
CA ARG E 694 -32.44 30.18 49.09
C ARG E 694 -33.04 29.65 50.38
N THR E 695 -33.88 30.44 51.06
CA THR E 695 -34.52 29.96 52.26
C THR E 695 -35.44 28.77 51.98
N THR E 696 -36.28 28.87 50.95
CA THR E 696 -37.15 27.75 50.60
C THR E 696 -36.35 26.56 50.08
N ILE E 697 -35.29 26.81 49.31
CA ILE E 697 -34.46 25.70 48.84
C ILE E 697 -33.85 24.96 50.02
N ALA E 698 -33.34 25.71 51.00
CA ALA E 698 -32.76 25.07 52.19
C ALA E 698 -33.81 24.32 52.99
N GLN E 699 -35.00 24.90 53.12
CA GLN E 699 -36.07 24.21 53.86
C GLN E 699 -36.43 22.89 53.19
N GLN E 700 -36.51 22.88 51.86
CA GLN E 700 -36.92 21.68 51.15
C GLN E 700 -35.80 20.64 51.09
N VAL E 701 -34.55 21.09 50.97
CA VAL E 701 -33.44 20.18 50.72
C VAL E 701 -33.17 19.27 51.91
N LYS E 702 -33.33 19.78 53.13
CA LYS E 702 -32.98 19.02 54.32
C LYS E 702 -33.57 17.62 54.26
N GLY E 703 -32.70 16.62 54.30
CA GLY E 703 -33.13 15.24 54.20
C GLY E 703 -32.97 14.70 52.79
N LYS E 704 -32.85 13.37 52.71
CA LYS E 704 -32.74 12.56 51.50
C LYS E 704 -31.34 12.62 50.88
N LYS E 705 -30.42 13.46 51.38
CA LYS E 705 -29.07 13.52 50.83
C LYS E 705 -29.07 13.84 49.34
N VAL E 706 -27.87 13.88 48.75
CA VAL E 706 -27.72 14.22 47.33
C VAL E 706 -26.47 13.52 46.80
N TRP E 707 -26.49 13.20 45.52
CA TRP E 707 -25.40 12.48 44.86
C TRP E 707 -25.08 13.12 43.52
N ILE E 708 -24.92 14.44 43.50
CA ILE E 708 -24.72 15.21 42.28
C ILE E 708 -23.31 15.77 42.26
N GLY E 709 -22.67 15.68 41.10
CA GLY E 709 -21.35 16.26 40.91
C GLY E 709 -21.38 17.75 40.59
N ILE E 710 -20.19 18.34 40.56
CA ILE E 710 -20.08 19.79 40.39
C ILE E 710 -20.48 20.21 38.97
N LYS E 711 -20.03 19.47 37.96
CA LYS E 711 -20.35 19.84 36.58
C LYS E 711 -21.86 19.79 36.35
N LYS E 712 -22.50 18.74 36.83
CA LYS E 712 -23.95 18.62 36.68
C LYS E 712 -24.65 19.74 37.44
N LEU E 713 -24.11 20.13 38.59
CA LEU E 713 -24.70 21.24 39.33
C LEU E 713 -24.63 22.53 38.52
N LEU E 714 -23.49 22.79 37.88
CA LEU E 714 -23.39 23.98 37.04
C LEU E 714 -24.37 23.91 35.88
N MET E 715 -24.48 22.74 35.26
CA MET E 715 -25.40 22.59 34.14
C MET E 715 -26.83 22.85 34.57
N LEU E 716 -27.23 22.34 35.74
CA LEU E 716 -28.63 22.47 36.16
C LEU E 716 -28.94 23.87 36.66
N ILE E 717 -27.96 24.54 37.29
CA ILE E 717 -28.17 25.92 37.70
C ILE E 717 -28.31 26.82 36.48
N GLU E 718 -27.57 26.52 35.40
CA GLU E 718 -27.75 27.31 34.18
C GLU E 718 -29.05 26.95 33.46
N MET E 719 -29.43 25.67 33.46
CA MET E 719 -30.66 25.24 32.81
C MET E 719 -31.89 25.84 33.49
N SER E 720 -31.83 26.05 34.80
CA SER E 720 -33.03 26.49 35.52
C SER E 720 -33.36 27.96 35.30
N LEU E 721 -32.38 28.80 34.97
CA LEU E 721 -32.58 30.24 34.90
C LEU E 721 -33.16 30.70 33.57
N GLN E 722 -33.77 29.80 32.79
CA GLN E 722 -34.36 30.17 31.51
C GLN E 722 -35.88 30.27 31.56
N MET E 723 -36.47 30.20 32.74
CA MET E 723 -37.92 30.30 32.90
C MET E 723 -38.26 31.65 33.54
N ASP E 724 -39.55 31.86 33.81
CA ASP E 724 -39.96 33.08 34.48
C ASP E 724 -39.57 33.01 35.95
N PRO E 725 -39.47 34.16 36.62
CA PRO E 725 -38.99 34.16 38.01
C PRO E 725 -39.82 33.32 38.96
N GLU E 726 -41.12 33.16 38.70
CA GLU E 726 -41.97 32.44 39.63
C GLU E 726 -41.77 30.93 39.56
N TYR E 727 -41.20 30.42 38.47
CA TYR E 727 -41.09 28.98 38.27
C TYR E 727 -39.67 28.45 38.34
N ARG E 728 -38.67 29.30 38.61
CA ARG E 728 -37.29 28.83 38.59
C ARG E 728 -37.01 27.81 39.68
N VAL E 729 -37.48 28.08 40.90
CA VAL E 729 -37.18 27.21 42.03
C VAL E 729 -37.79 25.83 41.83
N ARG E 730 -39.05 25.78 41.40
CA ARG E 730 -39.72 24.49 41.20
C ARG E 730 -39.01 23.69 40.12
N LYS E 731 -38.64 24.33 39.03
CA LYS E 731 -37.95 23.62 37.95
C LYS E 731 -36.61 23.09 38.43
N PHE E 732 -35.86 23.90 39.20
CA PHE E 732 -34.57 23.43 39.71
C PHE E 732 -34.76 22.22 40.62
N LEU E 733 -35.75 22.27 41.51
CA LEU E 733 -35.99 21.15 42.42
C LEU E 733 -36.38 19.90 41.64
N ALA E 734 -37.22 20.06 40.61
CA ALA E 734 -37.60 18.91 39.79
C ALA E 734 -36.39 18.31 39.09
N LEU E 735 -35.52 19.17 38.55
CA LEU E 735 -34.30 18.70 37.87
C LEU E 735 -33.40 17.94 38.84
N LEU E 736 -33.24 18.44 40.06
CA LEU E 736 -32.39 17.80 41.07
C LEU E 736 -32.89 16.42 41.44
N ARG E 737 -34.21 16.24 41.55
CA ARG E 737 -34.85 14.98 41.91
C ARG E 737 -34.55 13.86 40.91
N GLU E 738 -34.52 14.15 39.62
CA GLU E 738 -34.33 13.10 38.61
C GLU E 738 -32.92 12.54 38.62
N GLU E 739 -31.89 13.35 38.40
CA GLU E 739 -30.52 12.86 38.32
C GLU E 739 -30.04 12.25 39.65
N GLY E 740 -30.88 12.28 40.69
CA GLY E 740 -30.48 11.83 42.01
C GLY E 740 -30.64 10.34 42.21
N ALA E 741 -29.54 9.60 42.11
CA ALA E 741 -29.51 8.14 42.33
C ALA E 741 -28.28 7.83 43.18
N SER E 742 -28.50 7.69 44.49
CA SER E 742 -27.42 7.41 45.43
C SER E 742 -26.83 6.02 45.17
N PRO E 743 -25.57 5.79 45.58
CA PRO E 743 -24.90 4.49 45.40
C PRO E 743 -25.43 3.42 46.36
N ILE F 212 59.92 -16.34 -2.09
CA ILE F 212 59.37 -16.72 -0.80
C ILE F 212 59.80 -15.72 0.27
N ASN F 213 58.82 -14.99 0.81
CA ASN F 213 59.05 -13.96 1.83
C ASN F 213 58.01 -14.12 2.92
N PRO F 214 58.20 -15.10 3.81
CA PRO F 214 57.29 -15.33 4.94
C PRO F 214 57.66 -14.51 6.18
N ASP F 215 57.78 -13.20 6.01
CA ASP F 215 58.05 -12.28 7.11
C ASP F 215 56.74 -11.69 7.59
N TRP F 216 56.51 -11.73 8.90
CA TRP F 216 55.23 -11.37 9.48
C TRP F 216 55.41 -10.43 10.67
N ASN F 217 56.21 -9.38 10.47
CA ASN F 217 56.27 -8.28 11.42
C ASN F 217 55.14 -7.27 11.23
N PHE F 218 54.08 -7.65 10.52
CA PHE F 218 53.02 -6.71 10.20
C PHE F 218 52.37 -6.15 11.45
N GLU F 219 52.11 -7.00 12.44
CA GLU F 219 51.46 -6.55 13.67
C GLU F 219 52.32 -5.49 14.37
N LYS F 220 53.64 -5.69 14.41
CA LYS F 220 54.56 -4.70 14.97
C LYS F 220 55.13 -3.77 13.92
N MET F 221 54.76 -3.94 12.64
CA MET F 221 55.25 -3.03 11.60
C MET F 221 54.68 -1.64 11.75
N GLY F 222 53.47 -1.52 12.29
CA GLY F 222 52.81 -0.23 12.42
C GLY F 222 51.30 -0.33 12.26
N ILE F 223 50.81 -1.50 11.87
CA ILE F 223 49.39 -1.77 11.80
C ILE F 223 49.09 -3.02 12.62
N GLY F 224 48.12 -2.93 13.52
CA GLY F 224 47.75 -4.03 14.38
C GLY F 224 46.99 -5.13 13.65
N GLY F 225 45.81 -4.80 13.15
CA GLY F 225 45.02 -5.77 12.40
C GLY F 225 44.70 -7.01 13.22
N LEU F 226 44.91 -8.19 12.62
CA LEU F 226 44.60 -9.46 13.23
C LEU F 226 45.69 -10.47 12.90
N ASP F 227 45.77 -11.52 13.72
CA ASP F 227 46.78 -12.57 13.58
C ASP F 227 46.26 -13.78 12.82
N LYS F 228 45.35 -13.62 11.85
CA LYS F 228 44.85 -14.77 11.11
C LYS F 228 44.88 -14.57 9.60
N GLU F 229 44.82 -13.32 9.14
CA GLU F 229 44.75 -13.05 7.70
C GLU F 229 46.01 -13.49 6.98
N PHE F 230 47.20 -13.27 7.56
CA PHE F 230 48.43 -13.45 6.80
C PHE F 230 48.55 -14.86 6.25
N SER F 231 48.21 -15.86 7.07
CA SER F 231 48.36 -17.24 6.62
C SER F 231 47.60 -17.48 5.33
N ASP F 232 46.31 -17.14 5.31
CA ASP F 232 45.51 -17.33 4.10
C ASP F 232 46.06 -16.50 2.94
N ILE F 233 46.31 -15.21 3.17
CA ILE F 233 46.72 -14.35 2.06
C ILE F 233 47.97 -14.88 1.40
N PHE F 234 49.00 -15.19 2.19
CA PHE F 234 50.26 -15.55 1.56
C PHE F 234 50.34 -17.02 1.18
N ARG F 235 49.56 -17.92 1.79
CA ARG F 235 49.45 -19.24 1.20
C ARG F 235 48.86 -19.15 -0.20
N ARG F 236 47.83 -18.33 -0.37
CA ARG F 236 47.24 -18.15 -1.70
C ARG F 236 48.24 -17.51 -2.66
N ALA F 237 48.95 -16.48 -2.20
CA ALA F 237 49.90 -15.79 -3.07
C ALA F 237 51.01 -16.72 -3.51
N PHE F 238 51.57 -17.51 -2.58
CA PHE F 238 52.64 -18.42 -2.94
C PHE F 238 52.14 -19.51 -3.89
N ALA F 239 50.96 -20.08 -3.60
CA ALA F 239 50.38 -21.03 -4.54
C ALA F 239 50.25 -20.41 -5.93
N SER F 240 49.88 -19.13 -6.00
CA SER F 240 49.65 -18.47 -7.27
C SER F 240 50.95 -18.26 -8.05
N ARG F 241 51.90 -17.50 -7.48
CA ARG F 241 52.96 -16.92 -8.30
C ARG F 241 54.36 -17.44 -8.03
N VAL F 242 54.57 -18.26 -7.01
CA VAL F 242 55.92 -18.67 -6.66
C VAL F 242 56.54 -19.49 -7.79
N PHE F 243 55.77 -20.42 -8.37
CA PHE F 243 56.34 -21.36 -9.32
C PHE F 243 56.75 -20.65 -10.61
N PRO F 244 57.68 -21.23 -11.36
CA PRO F 244 58.10 -20.60 -12.61
C PRO F 244 56.95 -20.52 -13.59
N PRO F 245 56.99 -19.56 -14.51
CA PRO F 245 55.85 -19.37 -15.43
C PRO F 245 55.51 -20.58 -16.28
N GLU F 246 56.51 -21.34 -16.73
CA GLU F 246 56.24 -22.39 -17.72
C GLU F 246 55.43 -23.54 -17.14
N ILE F 247 55.73 -23.98 -15.92
CA ILE F 247 54.96 -25.09 -15.36
C ILE F 247 53.52 -24.69 -15.11
N VAL F 248 53.29 -23.48 -14.59
CA VAL F 248 51.93 -22.99 -14.37
C VAL F 248 51.19 -22.89 -15.70
N GLU F 249 51.87 -22.38 -16.74
CA GLU F 249 51.25 -22.29 -18.06
C GLU F 249 50.88 -23.66 -18.60
N GLN F 250 51.76 -24.64 -18.42
CA GLN F 250 51.47 -25.99 -18.88
C GLN F 250 50.25 -26.55 -18.16
N MET F 251 50.17 -26.29 -16.85
CA MET F 251 49.06 -26.79 -16.04
C MET F 251 47.78 -26.01 -16.28
N GLY F 252 47.85 -24.87 -16.94
CA GLY F 252 46.64 -24.14 -17.30
C GLY F 252 45.83 -23.66 -16.12
N CYS F 253 46.48 -23.12 -15.09
CA CYS F 253 45.80 -22.58 -13.93
C CYS F 253 45.73 -21.06 -14.01
N LYS F 254 44.66 -20.49 -13.46
CA LYS F 254 44.45 -19.06 -13.50
C LYS F 254 44.97 -18.42 -12.23
N HIS F 255 45.77 -17.37 -12.39
CA HIS F 255 46.29 -16.64 -11.24
C HIS F 255 45.14 -15.89 -10.57
N VAL F 256 45.22 -15.75 -9.25
CA VAL F 256 44.18 -15.03 -8.52
C VAL F 256 44.42 -13.54 -8.67
N LYS F 257 43.44 -12.83 -9.22
CA LYS F 257 43.55 -11.40 -9.47
C LYS F 257 42.30 -10.73 -8.93
N GLY F 258 42.34 -10.31 -7.67
CA GLY F 258 41.24 -9.60 -7.05
C GLY F 258 41.01 -9.92 -5.60
N ILE F 259 40.92 -8.88 -4.77
CA ILE F 259 40.64 -8.98 -3.34
C ILE F 259 39.64 -7.90 -2.97
N LEU F 260 38.58 -8.29 -2.29
CA LEU F 260 37.56 -7.34 -1.86
C LEU F 260 37.70 -7.10 -0.37
N LEU F 261 37.79 -5.83 0.01
CA LEU F 261 37.87 -5.44 1.42
C LEU F 261 36.77 -4.45 1.73
N TYR F 262 35.98 -4.85 2.84
CA TYR F 262 34.98 -3.86 3.21
C TYR F 262 34.76 -3.89 4.73
N GLY F 263 34.14 -2.81 5.21
CA GLY F 263 33.95 -2.60 6.63
C GLY F 263 33.76 -1.13 6.92
N PRO F 264 33.54 -0.77 8.19
CA PRO F 264 33.31 0.62 8.53
C PRO F 264 34.57 1.45 8.38
N PRO F 265 34.44 2.77 8.26
CA PRO F 265 35.63 3.61 8.08
C PRO F 265 36.41 3.75 9.37
N GLY F 266 37.68 4.13 9.20
CA GLY F 266 38.58 4.35 10.31
C GLY F 266 39.26 3.10 10.84
N CYS F 267 38.91 1.92 10.31
CA CYS F 267 39.54 0.67 10.71
C CYS F 267 40.74 0.31 9.84
N GLY F 268 40.98 1.06 8.76
CA GLY F 268 42.06 0.77 7.86
C GLY F 268 41.66 -0.05 6.65
N LYS F 269 41.81 0.53 5.45
CA LYS F 269 41.49 -0.13 4.16
C LYS F 269 42.71 0.07 3.24
N THR F 270 43.17 1.31 3.03
CA THR F 270 44.38 1.63 2.30
C THR F 270 45.58 1.00 2.98
N LEU F 271 45.56 0.87 4.31
CA LEU F 271 46.71 0.29 5.00
C LEU F 271 46.93 -1.16 4.59
N LEU F 272 45.86 -1.97 4.58
CA LEU F 272 45.98 -3.34 4.10
C LEU F 272 46.43 -3.36 2.65
N ALA F 273 45.87 -2.46 1.84
CA ALA F 273 46.27 -2.38 0.44
C ALA F 273 47.77 -2.14 0.31
N ARG F 274 48.29 -1.17 1.05
CA ARG F 274 49.71 -0.83 0.98
C ARG F 274 50.57 -2.00 1.46
N GLN F 275 50.19 -2.62 2.58
CA GLN F 275 51.01 -3.70 3.10
C GLN F 275 51.09 -4.85 2.10
N ILE F 276 50.01 -5.25 1.55
CA ILE F 276 49.99 -6.35 0.60
C ILE F 276 50.74 -5.99 -0.67
N GLY F 277 50.60 -4.73 -1.13
CA GLY F 277 51.36 -4.31 -2.28
C GLY F 277 52.86 -4.31 -2.05
N LYS F 278 53.31 -3.88 -0.86
CA LYS F 278 54.75 -3.86 -0.66
C LYS F 278 55.28 -5.28 -0.58
N MET F 279 54.66 -6.11 0.26
CA MET F 279 55.19 -7.42 0.58
C MET F 279 55.17 -8.37 -0.61
N LEU F 280 54.12 -8.28 -1.44
CA LEU F 280 54.01 -8.92 -2.74
C LEU F 280 54.92 -8.31 -3.80
N ASN F 281 55.79 -7.37 -3.40
CA ASN F 281 56.75 -6.69 -4.26
C ASN F 281 56.14 -6.35 -5.63
N ALA F 282 55.50 -5.19 -5.71
CA ALA F 282 54.79 -4.79 -6.92
C ALA F 282 55.15 -3.35 -7.29
N ARG F 283 54.50 -2.79 -8.29
CA ARG F 283 54.74 -1.42 -8.70
C ARG F 283 54.01 -0.47 -7.74
N GLU F 284 54.40 0.80 -7.77
CA GLU F 284 53.72 1.79 -6.94
C GLU F 284 52.24 1.84 -7.28
N PRO F 285 51.35 1.88 -6.29
CA PRO F 285 49.91 1.85 -6.59
C PRO F 285 49.41 3.13 -7.21
N LYS F 286 48.33 3.00 -7.98
CA LYS F 286 47.60 4.14 -8.53
C LYS F 286 46.18 4.08 -7.97
N VAL F 287 45.67 5.22 -7.50
CA VAL F 287 44.40 5.25 -6.78
C VAL F 287 43.34 5.95 -7.61
N VAL F 288 42.12 5.44 -7.71
CA VAL F 288 41.00 6.06 -8.41
C VAL F 288 39.76 5.95 -7.55
N ASN F 289 39.00 7.04 -7.46
CA ASN F 289 37.81 7.08 -6.63
C ASN F 289 36.62 6.54 -7.41
N GLY F 290 35.45 6.54 -6.78
CA GLY F 290 34.27 5.93 -7.35
C GLY F 290 33.43 6.89 -8.17
N PRO F 291 33.08 8.05 -7.60
CA PRO F 291 32.36 9.05 -8.39
C PRO F 291 33.07 9.50 -9.65
N GLU F 292 34.30 10.01 -9.52
CA GLU F 292 34.91 10.73 -10.64
C GLU F 292 35.14 9.82 -11.84
N ILE F 293 35.36 8.53 -11.61
CA ILE F 293 35.52 7.61 -12.74
C ILE F 293 34.26 7.59 -13.58
N LEU F 294 33.10 7.75 -12.93
CA LEU F 294 31.83 7.98 -13.63
C LEU F 294 31.79 9.45 -14.05
N ASN F 295 32.72 9.80 -14.94
CA ASN F 295 32.93 11.20 -15.26
C ASN F 295 31.70 11.79 -15.93
N LYS F 296 31.37 13.01 -15.71
CA LYS F 296 30.20 13.69 -16.26
C LYS F 296 30.08 13.64 -17.78
N TYR F 297 31.18 13.72 -18.52
CA TYR F 297 31.09 13.65 -19.97
C TYR F 297 30.65 12.25 -20.38
N VAL F 298 29.66 12.16 -21.27
CA VAL F 298 29.18 10.86 -21.73
C VAL F 298 30.00 10.45 -22.94
N GLY F 299 30.48 9.21 -22.93
CA GLY F 299 31.37 8.68 -23.93
C GLY F 299 32.80 8.62 -23.42
N GLU F 300 33.12 9.42 -22.42
CA GLU F 300 34.36 9.44 -21.66
C GLU F 300 34.59 8.17 -20.85
N SER F 301 33.54 7.60 -20.27
CA SER F 301 33.62 6.42 -19.41
C SER F 301 34.05 5.16 -20.17
N GLU F 302 34.40 5.31 -21.45
CA GLU F 302 34.96 4.23 -22.24
C GLU F 302 36.45 4.52 -22.45
N ALA F 303 36.78 5.67 -23.00
CA ALA F 303 38.18 6.02 -23.23
C ALA F 303 38.95 6.14 -21.93
N ASN F 304 38.38 6.78 -20.92
CA ASN F 304 39.06 6.96 -19.65
C ASN F 304 39.32 5.62 -18.98
N ILE F 305 38.33 4.72 -19.02
CA ILE F 305 38.53 3.40 -18.41
C ILE F 305 39.57 2.62 -19.20
N ARG F 306 39.57 2.77 -20.53
CA ARG F 306 40.56 2.05 -21.32
C ARG F 306 41.96 2.58 -21.07
N LYS F 307 42.08 3.85 -20.69
CA LYS F 307 43.39 4.43 -20.43
C LYS F 307 44.09 3.74 -19.26
N LEU F 308 43.35 3.47 -18.19
CA LEU F 308 43.94 2.80 -17.03
C LEU F 308 44.55 1.46 -17.43
N PHE F 309 43.78 0.65 -18.14
CA PHE F 309 44.26 -0.67 -18.54
C PHE F 309 45.34 -0.57 -19.61
N ALA F 310 45.27 0.46 -20.47
CA ALA F 310 46.31 0.65 -21.48
C ALA F 310 47.64 0.99 -20.85
N ASP F 311 47.61 1.70 -19.71
CA ASP F 311 48.85 2.03 -19.02
C ASP F 311 49.63 0.76 -18.70
N ALA F 312 48.95 -0.27 -18.21
CA ALA F 312 49.61 -1.54 -17.94
C ALA F 312 49.82 -2.37 -19.19
N GLU F 313 48.92 -2.25 -20.18
CA GLU F 313 49.04 -3.05 -21.40
C GLU F 313 50.30 -2.68 -22.18
N GLU F 314 50.62 -1.38 -22.25
CA GLU F 314 51.83 -0.97 -22.94
C GLU F 314 53.05 -1.62 -22.31
N GLU F 315 53.12 -1.59 -20.98
CA GLU F 315 54.26 -2.19 -20.28
C GLU F 315 54.30 -3.70 -20.50
N GLN F 316 53.13 -4.35 -20.44
CA GLN F 316 53.08 -5.80 -20.63
C GLN F 316 53.55 -6.17 -22.04
N ARG F 317 53.12 -5.42 -23.04
CA ARG F 317 53.54 -5.70 -24.41
C ARG F 317 55.03 -5.44 -24.60
N ARG F 318 55.53 -4.35 -24.01
CA ARG F 318 56.94 -4.01 -24.21
C ARG F 318 57.85 -5.07 -23.61
N LEU F 319 57.59 -5.46 -22.36
CA LEU F 319 58.45 -6.41 -21.67
C LEU F 319 58.04 -7.86 -21.92
N GLY F 320 56.92 -8.10 -22.61
CA GLY F 320 56.51 -9.46 -22.88
C GLY F 320 55.84 -10.10 -21.68
N ALA F 321 55.78 -11.44 -21.71
CA ALA F 321 55.09 -12.16 -20.64
C ALA F 321 55.77 -11.93 -19.29
N ASN F 322 57.10 -11.96 -19.25
CA ASN F 322 57.83 -11.78 -18.00
C ASN F 322 57.77 -10.30 -17.63
N SER F 323 56.87 -9.95 -16.71
CA SER F 323 56.69 -8.56 -16.31
C SER F 323 56.11 -8.52 -14.91
N GLY F 324 56.18 -7.34 -14.31
CA GLY F 324 55.66 -7.14 -12.97
C GLY F 324 54.16 -7.03 -12.93
N LEU F 325 53.65 -6.95 -11.69
CA LEU F 325 52.22 -6.89 -11.41
C LEU F 325 51.83 -5.45 -11.14
N HIS F 326 50.76 -5.00 -11.78
CA HIS F 326 50.21 -3.67 -11.59
C HIS F 326 48.97 -3.75 -10.70
N ILE F 327 48.90 -2.84 -9.73
CA ILE F 327 47.86 -2.82 -8.72
C ILE F 327 46.93 -1.63 -8.94
N ILE F 328 45.65 -1.92 -9.11
CA ILE F 328 44.60 -0.92 -9.25
C ILE F 328 43.65 -1.08 -8.06
N ILE F 329 43.26 0.02 -7.44
CA ILE F 329 42.36 -0.01 -6.30
C ILE F 329 41.11 0.78 -6.65
N PHE F 330 39.94 0.18 -6.50
CA PHE F 330 38.67 0.79 -6.86
C PHE F 330 37.80 0.90 -5.62
N ASP F 331 37.32 2.10 -5.33
CA ASP F 331 36.52 2.37 -4.15
C ASP F 331 35.07 2.70 -4.52
N GLU F 332 34.16 2.31 -3.64
CA GLU F 332 32.72 2.51 -3.84
C GLU F 332 32.22 1.76 -5.08
N ILE F 333 32.50 0.46 -5.12
CA ILE F 333 32.11 -0.33 -6.29
C ILE F 333 30.59 -0.44 -6.35
N ASP F 334 29.93 -0.53 -5.19
CA ASP F 334 28.49 -0.75 -5.18
C ASP F 334 27.76 0.34 -5.95
N ALA F 335 28.30 1.56 -5.94
CA ALA F 335 27.64 2.69 -6.57
C ALA F 335 27.50 2.49 -8.08
N ILE F 336 28.59 2.16 -8.76
CA ILE F 336 28.55 2.01 -10.21
C ILE F 336 27.76 0.77 -10.60
N CYS F 337 27.90 -0.32 -9.86
CA CYS F 337 27.20 -1.56 -10.18
C CYS F 337 25.79 -1.52 -9.61
N LYS F 338 24.81 -1.29 -10.47
CA LYS F 338 23.40 -1.23 -10.06
C LYS F 338 22.49 -1.48 -11.25
N THR F 347 19.67 5.74 -17.97
CA THR F 347 19.84 4.88 -16.82
C THR F 347 20.66 3.64 -17.17
N GLY F 348 20.99 3.49 -18.44
CA GLY F 348 21.76 2.37 -18.94
C GLY F 348 23.26 2.49 -18.76
N VAL F 349 23.72 3.59 -18.17
CA VAL F 349 25.16 3.79 -18.00
C VAL F 349 25.76 2.74 -17.08
N HIS F 350 25.02 2.33 -16.04
CA HIS F 350 25.57 1.37 -15.09
C HIS F 350 25.96 0.07 -15.78
N ASP F 351 25.06 -0.48 -16.58
CA ASP F 351 25.32 -1.78 -17.20
C ASP F 351 26.49 -1.71 -18.18
N THR F 352 26.50 -0.67 -19.03
CA THR F 352 27.60 -0.53 -19.98
C THR F 352 28.93 -0.33 -19.27
N VAL F 353 28.94 0.48 -18.21
CA VAL F 353 30.19 0.70 -17.47
C VAL F 353 30.68 -0.61 -16.87
N VAL F 354 29.77 -1.37 -16.26
CA VAL F 354 30.15 -2.63 -15.64
C VAL F 354 30.71 -3.59 -16.68
N ASN F 355 30.03 -3.69 -17.83
CA ASN F 355 30.49 -4.60 -18.88
C ASN F 355 31.84 -4.17 -19.43
N GLN F 356 32.03 -2.87 -19.64
CA GLN F 356 33.30 -2.39 -20.16
C GLN F 356 34.44 -2.66 -19.18
N LEU F 357 34.18 -2.48 -17.88
CA LEU F 357 35.19 -2.81 -16.88
C LEU F 357 35.49 -4.30 -16.89
N LEU F 358 34.44 -5.12 -16.98
CA LEU F 358 34.60 -6.57 -16.97
C LEU F 358 35.28 -7.11 -18.21
N SER F 359 35.24 -6.39 -19.33
CA SER F 359 35.86 -6.89 -20.55
C SER F 359 37.33 -7.24 -20.34
N LYS F 360 38.08 -6.35 -19.68
CA LYS F 360 39.51 -6.59 -19.44
C LYS F 360 39.75 -7.80 -18.53
N ILE F 361 38.97 -7.93 -17.46
CA ILE F 361 39.19 -9.02 -16.51
C ILE F 361 38.69 -10.35 -17.06
N ASP F 362 37.73 -10.31 -17.98
CA ASP F 362 37.17 -11.54 -18.52
C ASP F 362 38.25 -12.41 -19.17
N GLY F 363 39.31 -11.80 -19.66
CA GLY F 363 40.39 -12.50 -20.31
C GLY F 363 40.50 -12.26 -21.81
N VAL F 364 39.57 -11.50 -22.40
CA VAL F 364 39.66 -11.22 -23.83
C VAL F 364 40.94 -10.45 -24.13
N GLU F 365 41.26 -9.47 -23.29
CA GLU F 365 42.48 -8.70 -23.47
C GLU F 365 43.72 -9.47 -23.03
N GLN F 366 43.56 -10.57 -22.30
CA GLN F 366 44.60 -11.49 -21.87
C GLN F 366 45.54 -10.91 -20.81
N LEU F 367 45.37 -9.65 -20.41
CA LEU F 367 46.31 -9.06 -19.45
C LEU F 367 46.41 -9.89 -18.19
N ASN F 368 47.63 -10.36 -17.90
CA ASN F 368 47.89 -11.25 -16.77
C ASN F 368 48.45 -10.53 -15.57
N ASN F 369 48.56 -9.20 -15.61
CA ASN F 369 49.14 -8.38 -14.54
C ASN F 369 48.10 -7.34 -14.13
N ILE F 370 47.20 -7.74 -13.24
CA ILE F 370 46.20 -6.83 -12.67
C ILE F 370 45.81 -7.39 -11.31
N LEU F 371 45.66 -6.48 -10.34
CA LEU F 371 45.31 -6.84 -8.96
C LEU F 371 44.20 -5.94 -8.44
N VAL F 372 43.13 -5.80 -9.22
CA VAL F 372 42.01 -4.94 -8.85
C VAL F 372 41.55 -5.27 -7.44
N ILE F 373 41.65 -4.29 -6.54
CA ILE F 373 41.23 -4.44 -5.14
C ILE F 373 39.96 -3.62 -4.97
N GLY F 374 38.87 -4.30 -4.64
CA GLY F 374 37.57 -3.64 -4.53
C GLY F 374 37.15 -3.30 -3.10
N MET F 375 37.07 -2.00 -2.84
CA MET F 375 36.67 -1.46 -1.54
C MET F 375 35.24 -0.97 -1.70
N THR F 376 34.34 -1.37 -0.80
CA THR F 376 32.94 -1.02 -0.88
C THR F 376 32.37 -1.00 0.54
N ASN F 377 31.22 -0.35 0.72
CA ASN F 377 30.57 -0.33 2.02
C ASN F 377 29.21 -1.02 2.03
N ARG F 378 28.68 -1.43 0.87
CA ARG F 378 27.39 -2.10 0.77
C ARG F 378 27.55 -3.43 0.06
N PRO F 379 27.69 -4.55 0.79
CA PRO F 379 27.77 -5.86 0.11
C PRO F 379 26.46 -6.29 -0.51
N ASP F 380 25.35 -5.61 -0.21
CA ASP F 380 24.04 -5.98 -0.73
C ASP F 380 23.70 -5.28 -2.04
N LEU F 381 24.53 -4.35 -2.50
CA LEU F 381 24.28 -3.58 -3.71
C LEU F 381 25.39 -3.79 -4.72
N ILE F 382 25.81 -5.04 -4.92
CA ILE F 382 26.86 -5.39 -5.87
C ILE F 382 26.31 -6.43 -6.83
N ASP F 383 26.56 -6.23 -8.13
CA ASP F 383 26.10 -7.17 -9.13
C ASP F 383 26.69 -8.55 -8.89
N GLU F 384 25.83 -9.57 -8.95
CA GLU F 384 26.30 -10.95 -8.75
C GLU F 384 27.22 -11.39 -9.87
N ALA F 385 26.98 -10.89 -11.10
CA ALA F 385 27.84 -11.27 -12.23
C ALA F 385 29.27 -10.85 -11.96
N LEU F 386 29.48 -9.66 -11.39
CA LEU F 386 30.83 -9.22 -11.05
C LEU F 386 31.47 -10.11 -9.99
N LEU F 387 30.67 -10.88 -9.27
CA LEU F 387 31.13 -11.77 -8.21
C LEU F 387 31.31 -13.20 -8.70
N ARG F 388 31.14 -13.45 -9.99
CA ARG F 388 31.21 -14.80 -10.51
C ARG F 388 32.62 -15.35 -10.37
N PRO F 389 32.78 -16.67 -10.35
CA PRO F 389 34.13 -17.24 -10.18
C PRO F 389 35.06 -16.79 -11.29
N GLY F 390 36.32 -16.59 -10.93
CA GLY F 390 37.33 -16.16 -11.87
C GLY F 390 37.47 -14.67 -12.00
N ARG F 391 36.57 -13.89 -11.39
CA ARG F 391 36.65 -12.44 -11.43
C ARG F 391 37.00 -11.84 -10.07
N LEU F 392 36.20 -12.12 -9.04
CA LEU F 392 36.48 -11.68 -7.67
C LEU F 392 36.32 -12.90 -6.76
N GLU F 393 37.39 -13.69 -6.64
CA GLU F 393 37.28 -14.97 -5.93
C GLU F 393 37.23 -14.78 -4.41
N VAL F 394 38.06 -13.88 -3.88
CA VAL F 394 38.29 -13.76 -2.45
C VAL F 394 37.69 -12.46 -1.92
N LYS F 395 37.00 -12.54 -0.79
CA LYS F 395 36.38 -11.39 -0.15
C LYS F 395 36.70 -11.45 1.33
N MET F 396 36.70 -10.29 1.98
CA MET F 396 37.05 -10.25 3.40
C MET F 396 36.49 -8.98 4.04
N GLU F 397 36.33 -9.01 5.38
CA GLU F 397 35.72 -7.95 6.17
C GLU F 397 36.64 -7.46 7.29
N ILE F 398 36.68 -6.12 7.47
CA ILE F 398 37.44 -5.49 8.54
C ILE F 398 36.53 -5.21 9.73
N GLY F 399 36.93 -5.71 10.90
CA GLY F 399 36.15 -5.54 12.11
C GLY F 399 36.49 -4.23 12.80
N LEU F 400 36.20 -4.13 14.09
CA LEU F 400 36.50 -2.95 14.89
C LEU F 400 38.00 -2.67 14.92
N PRO F 401 38.41 -1.47 15.35
CA PRO F 401 39.85 -1.20 15.46
C PRO F 401 40.56 -2.06 16.51
N ASP F 402 39.83 -2.81 17.32
CA ASP F 402 40.43 -3.73 18.29
C ASP F 402 41.01 -2.96 19.47
N GLU F 403 40.73 -3.45 20.68
CA GLU F 403 41.29 -2.82 21.89
C GLU F 403 42.81 -2.90 21.91
N LYS F 404 43.36 -4.07 21.57
CA LYS F 404 44.82 -4.20 21.50
C LYS F 404 45.39 -3.42 20.31
N GLY F 405 44.70 -3.44 19.16
CA GLY F 405 45.14 -2.60 18.06
C GLY F 405 45.04 -1.12 18.39
N ARG F 406 44.00 -0.72 19.14
CA ARG F 406 43.90 0.64 19.60
C ARG F 406 45.08 0.99 20.52
N LEU F 407 45.42 0.08 21.42
CA LEU F 407 46.58 0.28 22.28
C LEU F 407 47.86 0.44 21.47
N GLN F 408 48.07 -0.40 20.44
CA GLN F 408 49.31 -0.39 19.62
C GLN F 408 49.38 0.85 18.72
N ILE F 409 48.26 1.24 18.13
CA ILE F 409 48.20 2.45 17.26
C ILE F 409 48.51 3.66 18.14
N LEU F 410 47.88 3.75 19.31
CA LEU F 410 48.14 4.86 20.25
C LEU F 410 49.53 4.63 20.81
N HIS F 411 49.97 3.37 20.92
CA HIS F 411 51.33 3.02 21.39
C HIS F 411 52.34 3.72 20.50
N ILE F 412 52.03 3.81 19.21
CA ILE F 412 52.92 4.50 18.22
C ILE F 412 52.82 6.02 18.35
N HIS F 413 51.65 6.61 18.64
CA HIS F 413 51.46 8.06 18.65
C HIS F 413 52.10 8.69 19.88
N THR F 414 51.95 8.07 21.04
CA THR F 414 52.54 8.61 22.26
C THR F 414 54.06 8.51 22.26
N ALA F 415 54.62 7.53 21.56
CA ALA F 415 56.06 7.49 21.39
C ALA F 415 56.53 8.63 20.50
N ARG F 416 55.79 8.88 19.41
CA ARG F 416 56.10 10.05 18.58
C ARG F 416 56.07 11.33 19.42
N MET F 417 55.09 11.46 20.31
CA MET F 417 55.03 12.64 21.16
C MET F 417 56.21 12.69 22.12
N ARG F 418 56.50 11.58 22.81
CA ARG F 418 57.57 11.54 23.78
C ARG F 418 58.94 11.77 23.14
N GLY F 419 59.03 11.63 21.83
CA GLY F 419 60.29 11.88 21.14
C GLY F 419 61.02 13.12 21.61
N HIS F 420 60.28 14.11 22.12
CA HIS F 420 60.87 15.32 22.69
C HIS F 420 60.68 15.41 24.20
N GLN F 421 60.28 14.32 24.85
CA GLN F 421 60.06 14.28 26.30
C GLN F 421 59.02 15.30 26.75
N LEU F 422 58.17 15.74 25.83
CA LEU F 422 57.16 16.75 26.15
C LEU F 422 56.02 16.18 26.96
N LEU F 423 55.72 14.89 26.78
CA LEU F 423 54.62 14.26 27.49
C LEU F 423 54.95 14.08 28.96
N SER F 424 54.01 14.47 29.83
CA SER F 424 54.16 14.32 31.27
C SER F 424 53.99 12.87 31.70
N ALA F 425 54.73 12.50 32.77
CA ALA F 425 54.68 11.16 33.33
C ALA F 425 53.30 10.76 33.83
N ASP F 426 52.45 11.72 34.21
CA ASP F 426 51.12 11.40 34.72
C ASP F 426 50.26 10.65 33.73
N VAL F 427 50.50 10.80 32.43
CA VAL F 427 49.69 10.14 31.40
C VAL F 427 50.06 8.66 31.37
N ASP F 428 49.05 7.80 31.49
CA ASP F 428 49.25 6.36 31.47
C ASP F 428 48.44 5.81 30.31
N ILE F 429 49.08 4.91 29.54
CA ILE F 429 48.46 4.38 28.34
C ILE F 429 47.32 3.44 28.66
N LYS F 430 47.45 2.68 29.74
CA LYS F 430 46.48 1.61 29.99
C LYS F 430 45.09 2.18 30.24
N GLU F 431 45.00 3.13 31.18
CA GLU F 431 43.70 3.71 31.53
C GLU F 431 43.10 4.46 30.36
N LEU F 432 43.91 5.20 29.61
CA LEU F 432 43.40 5.88 28.42
C LEU F 432 42.79 4.88 27.44
N ALA F 433 43.56 3.85 27.08
CA ALA F 433 43.05 2.84 26.16
C ALA F 433 41.77 2.21 26.67
N VAL F 434 41.68 2.00 27.99
CA VAL F 434 40.47 1.46 28.59
C VAL F 434 39.30 2.41 28.39
N GLU F 435 39.52 3.71 28.60
CA GLU F 435 38.42 4.67 28.50
C GLU F 435 37.92 4.81 27.07
N THR F 436 38.82 4.99 26.11
CA THR F 436 38.39 5.17 24.73
C THR F 436 37.94 3.84 24.13
N LYS F 437 36.67 3.78 23.74
CA LYS F 437 36.07 2.54 23.22
C LYS F 437 35.59 2.77 21.80
N ASN F 438 36.06 1.92 20.89
CA ASN F 438 35.67 1.94 19.48
C ASN F 438 35.91 3.32 18.86
N PHE F 439 37.03 3.92 19.26
CA PHE F 439 37.50 5.15 18.62
C PHE F 439 38.42 4.78 17.48
N SER F 440 38.00 5.06 16.26
CA SER F 440 38.83 4.78 15.10
C SER F 440 40.16 5.54 15.21
N GLY F 441 41.12 5.13 14.37
CA GLY F 441 42.41 5.80 14.38
C GLY F 441 42.28 7.30 14.16
N ALA F 442 41.40 7.70 13.24
CA ALA F 442 41.16 9.12 13.04
C ALA F 442 40.59 9.77 14.30
N GLU F 443 39.67 9.08 14.99
CA GLU F 443 39.12 9.64 16.21
C GLU F 443 40.18 9.72 17.31
N LEU F 444 41.07 8.73 17.39
CA LEU F 444 42.14 8.81 18.38
C LEU F 444 43.09 9.97 18.08
N GLU F 445 43.42 10.17 16.80
CA GLU F 445 44.25 11.31 16.44
C GLU F 445 43.54 12.61 16.76
N GLY F 446 42.23 12.68 16.53
CA GLY F 446 41.47 13.86 16.90
C GLY F 446 41.46 14.10 18.39
N LEU F 447 41.37 13.03 19.19
CA LEU F 447 41.45 13.17 20.63
C LEU F 447 42.80 13.72 21.06
N VAL F 448 43.88 13.22 20.45
CA VAL F 448 45.21 13.74 20.77
C VAL F 448 45.28 15.21 20.39
N ARG F 449 44.73 15.57 19.23
CA ARG F 449 44.74 16.95 18.79
C ARG F 449 44.00 17.84 19.78
N ALA F 450 42.83 17.38 20.22
CA ALA F 450 42.03 18.17 21.15
C ALA F 450 42.72 18.31 22.50
N ALA F 451 43.35 17.23 22.97
CA ALA F 451 44.10 17.32 24.23
C ALA F 451 45.22 18.35 24.12
N GLN F 452 45.98 18.29 23.02
CA GLN F 452 47.04 19.27 22.83
C GLN F 452 46.48 20.69 22.77
N SER F 453 45.38 20.86 22.05
CA SER F 453 44.80 22.19 21.90
C SER F 453 44.31 22.75 23.24
N THR F 454 43.63 21.94 24.04
CA THR F 454 43.13 22.45 25.32
C THR F 454 44.27 22.69 26.31
N ALA F 455 45.29 21.84 26.30
CA ALA F 455 46.45 22.10 27.15
C ALA F 455 47.14 23.39 26.75
N MET F 456 47.32 23.60 25.44
CA MET F 456 47.94 24.82 24.95
C MET F 456 47.06 26.04 25.21
N ASN F 457 45.74 25.85 25.24
CA ASN F 457 44.84 26.95 25.60
C ASN F 457 45.05 27.34 27.06
N ARG F 458 45.06 26.34 27.96
CA ARG F 458 45.39 26.61 29.34
C ARG F 458 46.72 27.33 29.45
N HIS F 459 47.68 26.95 28.59
CA HIS F 459 48.99 27.58 28.63
C HIS F 459 48.92 29.06 28.27
N ILE F 460 48.28 29.39 27.15
CA ILE F 460 48.25 30.79 26.74
C ILE F 460 47.46 31.63 27.73
N LYS F 461 46.37 31.08 28.27
CA LYS F 461 45.60 31.85 29.25
C LYS F 461 46.37 32.09 30.54
N ALA F 462 47.48 31.39 30.76
CA ALA F 462 48.29 31.59 31.96
C ALA F 462 48.74 33.04 32.08
N MET F 470 58.14 33.87 29.52
CA MET F 470 58.29 32.76 28.59
C MET F 470 58.64 31.47 29.33
N GLU F 471 58.82 31.57 30.65
CA GLU F 471 59.09 30.39 31.45
C GLU F 471 58.00 29.34 31.27
N LYS F 472 56.75 29.79 31.09
CA LYS F 472 55.67 28.85 30.82
C LYS F 472 55.99 28.00 29.59
N ALA F 473 56.36 28.65 28.49
CA ALA F 473 56.64 27.91 27.26
C ALA F 473 57.70 26.84 27.50
N GLU F 474 58.74 27.16 28.25
CA GLU F 474 59.72 26.14 28.64
C GLU F 474 59.11 25.08 29.55
N SER F 475 58.04 25.41 30.27
CA SER F 475 57.37 24.48 31.16
C SER F 475 56.17 23.80 30.50
N LEU F 476 56.00 23.95 29.19
CA LEU F 476 54.85 23.38 28.50
C LEU F 476 54.83 21.87 28.64
N GLN F 477 53.82 21.34 29.33
CA GLN F 477 53.64 19.90 29.49
C GLN F 477 52.15 19.59 29.44
N VAL F 478 51.82 18.48 28.80
CA VAL F 478 50.45 18.00 28.67
C VAL F 478 50.19 17.01 29.79
N THR F 479 49.09 17.22 30.52
CA THR F 479 48.74 16.42 31.68
C THR F 479 47.51 15.56 31.41
N ARG F 480 47.22 14.66 32.35
CA ARG F 480 46.08 13.77 32.22
C ARG F 480 44.77 14.54 32.23
N GLY F 481 44.72 15.65 32.98
CA GLY F 481 43.50 16.43 33.04
C GLY F 481 43.07 16.95 31.68
N ASP F 482 44.03 17.40 30.88
CA ASP F 482 43.70 17.86 29.53
C ASP F 482 43.13 16.71 28.70
N PHE F 483 43.73 15.52 28.81
CA PHE F 483 43.21 14.36 28.09
C PHE F 483 41.77 14.08 28.49
N LEU F 484 41.49 14.08 29.80
CA LEU F 484 40.14 13.79 30.27
C LEU F 484 39.15 14.85 29.79
N ALA F 485 39.55 16.12 29.86
CA ALA F 485 38.66 17.19 29.41
C ALA F 485 38.34 17.05 27.93
N SER F 486 39.37 16.79 27.12
CA SER F 486 39.14 16.64 25.69
C SER F 486 38.25 15.43 25.40
N LEU F 487 38.48 14.31 26.08
CA LEU F 487 37.67 13.12 25.87
C LEU F 487 36.20 13.40 26.21
N GLU F 488 35.96 14.06 27.34
CA GLU F 488 34.58 14.29 27.77
C GLU F 488 33.89 15.39 26.97
N ASN F 489 34.65 16.32 26.39
CA ASN F 489 34.07 17.49 25.74
C ASN F 489 34.00 17.38 24.22
N ASP F 490 35.14 17.16 23.56
CA ASP F 490 35.23 17.40 22.13
C ASP F 490 34.92 16.18 21.26
N ILE F 491 35.22 14.99 21.73
CA ILE F 491 35.06 13.80 20.90
C ILE F 491 33.88 12.99 21.39
N LYS F 492 33.05 12.55 20.46
CA LYS F 492 31.88 11.75 20.80
C LYS F 492 32.10 10.31 20.36
N PRO F 493 31.91 9.32 21.22
CA PRO F 493 32.18 7.94 20.81
C PRO F 493 31.19 7.46 19.77
N ALA F 494 31.39 6.24 19.27
CA ALA F 494 30.47 5.64 18.31
C ALA F 494 29.86 4.34 18.83
N PHE F 495 30.55 3.64 19.73
CA PHE F 495 30.07 2.38 20.29
C PHE F 495 30.81 2.05 21.57
N GLY F 496 30.08 1.89 22.67
CA GLY F 496 30.71 1.34 23.85
C GLY F 496 29.67 0.99 24.89
N THR F 497 29.77 -0.26 25.34
CA THR F 497 28.80 -0.85 26.24
C THR F 497 29.47 -1.67 27.34
N ASN F 498 28.66 -2.52 27.97
CA ASN F 498 28.88 -3.24 29.21
C ASN F 498 28.88 -2.33 30.42
N GLN F 499 29.65 -1.25 30.38
CA GLN F 499 29.76 -0.35 31.52
C GLN F 499 28.45 0.39 31.78
N GLU F 500 27.83 0.92 30.73
CA GLU F 500 26.57 1.66 30.76
C GLU F 500 25.37 0.81 31.15
N ASP F 501 25.53 -0.51 31.30
CA ASP F 501 24.47 -1.39 31.74
C ASP F 501 24.44 -1.61 33.24
N TYR F 502 25.59 -1.95 33.83
CA TYR F 502 25.64 -2.21 35.26
C TYR F 502 25.29 -0.98 36.08
N ALA F 503 25.76 0.20 35.65
CA ALA F 503 25.44 1.42 36.39
C ALA F 503 23.96 1.72 36.38
N SER F 504 23.29 1.50 35.24
CA SER F 504 21.88 1.87 35.14
C SER F 504 20.99 0.84 35.84
N TYR F 505 21.37 -0.43 35.77
CA TYR F 505 20.51 -1.50 36.28
C TYR F 505 20.67 -1.75 37.77
N ILE F 506 21.90 -1.76 38.29
CA ILE F 506 22.16 -1.88 39.72
C ILE F 506 22.35 -0.47 40.27
N MET F 507 21.26 0.15 40.70
CA MET F 507 21.28 1.56 41.10
C MET F 507 21.67 1.76 42.55
N ASN F 508 21.27 0.85 43.45
CA ASN F 508 21.55 1.00 44.88
C ASN F 508 22.32 -0.19 45.45
N GLY F 509 22.99 -0.96 44.61
CA GLY F 509 23.80 -2.07 45.10
C GLY F 509 22.98 -3.13 45.82
N ILE F 510 23.63 -4.24 46.18
CA ILE F 510 23.00 -5.34 46.89
C ILE F 510 23.25 -5.17 48.38
N ILE F 511 22.19 -5.24 49.18
CA ILE F 511 22.29 -5.08 50.63
C ILE F 511 21.72 -6.35 51.23
N LYS F 512 22.61 -7.21 51.73
CA LYS F 512 22.18 -8.47 52.33
C LYS F 512 21.30 -8.22 53.54
N TRP F 513 20.18 -8.93 53.61
CA TRP F 513 19.29 -8.86 54.76
C TRP F 513 18.99 -10.24 55.36
N GLY F 514 19.33 -11.32 54.67
CA GLY F 514 19.06 -12.63 55.21
C GLY F 514 19.84 -13.71 54.50
N ASP F 515 19.32 -14.93 54.59
CA ASP F 515 19.94 -16.12 54.02
C ASP F 515 19.69 -16.25 52.52
N PRO F 516 18.48 -15.97 52.02
CA PRO F 516 18.19 -16.29 50.61
C PRO F 516 19.18 -15.67 49.64
N VAL F 517 19.68 -14.47 49.92
CA VAL F 517 20.62 -13.82 49.01
C VAL F 517 21.85 -14.69 48.82
N THR F 518 22.39 -15.23 49.92
CA THR F 518 23.58 -16.07 49.83
C THR F 518 23.29 -17.33 49.01
N ARG F 519 22.14 -17.96 49.21
CA ARG F 519 21.81 -19.15 48.46
C ARG F 519 21.72 -18.85 46.97
N VAL F 520 21.07 -17.75 46.61
CA VAL F 520 20.92 -17.38 45.21
C VAL F 520 22.29 -17.14 44.59
N LEU F 521 23.13 -16.39 45.30
CA LEU F 521 24.46 -16.09 44.76
C LEU F 521 25.28 -17.36 44.59
N ASP F 522 25.21 -18.27 45.56
CA ASP F 522 25.98 -19.50 45.47
C ASP F 522 25.51 -20.35 44.30
N ASP F 523 24.20 -20.45 44.09
CA ASP F 523 23.70 -21.21 42.94
C ASP F 523 24.16 -20.58 41.63
N GLY F 524 24.12 -19.25 41.54
CA GLY F 524 24.62 -18.60 40.34
C GLY F 524 26.08 -18.91 40.07
N GLU F 525 26.91 -18.85 41.11
CA GLU F 525 28.34 -19.17 40.93
C GLU F 525 28.52 -20.62 40.50
N LEU F 526 27.77 -21.54 41.11
CA LEU F 526 27.91 -22.95 40.75
C LEU F 526 27.50 -23.19 39.31
N LEU F 527 26.42 -22.55 38.84
CA LEU F 527 26.01 -22.71 37.45
C LEU F 527 27.03 -22.10 36.49
N VAL F 528 27.61 -20.96 36.87
CA VAL F 528 28.66 -20.37 36.04
C VAL F 528 29.84 -21.33 35.94
N GLN F 529 30.24 -21.94 37.06
N GLN F 529 30.23 -21.94 37.06
CA GLN F 529 31.34 -22.89 37.03
CA GLN F 529 31.34 -22.88 37.04
C GLN F 529 31.01 -24.09 36.17
C GLN F 529 31.00 -24.10 36.20
N GLN F 530 29.76 -24.58 36.27
CA GLN F 530 29.37 -25.73 35.46
C GLN F 530 29.47 -25.42 33.97
N THR F 531 29.00 -24.24 33.56
CA THR F 531 29.05 -23.90 32.15
C THR F 531 30.44 -23.54 31.66
N LYS F 532 31.32 -23.09 32.57
CA LYS F 532 32.65 -22.66 32.14
C LYS F 532 33.45 -23.81 31.54
N ASN F 533 33.46 -24.97 32.20
CA ASN F 533 34.33 -26.08 31.80
C ASN F 533 33.51 -27.37 31.85
N SER F 534 32.92 -27.74 30.72
CA SER F 534 32.21 -29.01 30.62
C SER F 534 32.08 -29.38 29.15
N ASP F 535 31.87 -30.66 28.90
CA ASP F 535 31.65 -31.23 27.58
C ASP F 535 30.40 -32.11 27.65
N ARG F 536 29.73 -32.23 26.50
CA ARG F 536 28.45 -32.93 26.39
C ARG F 536 27.28 -32.12 26.94
N THR F 537 27.53 -30.91 27.43
CA THR F 537 26.48 -30.03 27.90
C THR F 537 26.93 -28.60 27.62
N PRO F 538 26.90 -28.16 26.35
CA PRO F 538 27.36 -26.80 26.06
C PRO F 538 26.31 -25.72 26.18
N LEU F 539 25.09 -26.07 26.59
CA LEU F 539 24.03 -25.07 26.74
C LEU F 539 23.35 -25.22 28.10
N VAL F 540 23.16 -24.10 28.81
CA VAL F 540 22.54 -24.12 30.12
C VAL F 540 21.58 -22.94 30.21
N SER F 541 20.43 -23.17 30.84
CA SER F 541 19.41 -22.15 31.00
C SER F 541 18.94 -22.11 32.45
N VAL F 542 18.48 -20.93 32.87
CA VAL F 542 18.02 -20.70 34.24
C VAL F 542 16.78 -19.83 34.17
N LEU F 543 16.02 -19.81 35.27
CA LEU F 543 14.83 -18.96 35.35
C LEU F 543 14.70 -18.45 36.78
N LEU F 544 14.67 -17.13 36.94
CA LEU F 544 14.45 -16.50 38.24
C LEU F 544 13.01 -15.98 38.29
N GLU F 545 12.20 -16.57 39.15
CA GLU F 545 10.77 -16.24 39.25
C GLU F 545 10.42 -15.91 40.69
N GLY F 546 9.58 -14.89 40.86
CA GLY F 546 9.15 -14.47 42.17
C GLY F 546 8.10 -13.37 42.12
N PRO F 547 7.64 -12.96 43.30
CA PRO F 547 6.60 -11.91 43.36
C PRO F 547 7.14 -10.58 42.90
N PRO F 548 6.26 -9.68 42.45
CA PRO F 548 6.72 -8.38 41.95
C PRO F 548 7.34 -7.53 43.03
N HIS F 549 8.22 -6.61 42.60
CA HIS F 549 8.97 -5.72 43.49
C HIS F 549 9.92 -6.47 44.40
N SER F 550 10.35 -7.67 44.04
CA SER F 550 11.23 -8.47 44.87
C SER F 550 12.71 -8.30 44.53
N GLY F 551 13.05 -7.50 43.52
CA GLY F 551 14.45 -7.28 43.19
C GLY F 551 15.05 -8.45 42.44
N LYS F 552 14.56 -8.74 41.25
CA LYS F 552 15.07 -9.85 40.44
C LYS F 552 16.08 -9.41 39.39
N THR F 553 15.84 -8.29 38.71
CA THR F 553 16.75 -7.84 37.67
C THR F 553 18.14 -7.52 38.22
N ALA F 554 18.20 -6.86 39.37
CA ALA F 554 19.50 -6.50 39.94
C ALA F 554 20.31 -7.74 40.30
N LEU F 555 19.67 -8.73 40.91
CA LEU F 555 20.40 -9.96 41.26
C LEU F 555 20.87 -10.69 40.02
N ALA F 556 20.04 -10.75 38.98
CA ALA F 556 20.46 -11.39 37.74
C ALA F 556 21.65 -10.67 37.12
N ALA F 557 21.62 -9.34 37.12
CA ALA F 557 22.74 -8.58 36.56
C ALA F 557 24.01 -8.81 37.38
N LYS F 558 23.88 -8.87 38.70
CA LYS F 558 25.04 -9.15 39.54
C LYS F 558 25.61 -10.53 39.26
N ILE F 559 24.75 -11.53 39.10
CA ILE F 559 25.20 -12.88 38.83
C ILE F 559 25.94 -12.88 37.50
N ALA F 560 25.42 -12.16 36.51
CA ALA F 560 26.09 -12.08 35.22
C ALA F 560 27.45 -11.41 35.37
N GLU F 561 27.53 -10.34 36.18
CA GLU F 561 28.77 -9.60 36.32
C GLU F 561 29.84 -10.37 37.07
N GLU F 562 29.44 -11.16 38.09
CA GLU F 562 30.42 -11.87 38.89
C GLU F 562 31.32 -12.74 38.01
N SER F 563 30.74 -13.38 37.01
CA SER F 563 31.55 -14.10 36.04
C SER F 563 32.34 -13.11 35.20
N ASN F 564 33.48 -13.56 34.70
CA ASN F 564 34.41 -12.73 33.94
C ASN F 564 34.40 -13.10 32.45
N PHE F 565 33.21 -13.40 31.92
CA PHE F 565 33.12 -13.78 30.52
C PHE F 565 33.51 -12.60 29.63
N PRO F 566 34.20 -12.85 28.52
CA PRO F 566 34.56 -11.73 27.63
C PRO F 566 33.38 -10.96 27.07
N PHE F 567 32.25 -11.61 26.83
CA PHE F 567 31.10 -10.97 26.19
C PHE F 567 29.89 -11.04 27.13
N ILE F 568 29.24 -9.90 27.33
CA ILE F 568 28.04 -9.83 28.15
C ILE F 568 27.10 -8.80 27.53
N LYS F 569 25.80 -9.08 27.58
CA LYS F 569 24.81 -8.19 27.00
C LYS F 569 23.49 -8.40 27.72
N ILE F 570 22.65 -7.37 27.70
CA ILE F 570 21.33 -7.42 28.32
C ILE F 570 20.29 -7.00 27.28
N CYS F 571 19.29 -7.85 27.07
CA CYS F 571 18.19 -7.61 26.14
C CYS F 571 16.94 -7.30 26.95
N SER F 572 16.50 -6.05 26.90
CA SER F 572 15.36 -5.60 27.69
C SER F 572 14.36 -4.89 26.81
N PRO F 573 13.08 -4.88 27.19
CA PRO F 573 12.06 -4.24 26.35
C PRO F 573 12.09 -2.71 26.41
N ASP F 574 12.85 -2.13 27.32
CA ASP F 574 12.91 -0.68 27.43
C ASP F 574 13.43 -0.03 26.15
N LYS F 575 14.13 -0.79 25.31
CA LYS F 575 14.72 -0.25 24.09
C LYS F 575 13.92 -0.60 22.84
N MET F 576 12.69 -1.12 22.99
CA MET F 576 11.86 -1.48 21.86
C MET F 576 10.44 -0.94 22.05
N ILE F 577 10.34 0.34 22.41
CA ILE F 577 9.04 0.96 22.62
C ILE F 577 8.42 1.30 21.28
N GLY F 578 7.21 0.82 21.05
CA GLY F 578 6.49 1.07 19.82
C GLY F 578 6.82 0.13 18.67
N PHE F 579 7.76 -0.79 18.88
CA PHE F 579 8.14 -1.70 17.81
C PHE F 579 7.00 -2.67 17.50
N SER F 580 7.13 -3.34 16.35
CA SER F 580 6.21 -4.39 15.96
C SER F 580 6.85 -5.75 16.20
N GLU F 581 6.08 -6.81 15.93
CA GLU F 581 6.57 -8.16 16.20
C GLU F 581 7.83 -8.46 15.39
N THR F 582 7.82 -8.11 14.11
CA THR F 582 8.96 -8.45 13.26
C THR F 582 10.22 -7.74 13.72
N ALA F 583 10.11 -6.47 14.12
CA ALA F 583 11.29 -5.75 14.60
C ALA F 583 11.85 -6.38 15.87
N LYS F 584 10.96 -6.79 16.78
CA LYS F 584 11.42 -7.44 18.01
C LYS F 584 12.15 -8.74 17.69
N CYS F 585 11.59 -9.55 16.79
CA CYS F 585 12.25 -10.79 16.39
C CYS F 585 13.62 -10.50 15.79
N GLN F 586 13.68 -9.48 14.93
CA GLN F 586 14.97 -9.14 14.31
C GLN F 586 15.99 -8.73 15.36
N ALA F 587 15.58 -7.91 16.33
CA ALA F 587 16.53 -7.45 17.34
C ALA F 587 17.05 -8.60 18.18
N MET F 588 16.16 -9.48 18.62
CA MET F 588 16.60 -10.62 19.43
C MET F 588 17.51 -11.54 18.63
N LYS F 589 17.16 -11.80 17.37
CA LYS F 589 18.01 -12.65 16.54
C LYS F 589 19.39 -12.02 16.34
N LYS F 590 19.44 -10.71 16.12
CA LYS F 590 20.74 -10.06 15.93
C LYS F 590 21.58 -10.15 17.20
N ILE F 591 20.97 -9.92 18.36
CA ILE F 591 21.74 -10.01 19.60
C ILE F 591 22.32 -11.41 19.76
N PHE F 592 21.49 -12.44 19.53
CA PHE F 592 22.00 -13.80 19.70
C PHE F 592 23.08 -14.12 18.67
N ASP F 593 22.89 -13.68 17.42
CA ASP F 593 23.89 -13.93 16.40
C ASP F 593 25.24 -13.30 16.76
N ASP F 594 25.21 -12.08 17.29
CA ASP F 594 26.44 -11.48 17.80
C ASP F 594 27.02 -12.31 18.94
N ALA F 595 26.16 -12.79 19.83
CA ALA F 595 26.63 -13.60 20.96
C ALA F 595 27.24 -14.92 20.52
N TYR F 596 26.97 -15.37 19.29
CA TYR F 596 27.51 -16.63 18.81
C TYR F 596 28.94 -16.54 18.31
N LYS F 597 29.59 -15.38 18.41
CA LYS F 597 30.93 -15.24 17.84
C LYS F 597 32.04 -15.49 18.86
N SER F 598 31.83 -15.07 20.11
CA SER F 598 32.88 -15.21 21.10
C SER F 598 33.00 -16.67 21.58
N GLN F 599 34.12 -16.96 22.23
CA GLN F 599 34.35 -18.32 22.72
C GLN F 599 33.32 -18.73 23.75
N LEU F 600 32.99 -17.83 24.68
CA LEU F 600 31.97 -18.12 25.68
C LEU F 600 31.30 -16.81 26.07
N SER F 601 29.99 -16.87 26.31
CA SER F 601 29.21 -15.66 26.50
C SER F 601 28.01 -15.95 27.38
N CYS F 602 27.44 -14.89 27.93
CA CYS F 602 26.25 -14.94 28.77
C CYS F 602 25.27 -13.89 28.29
N VAL F 603 23.98 -14.23 28.34
CA VAL F 603 22.92 -13.35 27.89
C VAL F 603 21.82 -13.32 28.95
N VAL F 604 21.17 -12.17 29.07
CA VAL F 604 20.13 -11.95 30.07
C VAL F 604 18.87 -11.44 29.38
N VAL F 605 17.73 -12.03 29.71
CA VAL F 605 16.43 -11.58 29.24
C VAL F 605 15.54 -11.36 30.45
N ASP F 606 15.09 -10.13 30.64
CA ASP F 606 14.31 -9.74 31.81
C ASP F 606 12.91 -9.31 31.38
N ASP F 607 11.95 -9.55 32.28
CA ASP F 607 10.55 -9.26 32.01
C ASP F 607 10.08 -9.99 30.75
N ILE F 608 10.09 -11.32 30.85
CA ILE F 608 9.66 -12.14 29.72
C ILE F 608 8.21 -11.85 29.37
N GLU F 609 7.36 -11.61 30.38
CA GLU F 609 5.96 -11.36 30.10
C GLU F 609 5.74 -10.04 29.36
N ARG F 610 6.69 -9.11 29.41
CA ARG F 610 6.61 -7.91 28.61
C ARG F 610 7.23 -8.11 27.21
N LEU F 611 8.18 -9.04 27.08
CA LEU F 611 8.74 -9.31 25.76
C LEU F 611 7.67 -9.84 24.82
N LEU F 612 6.82 -10.74 25.31
CA LEU F 612 5.65 -11.20 24.58
C LEU F 612 4.43 -10.63 25.27
N ASP F 613 3.85 -9.59 24.67
CA ASP F 613 2.78 -8.83 25.32
C ASP F 613 1.70 -9.75 25.86
N TYR F 614 1.53 -9.72 27.19
CA TYR F 614 0.53 -10.56 27.83
C TYR F 614 -0.47 -9.66 28.56
N VAL F 615 -1.75 -9.99 28.43
CA VAL F 615 -2.82 -9.27 29.10
C VAL F 615 -3.80 -10.30 29.65
N PRO F 616 -4.24 -10.20 30.91
CA PRO F 616 -5.14 -11.23 31.43
C PRO F 616 -6.44 -11.35 30.66
N ILE F 617 -6.90 -10.29 30.01
CA ILE F 617 -8.15 -10.35 29.26
C ILE F 617 -7.94 -11.08 27.95
N GLY F 618 -8.87 -11.98 27.63
CA GLY F 618 -8.75 -12.89 26.51
C GLY F 618 -8.26 -14.29 26.86
N PRO F 619 -6.96 -14.47 27.14
CA PRO F 619 -5.81 -13.57 27.06
C PRO F 619 -5.32 -13.36 25.63
N ARG F 620 -4.41 -12.43 25.42
CA ARG F 620 -3.83 -12.17 24.10
C ARG F 620 -2.31 -12.15 24.23
N PHE F 621 -1.64 -12.40 23.11
CA PHE F 621 -0.18 -12.36 23.07
C PHE F 621 0.27 -12.54 21.62
N SER F 622 1.59 -12.44 21.42
CA SER F 622 2.22 -12.56 20.12
C SER F 622 2.78 -13.97 19.96
N ASN F 623 2.28 -14.69 18.95
CA ASN F 623 2.74 -16.05 18.72
C ASN F 623 4.12 -16.09 18.08
N LEU F 624 4.42 -15.12 17.22
CA LEU F 624 5.70 -15.13 16.52
C LEU F 624 6.87 -15.04 17.52
N VAL F 625 6.78 -14.12 18.47
CA VAL F 625 7.87 -13.95 19.43
C VAL F 625 8.01 -15.19 20.30
N LEU F 626 6.88 -15.78 20.70
CA LEU F 626 6.94 -16.99 21.50
C LEU F 626 7.65 -18.11 20.75
N GLN F 627 7.30 -18.30 19.48
CA GLN F 627 7.94 -19.36 18.71
C GLN F 627 9.43 -19.08 18.52
N ALA F 628 9.79 -17.83 18.25
CA ALA F 628 11.21 -17.50 18.12
C ALA F 628 11.96 -17.80 19.40
N LEU F 629 11.39 -17.43 20.56
CA LEU F 629 12.05 -17.71 21.83
C LEU F 629 12.19 -19.21 22.07
N LEU F 630 11.14 -19.97 21.79
CA LEU F 630 11.18 -21.41 21.99
C LEU F 630 12.24 -22.06 21.11
N VAL F 631 12.37 -21.59 19.87
CA VAL F 631 13.36 -22.17 18.97
C VAL F 631 14.77 -21.79 19.41
N LEU F 632 14.97 -20.55 19.85
CA LEU F 632 16.32 -20.11 20.21
C LEU F 632 16.79 -20.69 21.54
N LEU F 633 15.86 -21.06 22.42
CA LEU F 633 16.26 -21.54 23.74
C LEU F 633 16.93 -22.91 23.71
N LYS F 634 16.87 -23.65 22.61
CA LYS F 634 17.44 -25.00 22.55
C LYS F 634 18.20 -25.21 21.25
N LYS F 635 19.03 -24.24 20.87
CA LYS F 635 19.87 -24.35 19.69
C LYS F 635 21.32 -24.21 20.11
N ALA F 636 22.11 -25.26 19.90
CA ALA F 636 23.49 -25.23 20.34
C ALA F 636 24.31 -24.34 19.42
N PRO F 637 25.33 -23.65 19.93
CA PRO F 637 26.17 -22.81 19.08
C PRO F 637 27.08 -23.65 18.21
N PRO F 638 27.89 -23.02 17.35
CA PRO F 638 28.83 -23.79 16.53
C PRO F 638 29.75 -24.63 17.40
N GLN F 639 30.40 -25.61 16.75
CA GLN F 639 31.23 -26.56 17.47
C GLN F 639 32.32 -25.86 18.27
N GLY F 640 32.46 -26.26 19.53
CA GLY F 640 33.51 -25.77 20.39
C GLY F 640 33.16 -24.56 21.26
N ARG F 641 32.09 -23.86 20.96
CA ARG F 641 31.73 -22.66 21.70
C ARG F 641 30.79 -23.02 22.86
N LYS F 642 30.49 -22.02 23.69
CA LYS F 642 29.65 -22.21 24.86
C LYS F 642 28.79 -20.98 25.06
N LEU F 643 27.69 -21.15 25.78
CA LEU F 643 26.73 -20.07 25.98
C LEU F 643 25.95 -20.29 27.26
N LEU F 644 25.56 -19.17 27.90
CA LEU F 644 24.71 -19.21 29.08
C LEU F 644 23.57 -18.21 28.91
N ILE F 645 22.39 -18.58 29.41
CA ILE F 645 21.20 -17.74 29.30
C ILE F 645 20.54 -17.65 30.68
N ILE F 646 20.17 -16.43 31.06
CA ILE F 646 19.45 -16.17 32.32
C ILE F 646 18.17 -15.42 31.99
N GLY F 647 17.05 -15.96 32.44
CA GLY F 647 15.75 -15.33 32.22
C GLY F 647 15.07 -14.98 33.52
N THR F 648 14.31 -13.89 33.50
CA THR F 648 13.60 -13.41 34.68
C THR F 648 12.14 -13.17 34.34
N THR F 649 11.25 -13.55 35.26
CA THR F 649 9.82 -13.34 35.09
C THR F 649 9.14 -13.32 36.45
N SER F 650 7.83 -13.06 36.44
CA SER F 650 7.06 -13.02 37.69
C SER F 650 5.69 -13.67 37.57
N ARG F 651 5.44 -14.44 36.51
CA ARG F 651 4.13 -15.05 36.29
C ARG F 651 4.31 -16.52 35.91
N LYS F 652 5.08 -17.25 36.71
CA LYS F 652 5.44 -18.63 36.43
C LYS F 652 4.29 -19.49 35.90
N ASP F 653 3.09 -19.33 36.44
CA ASP F 653 2.00 -20.21 36.03
C ASP F 653 1.65 -20.03 34.56
N VAL F 654 1.64 -18.78 34.09
CA VAL F 654 1.35 -18.52 32.69
C VAL F 654 2.37 -19.21 31.80
N LEU F 655 3.66 -19.04 32.11
CA LEU F 655 4.69 -19.71 31.32
C LEU F 655 4.53 -21.21 31.37
N GLN F 656 4.07 -21.75 32.51
CA GLN F 656 3.81 -23.18 32.58
C GLN F 656 2.71 -23.58 31.61
N GLU F 657 1.66 -22.76 31.50
CA GLU F 657 0.54 -23.10 30.62
C GLU F 657 0.96 -23.07 29.15
N MET F 658 2.02 -22.34 28.80
CA MET F 658 2.48 -22.25 27.42
C MET F 658 3.50 -23.32 27.07
N GLU F 659 3.77 -24.28 27.96
CA GLU F 659 4.77 -25.31 27.74
C GLU F 659 6.17 -24.71 27.59
N MET F 660 6.44 -23.61 28.31
CA MET F 660 7.73 -22.95 28.19
C MET F 660 8.70 -23.46 29.26
N LEU F 661 8.21 -24.27 30.20
CA LEU F 661 9.06 -24.84 31.24
C LEU F 661 9.63 -26.18 30.84
N ASN F 662 9.37 -26.64 29.62
CA ASN F 662 10.04 -27.81 29.07
C ASN F 662 11.40 -27.47 28.46
N ALA F 663 11.75 -26.18 28.38
CA ALA F 663 13.01 -25.74 27.80
C ALA F 663 14.05 -25.38 28.85
N PHE F 664 13.65 -24.63 29.89
CA PHE F 664 14.59 -24.23 30.91
C PHE F 664 15.07 -25.44 31.69
N SER F 665 16.36 -25.45 32.02
CA SER F 665 16.95 -26.60 32.70
C SER F 665 16.55 -26.65 34.18
N THR F 666 16.57 -25.50 34.85
CA THR F 666 16.26 -25.44 36.28
C THR F 666 15.56 -24.12 36.58
N THR F 667 15.35 -23.87 37.88
CA THR F 667 14.68 -22.67 38.34
C THR F 667 15.24 -22.28 39.71
N ILE F 668 15.08 -20.99 40.04
CA ILE F 668 15.51 -20.46 41.32
C ILE F 668 14.39 -19.59 41.88
N HIS F 669 14.36 -19.46 43.19
CA HIS F 669 13.31 -18.72 43.90
C HIS F 669 13.87 -17.49 44.59
N VAL F 670 13.13 -16.39 44.46
CA VAL F 670 13.50 -15.12 45.11
C VAL F 670 12.39 -14.77 46.09
N PRO F 671 12.56 -15.01 47.39
CA PRO F 671 11.46 -14.82 48.33
C PRO F 671 11.37 -13.39 48.84
N ASN F 672 10.19 -13.05 49.35
CA ASN F 672 9.93 -11.75 49.95
C ASN F 672 10.38 -11.73 51.40
N ILE F 673 10.42 -10.54 51.99
CA ILE F 673 10.66 -10.37 53.41
C ILE F 673 9.41 -10.85 54.15
N ALA F 674 9.60 -11.73 55.13
CA ALA F 674 8.45 -12.37 55.78
C ALA F 674 8.61 -12.47 57.29
N THR F 675 9.41 -11.60 57.91
CA THR F 675 9.56 -11.64 59.36
C THR F 675 9.95 -10.25 59.88
N GLY F 676 9.61 -10.01 61.15
CA GLY F 676 9.93 -8.73 61.76
C GLY F 676 11.42 -8.51 61.94
N GLU F 677 12.14 -9.56 62.31
CA GLU F 677 13.58 -9.43 62.55
C GLU F 677 14.31 -9.02 61.27
N GLN F 678 13.96 -9.63 60.15
CA GLN F 678 14.60 -9.26 58.88
C GLN F 678 14.29 -7.82 58.52
N LEU F 679 13.05 -7.38 58.72
CA LEU F 679 12.71 -5.99 58.44
C LEU F 679 13.50 -5.04 59.32
N LEU F 680 13.65 -5.37 60.60
CA LEU F 680 14.43 -4.52 61.50
C LEU F 680 15.88 -4.48 61.06
N GLU F 681 16.44 -5.62 60.67
CA GLU F 681 17.83 -5.65 60.22
C GLU F 681 18.01 -4.79 58.96
N ALA F 682 17.08 -4.91 58.01
CA ALA F 682 17.17 -4.10 56.80
C ALA F 682 17.07 -2.61 57.13
N LEU F 683 16.16 -2.24 58.03
CA LEU F 683 16.04 -0.84 58.42
C LEU F 683 17.33 -0.34 59.06
N GLU F 684 17.93 -1.15 59.92
CA GLU F 684 19.19 -0.76 60.54
C GLU F 684 20.29 -0.59 59.50
N LEU F 685 20.38 -1.52 58.55
CA LEU F 685 21.42 -1.43 57.52
C LEU F 685 21.22 -0.22 56.63
N LEU F 686 19.96 0.17 56.38
CA LEU F 686 19.72 1.39 55.62
C LEU F 686 19.99 2.64 56.47
N GLY F 687 19.77 2.55 57.78
CA GLY F 687 19.98 3.67 58.66
C GLY F 687 18.69 4.36 59.05
N ASN F 688 18.61 5.67 58.80
CA ASN F 688 17.39 6.43 59.05
C ASN F 688 16.96 6.31 60.51
N PHE F 689 15.82 5.66 60.77
CA PHE F 689 15.32 5.58 62.13
C PHE F 689 16.27 4.79 63.00
N LYS F 690 16.40 5.20 64.25
CA LYS F 690 17.35 4.58 65.18
C LYS F 690 16.94 4.94 66.60
N ASP F 691 17.68 4.40 67.57
CA ASP F 691 17.53 4.67 69.01
C ASP F 691 16.06 4.53 69.38
N LYS F 692 15.45 5.52 70.04
CA LYS F 692 14.09 5.36 70.55
C LYS F 692 13.10 5.06 69.44
N GLU F 693 13.27 5.66 68.26
CA GLU F 693 12.36 5.39 67.16
C GLU F 693 12.41 3.93 66.76
N ARG F 694 13.62 3.38 66.64
CA ARG F 694 13.75 1.96 66.31
C ARG F 694 13.20 1.09 67.43
N THR F 695 13.39 1.50 68.69
CA THR F 695 12.84 0.75 69.80
C THR F 695 11.31 0.68 69.72
N THR F 696 10.67 1.81 69.43
CA THR F 696 9.22 1.84 69.30
C THR F 696 8.76 0.99 68.11
N ILE F 697 9.49 1.08 66.99
CA ILE F 697 9.13 0.29 65.82
C ILE F 697 9.22 -1.20 66.14
N ALA F 698 10.29 -1.61 66.83
CA ALA F 698 10.44 -3.00 67.21
C ALA F 698 9.33 -3.44 68.15
N GLN F 699 8.98 -2.58 69.13
CA GLN F 699 7.89 -2.91 70.05
C GLN F 699 6.59 -3.14 69.29
N GLN F 700 6.28 -2.26 68.34
CA GLN F 700 5.02 -2.38 67.62
C GLN F 700 5.02 -3.61 66.71
N VAL F 701 6.06 -3.77 65.90
CA VAL F 701 6.08 -4.82 64.88
C VAL F 701 6.22 -6.19 65.52
N LYS F 702 7.05 -6.31 66.55
CA LYS F 702 7.34 -7.61 67.15
C LYS F 702 6.05 -8.30 67.57
N GLY F 703 5.96 -9.60 67.26
CA GLY F 703 4.76 -10.35 67.49
C GLY F 703 3.70 -10.22 66.42
N LYS F 704 4.08 -9.83 65.21
CA LYS F 704 3.15 -9.64 64.11
C LYS F 704 3.73 -10.28 62.86
N LYS F 705 3.05 -10.11 61.73
CA LYS F 705 3.46 -10.67 60.45
C LYS F 705 3.60 -9.55 59.42
N VAL F 706 4.60 -9.68 58.56
CA VAL F 706 4.89 -8.69 57.54
C VAL F 706 5.09 -9.38 56.19
N TRP F 707 4.78 -8.66 55.12
CA TRP F 707 4.90 -9.20 53.76
C TRP F 707 5.07 -8.00 52.83
N ILE F 708 6.32 -7.74 52.43
CA ILE F 708 6.64 -6.54 51.68
C ILE F 708 7.93 -6.76 50.90
N GLY F 709 8.00 -6.16 49.72
CA GLY F 709 9.17 -6.24 48.87
C GLY F 709 10.16 -5.12 49.16
N ILE F 710 11.41 -5.35 48.77
CA ILE F 710 12.49 -4.41 49.09
C ILE F 710 12.26 -3.08 48.37
N LYS F 711 11.86 -3.13 47.10
CA LYS F 711 11.68 -1.90 46.35
C LYS F 711 10.59 -1.03 46.95
N LYS F 712 9.58 -1.65 47.56
CA LYS F 712 8.55 -0.83 48.21
C LYS F 712 9.08 -0.27 49.52
N LEU F 713 9.87 -1.06 50.25
CA LEU F 713 10.43 -0.59 51.50
C LEU F 713 11.38 0.57 51.28
N LEU F 714 11.90 0.71 50.06
CA LEU F 714 12.82 1.79 49.73
C LEU F 714 12.11 3.08 49.34
N MET F 715 10.79 3.06 49.26
CA MET F 715 9.99 4.23 48.93
C MET F 715 9.06 4.64 50.06
N LEU F 716 8.55 3.67 50.83
CA LEU F 716 7.82 4.02 52.04
C LEU F 716 8.70 4.81 52.99
N ILE F 717 10.00 4.49 53.02
CA ILE F 717 10.93 5.21 53.88
C ILE F 717 10.98 6.68 53.47
N GLU F 718 11.11 6.95 52.18
CA GLU F 718 11.14 8.33 51.71
C GLU F 718 9.82 9.05 52.03
N MET F 719 8.69 8.36 51.81
CA MET F 719 7.41 9.01 52.04
C MET F 719 7.26 9.41 53.51
N SER F 720 7.64 8.51 54.41
CA SER F 720 7.58 8.85 55.83
C SER F 720 8.60 9.94 56.20
N LEU F 721 9.77 9.91 55.58
CA LEU F 721 10.78 10.92 55.85
C LEU F 721 10.39 12.30 55.33
N GLN F 722 9.41 12.37 54.43
CA GLN F 722 9.00 13.67 53.92
C GLN F 722 8.11 14.44 54.87
N MET F 723 7.71 13.87 56.00
CA MET F 723 6.84 14.58 56.93
C MET F 723 7.68 15.42 57.89
N ASP F 724 7.00 16.08 58.84
CA ASP F 724 7.70 16.86 59.84
C ASP F 724 8.42 15.93 60.84
N PRO F 725 9.47 16.43 61.50
CA PRO F 725 10.25 15.54 62.38
C PRO F 725 9.41 14.91 63.48
N GLU F 726 8.45 15.64 64.04
CA GLU F 726 7.70 15.13 65.17
C GLU F 726 6.85 13.93 64.77
N TYR F 727 6.23 13.99 63.60
CA TYR F 727 5.34 12.93 63.11
C TYR F 727 6.04 12.25 61.93
N ARG F 728 6.87 11.26 62.24
CA ARG F 728 7.50 10.46 61.21
C ARG F 728 7.29 8.96 61.41
N VAL F 729 7.38 8.48 62.65
CA VAL F 729 7.15 7.05 62.90
C VAL F 729 5.68 6.72 62.72
N ARG F 730 4.79 7.63 63.11
CA ARG F 730 3.36 7.38 62.97
C ARG F 730 2.97 7.16 61.52
N LYS F 731 3.46 8.02 60.61
CA LYS F 731 3.14 7.86 59.21
C LYS F 731 3.69 6.56 58.64
N PHE F 732 4.92 6.20 59.02
CA PHE F 732 5.51 4.96 58.53
C PHE F 732 4.69 3.76 59.00
N LEU F 733 4.31 3.74 60.28
CA LEU F 733 3.50 2.64 60.79
C LEU F 733 2.15 2.58 60.11
N ALA F 734 1.51 3.74 59.90
CA ALA F 734 0.22 3.76 59.22
C ALA F 734 0.34 3.21 57.80
N LEU F 735 1.37 3.62 57.07
CA LEU F 735 1.57 3.12 55.72
C LEU F 735 1.81 1.62 55.71
N LEU F 736 2.64 1.13 56.62
CA LEU F 736 2.94 -0.30 56.67
C LEU F 736 1.68 -1.10 56.99
N ARG F 737 0.87 -0.60 57.92
CA ARG F 737 -0.34 -1.34 58.32
C ARG F 737 -1.42 -1.26 57.25
N GLU F 738 -1.47 -0.18 56.48
CA GLU F 738 -2.52 -0.05 55.47
C GLU F 738 -2.41 -1.14 54.41
N GLU F 739 -1.20 -1.43 53.93
CA GLU F 739 -0.98 -2.46 52.93
C GLU F 739 0.30 -3.21 53.27
N GLY F 740 0.37 -4.47 52.82
CA GLY F 740 1.49 -5.33 53.10
C GLY F 740 1.29 -6.29 54.24
N ALA F 741 0.18 -6.21 54.97
CA ALA F 741 -0.12 -7.17 56.03
C ALA F 741 -0.93 -8.35 55.53
N SER F 742 -1.22 -8.43 54.24
CA SER F 742 -2.00 -9.53 53.69
C SER F 742 -1.07 -10.54 53.04
N PRO F 743 -0.96 -11.77 53.58
CA PRO F 743 -0.08 -12.77 52.97
C PRO F 743 -0.49 -13.12 51.54
N UNK G 1 5.44 1.68 -9.03
CA UNK G 1 6.83 2.10 -9.03
C UNK G 1 7.15 3.00 -10.21
N UNK G 2 6.13 3.64 -10.78
CA UNK G 2 6.32 4.56 -11.88
C UNK G 2 7.18 5.73 -11.45
N UNK G 3 7.91 6.29 -12.42
CA UNK G 3 8.71 7.48 -12.15
C UNK G 3 8.85 8.30 -13.41
N UNK G 4 8.07 9.37 -13.50
CA UNK G 4 8.18 10.37 -14.56
C UNK G 4 9.38 11.26 -14.25
N UNK G 5 9.84 11.99 -15.26
CA UNK G 5 11.05 12.80 -15.13
C UNK G 5 10.96 14.01 -16.05
N UNK G 6 11.79 15.01 -15.75
CA UNK G 6 11.93 16.19 -16.58
C UNK G 6 13.42 16.49 -16.79
N UNK G 7 13.72 17.33 -17.78
CA UNK G 7 15.08 17.55 -18.22
C UNK G 7 15.39 19.04 -18.33
N UNK G 8 16.69 19.35 -18.29
CA UNK G 8 17.22 20.68 -18.48
C UNK G 8 18.40 20.59 -19.44
N UNK G 9 18.67 21.68 -20.15
CA UNK G 9 19.66 21.74 -21.21
C UNK G 9 20.71 22.81 -20.93
N UNK G 10 21.93 22.54 -21.38
CA UNK G 10 23.06 23.44 -21.22
C UNK G 10 23.65 23.80 -22.57
N UNK G 11 23.79 25.10 -22.79
CA UNK G 11 24.28 25.69 -24.03
C UNK G 11 25.79 25.53 -24.16
N UNK G 12 26.28 25.77 -25.37
CA UNK G 12 27.70 25.70 -25.70
C UNK G 12 28.17 27.05 -26.21
N UNK G 13 29.27 27.53 -25.63
CA UNK G 13 29.83 28.83 -25.97
C UNK G 13 30.50 28.78 -27.34
N UNK G 14 30.76 29.96 -27.91
CA UNK G 14 31.40 30.06 -29.21
C UNK G 14 32.85 30.49 -29.06
PG ATP H . 12.97 -33.13 21.46
O1G ATP H . 11.68 -33.71 21.91
O2G ATP H . 12.99 -32.72 19.99
O3G ATP H . 13.43 -31.94 22.31
PB ATP H . 14.70 -35.47 20.86
O1B ATP H . 13.78 -36.62 20.98
O2B ATP H . 15.04 -35.04 19.43
O3B ATP H . 14.15 -34.19 21.60
PA ATP H . 17.53 -35.09 21.60
O1A ATP H . 17.52 -33.71 22.15
O2A ATP H . 18.04 -35.18 20.16
O3A ATP H . 16.07 -35.71 21.61
O5' ATP H . 18.36 -36.08 22.50
C5' ATP H . 19.03 -37.22 21.93
C4' ATP H . 20.25 -37.52 22.77
O4' ATP H . 20.17 -38.91 23.15
C3' ATP H . 21.53 -37.39 21.94
O3' ATP H . 22.53 -36.94 22.85
C2' ATP H . 21.89 -38.85 21.64
O2' ATP H . 23.30 -38.92 21.71
C1' ATP H . 21.42 -39.50 22.92
N9 ATP H . 21.20 -40.93 22.75
C8 ATP H . 22.11 -41.94 22.93
N7 ATP H . 21.65 -43.13 22.71
C5 ATP H . 20.32 -42.92 22.35
C6 ATP H . 19.28 -43.78 21.99
N6 ATP H . 19.41 -45.12 21.93
N1 ATP H . 18.08 -43.24 21.69
C2 ATP H . 17.94 -41.91 21.75
N3 ATP H . 18.86 -40.99 22.08
C4 ATP H . 20.03 -41.56 22.37
H5'1 ATP H . 19.29 -37.03 21.02
H5'2 ATP H . 18.43 -37.98 21.95
H4' ATP H . 20.28 -36.93 23.54
H3' ATP H . 21.45 -36.83 21.15
HO3' ATP H . 23.00 -36.37 22.43
H2' ATP H . 21.51 -39.21 20.82
HO2' ATP H . 23.56 -38.29 22.21
H1' ATP H . 22.04 -39.34 23.65
H8 ATP H . 22.99 -41.77 23.19
HN61 ATP H . 20.16 -45.48 22.11
HN62 ATP H . 18.74 -45.60 21.69
H2 ATP H . 17.11 -41.59 21.54
PB ADP I . 24.58 -23.61 -16.88
O1B ADP I . 24.06 -25.00 -16.78
O2B ADP I . 24.49 -23.06 -18.25
O3B ADP I . 23.98 -22.68 -15.86
PA ADP I . 27.45 -23.23 -17.30
O1A ADP I . 27.09 -22.07 -18.16
O2A ADP I . 28.53 -23.02 -16.30
O3A ADP I . 26.14 -23.76 -16.55
O5' ADP I . 27.82 -24.48 -18.23
C5' ADP I . 28.16 -25.76 -17.67
C4' ADP I . 29.52 -25.71 -17.02
O4' ADP I . 30.04 -27.06 -16.94
C3' ADP I . 30.60 -24.91 -17.74
O3' ADP I . 31.55 -24.42 -16.81
C2' ADP I . 31.23 -25.97 -18.63
O2' ADP I . 32.53 -25.62 -19.00
C1' ADP I . 31.21 -27.19 -17.71
N9 ADP I . 31.16 -28.45 -18.44
C8 ADP I . 32.22 -29.04 -19.06
N7 ADP I . 31.92 -30.16 -19.64
C5 ADP I . 30.56 -30.32 -19.40
C6 ADP I . 29.65 -31.33 -19.76
N6 ADP I . 29.98 -32.39 -20.46
N1 ADP I . 28.38 -31.19 -19.35
C2 ADP I . 28.06 -30.11 -18.63
N3 ADP I . 28.82 -29.10 -18.24
C4 ADP I . 30.08 -29.27 -18.65
H5'1 ADP I . 28.17 -26.44 -18.38
H5'2 ADP I . 27.47 -26.03 -16.99
H4' ADP I . 29.41 -25.38 -16.11
H3' ADP I . 30.24 -24.17 -18.28
HO3' ADP I . 32.33 -24.59 -17.10
H2' ADP I . 30.66 -26.12 -19.44
HO2' ADP I . 33.07 -26.23 -18.75
H1' ADP I . 32.00 -27.16 -17.13
H8 ADP I . 33.10 -28.68 -19.07
HN61 ADP I . 29.44 -32.68 -21.07
HN62 ADP I . 30.74 -32.81 -20.32
H2 ADP I . 27.15 -30.05 -18.37
PG ATP J . -8.89 -39.85 -1.79
O1G ATP J . -8.66 -38.75 -2.77
O2G ATP J . -7.75 -40.03 -0.78
O3G ATP J . -10.22 -39.74 -1.05
PB ATP J . -9.75 -41.91 -3.75
O1B ATP J . -11.10 -42.36 -3.36
O2B ATP J . -9.70 -40.92 -4.92
O3B ATP J . -8.98 -41.25 -2.55
PA ATP J . -7.61 -43.38 -5.15
O1A ATP J . -6.31 -42.96 -4.58
O2A ATP J . -7.99 -42.69 -6.46
O3A ATP J . -8.79 -43.13 -4.13
O5' ATP J . -7.67 -44.94 -5.39
C5' ATP J . -7.70 -45.50 -6.71
C4' ATP J . -6.88 -46.76 -6.72
O4' ATP J . -7.80 -47.86 -6.74
C3' ATP J . -6.09 -46.89 -8.03
O3' ATP J . -5.01 -47.75 -7.73
C2' ATP J . -7.04 -47.69 -8.90
O2' ATP J . -6.22 -48.47 -9.76
C1' ATP J . -7.55 -48.68 -7.87
N9 ATP J . -8.82 -49.28 -8.26
C8 ATP J . -8.97 -50.45 -8.96
N7 ATP J . -10.22 -50.77 -9.19
C5 ATP J . -10.94 -49.74 -8.60
C6 ATP J . -12.32 -49.48 -8.50
N6 ATP J . -13.27 -50.28 -8.99
N1 ATP J . -12.70 -48.36 -7.85
C2 ATP J . -11.76 -47.56 -7.34
N3 ATP J . -10.43 -47.69 -7.38
C4 ATP J . -10.09 -48.81 -8.03
H5'1 ATP J . -7.33 -44.87 -7.35
H5'2 ATP J . -8.61 -45.71 -6.96
H4' ATP J . -6.29 -46.79 -5.95
H3' ATP J . -5.81 -46.04 -8.41
HO3' ATP J . -4.55 -47.83 -8.45
H2' ATP J . -7.72 -47.18 -9.36
HO2' ATP J . -6.75 -48.98 -10.20
H1' ATP J . -6.89 -49.36 -7.68
H8 ATP J . -8.26 -50.97 -9.24
HN61 ATP J . -13.05 -50.99 -9.42
HN62 ATP J . -14.09 -50.09 -8.88
H2 ATP J . -12.07 -46.80 -6.91
PB ADP K . -4.08 -14.30 -34.27
O1B ADP K . -3.83 -13.05 -35.10
O2B ADP K . -3.43 -14.30 -32.92
O3B ADP K . -5.52 -14.75 -34.28
PA ADP K . -2.72 -15.12 -36.54
O1A ADP K . -3.87 -14.95 -37.49
O2A ADP K . -1.70 -14.01 -36.39
O3A ADP K . -3.33 -15.45 -35.10
O5' ADP K . -1.96 -16.48 -36.93
C5' ADP K . -1.38 -16.62 -38.23
C4' ADP K . -1.56 -18.05 -38.71
O4' ADP K . -2.88 -18.51 -38.40
C3' ADP K . -1.38 -18.16 -40.21
O3' ADP K . -0.25 -18.97 -40.52
C2' ADP K . -2.65 -18.79 -40.74
O2' ADP K . -2.37 -19.89 -41.61
C1' ADP K . -3.42 -19.26 -39.51
N9 ADP K . -4.87 -19.00 -39.67
C8 ADP K . -5.69 -18.54 -38.72
N7 ADP K . -6.96 -18.43 -39.20
C5 ADP K . -6.95 -18.84 -40.47
C6 ADP K . -7.94 -18.98 -41.56
N6 ADP K . -9.24 -18.66 -41.38
N1 ADP K . -7.50 -19.44 -42.75
C2 ADP K . -6.21 -19.78 -42.95
N3 ADP K . -5.27 -19.67 -42.01
C4 ADP K . -5.57 -19.22 -40.77
H5'1 ADP K . -0.31 -16.38 -38.18
H5'2 ADP K . -1.87 -15.93 -38.92
H4' ADP K . -0.82 -18.69 -38.21
H3' ADP K . -1.26 -17.15 -40.64
HO3' ADP K . -0.10 -18.97 -41.48
H2' ADP K . -3.24 -18.02 -41.26
HO2' ADP K . -2.04 -19.56 -42.44
H1' ADP K . -3.23 -20.33 -39.35
H8 ADP K . -5.39 -18.28 -37.70
HN61 ADP K . -9.56 -18.31 -40.48
HN62 ADP K . -9.90 -18.76 -42.14
H2 ADP K . -5.93 -20.14 -43.93
P PO4 L . -2.19 -11.71 -31.69
O1 PO4 L . -1.29 -12.12 -30.55
O2 PO4 L . -2.15 -10.22 -31.87
O3 PO4 L . -3.60 -12.13 -31.38
O4 PO4 L . -1.73 -12.38 -32.97
PG ATP M . -33.38 -19.44 -6.89
O1G ATP M . -32.64 -18.21 -7.30
O2G ATP M . -32.50 -20.68 -6.78
O3G ATP M . -34.17 -19.27 -5.59
PB ATP M . -36.03 -20.03 -8.10
O1B ATP M . -36.50 -21.13 -7.23
O2B ATP M . -36.69 -18.67 -7.88
O3B ATP M . -34.48 -19.81 -7.99
PA ATP M . -35.73 -19.76 -11.02
O1A ATP M . -34.26 -19.74 -11.13
O2A ATP M . -36.40 -18.39 -11.15
O3A ATP M . -36.20 -20.38 -9.64
O5' ATP M . -36.37 -20.73 -12.08
C5' ATP M . -37.74 -20.57 -12.52
C4' ATP M . -38.03 -21.65 -13.52
O4' ATP M . -39.45 -21.91 -13.48
C3' ATP M . -37.76 -21.15 -14.95
O3' ATP M . -37.36 -22.31 -15.68
C2' ATP M . -39.16 -20.83 -15.47
O2' ATP M . -39.16 -21.19 -16.84
C1' ATP M . -39.95 -21.92 -14.79
N9 ATP M . -41.37 -21.60 -14.71
C8 ATP M . -42.35 -21.97 -15.59
N7 ATP M . -43.54 -21.54 -15.29
C5 ATP M . -43.36 -20.84 -14.11
C6 ATP M . -44.24 -20.14 -13.26
N6 ATP M . -45.54 -20.03 -13.49
N1 ATP M . -43.72 -19.55 -12.17
C2 ATP M . -42.40 -19.65 -11.93
N3 ATP M . -41.48 -20.29 -12.66
C4 ATP M . -42.01 -20.86 -13.74
H5'1 ATP M . -37.85 -19.70 -12.94
H5'2 ATP M . -38.34 -20.66 -11.77
H4' ATP M . -37.52 -22.46 -13.33
H3' ATP M . -37.13 -20.42 -15.01
HO3' ATP M . -37.23 -22.05 -16.48
H2' ATP M . -39.46 -19.92 -15.29
HO2' ATP M . -39.95 -21.01 -17.14
H1' ATP M . -39.82 -22.78 -15.22
H8 ATP M . -42.17 -22.48 -16.35
HN61 ATP M . -45.94 -20.58 -14.01
HN62 ATP M . -46.00 -19.40 -13.12
H2 ATP M . -42.10 -19.23 -11.17
PB ADP N . -21.41 14.75 -27.66
O1B ADP N . -21.14 16.23 -27.79
O2B ADP N . -20.22 13.92 -27.27
O3B ADP N . -22.68 14.42 -26.91
PA ADP N . -20.79 14.76 -30.37
O1A ADP N . -20.98 16.25 -30.55
O2A ADP N . -19.41 14.20 -30.17
O3A ADP N . -21.73 14.29 -29.16
O5' ADP N . -21.48 14.03 -31.63
C5' ADP N . -22.90 13.93 -31.65
C4' ADP N . -23.40 13.55 -33.04
O4' ADP N . -24.80 13.25 -32.93
C3' ADP N . -23.25 14.69 -34.02
O3' ADP N . -22.76 14.21 -35.27
C2' ADP N . -24.65 15.28 -34.17
O2' ADP N . -24.97 15.50 -35.54
C1' ADP N . -25.60 14.28 -33.54
N9 ADP N . -26.40 14.93 -32.50
C8 ADP N . -26.32 14.66 -31.18
N7 ADP N . -27.20 15.43 -30.48
C5 ADP N . -27.85 16.20 -31.36
C6 ADP N . -28.91 17.23 -31.28
N6 ADP N . -29.45 17.60 -30.10
N1 ADP N . -29.31 17.80 -32.44
C2 ADP N . -28.79 17.44 -33.63
N3 ADP N . -27.83 16.52 -33.76
C4 ADP N . -27.33 15.87 -32.68
H5'1 ADP N . -23.33 14.88 -31.35
H5'2 ADP N . -23.22 13.16 -30.94
H4' ADP N . -22.85 12.68 -33.41
H3' ADP N . -22.59 15.45 -33.60
HO3' ADP N . -22.58 14.96 -35.86
H2' ADP N . -24.70 16.22 -33.60
HO2' ADP N . -24.44 16.21 -35.90
H1' ADP N . -26.24 13.84 -34.32
H8 ADP N . -25.65 13.94 -30.74
HN61 ADP N . -29.13 17.17 -29.25
HN62 ADP N . -30.17 18.32 -30.07
H2 ADP N . -29.16 17.93 -34.52
P PO4 O . -16.62 14.72 -26.65
O1 PO4 O . -15.96 15.51 -27.76
O2 PO4 O . -15.91 14.97 -25.35
O3 PO4 O . -18.07 15.14 -26.53
O4 PO4 O . -16.56 13.24 -26.98
PG ATP P . -36.23 7.07 10.33
O1G ATP P . -34.83 7.61 10.25
O2G ATP P . -36.46 5.82 9.48
O3G ATP P . -36.69 6.79 11.76
PB ATP P . -37.74 9.62 10.04
O1B ATP P . -38.80 9.70 11.07
O2B ATP P . -36.48 10.45 10.32
O3B ATP P . -37.26 8.14 9.77
PA ATP P . -39.15 11.24 8.01
O1A ATP P . -39.62 10.94 6.65
O2A ATP P . -38.33 12.53 8.15
O3A ATP P . -38.27 10.06 8.60
O5' ATP P . -40.37 11.33 9.02
C5' ATP P . -41.33 12.41 8.93
C4' ATP P . -42.08 12.31 7.64
O4' ATP P . -43.48 12.47 7.94
C3' ATP P . -41.78 13.49 6.73
O3' ATP P . -42.33 13.16 5.46
C2' ATP P . -42.69 14.56 7.30
O2' ATP P . -43.03 15.40 6.22
C1' ATP P . -43.94 13.74 7.54
N9 ATP P . -44.75 14.26 8.64
C8 ATP P . -46.10 14.47 8.64
N7 ATP P . -46.57 14.94 9.77
C5 ATP P . -45.44 15.06 10.57
C6 ATP P . -45.26 15.49 11.89
N6 ATP P . -46.25 15.93 12.68
N1 ATP P . -44.01 15.49 12.40
C2 ATP P . -43.01 15.05 11.62
N3 ATP P . -43.06 14.61 10.36
C4 ATP P . -44.31 14.64 9.89
H5'1 ATP P . -40.86 13.26 8.97
H5'2 ATP P . -41.96 12.34 9.67
H4' ATP P . -41.90 11.46 7.19
H3' ATP P . -40.83 13.73 6.69
HO3' ATP P . -42.02 13.73 4.91
H2' ATP P . -42.32 15.04 8.07
HO2' ATP P . -43.39 16.10 6.54
H1' ATP P . -44.47 13.69 6.73
H8 ATP P . -46.63 14.29 7.91
HN61 ATP P . -47.06 15.91 12.39
HN62 ATP P . -46.08 16.22 13.47
H2 ATP P . -42.16 15.06 12.00
PB ADP Q . -9.89 37.04 -4.96
O1B ADP Q . -10.07 37.99 -3.80
O2B ADP Q . -10.26 35.60 -4.64
O3B ADP Q . -8.60 37.20 -5.71
PA ADP Q . -10.99 39.00 -6.57
O1A ADP Q . -10.95 39.92 -5.37
O2A ADP Q . -9.90 39.12 -7.61
O3A ADP Q . -11.01 37.50 -6.01
O5' ADP Q . -12.42 39.16 -7.29
C5' ADP Q . -13.56 39.49 -6.52
C4' ADP Q . -14.50 40.40 -7.30
O4' ADP Q . -15.59 40.75 -6.43
C3' ADP Q . -13.83 41.69 -7.72
O3' ADP Q . -14.21 42.04 -9.05
C2' ADP Q . -14.30 42.73 -6.72
O2' ADP Q . -14.66 43.95 -7.38
C1' ADP Q . -15.50 42.11 -6.02
N9 ADP Q . -15.31 42.17 -4.55
C8 ADP Q . -15.05 41.10 -3.77
N7 ADP Q . -14.93 41.48 -2.48
C5 ADP Q . -15.12 42.81 -2.42
C6 ADP Q . -15.13 43.84 -1.35
N6 ADP Q . -14.91 43.51 -0.06
N1 ADP Q . -15.37 45.11 -1.72
C2 ADP Q . -15.58 45.46 -3.00
N3 ADP Q . -15.59 44.57 -4.01
C4 ADP Q . -15.37 43.26 -3.79
H5'1 ADP Q . -13.26 40.00 -5.61
H5'2 ADP Q . -14.09 38.58 -6.23
H4' ADP Q . -14.87 39.88 -8.19
H3' ADP Q . -12.73 41.57 -7.65
HO3' ADP Q . -13.72 42.82 -9.33
H2' ADP Q . -13.51 42.91 -5.98
HO2' ADP Q . -13.86 44.38 -7.71
H1' ADP Q . -16.41 42.67 -6.31
H8 ADP Q . -14.95 40.09 -4.12
HN61 ADP Q . -14.74 42.54 0.19
HN62 ADP Q . -14.92 44.22 0.65
H2 ADP Q . -15.77 46.50 -3.23
P PO4 R . -6.98 34.67 -6.22
O1 PO4 R . -7.58 34.95 -4.87
O2 PO4 R . -5.87 33.65 -6.08
O3 PO4 R . -8.05 34.10 -7.13
O4 PO4 R . -6.43 35.94 -6.83
PG ATP S . 18.93 32.15 9.00
O1G ATP S . 20.29 31.60 9.30
O2G ATP S . 17.83 31.17 9.22
O3G ATP S . 18.87 32.84 7.67
PB ATP S . 19.86 34.42 10.25
O1B ATP S . 20.94 33.87 11.12
O2B ATP S . 20.19 34.93 8.89
O3B ATP S . 18.73 33.32 10.06
PA ATP S . 19.87 36.92 11.50
O1A ATP S . 21.13 36.99 10.70
O2A ATP S . 19.95 36.95 12.98
O3A ATP S . 19.12 35.58 11.04
O5' ATP S . 18.87 38.05 10.99
C5' ATP S . 19.21 39.41 11.32
C4' ATP S . 18.34 39.88 12.45
O4' ATP S . 18.48 38.95 13.55
C3' ATP S . 18.69 41.26 13.02
O3' ATP S . 17.50 42.01 13.23
C2' ATP S . 19.37 40.93 14.35
O2' ATP S . 19.21 41.97 15.28
C1' ATP S . 18.59 39.68 14.75
N9 ATP S . 19.26 38.86 15.75
C8 ATP S . 19.21 37.49 15.85
N7 ATP S . 19.93 37.04 16.85
C5 ATP S . 20.49 38.18 17.42
C6 ATP S . 21.36 38.37 18.51
N6 ATP S . 21.83 37.38 19.27
N1 ATP S . 21.72 39.64 18.80
C2 ATP S . 21.23 40.63 18.04
N3 ATP S . 20.41 40.57 17.00
C4 ATP S . 20.08 39.30 16.74
H5'1 ATP S . 19.06 39.99 10.52
H5'2 ATP S . 20.17 39.47 11.57
H4' ATP S . 17.41 39.88 12.15
H3' ATP S . 19.31 41.74 12.42
HO3' ATP S . 16.99 41.57 13.74
H2' ATP S . 20.32 40.73 14.21
HO2' ATP S . 18.38 42.11 15.40
H1' ATP S . 17.70 39.95 15.08
H8 ATP S . 18.71 36.92 15.29
HN61 ATP S . 21.59 36.55 19.10
HN62 ATP S . 22.39 37.56 19.92
H2 ATP S . 21.52 41.50 18.30
PG ATP T . -15.06 14.31 32.95
O1G ATP T . -16.34 13.54 33.11
O2G ATP T . -13.87 13.61 33.52
O3G ATP T . -14.85 14.78 31.55
PB ATP T . -13.96 16.51 34.33
O1B ATP T . -13.36 15.79 35.47
O2B ATP T . -13.12 16.85 33.16
O3B ATP T . -15.20 15.64 33.82
PA ATP T . -14.25 19.34 34.54
O1A ATP T . -14.18 19.50 33.06
O2A ATP T . -13.01 19.65 35.32
O3A ATP T . -14.67 17.84 34.86
O5' ATP T . -15.47 20.19 35.11
C5' ATP T . -15.48 20.69 36.46
C4' ATP T . -15.22 22.18 36.45
O4' ATP T . -15.79 22.77 37.63
C3' ATP T . -13.75 22.58 36.46
O3' ATP T . -13.32 22.77 35.12
C2' ATP T . -13.74 23.90 37.24
O2' ATP T . -13.74 25.03 36.39
C1' ATP T . -15.04 23.88 38.03
N9 ATP T . -14.84 23.77 39.46
C8 ATP T . -15.22 24.66 40.41
N7 ATP T . -14.93 24.24 41.63
C5 ATP T . -14.33 23.01 41.44
C6 ATP T . -13.80 22.07 42.34
N6 ATP T . -13.79 22.23 43.65
N1 ATP T . -13.28 20.94 41.82
C2 ATP T . -13.30 20.78 40.49
N3 ATP T . -13.78 21.60 39.55
C4 ATP T . -14.28 22.70 40.10
H5'1 ATP T . -14.79 20.24 37.00
H5'2 ATP T . -16.36 20.51 36.88
H4' ATP T . -15.65 22.55 35.65
H3' ATP T . -13.20 21.90 36.92
HO3' ATP T . -13.54 23.55 34.87
H2' ATP T . -12.96 23.93 37.85
HO2' ATP T . -14.51 25.12 36.05
H1' ATP T . -15.54 24.71 37.85
H8 ATP T . -15.64 25.48 40.24
HN61 ATP T . -14.05 23.00 44.00
HN62 ATP T . -13.50 21.59 44.17
H2 ATP T . -12.93 19.98 40.17
MG MG U . -11.91 14.59 31.51
MG MG V . 21.05 33.94 6.26
PG ATP W . 10.55 -5.48 38.50
O1G ATP W . 9.89 -6.78 38.78
O2G ATP W . 11.27 -5.44 37.15
O3G ATP W . 9.61 -4.28 38.60
PB ATP W . 12.97 -5.90 40.20
O1B ATP W . 12.61 -7.09 41.00
O2B ATP W . 13.96 -6.15 39.06
O3B ATP W . 11.69 -5.20 39.57
PA ATP W . 14.19 -3.29 40.86
O1A ATP W . 13.20 -2.39 40.22
O2A ATP W . 15.48 -3.48 40.07
O3A ATP W . 13.58 -4.74 41.10
O5' ATP W . 14.56 -2.81 42.31
C5' ATP W . 15.75 -3.27 42.98
C4' ATP W . 16.25 -2.18 43.87
O4' ATP W . 16.51 -2.77 45.17
C3' ATP W . 17.60 -1.65 43.40
O3' ATP W . 17.71 -0.34 43.92
C2' ATP W . 18.58 -2.49 44.20
O2' ATP W . 19.72 -1.67 44.45
C1' ATP W . 17.85 -2.52 45.53
N9 ATP W . 18.28 -3.65 46.37
C8 ATP W . 18.75 -3.57 47.65
N7 ATP W . 19.07 -4.73 48.17
C5 ATP W . 18.78 -5.63 47.16
C6 ATP W . 18.89 -7.04 47.08
N6 ATP W . 19.34 -7.80 48.07
N1 ATP W . 18.52 -7.63 45.92
C2 ATP W . 18.07 -6.86 44.93
N3 ATP W . 17.92 -5.54 44.89
C4 ATP W . 18.29 -4.98 46.04
H5'1 ATP W . 16.43 -3.49 42.32
H5'2 ATP W . 15.53 -4.05 43.51
H4' ATP W . 15.59 -1.45 43.94
H3' ATP W . 17.73 -1.70 42.43
HO3' ATP W . 18.48 -0.04 43.68
H2' ATP W . 18.79 -3.36 43.82
HO2' ATP W . 20.18 -2.06 45.04
H1' ATP W . 17.94 -1.68 46.01
H8 ATP W . 18.84 -2.77 48.11
HN61 ATP W . 19.65 -7.44 48.79
HN62 ATP W . 19.33 -8.66 47.99
H2 ATP W . 17.82 -7.31 44.15
PB ADP X . 40.87 4.29 5.57
O1B ADP X . 39.68 5.11 5.16
O2B ADP X . 40.51 3.13 6.44
O3B ADP X . 41.74 3.91 4.39
PA ADP X . 41.42 5.59 8.06
O1A ADP X . 40.13 6.33 8.08
O2A ADP X . 41.55 4.33 8.85
O3A ADP X . 41.75 5.23 6.52
O5' ADP X . 42.61 6.59 8.44
C5' ADP X . 42.51 7.27 9.73
C4' ADP X . 43.86 7.34 10.37
O4' ADP X . 43.78 6.81 11.72
C3' ADP X . 44.98 6.53 9.70
O3' ADP X . 45.64 7.27 8.67
C2' ADP X . 45.89 6.24 10.88
O2' ADP X . 46.63 7.38 11.29
C1' ADP X . 44.84 5.88 11.91
N9 ADP X . 44.31 4.53 11.76
C8 ADP X . 43.07 4.18 11.29
N7 ADP X . 42.89 2.87 11.24
C5 ADP X . 44.09 2.34 11.69
C6 ADP X . 44.53 1.02 11.86
N6 ADP X . 43.78 -0.05 11.60
N1 ADP X . 45.79 0.83 12.31
C2 ADP X . 46.53 1.91 12.58
N3 ADP X . 46.23 3.20 12.45
C4 ADP X . 44.98 3.36 12.00
H5'1 ADP X . 41.88 6.76 10.32
H5'2 ADP X . 42.14 8.17 9.60
H4' ADP X . 44.13 8.28 10.41
H3' ADP X . 44.63 5.68 9.33
HO3' ADP X . 46.27 6.79 8.36
H2' ADP X . 46.49 5.47 10.71
HO2' ADP X . 47.09 7.66 10.63
H1' ADP X . 45.21 5.99 12.82
H8 ADP X . 42.41 4.79 11.05
HN61 ADP X . 42.93 0.05 11.40
HN62 ADP X . 44.14 -0.85 11.61
H2 ADP X . 47.41 1.74 12.90
#